data_5IOU
#
_entry.id   5IOU
#
loop_
_entity.id
_entity.type
_entity.pdbx_description
1 polymer 'N-methyl-D-aspartate receptor subunit NR1-8a'
2 polymer 'Ionotropic glutamate receptor subunit NR2B'
3 non-polymer GLYCINE
4 non-polymer 'GLUTAMIC ACID'
#
loop_
_entity_poly.entity_id
_entity_poly.type
_entity_poly.pdbx_seq_one_letter_code
_entity_poly.pdbx_strand_id
1 'polypeptide(L)'
;DPKIVNIGAVLSTKKHEQIFREAVNQANFFHFTRKIQLNATSVTHRPNAIQMALSVCEDLISSQVYAILVSHPPAPTDHL
TPTPISYTAGFYRIPVIGLTTRMSIYSDKSIHLSFLRTVPPYSHQALVWFEMMRLFNWNHVILIVSDDHEGRAAQKKLET
LLEEKESKADKVLQFEPGTKNLTALLLEAKELEARVIILSASEDDATAVYKSAAMLDMTGAGYVWLVGEREISGSALRYA
PDGIIGLQLINGKNESAHISDAVAVVAQAIHELFEMEQITDPPRGCVGNTNIWKTGPLFKRVLMSSKYPDGVTGRIEFNE
DGDRKFAQYSIMNLQNRKLVQVGIFDGSYIIQNDRKIIWPGGETERPQGYQMSTRLKIVTIHQEPFVYVRPTTSDGTCRE
EYTINGDPIKKVICNGPDETIPGRPTVPQCCYGFCVDLLIKLAREMDFTYEVHLVADGKFGTQERVNNSNAAAWNGMMGE
LLSGQADMIVAPLTINNERAQYIEFSKPFKYQGLTILVKKEIPRSTLDSFMQPFQSTLWLLVGLSVHVVAVMLYLLDRFS
PFGRFEDALTLSSAMWFSWRVLLNSGLGEGAPRSFSARILGMVWAGFAMIIVASYTANLAAFLVLRRPEERITGINDPRL
RNPSDKFIYATVKQSSVDIYFRRQVELSTMYRHMEKHNYESAAEAIQAVRDNKLHAFIWDSAVLEFEASQKCDLVTTGEL
FFRSGFGIGMRKDSPWKQEVSLNILKSHENGFMEELDKTWVRYQECDSRSNAPATLTFENMAGVFMLVAGGIVAGIFLIF
IEIAYKSRAEAKRMKGLEVLFQ
;
A,C
2 'polypeptide(L)'
;MRPTEACCYLKISLIILFYSRAYAQKHPNMDIAVILVGTTEEVAIKDVHEKDDFHHLPVTPRVELVTMQESDPKSIITRI
CDLMSDKKVQGVVFGDDTDQEAIAQILDFISVQTLTPILGIHGGSSMIMADKEEASMFFQFGPSIEQQASVMLNIMEEYD
WYIFSIVTTYFPGYQDFENKVRSTIENSFVGWELEEVIHLDMSLDDIDSKIQNQLKKLQSPVILLYCTKEEATYIFEVAH
SVGLTGYGFTWIVPSLVAGDTDTVPDEFPTGLISVSYDEWDYDLPARVRDGIAIITTAASTMLSEHNSIPQSKSSCNNIQ
ESRVYEAHMLKRYLINVTFEGRDLSFSEDGYQMHPKLVIILLNQERKWERVGKYKDRSLKMWPVFDLYPNSEEHKDEHLS
IVTLEEAPFVIVEDVDPLSGTCMRNTVPCRKQIRPENRTEEGGNYIKRCCKGFCIDILKKIAKTVKFTYDLYLVTNGKHG
KKINGVWNGMIGEVVTKRAYMAVGSLTINEERSEVVDFSVPFIETGISVMVSRSNGTVSPSAFLEPFSADVWVMMFVMLL
IVSAVAVFVFEYFSPVGYNGPSFTIGKAIWLLWGLVFNNSLPVQNPKGTTSKIMVSVWAFFAVIFLASYTANLAAFMIQR
RYVDQVSGLSDKKFQRPNDFSPAFRFGTVPNGSTERNIRNNYLEMHSYMVKFNQRSVQDALLSLKSGKLDAFIYDAAVLN
YMAGRDEGCKLVTIGSGKVFATTGYGIAIQKDSGWKRQVDLAILQLFGDGEMEELEALWLTGICHNEKNEVMSSQLDIDN
MAGVFYMLAAAMALSLITFIMEHLF
;
B,D
#
# COMPACT_ATOMS: atom_id res chain seq x y z
N ASP A 1 -9.14 61.42 -50.91
CA ASP A 1 -8.86 60.32 -51.81
C ASP A 1 -8.59 59.03 -51.04
N PRO A 2 -9.14 57.92 -51.52
CA PRO A 2 -8.92 56.64 -50.85
C PRO A 2 -7.46 56.21 -50.91
N LYS A 3 -7.09 55.37 -49.95
CA LYS A 3 -5.72 54.87 -49.87
C LYS A 3 -5.48 53.83 -50.96
N ILE A 4 -4.37 53.98 -51.68
CA ILE A 4 -4.03 53.07 -52.77
C ILE A 4 -3.33 51.85 -52.16
N VAL A 5 -3.99 50.70 -52.23
CA VAL A 5 -3.46 49.45 -51.70
C VAL A 5 -3.24 48.50 -52.88
N ASN A 6 -2.05 47.91 -52.94
CA ASN A 6 -1.68 47.01 -54.03
C ASN A 6 -1.79 45.56 -53.57
N ILE A 7 -2.14 44.69 -54.51
CA ILE A 7 -2.29 43.26 -54.27
C ILE A 7 -1.41 42.51 -55.27
N GLY A 8 -0.52 41.68 -54.77
CA GLY A 8 0.37 40.92 -55.63
C GLY A 8 -0.23 39.60 -56.08
N ALA A 9 0.12 39.19 -57.30
CA ALA A 9 -0.38 37.95 -57.87
C ALA A 9 0.64 37.41 -58.86
N VAL A 10 0.74 36.08 -58.92
CA VAL A 10 1.64 35.39 -59.82
C VAL A 10 0.80 34.47 -60.69
N LEU A 11 0.60 34.85 -61.94
CA LEU A 11 -0.22 34.10 -62.88
C LEU A 11 0.63 33.68 -64.07
N SER A 12 -0.02 33.04 -65.05
CA SER A 12 0.68 32.51 -66.21
C SER A 12 0.56 33.21 -67.55
N THR A 13 -0.64 33.18 -68.15
CA THR A 13 -0.86 33.74 -69.46
C THR A 13 -1.44 35.13 -69.18
N LYS A 14 -1.58 35.93 -70.24
CA LYS A 14 -2.10 37.29 -70.10
C LYS A 14 -3.60 37.29 -69.84
N LYS A 15 -4.32 36.28 -70.31
CA LYS A 15 -5.76 36.24 -70.10
C LYS A 15 -6.10 36.12 -68.61
N HIS A 16 -5.35 35.31 -67.88
CA HIS A 16 -5.56 35.20 -66.44
C HIS A 16 -5.30 36.53 -65.74
N GLU A 17 -4.29 37.27 -66.20
CA GLU A 17 -4.04 38.59 -65.63
C GLU A 17 -5.15 39.56 -65.98
N GLN A 18 -5.79 39.40 -67.15
CA GLN A 18 -6.94 40.24 -67.49
C GLN A 18 -8.12 39.92 -66.60
N ILE A 19 -8.35 38.63 -66.32
CA ILE A 19 -9.41 38.24 -65.39
C ILE A 19 -9.11 38.74 -63.99
N PHE A 20 -7.83 38.81 -63.62
CA PHE A 20 -7.47 39.33 -62.31
C PHE A 20 -7.73 40.83 -62.22
N ARG A 21 -7.26 41.59 -63.22
CA ARG A 21 -7.48 43.03 -63.21
C ARG A 21 -8.97 43.37 -63.30
N GLU A 22 -9.75 42.56 -64.02
CA GLU A 22 -11.20 42.78 -64.04
C GLU A 22 -11.82 42.44 -62.70
N ALA A 23 -11.32 41.39 -62.04
CA ALA A 23 -11.84 41.02 -60.73
C ALA A 23 -11.53 42.06 -59.67
N VAL A 24 -10.40 42.78 -59.82
CA VAL A 24 -10.10 43.87 -58.90
C VAL A 24 -11.04 45.04 -59.14
N ASN A 25 -11.31 45.36 -60.41
CA ASN A 25 -12.24 46.44 -60.73
C ASN A 25 -13.65 46.12 -60.23
N GLN A 26 -14.06 44.86 -60.34
CA GLN A 26 -15.34 44.46 -59.77
C GLN A 26 -15.31 44.48 -58.25
N ALA A 27 -14.16 44.17 -57.65
CA ALA A 27 -14.03 44.21 -56.20
C ALA A 27 -14.13 45.65 -55.68
N ASN A 28 -13.68 46.62 -56.46
CA ASN A 28 -13.82 48.02 -56.09
C ASN A 28 -15.21 48.58 -56.38
N PHE A 29 -16.12 47.77 -56.93
CA PHE A 29 -17.47 48.20 -57.24
C PHE A 29 -18.52 47.52 -56.38
N PHE A 30 -18.46 46.20 -56.25
CA PHE A 30 -19.45 45.48 -55.43
C PHE A 30 -19.23 45.70 -53.95
N HIS A 31 -18.03 46.09 -53.53
CA HIS A 31 -17.72 46.35 -52.13
C HIS A 31 -17.73 47.84 -51.86
N PHE A 32 -18.23 48.22 -50.68
CA PHE A 32 -18.30 49.63 -50.30
C PHE A 32 -16.90 50.13 -49.97
N THR A 33 -16.40 51.05 -50.80
CA THR A 33 -15.07 51.62 -50.64
C THR A 33 -15.20 53.09 -50.26
N ARG A 34 -14.77 53.43 -49.04
CA ARG A 34 -14.82 54.80 -48.57
C ARG A 34 -13.46 55.38 -48.21
N LYS A 35 -12.43 54.55 -48.03
CA LYS A 35 -11.10 55.05 -47.70
C LYS A 35 -9.98 54.24 -48.32
N ILE A 36 -10.26 53.14 -49.02
CA ILE A 36 -9.24 52.31 -49.64
C ILE A 36 -9.56 52.15 -51.12
N GLN A 37 -8.54 51.81 -51.89
CA GLN A 37 -8.70 51.62 -53.33
C GLN A 37 -7.76 50.50 -53.76
N LEU A 38 -8.33 49.36 -54.14
CA LEU A 38 -7.52 48.21 -54.54
C LEU A 38 -6.82 48.49 -55.87
N ASN A 39 -5.62 47.93 -56.01
CA ASN A 39 -4.82 48.06 -57.22
C ASN A 39 -4.44 46.68 -57.72
N ALA A 40 -4.54 46.49 -59.04
CA ALA A 40 -4.22 45.21 -59.67
C ALA A 40 -2.77 45.22 -60.11
N THR A 41 -2.00 44.25 -59.62
CA THR A 41 -0.59 44.12 -59.98
C THR A 41 -0.24 42.64 -60.01
N SER A 42 -0.10 42.09 -61.21
CA SER A 42 0.22 40.68 -61.40
C SER A 42 1.38 40.53 -62.37
N VAL A 43 2.17 39.48 -62.15
CA VAL A 43 3.32 39.19 -63.01
C VAL A 43 3.14 37.82 -63.64
N THR A 44 4.14 37.38 -64.40
CA THR A 44 4.11 36.09 -65.07
C THR A 44 5.25 35.22 -64.56
N HIS A 45 5.10 33.92 -64.77
CA HIS A 45 6.13 32.97 -64.36
C HIS A 45 7.36 33.07 -65.26
N ARG A 46 8.53 33.05 -64.65
CA ARG A 46 9.78 33.13 -65.38
C ARG A 46 10.49 31.78 -65.41
N PRO A 47 11.17 31.44 -66.51
CA PRO A 47 11.86 30.15 -66.57
C PRO A 47 13.09 30.06 -65.68
N ASN A 48 13.53 31.18 -65.10
CA ASN A 48 14.68 31.20 -64.21
C ASN A 48 14.26 31.65 -62.82
N ALA A 49 14.88 31.07 -61.79
CA ALA A 49 14.50 31.39 -60.42
C ALA A 49 15.07 32.74 -59.98
N ILE A 50 16.30 33.06 -60.38
CA ILE A 50 16.89 34.33 -59.99
C ILE A 50 16.17 35.48 -60.66
N GLN A 51 15.86 35.35 -61.95
CA GLN A 51 15.12 36.40 -62.65
C GLN A 51 13.71 36.55 -62.09
N MET A 52 13.14 35.46 -61.57
CA MET A 52 11.82 35.55 -60.95
C MET A 52 11.91 36.26 -59.60
N ALA A 53 12.94 35.96 -58.82
CA ALA A 53 13.12 36.64 -57.54
C ALA A 53 13.37 38.14 -57.74
N LEU A 54 14.21 38.49 -58.71
CA LEU A 54 14.40 39.90 -59.03
C LEU A 54 13.15 40.53 -59.62
N SER A 55 12.31 39.73 -60.28
CA SER A 55 11.05 40.25 -60.80
C SER A 55 10.07 40.55 -59.67
N VAL A 56 10.10 39.74 -58.61
CA VAL A 56 9.24 40.00 -57.46
C VAL A 56 9.76 41.19 -56.65
N CYS A 57 11.09 41.25 -56.45
CA CYS A 57 11.67 42.36 -55.71
C CYS A 57 11.62 43.68 -56.49
N GLU A 58 11.48 43.63 -57.80
CA GLU A 58 11.44 44.83 -58.62
C GLU A 58 10.09 45.02 -59.30
N ASP A 59 9.06 44.26 -58.90
CA ASP A 59 7.72 44.38 -59.50
C ASP A 59 6.73 44.31 -58.36
N LEU A 60 6.75 43.19 -57.62
CA LEU A 60 5.81 42.97 -56.52
C LEU A 60 6.21 43.60 -55.18
N ILE A 61 7.45 43.40 -54.74
CA ILE A 61 7.89 43.96 -53.47
C ILE A 61 8.09 45.48 -53.58
N SER A 62 8.54 45.95 -54.75
CA SER A 62 8.75 47.38 -54.94
C SER A 62 7.45 48.17 -54.92
N SER A 63 6.33 47.53 -55.26
CA SER A 63 5.02 48.20 -55.27
C SER A 63 4.30 48.12 -53.93
N GLN A 64 4.93 47.52 -52.91
CA GLN A 64 4.36 47.40 -51.58
C GLN A 64 3.01 46.69 -51.62
N VAL A 65 3.03 45.37 -51.81
CA VAL A 65 1.82 44.57 -51.89
C VAL A 65 1.61 43.86 -50.56
N TYR A 66 0.37 43.47 -50.30
CA TYR A 66 0.01 42.75 -49.08
C TYR A 66 -0.17 41.26 -49.38
N ALA A 67 -1.25 40.87 -50.05
CA ALA A 67 -1.48 39.48 -50.40
C ALA A 67 -0.92 39.18 -51.77
N ILE A 68 -0.29 38.02 -51.92
CA ILE A 68 0.33 37.58 -53.16
C ILE A 68 -0.26 36.23 -53.55
N LEU A 69 -0.70 36.12 -54.80
CA LEU A 69 -1.27 34.90 -55.33
C LEU A 69 -0.22 34.11 -56.10
N VAL A 70 -0.54 32.86 -56.39
CA VAL A 70 0.38 31.97 -57.09
C VAL A 70 -0.38 30.80 -57.72
N SER A 71 -0.02 30.48 -58.95
CA SER A 71 -0.67 29.40 -59.67
C SER A 71 0.09 28.12 -59.99
N HIS A 72 0.76 28.12 -61.14
CA HIS A 72 1.54 26.98 -61.59
C HIS A 72 2.29 27.42 -62.83
N PRO A 73 3.58 27.09 -62.94
CA PRO A 73 4.34 27.47 -64.13
C PRO A 73 3.84 26.71 -65.35
N PRO A 74 3.51 27.42 -66.43
CA PRO A 74 3.03 26.74 -67.64
C PRO A 74 4.13 25.97 -68.35
N ALA A 75 4.46 24.78 -67.84
CA ALA A 75 5.50 23.94 -68.42
C ALA A 75 5.05 22.49 -68.39
N PRO A 76 5.31 21.73 -69.45
CA PRO A 76 4.89 20.32 -69.45
C PRO A 76 5.70 19.45 -68.50
N THR A 77 6.94 19.83 -68.20
CA THR A 77 7.79 19.07 -67.30
C THR A 77 7.84 19.76 -65.93
N ASP A 78 8.61 19.16 -65.02
CA ASP A 78 8.74 19.68 -63.66
C ASP A 78 10.22 19.63 -63.27
N HIS A 79 10.84 20.79 -63.12
CA HIS A 79 12.24 20.87 -62.72
C HIS A 79 12.55 22.08 -61.84
N LEU A 80 11.71 23.12 -61.93
CA LEU A 80 11.88 24.35 -61.15
C LEU A 80 10.50 24.65 -60.58
N THR A 81 10.24 24.15 -59.38
CA THR A 81 8.96 24.39 -58.73
C THR A 81 8.90 25.81 -58.18
N PRO A 82 7.71 26.41 -58.12
CA PRO A 82 7.57 27.75 -57.55
C PRO A 82 7.62 27.82 -56.04
N THR A 83 7.95 26.72 -55.37
CA THR A 83 8.01 26.73 -53.90
C THR A 83 8.99 27.77 -53.35
N PRO A 84 10.21 27.93 -53.88
CA PRO A 84 11.06 29.03 -53.37
C PRO A 84 10.43 30.40 -53.52
N ILE A 85 9.52 30.58 -54.49
CA ILE A 85 8.80 31.84 -54.60
C ILE A 85 8.03 32.13 -53.32
N SER A 86 7.39 31.09 -52.75
CA SER A 86 6.69 31.24 -51.48
C SER A 86 7.64 31.62 -50.35
N TYR A 87 8.93 31.32 -50.50
CA TYR A 87 9.91 31.74 -49.50
C TYR A 87 10.18 33.24 -49.57
N THR A 88 9.96 33.87 -50.72
CA THR A 88 10.19 35.31 -50.84
C THR A 88 9.36 36.08 -49.84
N ALA A 89 8.04 35.91 -49.88
CA ALA A 89 7.18 36.52 -48.87
C ALA A 89 7.51 36.03 -47.47
N GLY A 90 8.15 34.86 -47.34
CA GLY A 90 8.60 34.41 -46.04
C GLY A 90 9.59 35.35 -45.39
N PHE A 91 10.33 36.11 -46.21
CA PHE A 91 11.24 37.12 -45.67
C PHE A 91 10.47 38.34 -45.16
N TYR A 92 9.26 38.58 -45.67
CA TYR A 92 8.44 39.71 -45.23
C TYR A 92 7.13 39.23 -44.62
N ARG A 93 7.13 38.01 -44.08
CA ARG A 93 5.94 37.41 -43.47
C ARG A 93 4.74 37.41 -44.40
N PRO A 95 1.58 36.85 -46.84
CA PRO A 95 0.86 35.58 -47.03
C PRO A 95 0.67 35.23 -48.50
N VAL A 96 0.98 33.99 -48.86
CA VAL A 96 0.84 33.50 -50.22
C VAL A 96 -0.32 32.53 -50.29
N ILE A 97 -1.22 32.74 -51.24
CA ILE A 97 -2.41 31.90 -51.42
C ILE A 97 -2.23 31.10 -52.70
N GLY A 98 -2.37 29.78 -52.60
CA GLY A 98 -2.25 28.92 -53.76
C GLY A 98 -3.57 28.72 -54.49
N LEU A 99 -3.46 28.36 -55.76
CA LEU A 99 -4.63 28.15 -56.60
C LEU A 99 -4.66 26.78 -57.25
N THR A 100 -3.52 26.28 -57.73
CA THR A 100 -3.44 24.97 -58.37
C THR A 100 -2.40 24.08 -57.72
N THR A 101 -1.94 24.41 -56.52
CA THR A 101 -0.94 23.59 -55.83
C THR A 101 -1.60 22.34 -55.29
N ARG A 102 -1.17 21.18 -55.78
CA ARG A 102 -1.72 19.89 -55.36
C ARG A 102 -0.77 19.08 -54.50
N MET A 103 0.49 19.48 -54.37
CA MET A 103 1.45 18.75 -53.56
C MET A 103 1.21 18.99 -52.08
N SER A 104 1.37 17.93 -51.28
CA SER A 104 1.18 18.04 -49.84
C SER A 104 2.36 18.67 -49.12
N ILE A 105 3.47 18.91 -49.84
CA ILE A 105 4.63 19.55 -49.21
C ILE A 105 4.29 20.94 -48.70
N TYR A 106 3.35 21.63 -49.38
CA TYR A 106 2.92 22.94 -48.93
C TYR A 106 2.10 22.88 -47.64
N SER A 107 1.67 21.70 -47.22
CA SER A 107 0.89 21.56 -45.99
C SER A 107 1.75 21.66 -44.74
N ASP A 108 3.07 21.67 -44.87
CA ASP A 108 3.94 21.78 -43.71
C ASP A 108 3.91 23.20 -43.14
N LYS A 109 4.19 23.30 -41.84
CA LYS A 109 4.16 24.58 -41.15
C LYS A 109 5.54 25.18 -40.93
N SER A 110 6.61 24.39 -41.02
CA SER A 110 7.95 24.92 -40.79
C SER A 110 8.42 25.74 -41.99
N ILE A 111 8.54 25.11 -43.16
CA ILE A 111 9.00 25.81 -44.35
C ILE A 111 7.91 26.70 -44.93
N HIS A 112 6.64 26.40 -44.66
CA HIS A 112 5.51 27.20 -45.13
C HIS A 112 4.76 27.72 -43.91
N LEU A 113 5.28 28.80 -43.33
CA LEU A 113 4.66 29.40 -42.14
C LEU A 113 3.40 30.16 -42.52
N SER A 114 3.54 31.25 -43.27
CA SER A 114 2.42 32.05 -43.70
C SER A 114 2.07 31.72 -45.16
N PHE A 115 1.47 30.55 -45.33
CA PHE A 115 1.07 30.06 -46.65
C PHE A 115 -0.27 29.36 -46.53
N LEU A 116 -1.21 29.75 -47.39
CA LEU A 116 -2.54 29.13 -47.43
C LEU A 116 -2.98 28.99 -48.86
N ARG A 117 -3.72 27.92 -49.14
CA ARG A 117 -4.18 27.61 -50.48
C ARG A 117 -5.66 27.28 -50.46
N THR A 118 -6.35 27.64 -51.53
CA THR A 118 -7.79 27.40 -51.69
C THR A 118 -8.05 26.27 -52.67
N VAL A 119 -7.23 25.24 -52.63
CA VAL A 119 -7.37 24.08 -53.51
C VAL A 119 -7.08 22.81 -52.73
N PRO A 120 -7.94 21.80 -52.80
CA PRO A 120 -7.68 20.55 -52.07
C PRO A 120 -6.55 19.78 -52.71
N PRO A 121 -5.51 19.45 -51.93
CA PRO A 121 -4.38 18.70 -52.51
C PRO A 121 -4.70 17.22 -52.70
N TYR A 122 -3.65 16.42 -52.93
CA TYR A 122 -3.86 14.98 -53.11
C TYR A 122 -4.21 14.30 -51.79
N SER A 123 -3.69 14.81 -50.68
CA SER A 123 -3.97 14.20 -49.38
C SER A 123 -5.46 14.22 -49.08
N HIS A 124 -6.14 15.33 -49.40
CA HIS A 124 -7.58 15.40 -49.23
C HIS A 124 -8.29 14.34 -50.05
N GLN A 125 -7.73 13.98 -51.22
CA GLN A 125 -8.29 12.89 -52.00
C GLN A 125 -8.32 11.59 -51.20
N ALA A 126 -7.31 11.36 -50.36
CA ALA A 126 -7.31 10.19 -49.49
C ALA A 126 -8.55 10.18 -48.60
N LEU A 127 -8.98 11.36 -48.14
CA LEU A 127 -10.22 11.45 -47.39
C LEU A 127 -11.39 10.90 -48.20
N VAL A 128 -11.45 11.26 -49.49
CA VAL A 128 -12.47 10.68 -50.37
C VAL A 128 -12.33 9.17 -50.41
N TRP A 129 -11.08 8.67 -50.42
CA TRP A 129 -10.87 7.23 -50.34
C TRP A 129 -11.48 6.65 -49.09
N PHE A 130 -11.38 7.38 -47.96
CA PHE A 130 -12.03 6.94 -46.74
C PHE A 130 -13.54 6.84 -46.93
N GLU A 131 -14.12 7.77 -47.71
CA GLU A 131 -15.53 7.68 -48.02
C GLU A 131 -15.86 6.40 -48.78
N MET A 132 -14.91 5.91 -49.58
CA MET A 132 -15.10 4.62 -50.25
C MET A 132 -15.25 3.50 -49.22
N MET A 133 -14.50 3.59 -48.13
CA MET A 133 -14.64 2.61 -47.04
C MET A 133 -16.02 2.68 -46.41
N ARG A 134 -16.75 3.78 -46.59
CA ARG A 134 -18.12 3.89 -46.12
C ARG A 134 -19.13 3.30 -47.09
N LEU A 135 -18.73 3.09 -48.35
CA LEU A 135 -19.68 2.58 -49.35
C LEU A 135 -19.87 1.07 -49.20
N PHE A 136 -18.89 0.29 -49.64
CA PHE A 136 -18.96 -1.17 -49.57
C PHE A 136 -18.46 -1.72 -48.24
N ASN A 137 -18.20 -0.86 -47.26
CA ASN A 137 -17.72 -1.27 -45.94
C ASN A 137 -16.45 -2.09 -46.03
N TRP A 138 -15.32 -1.43 -46.24
CA TRP A 138 -14.02 -2.09 -46.34
C TRP A 138 -13.31 -2.06 -44.99
N ASN A 139 -12.41 -3.03 -44.80
CA ASN A 139 -11.63 -3.12 -43.57
C ASN A 139 -10.15 -3.38 -43.79
N HIS A 140 -9.75 -4.10 -44.84
CA HIS A 140 -8.35 -4.41 -45.12
C HIS A 140 -7.94 -3.63 -46.37
N VAL A 141 -7.06 -2.64 -46.19
CA VAL A 141 -6.59 -1.82 -47.29
C VAL A 141 -5.06 -1.86 -47.31
N ILE A 142 -4.49 -1.68 -48.50
CA ILE A 142 -3.05 -1.67 -48.70
C ILE A 142 -2.69 -0.39 -49.45
N LEU A 143 -1.84 0.44 -48.83
CA LEU A 143 -1.41 1.69 -49.42
C LEU A 143 0.00 1.51 -49.97
N ILE A 144 0.15 1.60 -51.29
CA ILE A 144 1.43 1.46 -51.96
C ILE A 144 1.80 2.82 -52.53
N VAL A 145 2.76 3.49 -51.88
CA VAL A 145 3.22 4.80 -52.29
C VAL A 145 4.73 4.76 -52.49
N SER A 146 5.24 5.80 -53.16
CA SER A 146 6.66 5.90 -53.42
C SER A 146 7.39 6.43 -52.19
N ASP A 147 8.71 6.55 -52.31
CA ASP A 147 9.56 7.02 -51.21
C ASP A 147 9.86 8.50 -51.44
N ASP A 148 8.99 9.36 -50.94
CA ASP A 148 9.15 10.80 -51.06
C ASP A 148 8.36 11.46 -49.93
N HIS A 149 8.03 12.74 -50.09
CA HIS A 149 7.27 13.46 -49.07
C HIS A 149 5.78 13.26 -49.23
N GLU A 150 5.31 13.06 -50.47
CA GLU A 150 3.88 12.85 -50.70
C GLU A 150 3.42 11.53 -50.10
N GLY A 151 4.25 10.49 -50.18
CA GLY A 151 3.89 9.22 -49.60
C GLY A 151 3.86 9.25 -48.08
N ARG A 152 4.78 9.98 -47.48
CA ARG A 152 4.78 10.11 -46.02
C ARG A 152 3.63 10.98 -45.54
N ALA A 153 3.31 12.04 -46.27
CA ALA A 153 2.18 12.89 -45.91
C ALA A 153 0.86 12.14 -46.06
N ALA A 154 0.73 11.34 -47.13
CA ALA A 154 -0.47 10.54 -47.30
C ALA A 154 -0.55 9.41 -46.28
N GLN A 155 0.60 8.89 -45.84
CA GLN A 155 0.59 7.86 -44.83
C GLN A 155 0.19 8.42 -43.47
N LYS A 156 0.70 9.60 -43.12
CA LYS A 156 0.31 10.23 -41.86
C LYS A 156 -1.13 10.72 -41.91
N LYS A 157 -1.61 11.09 -43.09
CA LYS A 157 -3.01 11.51 -43.22
C LYS A 157 -3.95 10.32 -43.09
N LEU A 158 -3.65 9.23 -43.79
CA LEU A 158 -4.48 8.03 -43.68
C LEU A 158 -4.43 7.44 -42.28
N GLU A 159 -3.26 7.51 -41.63
CA GLU A 159 -3.16 7.05 -40.25
C GLU A 159 -3.90 7.98 -39.30
N THR A 160 -3.95 9.28 -39.62
CA THR A 160 -4.69 10.22 -38.78
C THR A 160 -6.18 10.01 -38.90
N LEU A 161 -6.67 9.71 -40.12
CA LEU A 161 -8.10 9.46 -40.30
C LEU A 161 -8.55 8.20 -39.59
N LEU A 162 -7.67 7.20 -39.49
CA LEU A 162 -8.00 5.93 -38.84
C LEU A 162 -7.36 5.87 -37.46
N GLU A 163 -7.78 6.82 -36.60
CA GLU A 163 -7.25 6.91 -35.25
C GLU A 163 -8.19 6.32 -34.20
N GLU A 164 -9.45 6.07 -34.54
CA GLU A 164 -10.41 5.51 -33.62
C GLU A 164 -10.29 3.98 -33.59
N LYS A 165 -11.30 3.31 -33.04
CA LYS A 165 -11.32 1.85 -32.96
C LYS A 165 -11.97 1.21 -34.18
N GLU A 166 -11.85 1.84 -35.35
CA GLU A 166 -12.42 1.30 -36.58
C GLU A 166 -12.46 0.32 -37.74
N SER A 167 -11.48 0.37 -38.63
CA SER A 167 -10.48 -0.34 -39.41
C SER A 167 -9.07 0.21 -39.24
N LYS A 168 -8.10 -0.58 -39.70
CA LYS A 168 -6.68 -0.22 -39.59
C LYS A 168 -6.01 -0.52 -40.93
N ALA A 169 -4.69 -0.44 -40.95
CA ALA A 169 -3.89 -0.70 -42.14
C ALA A 169 -3.14 -2.02 -41.99
N ASP A 170 -2.92 -2.69 -43.11
CA ASP A 170 -2.22 -3.98 -43.13
C ASP A 170 -0.71 -3.75 -43.24
N LYS A 171 -0.25 -3.40 -44.43
CA LYS A 171 1.17 -3.16 -44.67
C LYS A 171 1.32 -2.09 -45.74
N VAL A 172 2.14 -1.09 -45.44
CA VAL A 172 2.41 0.02 -46.37
C VAL A 172 3.71 -0.29 -47.10
N LEU A 173 3.65 -0.32 -48.43
CA LEU A 173 4.80 -0.62 -49.27
C LEU A 173 5.42 0.67 -49.79
N GLN A 174 6.75 0.71 -49.81
CA GLN A 174 7.50 1.86 -50.30
C GLN A 174 8.47 1.41 -51.39
N PHE A 175 8.75 2.33 -52.31
CA PHE A 175 9.66 2.05 -53.41
C PHE A 175 10.28 3.36 -53.89
N GLU A 176 11.50 3.26 -54.41
CA GLU A 176 12.20 4.43 -54.91
C GLU A 176 11.63 4.85 -56.27
N PRO A 177 11.28 6.12 -56.47
CA PRO A 177 10.74 6.55 -57.76
C PRO A 177 11.79 6.53 -58.86
N GLY A 178 11.80 5.45 -59.65
CA GLY A 178 12.75 5.31 -60.73
C GLY A 178 13.23 3.89 -60.93
N THR A 179 12.63 2.95 -60.20
CA THR A 179 12.97 1.54 -60.28
C THR A 179 11.86 0.79 -60.99
N LYS A 180 12.20 0.07 -62.05
CA LYS A 180 11.21 -0.69 -62.82
C LYS A 180 11.03 -2.11 -62.29
N ASN A 181 12.11 -2.73 -61.82
CA ASN A 181 12.05 -4.10 -61.30
C ASN A 181 11.46 -4.04 -59.89
N LEU A 182 10.14 -4.17 -59.81
CA LEU A 182 9.40 -4.14 -58.55
C LEU A 182 8.53 -5.36 -58.41
N THR A 183 9.06 -6.53 -58.78
CA THR A 183 8.28 -7.76 -58.68
C THR A 183 8.12 -8.20 -57.23
N ALA A 184 9.08 -7.86 -56.36
CA ALA A 184 8.98 -8.24 -54.96
C ALA A 184 7.79 -7.57 -54.28
N LEU A 185 7.42 -6.36 -54.72
CA LEU A 185 6.26 -5.69 -54.16
C LEU A 185 4.97 -6.42 -54.52
N LEU A 186 4.90 -6.97 -55.73
CA LEU A 186 3.72 -7.73 -56.13
C LEU A 186 3.71 -9.12 -55.52
N LEU A 187 4.87 -9.70 -55.24
CA LEU A 187 4.91 -11.00 -54.59
C LEU A 187 4.53 -10.89 -53.12
N GLU A 188 5.12 -9.92 -52.41
CA GLU A 188 4.78 -9.73 -51.00
C GLU A 188 3.37 -9.19 -50.85
N ALA A 189 2.92 -8.36 -51.80
CA ALA A 189 1.56 -7.86 -51.76
C ALA A 189 0.54 -8.95 -52.10
N LYS A 190 0.92 -9.89 -52.96
CA LYS A 190 0.04 -10.99 -53.31
C LYS A 190 -0.01 -12.05 -52.21
N GLU A 191 1.09 -12.25 -51.50
CA GLU A 191 1.11 -13.23 -50.42
C GLU A 191 0.21 -12.81 -49.27
N LEU A 192 0.06 -11.50 -49.04
CA LEU A 192 -0.81 -11.02 -47.97
C LEU A 192 -2.27 -11.32 -48.29
N GLU A 193 -3.04 -11.55 -47.23
CA GLU A 193 -4.45 -11.88 -47.40
C GLU A 193 -5.25 -10.70 -47.98
N ALA A 194 -4.87 -9.48 -47.63
CA ALA A 194 -5.58 -8.30 -48.13
C ALA A 194 -5.32 -8.13 -49.63
N ARG A 195 -6.38 -7.82 -50.37
CA ARG A 195 -6.30 -7.63 -51.81
C ARG A 195 -6.60 -6.21 -52.26
N VAL A 196 -7.14 -5.36 -51.40
CA VAL A 196 -7.47 -3.98 -51.76
C VAL A 196 -6.17 -3.18 -51.89
N ILE A 197 -5.76 -2.92 -53.13
CA ILE A 197 -4.54 -2.18 -53.43
C ILE A 197 -4.91 -0.74 -53.74
N ILE A 198 -4.29 0.19 -53.02
CA ILE A 198 -4.51 1.62 -53.22
C ILE A 198 -3.20 2.21 -53.71
N LEU A 199 -3.13 2.51 -55.00
CA LEU A 199 -1.92 3.06 -55.60
C LEU A 199 -2.00 4.58 -55.64
N SER A 200 -0.89 5.22 -55.22
CA SER A 200 -0.81 6.68 -55.20
C SER A 200 0.64 7.06 -55.53
N ALA A 201 0.92 7.15 -56.83
CA ALA A 201 2.26 7.50 -57.30
C ALA A 201 2.11 8.43 -58.50
N SER A 202 3.14 8.50 -59.33
CA SER A 202 3.12 9.35 -60.51
C SER A 202 2.89 8.41 -61.70
N GLU A 203 3.15 8.91 -62.91
CA GLU A 203 2.98 8.12 -64.13
C GLU A 203 3.96 7.01 -64.46
N ASP A 204 5.27 7.28 -64.35
CA ASP A 204 6.26 6.24 -64.64
C ASP A 204 6.21 5.12 -63.62
N ASP A 205 5.90 5.44 -62.36
CA ASP A 205 5.79 4.39 -61.35
C ASP A 205 4.50 3.58 -61.54
N ALA A 206 3.39 4.26 -61.80
CA ALA A 206 2.13 3.56 -62.02
C ALA A 206 2.19 2.69 -63.28
N THR A 207 2.97 3.10 -64.27
CA THR A 207 3.16 2.26 -65.45
C THR A 207 3.91 0.98 -65.10
N ALA A 208 4.93 1.09 -64.26
CA ALA A 208 5.65 -0.11 -63.82
C ALA A 208 4.78 -1.00 -62.94
N VAL A 209 3.88 -0.40 -62.16
CA VAL A 209 2.95 -1.20 -61.36
C VAL A 209 1.95 -1.91 -62.25
N TYR A 210 1.53 -1.26 -63.33
CA TYR A 210 0.58 -1.90 -64.25
C TYR A 210 1.24 -3.00 -65.06
N LYS A 211 2.51 -2.82 -65.44
CA LYS A 211 3.21 -3.84 -66.21
C LYS A 211 3.59 -5.03 -65.33
N SER A 212 4.25 -4.76 -64.20
CA SER A 212 4.65 -5.84 -63.31
C SER A 212 3.43 -6.56 -62.73
N ALA A 213 2.38 -5.82 -62.38
CA ALA A 213 1.16 -6.44 -61.90
C ALA A 213 0.36 -7.09 -63.02
N ALA A 214 0.62 -6.72 -64.27
CA ALA A 214 -0.08 -7.31 -65.40
C ALA A 214 0.57 -8.59 -65.90
N MET A 215 1.89 -8.72 -65.76
CA MET A 215 2.60 -9.93 -66.19
C MET A 215 2.56 -11.03 -65.14
N LEU A 216 1.89 -10.82 -64.01
CA LEU A 216 1.77 -11.83 -62.97
C LEU A 216 0.34 -12.30 -62.76
N ASP A 217 -0.60 -11.84 -63.58
CA ASP A 217 -2.02 -12.20 -63.48
C ASP A 217 -2.57 -11.85 -62.09
N MET A 218 -2.71 -10.54 -61.88
CA MET A 218 -3.23 -10.02 -60.61
C MET A 218 -4.36 -9.03 -60.82
N THR A 219 -5.05 -9.09 -61.97
CA THR A 219 -6.16 -8.20 -62.27
C THR A 219 -7.48 -8.96 -62.40
N GLY A 220 -7.58 -10.13 -61.79
CA GLY A 220 -8.79 -10.93 -61.83
C GLY A 220 -9.79 -10.54 -60.76
N ALA A 221 -10.58 -11.53 -60.34
CA ALA A 221 -11.60 -11.29 -59.32
C ALA A 221 -10.95 -11.16 -57.95
N GLY A 222 -11.49 -10.25 -57.13
CA GLY A 222 -11.00 -10.01 -55.80
C GLY A 222 -9.99 -8.87 -55.70
N TYR A 223 -9.26 -8.59 -56.77
CA TYR A 223 -8.27 -7.52 -56.76
C TYR A 223 -8.95 -6.19 -57.06
N VAL A 224 -8.78 -5.22 -56.15
CA VAL A 224 -9.36 -3.89 -56.29
C VAL A 224 -8.23 -2.89 -56.41
N TRP A 225 -8.31 -2.02 -57.41
CA TRP A 225 -7.30 -0.98 -57.65
C TRP A 225 -7.94 0.37 -57.40
N LEU A 226 -7.46 1.07 -56.37
CA LEU A 226 -7.96 2.39 -56.00
C LEU A 226 -6.84 3.41 -56.21
N VAL A 227 -7.00 4.26 -57.22
CA VAL A 227 -5.99 5.28 -57.53
C VAL A 227 -6.63 6.66 -57.43
N GLY A 228 -5.88 7.70 -57.79
CA GLY A 228 -6.38 9.05 -57.74
C GLY A 228 -6.56 9.67 -59.11
N GLU A 229 -5.66 10.59 -59.47
CA GLU A 229 -5.72 11.27 -60.77
C GLU A 229 -4.45 11.15 -61.59
N ARG A 230 -3.31 10.78 -61.00
CA ARG A 230 -2.06 10.65 -61.72
C ARG A 230 -1.83 9.25 -62.27
N GLU A 231 -2.84 8.38 -62.23
CA GLU A 231 -2.72 7.02 -62.72
C GLU A 231 -3.65 6.71 -63.88
N ILE A 232 -4.47 7.67 -64.33
CA ILE A 232 -5.39 7.46 -65.43
C ILE A 232 -5.26 8.60 -66.43
N SER A 233 -4.06 9.16 -66.55
CA SER A 233 -3.82 10.26 -67.46
C SER A 233 -2.43 10.11 -68.07
N GLY A 234 -2.33 10.36 -69.37
CA GLY A 234 -1.07 10.26 -70.06
C GLY A 234 -0.79 8.86 -70.59
N SER A 235 0.43 8.37 -70.36
CA SER A 235 0.81 7.04 -70.81
C SER A 235 0.38 5.93 -69.87
N ALA A 236 -0.11 6.28 -68.68
CA ALA A 236 -0.56 5.29 -67.71
C ALA A 236 -2.04 4.94 -67.87
N LEU A 237 -2.66 5.35 -68.96
CA LEU A 237 -4.07 5.06 -69.22
C LEU A 237 -4.30 3.79 -70.01
N ARG A 238 -3.49 3.55 -71.05
CA ARG A 238 -3.65 2.36 -71.87
C ARG A 238 -3.23 1.08 -71.16
N TYR A 239 -2.43 1.18 -70.11
CA TYR A 239 -2.00 0.01 -69.34
C TYR A 239 -2.92 -0.30 -68.17
N ALA A 240 -3.80 0.62 -67.80
CA ALA A 240 -4.70 0.38 -66.67
C ALA A 240 -5.83 -0.55 -67.09
N PRO A 241 -6.26 -1.45 -66.21
CA PRO A 241 -7.35 -2.35 -66.57
C PRO A 241 -8.69 -1.62 -66.67
N ASP A 242 -9.57 -2.18 -67.49
CA ASP A 242 -10.89 -1.59 -67.71
C ASP A 242 -11.76 -1.87 -66.49
N GLY A 243 -11.99 -0.84 -65.68
CA GLY A 243 -12.82 -0.97 -64.50
C GLY A 243 -12.16 -0.45 -63.24
N ILE A 244 -11.01 0.21 -63.39
CA ILE A 244 -10.28 0.74 -62.25
C ILE A 244 -10.97 2.00 -61.74
N ILE A 245 -11.09 2.10 -60.42
CA ILE A 245 -11.73 3.26 -59.80
C ILE A 245 -10.77 4.44 -59.84
N GLY A 246 -11.20 5.54 -60.45
CA GLY A 246 -10.40 6.73 -60.56
C GLY A 246 -11.11 7.95 -60.03
N LEU A 247 -10.42 9.08 -60.11
CA LEU A 247 -10.94 10.36 -59.67
C LEU A 247 -10.67 11.43 -60.72
N GLN A 248 -11.41 12.52 -60.63
CA GLN A 248 -11.26 13.64 -61.57
C GLN A 248 -11.68 14.92 -60.87
N LEU A 249 -10.77 15.88 -60.81
CA LEU A 249 -11.07 17.16 -60.17
C LEU A 249 -11.98 18.00 -61.07
N ILE A 250 -13.03 18.58 -60.48
CA ILE A 250 -13.94 19.41 -61.24
C ILE A 250 -13.26 20.73 -61.58
N ASN A 251 -13.30 21.09 -62.86
CA ASN A 251 -12.68 22.32 -63.37
C ASN A 251 -11.18 22.35 -63.05
N GLY A 252 -10.45 21.43 -63.70
CA GLY A 252 -9.01 21.37 -63.48
C GLY A 252 -8.28 22.48 -64.21
N LYS A 253 -8.64 22.72 -65.46
CA LYS A 253 -8.03 23.77 -66.27
C LYS A 253 -8.96 24.96 -66.37
N ASN A 254 -8.38 26.15 -66.54
CA ASN A 254 -9.12 27.40 -66.63
C ASN A 254 -10.00 27.60 -65.41
N GLU A 255 -9.42 28.05 -64.31
CA GLU A 255 -10.13 28.23 -63.05
C GLU A 255 -10.34 29.71 -62.79
N SER A 256 -11.23 30.32 -63.58
CA SER A 256 -11.54 31.73 -63.39
C SER A 256 -12.29 31.96 -62.07
N ALA A 257 -13.04 30.97 -61.60
CA ALA A 257 -13.73 31.10 -60.33
C ALA A 257 -12.76 31.19 -59.15
N HIS A 258 -11.59 30.55 -59.28
CA HIS A 258 -10.59 30.66 -58.22
C HIS A 258 -9.97 32.04 -58.17
N ILE A 259 -9.83 32.70 -59.32
CA ILE A 259 -9.28 34.05 -59.36
C ILE A 259 -10.32 35.05 -58.87
N SER A 260 -11.56 34.94 -59.36
CA SER A 260 -12.61 35.86 -58.94
C SER A 260 -12.89 35.72 -57.45
N ASP A 261 -13.09 34.48 -56.98
CA ASP A 261 -13.31 34.25 -55.56
C ASP A 261 -12.06 34.59 -54.74
N ALA A 262 -10.88 34.49 -55.35
CA ALA A 262 -9.66 34.87 -54.65
C ALA A 262 -9.64 36.38 -54.39
N VAL A 263 -9.92 37.17 -55.42
CA VAL A 263 -9.98 38.61 -55.25
C VAL A 263 -11.14 39.00 -54.34
N ALA A 264 -12.19 38.18 -54.30
CA ALA A 264 -13.31 38.45 -53.41
C ALA A 264 -12.91 38.23 -51.96
N VAL A 265 -12.23 37.13 -51.67
CA VAL A 265 -11.83 36.83 -50.30
C VAL A 265 -10.75 37.81 -49.83
N VAL A 266 -9.76 38.08 -50.68
CA VAL A 266 -8.72 39.03 -50.32
C VAL A 266 -9.29 40.42 -50.13
N ALA A 267 -10.22 40.81 -51.01
CA ALA A 267 -10.87 42.11 -50.89
C ALA A 267 -11.68 42.21 -49.61
N GLN A 268 -12.34 41.11 -49.21
CA GLN A 268 -13.07 41.10 -47.96
C GLN A 268 -12.12 41.18 -46.77
N ALA A 269 -10.95 40.55 -46.87
CA ALA A 269 -9.95 40.63 -45.81
C ALA A 269 -9.31 42.00 -45.72
N ILE A 270 -9.29 42.76 -46.82
CA ILE A 270 -8.74 44.11 -46.78
C ILE A 270 -9.77 45.10 -46.25
N HIS A 271 -10.99 45.07 -46.81
CA HIS A 271 -12.04 45.96 -46.34
C HIS A 271 -12.40 45.68 -44.89
N GLU A 272 -12.32 44.42 -44.47
CA GLU A 272 -12.57 44.07 -43.07
C GLU A 272 -11.35 44.28 -42.19
N LEU A 273 -10.14 44.09 -42.74
CA LEU A 273 -8.92 44.26 -41.96
C LEU A 273 -8.64 45.72 -41.64
N PHE A 274 -8.94 46.63 -42.57
CA PHE A 274 -8.72 48.05 -42.37
C PHE A 274 -9.77 48.72 -41.50
N GLU A 275 -10.44 47.92 -40.68
CA GLU A 275 -11.32 48.42 -39.63
C GLU A 275 -10.74 47.99 -38.29
N MET A 276 -9.45 47.64 -38.30
CA MET A 276 -8.75 47.15 -37.11
C MET A 276 -8.16 48.28 -36.28
N GLU A 277 -6.88 48.57 -36.48
CA GLU A 277 -6.22 49.60 -35.68
C GLU A 277 -4.91 50.13 -36.27
N GLN A 278 -3.84 49.35 -36.14
CA GLN A 278 -2.50 49.85 -36.41
C GLN A 278 -2.42 49.64 -37.92
N ILE A 279 -2.26 48.39 -38.36
CA ILE A 279 -2.11 48.04 -39.78
C ILE A 279 -0.91 48.76 -40.37
N THR A 280 0.26 48.11 -40.31
CA THR A 280 1.48 48.70 -40.84
C THR A 280 1.52 48.55 -42.36
N ASP A 281 2.59 49.06 -42.97
CA ASP A 281 2.77 49.01 -44.40
C ASP A 281 4.01 48.21 -44.76
N PRO A 282 3.97 47.40 -45.83
CA PRO A 282 5.15 46.65 -46.23
C PRO A 282 6.23 47.57 -46.73
N PRO A 283 7.49 47.16 -46.66
CA PRO A 283 8.58 48.02 -47.15
C PRO A 283 8.57 48.12 -48.67
N ARG A 284 9.40 49.03 -49.17
CA ARG A 284 9.50 49.30 -50.61
C ARG A 284 10.74 48.60 -51.15
N GLY A 285 10.53 47.57 -51.96
CA GLY A 285 11.62 46.85 -52.58
C GLY A 285 12.40 45.99 -51.60
N CYS A 286 13.43 45.33 -52.13
CA CYS A 286 14.31 44.47 -51.34
C CYS A 286 15.67 45.10 -51.12
N VAL A 287 15.75 46.43 -51.14
CA VAL A 287 17.00 47.15 -50.97
C VAL A 287 16.87 48.01 -49.71
N GLY A 288 17.77 47.78 -48.76
CA GLY A 288 17.76 48.55 -47.52
C GLY A 288 16.59 48.24 -46.62
N ASN A 289 16.06 47.02 -46.67
CA ASN A 289 14.93 46.62 -45.85
C ASN A 289 15.32 45.35 -45.09
N THR A 290 15.51 45.48 -43.77
CA THR A 290 15.89 44.36 -42.93
C THR A 290 14.82 43.95 -41.93
N ASN A 291 13.88 44.84 -41.60
CA ASN A 291 12.83 44.51 -40.65
C ASN A 291 11.77 43.64 -41.31
N ILE A 292 11.06 42.89 -40.47
CA ILE A 292 9.99 41.99 -40.94
C ILE A 292 8.67 42.75 -40.90
N TRP A 293 7.57 42.02 -41.10
CA TRP A 293 6.22 42.59 -41.09
C TRP A 293 5.51 42.17 -39.82
N LYS A 294 4.98 43.15 -39.08
CA LYS A 294 4.27 42.86 -37.84
C LYS A 294 2.87 42.32 -38.10
N THR A 295 2.28 42.62 -39.26
CA THR A 295 0.95 42.13 -39.59
C THR A 295 1.06 40.94 -40.53
N GLY A 296 1.56 39.83 -39.96
CA GLY A 296 1.71 38.60 -40.69
C GLY A 296 0.72 37.55 -40.25
N PRO A 297 0.90 37.03 -39.04
CA PRO A 297 -0.08 36.06 -38.51
C PRO A 297 -1.48 36.63 -38.37
N LEU A 298 -1.61 37.95 -38.22
CA LEU A 298 -2.94 38.56 -38.17
C LEU A 298 -3.59 38.53 -39.55
N PHE A 299 -2.84 38.90 -40.58
CA PHE A 299 -3.37 38.85 -41.95
C PHE A 299 -3.71 37.42 -42.35
N LYS A 300 -2.85 36.47 -41.97
CA LYS A 300 -3.15 35.06 -42.23
C LYS A 300 -4.36 34.60 -41.43
N ARG A 301 -4.58 35.16 -40.24
CA ARG A 301 -5.75 34.81 -39.46
C ARG A 301 -7.02 35.34 -40.10
N VAL A 302 -6.97 36.55 -40.65
CA VAL A 302 -8.15 37.10 -41.34
C VAL A 302 -8.41 36.34 -42.63
N LEU A 303 -7.35 35.98 -43.36
CA LEU A 303 -7.52 35.20 -44.58
C LEU A 303 -8.06 33.81 -44.30
N MET A 304 -7.69 33.21 -43.16
CA MET A 304 -8.17 31.89 -42.81
C MET A 304 -9.61 31.92 -42.33
N SER A 305 -10.02 32.99 -41.64
CA SER A 305 -11.40 33.11 -41.14
C SER A 305 -12.26 33.80 -42.20
N SER A 306 -12.51 33.05 -43.28
CA SER A 306 -13.32 33.53 -44.39
C SER A 306 -14.40 32.51 -44.70
N LYS A 307 -15.64 32.97 -44.83
CA LYS A 307 -16.78 32.09 -45.10
C LYS A 307 -17.55 32.64 -46.30
N TYR A 308 -17.82 31.77 -47.28
CA TYR A 308 -18.58 32.13 -48.47
C TYR A 308 -19.48 30.97 -48.85
N PRO A 309 -20.65 30.86 -48.21
CA PRO A 309 -21.57 29.77 -48.56
C PRO A 309 -22.24 29.92 -49.91
N ASP A 310 -22.31 31.14 -50.45
CA ASP A 310 -22.93 31.41 -51.74
C ASP A 310 -21.90 31.75 -52.81
N GLY A 311 -20.70 31.18 -52.70
CA GLY A 311 -19.65 31.44 -53.66
C GLY A 311 -19.87 30.73 -54.97
N VAL A 312 -18.96 30.99 -55.92
CA VAL A 312 -19.05 30.38 -57.24
C VAL A 312 -18.62 28.92 -57.19
N THR A 313 -17.50 28.64 -56.51
CA THR A 313 -17.02 27.26 -56.41
C THR A 313 -17.87 26.42 -55.47
N GLY A 314 -18.59 27.04 -54.54
CA GLY A 314 -19.41 26.30 -53.60
C GLY A 314 -19.47 26.93 -52.23
N ARG A 315 -18.71 26.37 -51.29
CA ARG A 315 -18.65 26.86 -49.91
C ARG A 315 -17.18 27.03 -49.53
N ILE A 316 -16.69 28.26 -49.60
CA ILE A 316 -15.30 28.56 -49.27
C ILE A 316 -15.15 28.54 -47.75
N GLU A 317 -14.29 27.65 -47.26
CA GLU A 317 -14.05 27.52 -45.83
C GLU A 317 -12.68 26.91 -45.61
N PHE A 318 -11.93 27.49 -44.66
CA PHE A 318 -10.60 27.02 -44.32
C PHE A 318 -10.63 26.19 -43.05
N ASN A 319 -9.58 25.40 -42.84
CA ASN A 319 -9.44 24.55 -41.69
C ASN A 319 -8.33 25.09 -40.77
N GLU A 320 -7.76 24.22 -39.95
CA GLU A 320 -6.71 24.62 -39.03
C GLU A 320 -5.35 24.73 -39.69
N ASP A 321 -5.19 24.17 -40.88
CA ASP A 321 -3.92 24.21 -41.61
C ASP A 321 -3.95 25.17 -42.79
N GLY A 322 -5.07 25.84 -43.03
CA GLY A 322 -5.16 26.77 -44.14
C GLY A 322 -5.35 26.12 -45.49
N ASP A 323 -6.17 25.08 -45.58
CA ASP A 323 -6.43 24.37 -46.82
C ASP A 323 -7.84 24.67 -47.30
N ARG A 324 -8.31 23.87 -48.24
CA ARG A 324 -9.64 24.05 -48.84
C ARG A 324 -10.55 22.92 -48.38
N LYS A 325 -11.69 23.29 -47.82
CA LYS A 325 -12.68 22.33 -47.35
C LYS A 325 -13.78 22.16 -48.40
N PHE A 326 -14.56 21.09 -48.23
CA PHE A 326 -15.65 20.73 -49.14
C PHE A 326 -15.13 20.60 -50.58
N ALA A 327 -14.27 19.61 -50.77
CA ALA A 327 -13.68 19.38 -52.09
C ALA A 327 -14.72 18.82 -53.06
N GLN A 328 -14.55 19.15 -54.33
CA GLN A 328 -15.46 18.72 -55.39
C GLN A 328 -14.68 17.87 -56.39
N TYR A 329 -14.90 16.56 -56.34
CA TYR A 329 -14.26 15.61 -57.24
C TYR A 329 -15.34 14.82 -57.99
N SER A 330 -14.88 13.82 -58.76
CA SER A 330 -15.78 12.97 -59.53
C SER A 330 -15.17 11.60 -59.66
N ILE A 331 -15.88 10.58 -59.14
CA ILE A 331 -15.40 9.20 -59.20
C ILE A 331 -15.60 8.70 -60.62
N MET A 332 -14.50 8.41 -61.31
CA MET A 332 -14.53 7.92 -62.68
C MET A 332 -14.22 6.42 -62.71
N ASN A 333 -14.47 5.81 -63.86
CA ASN A 333 -14.22 4.38 -64.05
C ASN A 333 -13.90 4.13 -65.52
N LEU A 334 -12.83 3.38 -65.77
CA LEU A 334 -12.40 3.08 -67.14
C LEU A 334 -13.28 1.97 -67.69
N GLN A 335 -14.07 2.29 -68.72
CA GLN A 335 -14.97 1.34 -69.36
C GLN A 335 -14.75 1.38 -70.86
N ASN A 336 -14.28 0.25 -71.41
CA ASN A 336 -14.03 0.11 -72.85
C ASN A 336 -13.07 1.19 -73.36
N ARG A 337 -11.89 1.27 -72.71
CA ARG A 337 -10.84 2.22 -73.04
C ARG A 337 -11.31 3.67 -72.95
N LYS A 338 -12.37 3.93 -72.20
CA LYS A 338 -12.91 5.28 -72.06
C LYS A 338 -13.25 5.53 -70.59
N LEU A 339 -13.13 6.79 -70.18
CA LEU A 339 -13.41 7.20 -68.81
C LEU A 339 -14.89 7.58 -68.73
N VAL A 340 -15.70 6.68 -68.16
CA VAL A 340 -17.13 6.89 -68.00
C VAL A 340 -17.40 7.39 -66.59
N GLN A 341 -18.17 8.47 -66.47
CA GLN A 341 -18.49 9.04 -65.16
C GLN A 341 -19.46 8.12 -64.43
N VAL A 342 -19.03 7.61 -63.27
CA VAL A 342 -19.86 6.73 -62.46
C VAL A 342 -20.21 7.33 -61.11
N GLY A 343 -19.61 8.44 -60.73
CA GLY A 343 -19.94 9.06 -59.45
C GLY A 343 -19.43 10.47 -59.37
N ILE A 344 -19.97 11.23 -58.42
CA ILE A 344 -19.57 12.61 -58.18
C ILE A 344 -19.44 12.81 -56.68
N PHE A 345 -18.52 13.69 -56.29
CA PHE A 345 -18.26 14.01 -54.89
C PHE A 345 -18.40 15.52 -54.71
N ASP A 346 -19.49 15.93 -54.06
CA ASP A 346 -19.72 17.36 -53.85
C ASP A 346 -18.90 17.91 -52.69
N GLY A 347 -18.77 17.13 -51.61
CA GLY A 347 -18.02 17.57 -50.46
C GLY A 347 -18.38 16.82 -49.18
N SER A 348 -19.67 16.59 -48.98
CA SER A 348 -20.16 15.89 -47.79
C SER A 348 -20.29 14.39 -48.01
N TYR A 349 -21.01 13.98 -49.06
CA TYR A 349 -21.23 12.58 -49.36
C TYR A 349 -20.97 12.34 -50.85
N ILE A 350 -21.00 11.06 -51.23
CA ILE A 350 -20.79 10.65 -52.62
C ILE A 350 -22.15 10.40 -53.26
N ILE A 351 -22.37 11.04 -54.41
CA ILE A 351 -23.61 10.90 -55.16
C ILE A 351 -23.34 10.04 -56.38
N GLN A 352 -24.14 8.99 -56.55
CA GLN A 352 -24.01 8.08 -57.67
C GLN A 352 -25.04 8.40 -58.74
N ASN A 353 -24.64 8.18 -60.00
CA ASN A 353 -25.53 8.44 -61.13
C ASN A 353 -26.11 7.11 -61.56
N ASP A 354 -26.68 7.06 -62.77
CA ASP A 354 -27.28 5.84 -63.31
C ASP A 354 -26.38 4.83 -63.99
N ARG A 355 -25.07 4.94 -63.83
CA ARG A 355 -24.12 4.02 -64.44
C ARG A 355 -23.65 3.01 -63.39
N LYS A 356 -23.63 1.74 -63.77
CA LYS A 356 -23.21 0.68 -62.86
C LYS A 356 -21.70 0.56 -62.85
N ILE A 357 -21.14 0.36 -61.65
CA ILE A 357 -19.69 0.24 -61.51
C ILE A 357 -19.24 -1.11 -62.05
N ILE A 358 -18.25 -1.09 -62.93
CA ILE A 358 -17.70 -2.30 -63.55
C ILE A 358 -16.36 -2.60 -62.91
N TRP A 359 -16.15 -3.86 -62.51
CA TRP A 359 -14.90 -4.27 -61.88
C TRP A 359 -13.92 -4.81 -62.92
N PRO A 360 -12.62 -4.62 -62.69
CA PRO A 360 -11.63 -5.11 -63.67
C PRO A 360 -11.61 -6.62 -63.82
N GLY A 361 -12.07 -7.36 -62.81
CA GLY A 361 -12.07 -8.81 -62.88
C GLY A 361 -13.32 -9.39 -63.52
N GLY A 362 -14.03 -8.57 -64.30
CA GLY A 362 -15.24 -9.03 -64.96
C GLY A 362 -16.44 -9.18 -64.06
N GLU A 363 -16.37 -8.72 -62.82
CA GLU A 363 -17.47 -8.82 -61.89
C GLU A 363 -18.35 -7.58 -61.96
N THR A 364 -19.61 -7.75 -61.54
CA THR A 364 -20.57 -6.66 -61.52
C THR A 364 -21.09 -6.32 -60.14
N GLU A 365 -21.14 -7.26 -59.22
CA GLU A 365 -21.63 -7.04 -57.86
C GLU A 365 -20.50 -7.30 -56.87
N ARG A 366 -20.31 -6.37 -55.93
CA ARG A 366 -19.27 -6.50 -54.94
C ARG A 366 -19.70 -7.50 -53.86
N PRO A 367 -18.96 -8.58 -53.64
CA PRO A 367 -19.34 -9.55 -52.60
C PRO A 367 -19.23 -8.92 -51.21
N GLN A 368 -19.85 -9.62 -50.25
CA GLN A 368 -19.84 -9.15 -48.87
C GLN A 368 -18.45 -9.30 -48.25
N GLY A 369 -17.86 -10.48 -48.36
CA GLY A 369 -16.55 -10.70 -47.80
C GLY A 369 -15.46 -10.09 -48.66
N TYR A 370 -14.41 -9.61 -47.99
CA TYR A 370 -13.30 -8.98 -48.71
C TYR A 370 -12.43 -10.03 -49.39
N GLN A 371 -11.89 -10.97 -48.62
CA GLN A 371 -11.05 -12.03 -49.16
C GLN A 371 -10.93 -13.15 -48.13
N MET A 372 -11.21 -14.38 -48.56
CA MET A 372 -11.12 -15.54 -47.68
C MET A 372 -10.45 -16.68 -48.42
N SER A 373 -9.76 -17.53 -47.67
CA SER A 373 -9.05 -18.67 -48.23
C SER A 373 -9.05 -19.79 -47.19
N THR A 374 -8.13 -20.75 -47.36
CA THR A 374 -8.02 -21.87 -46.44
C THR A 374 -6.59 -22.14 -45.98
N ARG A 375 -5.62 -21.33 -46.39
CA ARG A 375 -4.24 -21.50 -46.00
C ARG A 375 -3.96 -20.73 -44.72
N LEU A 376 -3.42 -21.41 -43.72
CA LEU A 376 -3.12 -20.81 -42.42
C LEU A 376 -1.71 -21.20 -42.01
N LYS A 377 -0.92 -20.20 -41.62
CA LYS A 377 0.46 -20.41 -41.20
C LYS A 377 0.52 -20.46 -39.68
N ILE A 378 1.01 -21.57 -39.14
CA ILE A 378 1.11 -21.79 -37.71
C ILE A 378 2.58 -22.01 -37.36
N VAL A 379 3.12 -21.15 -36.50
CA VAL A 379 4.51 -21.26 -36.06
C VAL A 379 4.52 -21.55 -34.57
N THR A 380 5.62 -22.14 -34.11
CA THR A 380 5.78 -22.50 -32.71
C THR A 380 7.24 -22.36 -32.32
N ILE A 381 7.49 -22.40 -31.01
CA ILE A 381 8.83 -22.28 -30.47
C ILE A 381 9.46 -23.66 -30.33
N HIS A 382 10.63 -23.74 -29.71
CA HIS A 382 11.36 -24.99 -29.54
C HIS A 382 11.36 -25.35 -28.06
N GLN A 383 10.53 -26.32 -27.68
CA GLN A 383 10.45 -26.81 -26.31
C GLN A 383 10.39 -28.32 -26.33
N GLU A 384 11.19 -28.96 -25.47
CA GLU A 384 11.22 -30.42 -25.46
C GLU A 384 9.91 -31.03 -24.97
N PRO A 385 9.34 -30.65 -23.82
CA PRO A 385 8.10 -31.30 -23.38
C PRO A 385 6.86 -30.85 -24.16
N PHE A 386 6.96 -29.78 -24.95
CA PHE A 386 5.80 -29.30 -25.71
C PHE A 386 5.89 -29.73 -27.17
N VAL A 387 6.81 -29.15 -27.93
CA VAL A 387 6.97 -29.49 -29.34
C VAL A 387 8.27 -30.29 -29.51
N TYR A 388 8.18 -31.61 -29.33
CA TYR A 388 9.35 -32.48 -29.45
C TYR A 388 9.80 -32.53 -30.90
N VAL A 389 11.03 -32.06 -31.15
CA VAL A 389 11.60 -32.05 -32.49
C VAL A 389 12.59 -33.20 -32.60
N ARG A 390 12.40 -34.04 -33.61
CA ARG A 390 13.25 -35.19 -33.85
C ARG A 390 13.70 -35.18 -35.31
N PRO A 391 15.00 -35.33 -35.57
CA PRO A 391 15.47 -35.36 -36.96
C PRO A 391 14.92 -36.57 -37.71
N THR A 392 14.78 -36.41 -39.02
CA THR A 392 14.27 -37.48 -39.86
C THR A 392 15.33 -38.57 -40.05
N THR A 393 14.95 -39.81 -39.78
CA THR A 393 15.88 -40.92 -39.95
C THR A 393 16.07 -41.26 -41.42
N SER A 394 17.27 -41.72 -41.76
CA SER A 394 17.64 -42.07 -43.12
C SER A 394 17.37 -40.92 -44.08
N ASP A 395 16.58 -41.17 -45.13
CA ASP A 395 16.22 -40.15 -46.10
C ASP A 395 14.75 -40.24 -46.49
N GLY A 396 13.90 -40.64 -45.57
CA GLY A 396 12.48 -40.76 -45.85
C GLY A 396 11.62 -39.81 -45.04
N THR A 397 10.55 -40.33 -44.45
CA THR A 397 9.65 -39.51 -43.65
C THR A 397 9.94 -39.84 -42.19
N CYS A 398 9.06 -39.42 -41.29
CA CYS A 398 9.23 -39.67 -39.86
C CYS A 398 9.31 -41.12 -39.39
N ARG A 399 9.76 -41.29 -38.15
CA ARG A 399 9.90 -42.60 -37.55
C ARG A 399 8.56 -43.01 -36.92
N GLU A 400 8.01 -44.12 -37.40
CA GLU A 400 6.74 -44.63 -36.90
C GLU A 400 6.97 -45.49 -35.66
N GLU A 401 6.24 -45.20 -34.59
CA GLU A 401 6.35 -45.95 -33.34
C GLU A 401 5.03 -45.85 -32.59
N TYR A 402 5.02 -46.33 -31.36
CA TYR A 402 3.83 -46.32 -30.51
C TYR A 402 4.21 -45.83 -29.12
N THR A 403 3.20 -45.66 -28.27
CA THR A 403 3.41 -45.21 -26.90
C THR A 403 3.53 -46.43 -25.98
N ILE A 404 3.48 -46.21 -24.67
CA ILE A 404 3.62 -47.27 -23.69
C ILE A 404 2.27 -47.75 -23.18
N ASN A 405 1.17 -47.28 -23.77
CA ASN A 405 -0.16 -47.69 -23.36
C ASN A 405 -0.98 -48.30 -24.49
N GLY A 406 -0.45 -48.32 -25.72
CA GLY A 406 -1.18 -48.89 -26.83
C GLY A 406 -1.97 -47.86 -27.61
N ASP A 407 -1.26 -46.88 -28.20
CA ASP A 407 -1.90 -45.84 -28.97
C ASP A 407 -0.89 -45.30 -29.97
N PRO A 408 -1.24 -45.19 -31.24
CA PRO A 408 -0.29 -44.66 -32.23
C PRO A 408 -0.04 -43.18 -32.04
N ILE A 409 1.20 -42.77 -32.27
CA ILE A 409 1.62 -41.37 -32.12
C ILE A 409 1.76 -40.76 -33.51
N LYS A 410 1.24 -39.54 -33.67
CA LYS A 410 1.28 -38.83 -34.93
C LYS A 410 2.38 -37.77 -34.90
N LYS A 411 3.10 -37.66 -36.03
CA LYS A 411 4.17 -36.69 -36.17
C LYS A 411 3.92 -35.85 -37.42
N VAL A 412 4.31 -34.57 -37.34
CA VAL A 412 4.13 -33.65 -38.44
C VAL A 412 5.51 -33.22 -38.96
N ILE A 413 5.50 -32.62 -40.15
CA ILE A 413 6.72 -32.13 -40.77
C ILE A 413 6.96 -30.69 -40.33
N CYS A 414 8.18 -30.41 -39.89
CA CYS A 414 8.53 -29.07 -39.41
C CYS A 414 9.98 -28.78 -39.77
N ASN A 415 10.20 -27.64 -40.42
CA ASN A 415 11.54 -27.21 -40.80
C ASN A 415 12.16 -26.38 -39.69
N GLY A 416 13.34 -26.78 -39.24
CA GLY A 416 14.02 -26.10 -38.17
C GLY A 416 15.53 -26.06 -38.35
N PRO A 417 16.18 -25.07 -37.75
CA PRO A 417 17.64 -24.98 -37.85
C PRO A 417 18.34 -26.03 -37.00
N ASP A 418 19.65 -25.85 -36.79
CA ASP A 418 20.44 -26.76 -35.99
C ASP A 418 21.38 -25.96 -35.09
N GLU A 419 21.54 -26.43 -33.85
CA GLU A 419 22.39 -25.74 -32.88
C GLU A 419 23.84 -26.17 -32.95
N THR A 420 24.14 -27.31 -33.60
CA THR A 420 25.51 -27.76 -33.70
C THR A 420 26.30 -26.93 -34.71
N ILE A 421 25.78 -26.78 -35.92
CA ILE A 421 26.46 -25.98 -36.95
C ILE A 421 26.32 -24.50 -36.59
N PRO A 422 27.38 -23.69 -36.72
CA PRO A 422 27.25 -22.26 -36.43
C PRO A 422 26.21 -21.56 -37.28
N GLY A 423 25.99 -22.01 -38.51
CA GLY A 423 24.99 -21.44 -39.36
C GLY A 423 23.58 -21.89 -38.99
N ARG A 424 22.62 -21.44 -39.78
CA ARG A 424 21.20 -21.76 -39.58
C ARG A 424 20.63 -22.34 -40.87
N PRO A 425 20.91 -23.60 -41.17
CA PRO A 425 20.36 -24.22 -42.37
C PRO A 425 18.95 -24.74 -42.14
N THR A 426 18.23 -24.91 -43.25
CA THR A 426 16.88 -25.44 -43.22
C THR A 426 16.95 -26.96 -43.04
N VAL A 427 16.73 -27.43 -41.82
CA VAL A 427 16.82 -28.85 -41.50
C VAL A 427 15.40 -29.39 -41.39
N PRO A 428 14.93 -30.20 -42.34
CA PRO A 428 13.59 -30.78 -42.23
C PRO A 428 13.56 -31.88 -41.18
N GLN A 429 12.74 -31.66 -40.15
CA GLN A 429 12.60 -32.61 -39.03
C GLN A 429 11.13 -32.90 -38.81
N CYS A 430 10.84 -33.71 -37.81
CA CYS A 430 9.47 -34.11 -37.46
C CYS A 430 9.16 -33.65 -36.05
N CYS A 431 8.04 -32.94 -35.89
CA CYS A 431 7.60 -32.43 -34.61
C CYS A 431 6.42 -33.25 -34.09
N TYR A 432 6.38 -33.46 -32.79
CA TYR A 432 5.31 -34.22 -32.15
C TYR A 432 5.28 -33.88 -30.67
N GLY A 433 4.09 -33.75 -30.11
CA GLY A 433 3.96 -33.44 -28.70
C GLY A 433 2.54 -33.02 -28.37
N PHE A 434 2.42 -32.26 -27.27
CA PHE A 434 1.09 -31.82 -26.83
C PHE A 434 0.53 -30.75 -27.76
N CYS A 435 1.33 -29.72 -28.07
CA CYS A 435 0.86 -28.67 -28.96
C CYS A 435 0.64 -29.19 -30.37
N VAL A 436 1.39 -30.22 -30.78
CA VAL A 436 1.20 -30.80 -32.11
C VAL A 436 -0.13 -31.54 -32.18
N ASP A 437 -0.41 -32.36 -31.16
CA ASP A 437 -1.70 -33.06 -31.12
C ASP A 437 -2.86 -32.10 -30.98
N LEU A 438 -2.68 -31.00 -30.25
CA LEU A 438 -3.73 -29.99 -30.16
C LEU A 438 -3.93 -29.31 -31.50
N LEU A 439 -2.85 -29.07 -32.25
CA LEU A 439 -2.97 -28.48 -33.57
C LEU A 439 -3.64 -29.44 -34.55
N ILE A 440 -3.43 -30.74 -34.38
CA ILE A 440 -4.12 -31.72 -35.22
C ILE A 440 -5.60 -31.79 -34.86
N LYS A 441 -5.92 -31.69 -33.56
CA LYS A 441 -7.31 -31.69 -33.14
C LYS A 441 -8.05 -30.46 -33.67
N LEU A 442 -7.45 -29.28 -33.54
CA LEU A 442 -8.03 -28.08 -34.12
C LEU A 442 -8.02 -28.12 -35.63
N ALA A 443 -7.13 -28.91 -36.24
CA ALA A 443 -7.10 -29.03 -37.69
C ALA A 443 -8.16 -29.96 -38.22
N ARG A 444 -8.61 -30.93 -37.42
CA ARG A 444 -9.67 -31.83 -37.82
C ARG A 444 -11.05 -31.37 -37.38
N GLU A 445 -11.13 -30.50 -36.37
CA GLU A 445 -12.41 -29.93 -35.96
C GLU A 445 -12.82 -28.73 -36.81
N MET A 446 -11.90 -28.20 -37.62
CA MET A 446 -12.19 -27.07 -38.49
C MET A 446 -11.58 -27.34 -39.87
N ASP A 447 -12.35 -27.06 -40.92
CA ASP A 447 -11.92 -27.32 -42.29
C ASP A 447 -10.99 -26.21 -42.75
N PHE A 448 -9.68 -26.42 -42.61
CA PHE A 448 -8.69 -25.47 -43.08
C PHE A 448 -7.36 -26.19 -43.24
N THR A 449 -6.41 -25.50 -43.87
CA THR A 449 -5.07 -26.00 -44.07
C THR A 449 -4.06 -25.10 -43.35
N TYR A 450 -3.06 -25.72 -42.74
CA TYR A 450 -2.06 -25.01 -41.96
C TYR A 450 -0.67 -25.40 -42.41
N GLU A 451 0.33 -24.74 -41.83
CA GLU A 451 1.73 -25.04 -42.10
C GLU A 451 2.55 -24.60 -40.90
N VAL A 452 3.07 -25.56 -40.14
CA VAL A 452 3.81 -25.26 -38.92
C VAL A 452 5.26 -24.92 -39.28
N HIS A 453 5.83 -23.97 -38.54
CA HIS A 453 7.21 -23.56 -38.75
C HIS A 453 7.86 -23.27 -37.39
N LEU A 454 9.14 -23.57 -37.28
CA LEU A 454 9.89 -23.38 -36.05
C LEU A 454 10.46 -21.97 -36.00
N VAL A 455 10.32 -21.33 -34.84
CA VAL A 455 10.84 -19.99 -34.61
C VAL A 455 12.20 -20.09 -33.93
N ALA A 456 13.15 -19.28 -34.40
CA ALA A 456 14.50 -19.29 -33.85
C ALA A 456 14.57 -18.51 -32.55
N ASP A 457 15.55 -17.63 -32.42
CA ASP A 457 15.75 -16.84 -31.22
C ASP A 457 14.89 -15.57 -31.29
N GLY A 458 15.14 -14.64 -30.37
CA GLY A 458 14.38 -13.40 -30.33
C GLY A 458 13.04 -13.55 -29.63
N LYS A 459 13.08 -13.85 -28.33
CA LYS A 459 11.87 -14.05 -27.53
C LYS A 459 11.90 -13.12 -26.32
N PHE A 460 11.99 -11.81 -26.59
CA PHE A 460 12.01 -10.83 -25.51
C PHE A 460 11.30 -9.53 -25.90
N GLY A 461 10.50 -9.55 -26.96
CA GLY A 461 9.75 -8.37 -27.35
C GLY A 461 10.56 -7.23 -27.92
N THR A 462 11.80 -7.49 -28.31
CA THR A 462 12.70 -6.48 -28.88
C THR A 462 12.84 -5.28 -27.94
N GLN A 463 13.75 -5.40 -26.97
CA GLN A 463 14.02 -4.33 -26.01
C GLN A 463 15.24 -3.57 -26.50
N GLU A 464 14.99 -2.50 -27.26
CA GLU A 464 16.06 -1.67 -27.83
C GLU A 464 16.71 -0.86 -26.70
N ARG A 465 17.65 -1.51 -26.02
CA ARG A 465 18.37 -0.89 -24.92
C ARG A 465 19.80 -0.51 -25.29
N VAL A 466 20.31 -1.00 -26.42
CA VAL A 466 21.67 -0.66 -26.85
C VAL A 466 21.69 0.77 -27.37
N ASN A 467 22.74 1.51 -27.02
CA ASN A 467 22.89 2.89 -27.45
C ASN A 467 23.07 2.93 -28.95
N ASN A 468 21.96 3.13 -29.68
CA ASN A 468 22.02 3.20 -31.13
C ASN A 468 22.60 4.53 -31.57
N SER A 469 23.06 4.57 -32.82
CA SER A 469 23.71 5.76 -33.39
C SER A 469 22.69 6.82 -33.79
N ASN A 470 21.93 7.31 -32.79
CA ASN A 470 20.95 8.38 -32.99
C ASN A 470 19.95 8.03 -34.08
N ALA A 471 19.05 7.10 -33.79
CA ALA A 471 18.04 6.68 -34.76
C ALA A 471 16.77 6.31 -34.01
N ALA A 472 15.67 6.26 -34.77
CA ALA A 472 14.37 5.90 -34.21
C ALA A 472 14.13 4.41 -34.34
N ALA A 473 13.41 3.85 -33.38
CA ALA A 473 13.08 2.43 -33.33
C ALA A 473 11.60 2.24 -33.66
N TRP A 474 11.18 0.97 -33.69
CA TRP A 474 9.81 0.62 -33.99
C TRP A 474 9.50 -0.73 -33.34
N ASN A 475 8.27 -1.18 -33.49
CA ASN A 475 7.83 -2.44 -32.90
C ASN A 475 8.55 -3.60 -33.58
N GLY A 476 9.47 -4.21 -32.84
CA GLY A 476 10.14 -5.43 -33.27
C GLY A 476 9.27 -6.64 -32.96
N MET A 477 9.85 -7.65 -32.32
CA MET A 477 9.11 -8.86 -32.01
C MET A 477 7.74 -8.54 -31.40
N MET A 478 7.76 -8.09 -30.15
CA MET A 478 6.53 -7.73 -29.44
C MET A 478 5.40 -8.75 -29.50
N GLY A 479 4.18 -8.29 -29.78
CA GLY A 479 3.03 -9.17 -29.86
C GLY A 479 3.43 -10.50 -30.49
N GLU A 480 4.47 -10.42 -31.32
CA GLU A 480 5.18 -11.59 -31.85
C GLU A 480 4.41 -12.40 -32.87
N LEU A 481 3.74 -11.71 -33.79
CA LEU A 481 2.82 -12.37 -34.71
C LEU A 481 3.13 -12.19 -36.19
N LEU A 482 3.12 -10.93 -36.64
CA LEU A 482 3.25 -10.60 -38.05
C LEU A 482 4.66 -10.55 -38.60
N SER A 483 5.29 -11.71 -38.75
CA SER A 483 6.64 -11.77 -39.29
C SER A 483 6.27 -12.08 -40.73
N GLY A 484 5.16 -11.52 -41.19
CA GLY A 484 4.72 -11.72 -42.56
C GLY A 484 4.47 -13.17 -42.89
N GLN A 485 4.86 -14.07 -41.98
CA GLN A 485 4.67 -15.50 -42.21
C GLN A 485 4.03 -16.20 -41.01
N ALA A 486 3.50 -15.45 -40.05
CA ALA A 486 2.87 -16.00 -38.86
C ALA A 486 1.44 -15.51 -38.75
N ASP A 487 0.53 -16.41 -38.35
CA ASP A 487 -0.87 -16.07 -38.22
C ASP A 487 -1.38 -16.40 -36.81
N MET A 488 -0.87 -17.48 -36.24
CA MET A 488 -1.25 -17.89 -34.90
C MET A 488 -0.17 -18.80 -34.34
N ILE A 489 0.14 -18.64 -33.05
CA ILE A 489 1.16 -19.41 -32.37
C ILE A 489 0.50 -20.29 -31.32
N VAL A 490 0.82 -21.58 -31.33
CA VAL A 490 0.26 -22.53 -30.38
C VAL A 490 1.14 -22.70 -29.14
N ALA A 491 2.16 -21.87 -28.98
CA ALA A 491 3.04 -21.99 -27.82
C ALA A 491 2.39 -21.36 -26.59
N PRO A 492 2.51 -21.99 -25.43
CA PRO A 492 1.90 -21.42 -24.22
C PRO A 492 2.64 -20.19 -23.73
N LEU A 493 2.30 -19.03 -24.28
CA LEU A 493 2.91 -17.76 -23.92
C LEU A 493 2.09 -17.06 -22.84
N THR A 494 2.75 -16.17 -22.12
CA THR A 494 2.09 -15.42 -21.06
C THR A 494 1.21 -14.32 -21.65
N ILE A 495 0.31 -13.80 -20.82
CA ILE A 495 -0.63 -12.76 -21.22
C ILE A 495 -0.38 -11.55 -20.32
N ASN A 496 0.05 -10.44 -20.92
CA ASN A 496 0.32 -9.21 -20.20
C ASN A 496 -0.26 -8.05 -20.98
N ASN A 497 -0.34 -6.88 -20.33
CA ASN A 497 -0.91 -5.71 -20.97
C ASN A 497 0.01 -5.17 -22.07
N GLU A 498 1.33 -5.30 -21.90
CA GLU A 498 2.26 -4.82 -22.90
C GLU A 498 2.16 -5.63 -24.19
N ARG A 499 1.84 -6.93 -24.08
CA ARG A 499 1.70 -7.78 -25.25
C ARG A 499 0.30 -7.73 -25.83
N ALA A 500 -0.72 -7.69 -24.98
CA ALA A 500 -2.12 -7.70 -25.41
C ALA A 500 -2.63 -6.30 -25.74
N GLN A 501 -1.82 -5.25 -25.56
CA GLN A 501 -2.28 -3.91 -25.87
C GLN A 501 -2.37 -3.66 -27.37
N TYR A 502 -1.68 -4.45 -28.18
CA TYR A 502 -1.68 -4.28 -29.62
C TYR A 502 -2.22 -5.51 -30.37
N ILE A 503 -2.58 -6.57 -29.66
CA ILE A 503 -3.07 -7.80 -30.28
C ILE A 503 -4.19 -8.37 -29.43
N GLU A 504 -5.04 -9.17 -30.07
CA GLU A 504 -6.17 -9.80 -29.39
C GLU A 504 -5.77 -11.18 -28.86
N PHE A 505 -6.28 -11.51 -27.68
CA PHE A 505 -5.98 -12.78 -27.03
C PHE A 505 -7.27 -13.43 -26.57
N SER A 506 -7.27 -14.76 -26.53
CA SER A 506 -8.42 -15.54 -26.10
C SER A 506 -8.25 -15.92 -24.63
N LYS A 507 -9.16 -16.74 -24.13
CA LYS A 507 -9.09 -17.16 -22.73
C LYS A 507 -8.02 -18.24 -22.56
N PRO A 508 -7.27 -18.20 -21.45
CA PRO A 508 -6.26 -19.24 -21.22
C PRO A 508 -6.90 -20.59 -20.95
N PHE A 509 -6.33 -21.63 -21.54
CA PHE A 509 -6.81 -23.00 -21.37
C PHE A 509 -6.22 -23.69 -20.16
N LYS A 510 -5.17 -23.13 -19.55
CA LYS A 510 -4.55 -23.71 -18.37
C LYS A 510 -3.89 -22.61 -17.56
N TYR A 511 -4.25 -22.52 -16.28
CA TYR A 511 -3.72 -21.50 -15.37
C TYR A 511 -2.70 -22.16 -14.45
N GLN A 512 -1.43 -21.80 -14.62
CA GLN A 512 -0.35 -22.33 -13.81
C GLN A 512 0.56 -21.19 -13.36
N GLY A 513 1.13 -21.36 -12.16
CA GLY A 513 2.00 -20.36 -11.59
C GLY A 513 3.47 -20.74 -11.68
N LEU A 514 4.30 -19.92 -11.04
CA LEU A 514 5.74 -20.12 -11.03
C LEU A 514 6.17 -20.69 -9.69
N THR A 515 7.18 -21.56 -9.72
CA THR A 515 7.71 -22.19 -8.53
C THR A 515 9.22 -21.98 -8.46
N ILE A 516 9.77 -22.14 -7.27
CA ILE A 516 11.20 -21.98 -7.02
C ILE A 516 11.84 -23.21 -6.43
N LEU A 517 11.08 -24.30 -6.23
CA LEU A 517 11.63 -25.51 -5.66
C LEU A 517 12.45 -26.26 -6.70
N VAL A 518 13.65 -26.69 -6.32
CA VAL A 518 14.54 -27.42 -7.22
C VAL A 518 14.55 -28.89 -6.83
N LYS A 519 15.29 -29.23 -5.77
CA LYS A 519 15.39 -30.60 -5.28
C LYS A 519 15.79 -30.55 -3.82
N LYS A 520 15.93 -31.74 -3.22
CA LYS A 520 16.31 -31.85 -1.82
C LYS A 520 16.96 -33.21 -1.60
N GLU A 521 18.14 -33.20 -0.98
CA GLU A 521 18.87 -34.42 -0.70
C GLU A 521 18.47 -34.98 0.67
N ILE A 522 18.71 -36.28 0.84
CA ILE A 522 18.41 -36.98 2.08
C ILE A 522 19.70 -37.60 2.61
N PRO A 523 20.18 -37.19 3.79
CA PRO A 523 21.40 -37.78 4.35
C PRO A 523 21.10 -39.16 4.94
N ARG A 524 21.82 -40.17 4.48
CA ARG A 524 21.64 -41.53 4.97
C ARG A 524 22.90 -42.33 4.70
N SER A 525 23.02 -43.45 5.40
CA SER A 525 24.17 -44.34 5.28
C SER A 525 23.75 -45.60 4.53
N THR A 526 24.57 -46.02 3.57
CA THR A 526 24.28 -47.21 2.79
C THR A 526 24.80 -48.48 3.46
N LEU A 527 26.06 -48.46 3.91
CA LEU A 527 26.62 -49.62 4.57
C LEU A 527 26.01 -49.82 5.96
N ASP A 528 26.08 -48.78 6.80
CA ASP A 528 25.52 -48.81 8.15
C ASP A 528 26.10 -49.94 8.98
N SER A 529 27.27 -49.72 9.55
CA SER A 529 27.94 -50.70 10.41
C SER A 529 27.86 -50.29 11.88
N PHE A 530 26.75 -49.69 12.28
CA PHE A 530 26.50 -49.15 13.62
C PHE A 530 27.71 -48.44 14.21
N MET A 531 27.80 -48.39 15.54
CA MET A 531 28.85 -47.71 16.30
C MET A 531 29.24 -46.38 15.67
N GLN A 532 28.22 -45.60 15.29
CA GLN A 532 28.43 -44.29 14.69
C GLN A 532 28.15 -43.17 15.69
N PRO A 533 26.98 -43.14 16.36
CA PRO A 533 26.73 -42.02 17.28
C PRO A 533 27.56 -42.10 18.55
N PHE A 534 27.99 -43.28 18.96
CA PHE A 534 28.80 -43.46 20.16
C PHE A 534 30.17 -43.98 19.81
N GLN A 535 31.17 -43.56 20.59
CA GLN A 535 32.54 -43.98 20.35
C GLN A 535 32.74 -45.42 20.81
N SER A 536 33.84 -46.02 20.33
CA SER A 536 34.15 -47.40 20.70
C SER A 536 34.45 -47.56 22.18
N THR A 537 34.79 -46.47 22.87
CA THR A 537 35.05 -46.56 24.30
C THR A 537 33.82 -46.94 25.10
N LEU A 538 32.62 -46.67 24.57
CA LEU A 538 31.40 -47.10 25.25
C LEU A 538 31.26 -48.61 25.23
N TRP A 539 31.43 -49.22 24.06
CA TRP A 539 31.42 -50.69 23.97
C TRP A 539 32.58 -51.29 24.74
N LEU A 540 33.72 -50.60 24.77
CA LEU A 540 34.84 -51.06 25.59
C LEU A 540 34.48 -51.04 27.07
N LEU A 541 33.67 -50.06 27.49
CA LEU A 541 33.20 -50.04 28.87
C LEU A 541 32.17 -51.14 29.12
N VAL A 542 31.33 -51.44 28.13
CA VAL A 542 30.38 -52.54 28.27
C VAL A 542 31.10 -53.86 28.44
N GLY A 543 32.12 -54.10 27.62
CA GLY A 543 32.93 -55.30 27.80
C GLY A 543 33.71 -55.28 29.10
N LEU A 544 34.15 -54.11 29.54
CA LEU A 544 34.82 -53.99 30.83
C LEU A 544 33.88 -54.42 31.96
N SER A 545 32.60 -54.06 31.87
CA SER A 545 31.64 -54.53 32.85
C SER A 545 31.46 -56.05 32.77
N VAL A 546 31.57 -56.62 31.57
CA VAL A 546 31.53 -58.08 31.43
C VAL A 546 32.71 -58.72 32.14
N HIS A 547 33.88 -58.07 32.08
CA HIS A 547 35.03 -58.58 32.80
C HIS A 547 34.86 -58.43 34.31
N VAL A 548 34.23 -57.33 34.75
CA VAL A 548 34.01 -57.11 36.16
C VAL A 548 33.04 -58.14 36.73
N VAL A 549 31.97 -58.44 36.00
CA VAL A 549 31.03 -59.47 36.46
C VAL A 549 31.67 -60.84 36.36
N ALA A 550 32.49 -61.08 35.32
CA ALA A 550 33.13 -62.37 35.15
C ALA A 550 34.09 -62.67 36.30
N VAL A 551 34.92 -61.70 36.67
CA VAL A 551 35.80 -61.88 37.81
C VAL A 551 35.04 -61.84 39.12
N MET A 552 33.87 -61.20 39.14
CA MET A 552 33.08 -61.12 40.36
C MET A 552 32.45 -62.47 40.69
N LEU A 553 31.99 -63.20 39.66
CA LEU A 553 31.43 -64.52 39.88
C LEU A 553 32.48 -65.49 40.40
N TYR A 554 33.75 -65.26 40.08
CA TYR A 554 34.84 -66.08 40.61
C TYR A 554 35.28 -65.60 41.99
N LEU A 555 35.12 -64.30 42.28
CA LEU A 555 35.51 -63.77 43.58
C LEU A 555 34.53 -64.17 44.67
N LEU A 556 33.25 -64.38 44.32
CA LEU A 556 32.25 -64.76 45.31
C LEU A 556 32.40 -66.15 45.91
N ASP A 557 32.31 -67.18 45.08
CA ASP A 557 32.44 -68.54 45.57
C ASP A 557 33.94 -68.85 45.61
N ARG A 558 34.30 -69.78 46.51
CA ARG A 558 35.69 -70.17 46.70
C ARG A 558 36.05 -71.30 45.74
N PHE A 559 37.21 -71.18 45.10
CA PHE A 559 37.67 -72.21 44.17
C PHE A 559 39.14 -72.52 44.42
N SER A 560 39.96 -72.46 43.36
CA SER A 560 41.38 -72.75 43.47
C SER A 560 42.11 -71.93 42.42
N PRO A 561 43.31 -71.43 42.72
CA PRO A 561 44.07 -70.65 41.72
C PRO A 561 44.46 -71.53 40.53
N PHE A 562 44.07 -71.09 39.34
CA PHE A 562 44.38 -71.82 38.11
C PHE A 562 45.73 -71.41 37.56
N GLY A 563 45.78 -71.05 36.28
CA GLY A 563 47.02 -70.66 35.66
C GLY A 563 47.95 -71.79 35.30
N ARG A 564 47.45 -73.02 35.22
CA ARG A 564 48.25 -74.18 34.88
C ARG A 564 47.92 -74.78 33.53
N PHE A 565 46.64 -74.92 33.20
CA PHE A 565 46.21 -75.47 31.94
C PHE A 565 45.78 -74.34 30.99
N GLU A 566 45.01 -74.68 29.95
CA GLU A 566 44.53 -73.70 28.99
C GLU A 566 43.08 -73.31 29.24
N ASP A 567 42.17 -74.28 29.33
CA ASP A 567 40.76 -74.03 29.55
C ASP A 567 40.42 -74.27 31.02
N ALA A 568 39.67 -73.34 31.60
CA ALA A 568 39.25 -73.43 32.99
C ALA A 568 37.84 -74.03 33.06
N LEU A 569 37.21 -73.94 34.23
CA LEU A 569 35.87 -74.49 34.40
C LEU A 569 34.92 -73.40 34.90
N THR A 570 35.20 -72.85 36.08
CA THR A 570 34.34 -71.81 36.63
C THR A 570 34.46 -70.50 35.86
N LEU A 571 35.61 -70.28 35.21
CA LEU A 571 35.77 -69.07 34.41
C LEU A 571 34.98 -69.17 33.11
N SER A 572 35.06 -70.31 32.43
CA SER A 572 34.30 -70.51 31.20
C SER A 572 32.79 -70.57 31.50
N SER A 573 32.42 -71.19 32.62
CA SER A 573 31.01 -71.24 33.00
C SER A 573 30.48 -69.86 33.37
N ALA A 574 31.29 -69.08 34.09
CA ALA A 574 30.89 -67.72 34.44
C ALA A 574 30.80 -66.85 33.21
N MET A 575 31.68 -67.06 32.22
CA MET A 575 31.59 -66.32 30.98
C MET A 575 30.35 -66.72 30.19
N TRP A 576 30.00 -68.01 30.22
CA TRP A 576 28.77 -68.45 29.57
C TRP A 576 27.54 -67.90 30.27
N PHE A 577 27.63 -67.65 31.58
CA PHE A 577 26.52 -67.03 32.29
C PHE A 577 26.42 -65.54 31.96
N SER A 578 27.57 -64.86 31.83
CA SER A 578 27.55 -63.46 31.47
C SER A 578 27.00 -63.25 30.06
N TRP A 579 27.47 -64.06 29.11
CA TRP A 579 26.92 -64.01 27.76
C TRP A 579 25.51 -64.58 27.68
N ARG A 580 25.10 -65.35 28.69
CA ARG A 580 23.75 -65.90 28.69
C ARG A 580 22.73 -64.87 29.18
N VAL A 581 23.09 -64.08 30.19
CA VAL A 581 22.17 -63.07 30.70
C VAL A 581 22.25 -61.79 29.89
N LEU A 582 23.45 -61.43 29.44
CA LEU A 582 23.63 -60.21 28.67
C LEU A 582 23.01 -60.33 27.28
N LEU A 583 23.51 -61.26 26.47
CA LEU A 583 23.04 -61.45 25.10
C LEU A 583 21.75 -62.25 25.03
N ASN A 584 21.17 -62.62 26.18
CA ASN A 584 19.91 -63.35 26.22
C ASN A 584 20.00 -64.66 25.44
N SER A 585 20.68 -65.65 26.00
CA SER A 585 20.84 -66.95 25.37
C SER A 585 19.84 -67.92 26.01
N GLY A 586 20.00 -69.21 25.73
CA GLY A 586 19.11 -70.21 26.29
C GLY A 586 19.67 -71.62 26.29
N LEU A 587 19.98 -72.14 27.47
CA LEU A 587 20.53 -73.48 27.59
C LEU A 587 20.39 -74.05 29.00
N GLY A 588 19.33 -74.84 29.22
CA GLY A 588 19.09 -75.44 30.52
C GLY A 588 19.89 -76.47 31.28
N GLU A 589 20.45 -76.08 32.43
CA GLU A 589 21.21 -77.01 33.25
C GLU A 589 21.13 -76.72 34.75
N GLY A 590 20.66 -75.56 35.17
CA GLY A 590 20.58 -75.25 36.59
C GLY A 590 20.17 -73.82 36.83
N ALA A 591 20.51 -73.33 38.03
CA ALA A 591 20.19 -71.95 38.41
C ALA A 591 21.16 -71.51 39.50
N PRO A 592 21.55 -70.24 39.53
CA PRO A 592 22.46 -69.77 40.60
C PRO A 592 21.81 -69.90 41.97
N ARG A 593 22.41 -70.74 42.81
CA ARG A 593 21.85 -70.97 44.15
C ARG A 593 22.16 -69.82 45.10
N SER A 594 23.33 -69.19 44.96
CA SER A 594 23.69 -68.09 45.84
C SER A 594 22.88 -66.85 45.51
N PHE A 595 22.51 -66.10 46.54
CA PHE A 595 21.74 -64.87 46.35
C PHE A 595 22.59 -63.74 45.77
N SER A 596 23.91 -63.80 45.95
CA SER A 596 24.77 -62.77 45.39
C SER A 596 24.74 -62.80 43.87
N ALA A 597 24.89 -63.98 43.27
CA ALA A 597 24.76 -64.12 41.83
C ALA A 597 23.31 -63.91 41.38
N ARG A 598 22.35 -64.04 42.28
CA ARG A 598 20.95 -63.78 41.93
C ARG A 598 20.70 -62.29 41.76
N ILE A 599 21.14 -61.49 42.74
CA ILE A 599 20.98 -60.04 42.64
C ILE A 599 21.87 -59.50 41.53
N LEU A 600 23.10 -60.01 41.42
CA LEU A 600 23.99 -59.58 40.35
C LEU A 600 23.42 -59.92 38.98
N GLY A 601 22.77 -61.09 38.86
CA GLY A 601 22.12 -61.43 37.61
C GLY A 601 20.88 -60.62 37.34
N MET A 602 20.20 -60.16 38.40
CA MET A 602 19.02 -59.32 38.22
C MET A 602 19.41 -57.93 37.75
N VAL A 603 20.39 -57.31 38.40
CA VAL A 603 20.83 -55.99 37.98
C VAL A 603 21.56 -56.07 36.65
N TRP A 604 22.19 -57.21 36.35
CA TRP A 604 22.86 -57.37 35.06
C TRP A 604 21.84 -57.52 33.93
N ALA A 605 20.78 -58.29 34.17
CA ALA A 605 19.70 -58.39 33.19
C ALA A 605 19.00 -57.06 33.01
N GLY A 606 18.84 -56.30 34.09
CA GLY A 606 18.28 -54.97 33.98
C GLY A 606 19.17 -54.04 33.16
N PHE A 607 20.48 -54.13 33.35
CA PHE A 607 21.40 -53.36 32.54
C PHE A 607 21.34 -53.77 31.08
N ALA A 608 21.15 -55.06 30.82
CA ALA A 608 21.00 -55.52 29.44
C ALA A 608 19.73 -54.96 28.82
N MET A 609 18.62 -54.95 29.57
CA MET A 609 17.39 -54.36 29.07
C MET A 609 17.54 -52.86 28.86
N ILE A 610 18.36 -52.21 29.68
CA ILE A 610 18.57 -50.77 29.53
C ILE A 610 19.38 -50.47 28.28
N ILE A 611 20.41 -51.28 28.00
CA ILE A 611 21.24 -51.00 26.82
C ILE A 611 20.55 -51.42 25.54
N VAL A 612 19.73 -52.48 25.56
CA VAL A 612 19.04 -52.88 24.34
C VAL A 612 17.83 -51.99 24.09
N ALA A 613 17.14 -51.54 25.15
CA ALA A 613 16.02 -50.63 24.97
C ALA A 613 16.49 -49.24 24.59
N SER A 614 17.63 -48.81 25.16
CA SER A 614 18.21 -47.52 24.77
C SER A 614 18.79 -47.58 23.37
N TYR A 615 19.36 -48.72 22.98
CA TYR A 615 19.86 -48.86 21.61
C TYR A 615 18.70 -48.86 20.61
N THR A 616 17.60 -49.55 20.94
CA THR A 616 16.43 -49.50 20.09
C THR A 616 15.85 -48.09 20.03
N ALA A 617 15.88 -47.37 21.15
CA ALA A 617 15.41 -45.99 21.16
C ALA A 617 16.28 -45.09 20.30
N ASN A 618 17.60 -45.34 20.29
CA ASN A 618 18.48 -44.58 19.42
C ASN A 618 18.28 -44.96 17.95
N LEU A 619 17.87 -46.21 17.68
CA LEU A 619 17.56 -46.61 16.31
C LEU A 619 16.29 -45.92 15.82
N ALA A 620 15.25 -45.90 16.65
CA ALA A 620 14.02 -45.20 16.28
C ALA A 620 14.27 -43.69 16.16
N ALA A 621 15.12 -43.14 17.02
CA ALA A 621 15.47 -41.73 16.91
C ALA A 621 16.32 -41.46 15.67
N PHE A 622 17.03 -42.47 15.19
CA PHE A 622 17.79 -42.32 13.94
C PHE A 622 16.88 -42.44 12.72
N LEU A 623 15.82 -43.23 12.82
CA LEU A 623 14.88 -43.37 11.72
C LEU A 623 13.80 -42.29 11.70
N VAL A 624 13.65 -41.56 12.80
CA VAL A 624 12.66 -40.50 12.89
C VAL A 624 13.28 -39.15 12.58
N LEU A 625 14.48 -39.16 12.00
CA LEU A 625 15.19 -37.93 11.66
C LEU A 625 14.35 -37.06 10.73
N ARG A 626 13.67 -37.68 9.78
CA ARG A 626 12.83 -36.96 8.83
C ARG A 626 13.45 -35.74 8.16
N ARG A 627 14.56 -35.26 8.71
CA ARG A 627 15.25 -34.09 8.18
C ARG A 627 14.40 -32.84 7.92
N PRO A 628 13.74 -32.36 8.97
CA PRO A 628 12.89 -31.17 8.86
C PRO A 628 13.68 -29.86 8.77
N GLU A 629 14.73 -29.86 7.95
CA GLU A 629 15.54 -28.68 7.72
C GLU A 629 15.71 -28.48 6.20
N GLU A 630 16.53 -27.49 5.85
CA GLU A 630 16.83 -27.10 4.47
C GLU A 630 15.59 -27.20 3.57
N ARG A 631 14.49 -26.65 4.05
CA ARG A 631 13.23 -26.64 3.33
C ARG A 631 13.01 -25.27 2.69
N ILE A 632 11.81 -25.07 2.14
CA ILE A 632 11.45 -23.82 1.50
C ILE A 632 10.50 -23.04 2.40
N THR A 633 9.94 -21.95 1.88
CA THR A 633 9.01 -21.10 2.63
C THR A 633 7.58 -21.32 2.15
N GLY A 634 7.24 -20.84 0.95
CA GLY A 634 5.90 -20.99 0.43
C GLY A 634 5.63 -20.14 -0.79
N ILE A 635 4.87 -19.06 -0.61
CA ILE A 635 4.54 -18.18 -1.72
C ILE A 635 5.66 -17.20 -2.03
N ASN A 636 6.56 -16.94 -1.08
CA ASN A 636 7.66 -16.01 -1.31
C ASN A 636 8.77 -16.35 -0.33
N ASP A 637 9.99 -16.55 -0.87
CA ASP A 637 11.12 -16.88 -0.01
C ASP A 637 11.88 -15.62 0.38
N PRO A 638 12.27 -15.50 1.65
CA PRO A 638 12.99 -14.29 2.09
C PRO A 638 14.33 -14.10 1.41
N ARG A 639 14.98 -15.18 0.97
CA ARG A 639 16.27 -15.05 0.31
C ARG A 639 16.15 -14.44 -1.09
N LEU A 640 14.95 -14.44 -1.68
CA LEU A 640 14.78 -13.85 -2.99
C LEU A 640 14.83 -12.33 -2.94
N ARG A 641 14.45 -11.74 -1.81
CA ARG A 641 14.46 -10.30 -1.65
C ARG A 641 15.82 -9.76 -1.20
N ASN A 642 16.67 -10.60 -0.61
CA ASN A 642 17.98 -10.16 -0.14
C ASN A 642 19.05 -10.57 -1.14
N PRO A 643 19.96 -9.67 -1.51
CA PRO A 643 21.01 -10.03 -2.47
C PRO A 643 22.03 -10.96 -1.85
N SER A 644 22.52 -11.89 -2.67
CA SER A 644 23.53 -12.86 -2.23
C SER A 644 24.42 -13.18 -3.41
N ASP A 645 25.73 -12.93 -3.25
CA ASP A 645 26.68 -13.18 -4.32
C ASP A 645 27.14 -14.64 -4.39
N LYS A 646 26.95 -15.41 -3.31
CA LYS A 646 27.36 -16.80 -3.29
C LYS A 646 26.26 -17.76 -3.73
N PHE A 647 25.00 -17.30 -3.75
CA PHE A 647 23.86 -18.12 -4.16
C PHE A 647 23.06 -17.31 -5.18
N ILE A 648 23.53 -17.30 -6.42
CA ILE A 648 22.90 -16.53 -7.48
C ILE A 648 21.65 -17.25 -7.94
N TYR A 649 20.54 -16.51 -8.00
CA TYR A 649 19.26 -17.05 -8.50
C TYR A 649 19.13 -16.70 -9.98
N ALA A 650 19.74 -17.54 -10.82
CA ALA A 650 19.71 -17.32 -12.25
C ALA A 650 18.34 -17.68 -12.82
N THR A 651 18.09 -17.23 -14.05
CA THR A 651 16.83 -17.49 -14.72
C THR A 651 17.08 -17.50 -16.22
N VAL A 652 16.01 -17.72 -16.99
CA VAL A 652 16.10 -17.75 -18.45
C VAL A 652 16.20 -16.33 -18.97
N LYS A 653 17.33 -15.99 -19.57
CA LYS A 653 17.53 -14.65 -20.11
C LYS A 653 16.72 -14.46 -21.38
N GLN A 654 16.10 -13.29 -21.51
CA GLN A 654 15.27 -12.92 -22.65
C GLN A 654 14.13 -13.92 -22.84
N SER A 655 13.14 -13.78 -21.97
CA SER A 655 11.96 -14.64 -22.00
C SER A 655 10.80 -13.86 -21.37
N SER A 656 9.75 -14.57 -20.97
CA SER A 656 8.61 -13.92 -20.34
C SER A 656 8.90 -13.53 -18.90
N VAL A 657 9.89 -14.15 -18.26
CA VAL A 657 10.22 -13.81 -16.88
C VAL A 657 10.80 -12.40 -16.80
N ASP A 658 11.50 -11.96 -17.85
CA ASP A 658 12.00 -10.58 -17.87
C ASP A 658 10.85 -9.59 -18.02
N ILE A 659 9.81 -9.96 -18.77
CA ILE A 659 8.65 -9.09 -18.90
C ILE A 659 7.88 -9.04 -17.60
N TYR A 660 7.75 -10.18 -16.90
CA TYR A 660 7.07 -10.19 -15.62
C TYR A 660 7.84 -9.40 -14.57
N PHE A 661 9.16 -9.49 -14.58
CA PHE A 661 10.00 -8.70 -13.69
C PHE A 661 10.13 -7.25 -14.13
N ARG A 662 9.70 -6.92 -15.34
CA ARG A 662 9.76 -5.55 -15.83
C ARG A 662 8.47 -4.79 -15.58
N ARG A 663 7.32 -5.45 -15.73
CA ARG A 663 6.03 -4.80 -15.53
C ARG A 663 5.66 -4.66 -14.06
N GLN A 664 6.41 -5.28 -13.15
CA GLN A 664 6.11 -5.19 -11.73
C GLN A 664 6.70 -3.91 -11.15
N VAL A 665 6.47 -3.71 -9.85
CA VAL A 665 6.96 -2.53 -9.16
C VAL A 665 7.29 -2.90 -7.72
N GLU A 666 6.80 -4.05 -7.27
CA GLU A 666 7.04 -4.51 -5.91
C GLU A 666 8.49 -4.94 -5.73
N LEU A 667 8.88 -6.04 -6.39
CA LEU A 667 10.24 -6.55 -6.30
C LEU A 667 11.11 -5.96 -7.42
N SER A 668 11.31 -4.64 -7.33
CA SER A 668 12.12 -3.92 -8.31
C SER A 668 13.57 -3.77 -7.91
N THR A 669 13.89 -3.94 -6.62
CA THR A 669 15.28 -3.83 -6.17
C THR A 669 16.11 -5.05 -6.51
N MET A 670 15.49 -6.15 -6.93
CA MET A 670 16.21 -7.37 -7.26
C MET A 670 16.38 -7.58 -8.76
N TYR A 671 15.70 -6.79 -9.59
CA TYR A 671 15.82 -6.93 -11.03
C TYR A 671 17.22 -6.56 -11.51
N ARG A 672 17.89 -5.65 -10.80
CA ARG A 672 19.26 -5.27 -11.19
C ARG A 672 20.25 -6.37 -10.84
N HIS A 673 20.04 -7.06 -9.73
CA HIS A 673 20.95 -8.13 -9.33
C HIS A 673 20.71 -9.39 -10.17
N MET A 674 19.44 -9.77 -10.35
CA MET A 674 19.10 -10.94 -11.14
C MET A 674 19.12 -10.68 -12.65
N GLU A 675 19.32 -9.43 -13.06
CA GLU A 675 19.36 -9.12 -14.49
C GLU A 675 20.64 -9.62 -15.15
N LYS A 676 21.76 -9.55 -14.44
CA LYS A 676 23.03 -9.98 -14.97
C LYS A 676 23.31 -11.45 -14.64
N HIS A 677 24.18 -12.06 -15.44
CA HIS A 677 24.59 -13.46 -15.27
C HIS A 677 23.38 -14.39 -15.33
N ASN A 678 22.88 -14.56 -16.55
CA ASN A 678 21.75 -15.44 -16.82
C ASN A 678 21.95 -16.12 -18.16
N TYR A 679 21.30 -17.27 -18.33
CA TYR A 679 21.41 -18.04 -19.56
C TYR A 679 20.18 -17.80 -20.44
N GLU A 680 20.42 -17.69 -21.74
CA GLU A 680 19.36 -17.44 -22.71
C GLU A 680 18.78 -18.72 -23.29
N SER A 681 19.14 -19.88 -22.75
CA SER A 681 18.65 -21.16 -23.24
C SER A 681 17.97 -21.91 -22.10
N ALA A 682 16.96 -22.72 -22.45
CA ALA A 682 16.25 -23.50 -21.46
C ALA A 682 16.98 -24.79 -21.13
N ALA A 683 17.49 -25.48 -22.15
CA ALA A 683 18.22 -26.72 -21.91
C ALA A 683 19.51 -26.48 -21.13
N GLU A 684 20.13 -25.32 -21.31
CA GLU A 684 21.34 -25.00 -20.55
C GLU A 684 21.03 -24.75 -19.08
N ALA A 685 19.87 -24.19 -18.78
CA ALA A 685 19.49 -23.95 -17.40
C ALA A 685 19.03 -25.24 -16.72
N ILE A 686 18.17 -26.01 -17.39
CA ILE A 686 17.70 -27.26 -16.82
C ILE A 686 18.85 -28.24 -16.66
N GLN A 687 19.77 -28.26 -17.62
CA GLN A 687 20.94 -29.11 -17.49
C GLN A 687 21.93 -28.57 -16.47
N ALA A 688 21.96 -27.25 -16.28
CA ALA A 688 22.90 -26.64 -15.34
C ALA A 688 22.47 -26.85 -13.90
N VAL A 689 21.17 -26.80 -13.62
CA VAL A 689 20.70 -26.96 -12.25
C VAL A 689 20.79 -28.41 -11.78
N ARG A 690 20.94 -29.36 -12.71
CA ARG A 690 21.09 -30.76 -12.35
C ARG A 690 22.49 -31.30 -12.56
N ASP A 691 23.33 -30.59 -13.30
CA ASP A 691 24.71 -31.00 -13.54
C ASP A 691 25.70 -30.26 -12.65
N ASN A 692 25.25 -29.77 -11.50
CA ASN A 692 26.09 -29.04 -10.55
C ASN A 692 26.74 -27.84 -11.22
N LYS A 693 25.98 -26.76 -11.39
CA LYS A 693 26.51 -25.54 -12.00
C LYS A 693 25.84 -24.37 -11.30
N LEU A 694 24.53 -24.21 -11.51
CA LEU A 694 23.77 -23.15 -10.89
C LEU A 694 23.17 -23.51 -9.54
N HIS A 695 22.86 -22.48 -8.75
CA HIS A 695 22.30 -22.70 -7.42
C HIS A 695 20.80 -22.94 -7.49
N ALA A 696 20.06 -22.07 -8.19
CA ALA A 696 18.62 -22.21 -8.32
C ALA A 696 18.19 -21.59 -9.64
N PHE A 697 16.92 -21.79 -9.98
CA PHE A 697 16.35 -21.26 -11.20
C PHE A 697 14.97 -20.70 -10.93
N ILE A 698 14.60 -19.67 -11.67
CA ILE A 698 13.29 -19.03 -11.56
C ILE A 698 12.54 -19.31 -12.86
N TRP A 699 11.62 -20.27 -12.81
CA TRP A 699 10.86 -20.66 -13.99
C TRP A 699 9.54 -21.30 -13.53
N ASP A 700 8.54 -21.23 -14.40
CA ASP A 700 7.23 -21.77 -14.06
C ASP A 700 7.28 -23.29 -13.95
N SER A 701 6.25 -23.85 -13.31
CA SER A 701 6.17 -25.28 -13.08
C SER A 701 5.68 -26.06 -14.29
N ALA A 702 5.39 -25.39 -15.40
CA ALA A 702 4.93 -26.09 -16.59
C ALA A 702 5.97 -27.07 -17.10
N VAL A 703 7.18 -26.58 -17.36
CA VAL A 703 8.27 -27.47 -17.77
C VAL A 703 8.86 -28.22 -16.58
N LEU A 704 8.73 -27.68 -15.36
CA LEU A 704 9.30 -28.34 -14.20
C LEU A 704 8.57 -29.64 -13.87
N GLU A 705 7.25 -29.67 -14.06
CA GLU A 705 6.50 -30.89 -13.78
C GLU A 705 6.74 -31.96 -14.84
N PHE A 706 7.03 -31.55 -16.07
CA PHE A 706 7.28 -32.52 -17.14
C PHE A 706 8.69 -33.07 -17.05
N GLU A 707 9.68 -32.20 -16.87
CA GLU A 707 11.05 -32.67 -16.71
C GLU A 707 11.25 -33.42 -15.40
N ALA A 708 10.52 -33.04 -14.35
CA ALA A 708 10.60 -33.75 -13.08
C ALA A 708 9.84 -35.08 -13.15
N SER A 709 8.72 -35.11 -13.85
CA SER A 709 7.95 -36.35 -14.03
C SER A 709 8.49 -37.22 -15.15
N GLN A 710 9.55 -36.79 -15.84
CA GLN A 710 10.14 -37.56 -16.93
C GLN A 710 11.55 -38.02 -16.60
N LYS A 711 12.40 -37.14 -16.06
CA LYS A 711 13.76 -37.50 -15.71
C LYS A 711 13.88 -38.12 -14.33
N CYS A 712 12.85 -38.01 -13.50
CA CYS A 712 12.85 -38.57 -12.14
C CYS A 712 14.03 -38.04 -11.32
N ASP A 713 14.29 -36.74 -11.45
CA ASP A 713 15.38 -36.10 -10.71
C ASP A 713 14.94 -34.90 -9.88
N LEU A 714 13.82 -34.26 -10.18
CA LEU A 714 13.34 -33.11 -9.45
C LEU A 714 11.94 -33.39 -8.92
N VAL A 715 11.42 -32.44 -8.13
CA VAL A 715 10.09 -32.56 -7.54
C VAL A 715 9.52 -31.16 -7.36
N THR A 716 8.23 -31.02 -7.63
CA THR A 716 7.55 -29.74 -7.49
C THR A 716 6.98 -29.59 -6.08
N THR A 717 6.53 -28.38 -5.78
CA THR A 717 5.96 -28.05 -4.49
C THR A 717 4.43 -28.13 -4.56
N GLY A 718 3.77 -27.69 -3.49
CA GLY A 718 2.32 -27.72 -3.44
C GLY A 718 1.68 -26.41 -3.84
N GLU A 719 2.14 -25.30 -3.26
CA GLU A 719 1.59 -24.00 -3.57
C GLU A 719 2.08 -23.52 -4.94
N LEU A 720 1.25 -22.68 -5.57
CA LEU A 720 1.55 -22.13 -6.89
C LEU A 720 1.39 -20.61 -6.81
N PHE A 721 2.44 -19.92 -6.38
CA PHE A 721 2.40 -18.47 -6.27
C PHE A 721 2.60 -17.82 -7.64
N PHE A 722 2.06 -16.62 -7.78
CA PHE A 722 2.12 -15.84 -9.03
C PHE A 722 1.53 -16.66 -10.19
N ARG A 723 0.22 -16.85 -10.10
CA ARG A 723 -0.49 -17.63 -11.12
C ARG A 723 -0.57 -16.86 -12.43
N SER A 724 -0.39 -17.56 -13.54
CA SER A 724 -0.45 -16.98 -14.87
C SER A 724 -1.29 -17.86 -15.78
N GLY A 725 -1.71 -17.28 -16.89
CA GLY A 725 -2.53 -18.00 -17.85
C GLY A 725 -1.90 -18.02 -19.22
N PHE A 726 -1.98 -19.16 -19.88
CA PHE A 726 -1.44 -19.37 -21.22
C PHE A 726 -2.60 -19.50 -22.19
N GLY A 727 -2.77 -18.51 -23.06
CA GLY A 727 -3.88 -18.52 -24.01
C GLY A 727 -3.42 -18.43 -25.44
N ILE A 728 -4.39 -18.39 -26.37
CA ILE A 728 -4.12 -18.30 -27.80
C ILE A 728 -4.39 -16.88 -28.26
N GLY A 729 -3.43 -16.28 -28.96
CA GLY A 729 -3.57 -14.92 -29.44
C GLY A 729 -3.61 -14.84 -30.95
N MET A 730 -4.62 -14.17 -31.48
CA MET A 730 -4.80 -13.99 -32.92
C MET A 730 -4.94 -12.50 -33.23
N ARG A 731 -5.07 -12.21 -34.52
CA ARG A 731 -5.23 -10.84 -34.97
C ARG A 731 -6.62 -10.31 -34.62
N LYS A 732 -6.69 -8.99 -34.41
CA LYS A 732 -7.98 -8.37 -34.08
C LYS A 732 -8.94 -8.38 -35.25
N ASP A 733 -8.45 -8.42 -36.48
CA ASP A 733 -9.28 -8.44 -37.67
C ASP A 733 -9.53 -9.85 -38.20
N SER A 734 -9.21 -10.87 -37.40
CA SER A 734 -9.41 -12.26 -37.81
C SER A 734 -10.75 -12.75 -37.28
N PRO A 735 -11.74 -13.00 -38.12
CA PRO A 735 -13.04 -13.48 -37.63
C PRO A 735 -13.05 -14.93 -37.20
N TRP A 736 -11.96 -15.67 -37.39
CA TRP A 736 -11.92 -17.08 -37.02
C TRP A 736 -11.61 -17.30 -35.54
N LYS A 737 -11.27 -16.24 -34.79
CA LYS A 737 -10.97 -16.40 -33.38
C LYS A 737 -12.18 -16.86 -32.58
N GLN A 738 -13.39 -16.47 -33.02
CA GLN A 738 -14.60 -16.92 -32.33
C GLN A 738 -14.86 -18.40 -32.60
N GLU A 739 -14.66 -18.85 -33.83
CA GLU A 739 -14.86 -20.25 -34.15
C GLU A 739 -13.82 -21.14 -33.47
N VAL A 740 -12.56 -20.73 -33.49
CA VAL A 740 -11.52 -21.48 -32.80
C VAL A 740 -11.77 -21.47 -31.30
N SER A 741 -12.27 -20.34 -30.77
CA SER A 741 -12.62 -20.28 -29.35
C SER A 741 -13.73 -21.26 -29.03
N LEU A 742 -14.73 -21.38 -29.91
CA LEU A 742 -15.79 -22.37 -29.70
C LEU A 742 -15.24 -23.79 -29.80
N ASN A 743 -14.25 -24.02 -30.66
CA ASN A 743 -13.63 -25.33 -30.72
C ASN A 743 -12.84 -25.64 -29.45
N ILE A 744 -12.28 -24.63 -28.80
CA ILE A 744 -11.59 -24.84 -27.53
C ILE A 744 -12.59 -25.12 -26.42
N LEU A 745 -13.68 -24.35 -26.38
CA LEU A 745 -14.71 -24.58 -25.36
C LEU A 745 -15.31 -25.97 -25.50
N LYS A 746 -15.71 -26.35 -26.72
CA LYS A 746 -16.23 -27.69 -26.93
C LYS A 746 -15.15 -28.75 -26.70
N SER A 747 -13.87 -28.39 -26.88
CA SER A 747 -12.80 -29.32 -26.59
C SER A 747 -12.62 -29.52 -25.09
N HIS A 748 -13.00 -28.54 -24.28
CA HIS A 748 -12.93 -28.66 -22.84
C HIS A 748 -14.23 -29.14 -22.21
N GLU A 749 -15.33 -29.18 -22.96
CA GLU A 749 -16.61 -29.63 -22.44
C GLU A 749 -16.85 -31.12 -22.64
N ASN A 750 -16.36 -31.68 -23.75
CA ASN A 750 -16.59 -33.10 -24.01
C ASN A 750 -15.71 -34.00 -23.16
N GLY A 751 -14.42 -33.65 -23.02
CA GLY A 751 -13.51 -34.44 -22.23
C GLY A 751 -12.22 -34.79 -22.96
N PHE A 752 -11.97 -34.11 -24.08
CA PHE A 752 -10.74 -34.37 -24.83
C PHE A 752 -9.52 -33.86 -24.10
N MET A 753 -9.65 -32.74 -23.37
CA MET A 753 -8.53 -32.23 -22.58
C MET A 753 -8.17 -33.21 -21.46
N GLU A 754 -9.17 -33.90 -20.90
CA GLU A 754 -8.89 -34.93 -19.90
C GLU A 754 -8.12 -36.10 -20.50
N GLU A 755 -8.35 -36.39 -21.79
CA GLU A 755 -7.61 -37.45 -22.45
C GLU A 755 -6.18 -37.00 -22.78
N LEU A 756 -6.01 -35.74 -23.20
CA LEU A 756 -4.67 -35.23 -23.47
C LEU A 756 -3.84 -35.18 -22.19
N ASP A 757 -4.38 -34.58 -21.13
CA ASP A 757 -3.67 -34.52 -19.86
C ASP A 757 -3.52 -35.90 -19.24
N LYS A 758 -4.45 -36.82 -19.53
CA LYS A 758 -4.35 -38.17 -19.00
C LYS A 758 -3.27 -38.99 -19.70
N THR A 759 -3.07 -38.77 -21.01
CA THR A 759 -2.08 -39.51 -21.78
C THR A 759 -0.76 -38.77 -21.92
N TRP A 760 -0.63 -37.56 -21.36
CA TRP A 760 0.60 -36.79 -21.45
C TRP A 760 1.18 -36.43 -20.10
N VAL A 761 0.56 -36.84 -19.00
CA VAL A 761 1.06 -36.59 -17.65
C VAL A 761 1.17 -37.96 -16.96
N ARG A 762 2.39 -38.47 -16.84
CA ARG A 762 2.64 -39.76 -16.22
C ARG A 762 3.01 -39.56 -14.76
N TYR A 763 2.28 -40.21 -13.86
CA TYR A 763 2.55 -40.11 -12.43
C TYR A 763 3.68 -41.06 -12.05
N GLN A 764 4.72 -40.51 -11.43
CA GLN A 764 5.88 -41.30 -11.03
C GLN A 764 6.75 -41.58 -9.81
N GLU A 765 6.25 -41.25 -8.62
CA GLU A 765 7.00 -41.45 -7.38
C GLU A 765 7.70 -40.24 -6.77
N CYS A 766 8.25 -40.43 -5.57
CA CYS A 766 8.97 -39.38 -4.84
C CYS A 766 8.09 -38.16 -4.63
N ASP A 767 7.20 -38.23 -3.64
CA ASP A 767 6.31 -37.11 -3.33
C ASP A 767 6.86 -36.21 -2.23
N SER A 768 7.75 -36.72 -1.38
CA SER A 768 8.34 -35.93 -0.30
C SER A 768 9.75 -36.43 -0.04
N ARG A 769 10.46 -35.70 0.81
CA ARG A 769 11.83 -36.06 1.17
C ARG A 769 11.90 -37.09 2.29
N SER A 770 10.77 -37.47 2.88
CA SER A 770 10.72 -38.46 3.95
C SER A 770 9.33 -39.08 3.95
N ASN A 771 9.09 -40.00 3.01
CA ASN A 771 7.80 -40.68 2.88
C ASN A 771 7.90 -42.19 2.90
N ALA A 772 9.06 -42.76 2.55
CA ALA A 772 9.26 -44.21 2.53
C ALA A 772 10.63 -44.53 3.12
N PRO A 773 10.71 -44.77 4.43
CA PRO A 773 12.00 -45.08 5.06
C PRO A 773 12.34 -46.56 5.14
N ALA A 774 11.64 -47.42 4.39
CA ALA A 774 11.90 -48.85 4.40
C ALA A 774 12.19 -49.40 3.01
N THR A 775 12.66 -48.54 2.09
CA THR A 775 12.95 -48.97 0.73
C THR A 775 14.34 -49.56 0.58
N LEU A 776 15.18 -49.48 1.62
CA LEU A 776 16.53 -50.03 1.55
C LEU A 776 16.58 -51.26 2.45
N THR A 777 16.90 -51.12 3.73
CA THR A 777 16.89 -52.21 4.71
C THR A 777 17.95 -53.26 4.36
N PHE A 778 17.85 -53.86 3.18
CA PHE A 778 18.78 -54.94 2.84
C PHE A 778 20.25 -54.54 2.88
N GLU A 779 20.56 -53.28 2.57
CA GLU A 779 21.94 -52.80 2.69
C GLU A 779 22.31 -52.56 4.15
N ASN A 780 21.40 -51.99 4.93
CA ASN A 780 21.66 -51.78 6.36
C ASN A 780 21.84 -53.11 7.08
N MET A 781 21.12 -54.15 6.65
CA MET A 781 21.30 -55.47 7.25
C MET A 781 22.52 -56.19 6.69
N ALA A 782 22.88 -55.92 5.44
CA ALA A 782 24.08 -56.53 4.87
C ALA A 782 25.34 -55.95 5.50
N GLY A 783 25.32 -54.67 5.87
CA GLY A 783 26.46 -54.09 6.56
C GLY A 783 26.79 -54.78 7.87
N VAL A 784 25.79 -55.38 8.49
CA VAL A 784 26.04 -56.23 9.65
C VAL A 784 26.28 -57.68 9.24
N PHE A 785 25.72 -58.10 8.12
CA PHE A 785 25.92 -59.48 7.65
C PHE A 785 27.38 -59.74 7.31
N MET A 786 28.08 -58.75 6.76
CA MET A 786 29.50 -58.92 6.50
C MET A 786 30.29 -59.09 7.80
N LEU A 787 29.88 -58.41 8.86
CA LEU A 787 30.50 -58.61 10.16
C LEU A 787 30.14 -59.98 10.74
N VAL A 788 28.96 -60.49 10.41
CA VAL A 788 28.60 -61.85 10.82
C VAL A 788 29.49 -62.86 10.12
N ALA A 789 29.76 -62.65 8.83
CA ALA A 789 30.69 -63.52 8.12
C ALA A 789 32.10 -63.40 8.68
N GLY A 790 32.50 -62.18 9.06
CA GLY A 790 33.77 -62.01 9.74
C GLY A 790 33.82 -62.78 11.05
N GLY A 791 32.69 -62.85 11.76
CA GLY A 791 32.61 -63.68 12.94
C GLY A 791 32.60 -65.17 12.64
N ILE A 792 32.17 -65.55 11.44
CA ILE A 792 32.24 -66.96 11.04
C ILE A 792 33.69 -67.35 10.76
N VAL A 793 34.42 -66.51 10.03
CA VAL A 793 35.83 -66.77 9.79
C VAL A 793 36.60 -66.75 11.10
N ALA A 794 36.27 -65.79 11.98
CA ALA A 794 36.88 -65.77 13.30
C ALA A 794 36.55 -67.04 14.09
N GLY A 795 35.36 -67.59 13.89
CA GLY A 795 35.02 -68.86 14.50
C GLY A 795 35.82 -70.01 13.93
N ILE A 796 36.13 -69.95 12.63
CA ILE A 796 37.02 -70.95 12.03
C ILE A 796 38.42 -70.84 12.64
N PHE A 797 38.87 -69.63 12.92
CA PHE A 797 40.14 -69.46 13.61
C PHE A 797 40.06 -69.99 15.03
N LEU A 798 38.91 -69.82 15.69
CA LEU A 798 38.75 -70.31 17.06
C LEU A 798 38.78 -71.83 17.11
N ILE A 799 38.07 -72.49 16.19
CA ILE A 799 38.12 -73.95 16.16
C ILE A 799 39.49 -74.43 15.69
N PHE A 800 40.19 -73.61 14.90
CA PHE A 800 41.58 -73.94 14.57
C PHE A 800 42.47 -73.90 15.81
N ILE A 801 42.18 -72.99 16.74
CA ILE A 801 42.91 -72.98 18.00
C ILE A 801 42.48 -74.18 18.86
N GLU A 802 41.20 -74.57 18.79
CA GLU A 802 40.71 -75.67 19.62
C GLU A 802 41.31 -77.00 19.17
N ILE A 803 41.41 -77.23 17.86
CA ILE A 803 41.97 -78.49 17.39
C ILE A 803 43.48 -78.55 17.56
N ALA A 804 44.13 -77.41 17.79
CA ALA A 804 45.57 -77.36 17.98
C ALA A 804 45.95 -77.84 19.38
N ASP B 1 -21.70 80.83 0.30
CA ASP B 1 -21.85 80.41 1.69
C ASP B 1 -21.43 78.96 1.87
N PRO B 2 -20.70 78.68 2.95
CA PRO B 2 -20.27 77.30 3.22
C PRO B 2 -21.45 76.39 3.48
N LYS B 3 -21.23 75.10 3.27
CA LYS B 3 -22.27 74.11 3.49
C LYS B 3 -22.48 73.89 4.98
N ILE B 4 -23.75 73.93 5.41
CA ILE B 4 -24.08 73.74 6.82
C ILE B 4 -24.11 72.24 7.10
N VAL B 5 -23.12 71.77 7.85
CA VAL B 5 -23.01 70.37 8.24
C VAL B 5 -23.24 70.27 9.74
N ASN B 6 -24.03 69.28 10.14
CA ASN B 6 -24.38 69.08 11.54
C ASN B 6 -23.67 67.86 12.11
N ILE B 7 -23.40 67.90 13.41
CA ILE B 7 -22.74 66.82 14.13
C ILE B 7 -23.57 66.48 15.35
N GLY B 8 -23.96 65.21 15.47
CA GLY B 8 -24.77 64.77 16.60
C GLY B 8 -23.93 64.32 17.77
N ALA B 9 -24.48 64.53 18.97
CA ALA B 9 -23.79 64.15 20.20
C ALA B 9 -24.82 63.84 21.28
N VAL B 10 -24.48 62.89 22.15
CA VAL B 10 -25.33 62.49 23.26
C VAL B 10 -24.51 62.71 24.53
N LEU B 11 -24.82 63.76 25.26
CA LEU B 11 -24.11 64.12 26.48
C LEU B 11 -25.08 64.10 27.66
N SER B 12 -24.56 64.46 28.84
CA SER B 12 -25.35 64.43 30.06
C SER B 12 -25.83 65.77 30.59
N THR B 13 -24.95 66.51 31.26
CA THR B 13 -25.32 67.77 31.88
C THR B 13 -25.17 68.85 30.80
N LYS B 14 -25.63 70.06 31.14
CA LYS B 14 -25.57 71.18 30.20
C LYS B 14 -24.15 71.69 30.02
N LYS B 15 -23.29 71.56 31.04
CA LYS B 15 -21.92 72.04 30.93
C LYS B 15 -21.16 71.29 29.85
N HIS B 16 -21.36 69.97 29.75
CA HIS B 16 -20.71 69.20 28.71
C HIS B 16 -21.18 69.64 27.32
N GLU B 17 -22.47 69.98 27.20
CA GLU B 17 -22.97 70.50 25.94
C GLU B 17 -22.38 71.87 25.62
N GLN B 18 -22.10 72.67 26.65
CA GLN B 18 -21.45 73.96 26.42
C GLN B 18 -20.01 73.76 25.95
N ILE B 19 -19.30 72.79 26.55
CA ILE B 19 -17.95 72.48 26.08
C ILE B 19 -17.99 71.93 24.66
N PHE B 20 -19.05 71.21 24.31
CA PHE B 20 -19.17 70.69 22.94
C PHE B 20 -19.41 71.83 21.95
N ARG B 21 -20.36 72.71 22.25
CA ARG B 21 -20.64 73.84 21.36
C ARG B 21 -19.45 74.76 21.24
N GLU B 22 -18.68 74.93 22.32
CA GLU B 22 -17.46 75.74 22.25
C GLU B 22 -16.40 75.02 21.43
N ALA B 23 -16.32 73.70 21.54
CA ALA B 23 -15.34 72.94 20.76
C ALA B 23 -15.66 72.97 19.28
N VAL B 24 -16.94 73.06 18.92
CA VAL B 24 -17.31 73.20 17.51
C VAL B 24 -16.92 74.57 17.00
N ASN B 25 -17.16 75.61 17.80
CA ASN B 25 -16.78 76.97 17.40
C ASN B 25 -15.27 77.08 17.24
N GLN B 26 -14.50 76.44 18.12
CA GLN B 26 -13.05 76.41 17.95
C GLN B 26 -12.64 75.57 16.75
N ALA B 27 -13.40 74.51 16.45
CA ALA B 27 -13.10 73.69 15.28
C ALA B 27 -13.34 74.46 13.99
N ASN B 28 -14.29 75.39 13.99
CA ASN B 28 -14.53 76.24 12.83
C ASN B 28 -13.54 77.39 12.73
N PHE B 29 -12.62 77.52 13.68
CA PHE B 29 -11.63 78.59 13.69
C PHE B 29 -10.22 78.09 13.46
N PHE B 30 -9.80 77.05 14.18
CA PHE B 30 -8.45 76.52 14.01
C PHE B 30 -8.29 75.76 12.70
N HIS B 31 -9.38 75.29 12.10
CA HIS B 31 -9.33 74.56 10.85
C HIS B 31 -9.74 75.48 9.70
N PHE B 32 -9.08 75.32 8.56
CA PHE B 32 -9.37 76.13 7.38
C PHE B 32 -10.71 75.70 6.79
N THR B 33 -11.70 76.58 6.86
CA THR B 33 -13.04 76.32 6.34
C THR B 33 -13.30 77.21 5.14
N ARG B 34 -13.43 76.60 3.96
CA ARG B 34 -13.70 77.33 2.73
C ARG B 34 -15.03 76.95 2.08
N LYS B 35 -15.62 75.82 2.44
CA LYS B 35 -16.89 75.43 1.85
C LYS B 35 -17.81 74.68 2.81
N ILE B 36 -17.39 74.42 4.06
CA ILE B 36 -18.22 73.74 5.04
C ILE B 36 -18.29 74.59 6.30
N GLN B 37 -19.32 74.32 7.10
CA GLN B 37 -19.54 75.05 8.36
C GLN B 37 -20.12 74.07 9.37
N LEU B 38 -19.33 73.71 10.38
CA LEU B 38 -19.78 72.77 11.39
C LEU B 38 -20.88 73.39 12.25
N ASN B 39 -21.82 72.54 12.67
CA ASN B 39 -22.93 72.95 13.51
C ASN B 39 -22.97 72.05 14.74
N ALA B 40 -23.20 72.67 15.89
CA ALA B 40 -23.26 71.95 17.16
C ALA B 40 -24.70 71.57 17.47
N THR B 41 -24.94 70.27 17.68
CA THR B 41 -26.27 69.79 18.00
C THR B 41 -26.12 68.58 18.93
N SER B 42 -26.42 68.78 20.21
CA SER B 42 -26.31 67.73 21.21
C SER B 42 -27.56 67.67 22.06
N VAL B 43 -27.89 66.48 22.54
CA VAL B 43 -29.06 66.26 23.38
C VAL B 43 -28.62 65.72 24.73
N THR B 44 -29.59 65.38 25.58
CA THR B 44 -29.33 64.84 26.91
C THR B 44 -29.90 63.44 27.03
N HIS B 45 -29.40 62.70 28.02
CA HIS B 45 -29.88 61.36 28.27
C HIS B 45 -31.27 61.41 28.89
N ARG B 46 -32.21 60.64 28.30
CA ARG B 46 -33.56 60.60 28.82
C ARG B 46 -33.80 59.34 29.64
N PRO B 47 -34.61 59.43 30.71
CA PRO B 47 -34.88 58.22 31.51
C PRO B 47 -35.73 57.20 30.80
N ASN B 48 -36.37 57.55 29.70
CA ASN B 48 -37.20 56.64 28.93
C ASN B 48 -36.54 56.32 27.59
N ALA B 49 -36.62 55.06 27.19
CA ALA B 49 -35.97 54.64 25.94
C ALA B 49 -36.75 55.10 24.72
N ILE B 50 -38.07 55.01 24.76
CA ILE B 50 -38.88 55.45 23.63
C ILE B 50 -38.76 56.96 23.43
N GLN B 51 -38.81 57.72 24.52
CA GLN B 51 -38.64 59.16 24.43
C GLN B 51 -37.24 59.52 23.95
N MET B 52 -36.24 58.69 24.24
CA MET B 52 -34.90 58.94 23.74
C MET B 52 -34.80 58.66 22.24
N ALA B 53 -35.42 57.57 21.78
CA ALA B 53 -35.42 57.27 20.35
C ALA B 53 -36.16 58.34 19.57
N LEU B 54 -37.33 58.76 20.05
CA LEU B 54 -38.05 59.85 19.41
C LEU B 54 -37.28 61.16 19.53
N SER B 55 -36.48 61.32 20.58
CA SER B 55 -35.65 62.51 20.70
C SER B 55 -34.53 62.52 19.68
N VAL B 56 -33.98 61.36 19.34
CA VAL B 56 -32.94 61.29 18.32
C VAL B 56 -33.55 61.46 16.92
N CYS B 57 -34.68 60.80 16.66
CA CYS B 57 -35.33 60.93 15.36
C CYS B 57 -35.95 62.31 15.14
N GLU B 58 -36.22 63.05 16.22
CA GLU B 58 -36.82 64.38 16.11
C GLU B 58 -35.89 65.48 16.57
N ASP B 59 -34.61 65.19 16.81
CA ASP B 59 -33.67 66.20 17.24
C ASP B 59 -32.37 65.98 16.47
N LEU B 60 -31.81 64.78 16.57
CA LEU B 60 -30.57 64.43 15.89
C LEU B 60 -30.69 64.00 14.43
N ILE B 61 -31.59 63.05 14.14
CA ILE B 61 -31.76 62.59 12.76
C ILE B 61 -32.45 63.65 11.93
N SER B 62 -33.36 64.42 12.53
CA SER B 62 -34.07 65.46 11.80
C SER B 62 -33.16 66.58 11.33
N SER B 63 -32.03 66.79 12.00
CA SER B 63 -31.08 67.82 11.63
C SER B 63 -30.02 67.33 10.65
N GLN B 64 -30.13 66.09 10.18
CA GLN B 64 -29.18 65.51 9.23
C GLN B 64 -27.75 65.58 9.75
N VAL B 65 -27.41 64.72 10.70
CA VAL B 65 -26.09 64.68 11.30
C VAL B 65 -25.30 63.53 10.70
N TYR B 66 -23.97 63.62 10.80
CA TYR B 66 -23.09 62.59 10.29
C TYR B 66 -22.54 61.74 11.42
N ALA B 67 -21.72 62.34 12.28
CA ALA B 67 -21.14 61.65 13.42
C ALA B 67 -21.94 61.97 14.67
N ILE B 68 -22.17 60.94 15.50
CA ILE B 68 -22.92 61.07 16.74
C ILE B 68 -22.05 60.58 17.88
N LEU B 69 -21.98 61.38 18.95
CA LEU B 69 -21.22 61.03 20.14
C LEU B 69 -22.12 60.41 21.20
N VAL B 70 -21.49 59.86 22.23
CA VAL B 70 -22.21 59.23 23.33
C VAL B 70 -21.29 59.21 24.54
N SER B 71 -21.89 59.27 25.73
CA SER B 71 -21.13 59.24 26.97
C SER B 71 -21.65 58.14 27.90
N HIS B 72 -22.37 58.55 28.96
CA HIS B 72 -22.93 57.61 29.91
C HIS B 72 -24.12 58.26 30.61
N PRO B 73 -25.19 57.52 30.85
CA PRO B 73 -26.36 58.09 31.53
C PRO B 73 -26.01 58.45 32.97
N PRO B 74 -26.27 59.69 33.38
CA PRO B 74 -25.96 60.09 34.76
C PRO B 74 -26.91 59.45 35.77
N ALA B 75 -26.68 58.18 36.09
CA ALA B 75 -27.49 57.44 37.04
C ALA B 75 -26.60 56.60 37.94
N PRO B 76 -26.89 56.53 39.24
CA PRO B 76 -26.05 55.72 40.13
C PRO B 76 -26.22 54.23 39.92
N THR B 77 -27.37 53.79 39.43
CA THR B 77 -27.63 52.38 39.19
C THR B 77 -27.46 52.06 37.70
N ASP B 78 -27.71 50.80 37.35
CA ASP B 78 -27.58 50.34 35.97
C ASP B 78 -28.79 49.47 35.64
N HIS B 79 -29.66 49.98 34.78
CA HIS B 79 -30.84 49.23 34.35
C HIS B 79 -31.23 49.52 32.90
N LEU B 80 -30.82 50.66 32.38
CA LEU B 80 -31.12 51.08 31.01
C LEU B 80 -29.80 51.53 30.42
N THR B 81 -29.16 50.65 29.67
CA THR B 81 -27.89 50.98 29.02
C THR B 81 -28.14 51.71 27.70
N PRO B 82 -27.24 52.60 27.31
CA PRO B 82 -27.38 53.31 26.03
C PRO B 82 -27.04 52.49 24.80
N THR B 83 -26.80 51.18 24.95
CA THR B 83 -26.46 50.34 23.81
C THR B 83 -27.54 50.34 22.73
N PRO B 84 -28.84 50.23 23.04
CA PRO B 84 -29.85 50.36 21.98
C PRO B 84 -29.79 51.69 21.25
N ILE B 85 -29.29 52.74 21.91
CA ILE B 85 -29.11 54.02 21.22
C ILE B 85 -28.15 53.86 20.05
N SER B 86 -27.08 53.08 20.24
CA SER B 86 -26.15 52.79 19.15
C SER B 86 -26.82 52.04 18.01
N TYR B 87 -27.95 51.38 18.27
CA TYR B 87 -28.68 50.73 17.20
C TYR B 87 -29.36 51.74 16.28
N THR B 88 -29.67 52.94 16.80
CA THR B 88 -30.33 53.96 15.99
C THR B 88 -29.48 54.30 14.76
N ALA B 89 -28.24 54.74 14.99
CA ALA B 89 -27.33 54.97 13.88
C ALA B 89 -27.05 53.69 13.09
N GLY B 90 -27.27 52.52 13.70
CA GLY B 90 -27.15 51.27 12.96
C GLY B 90 -28.13 51.18 11.82
N PHE B 91 -29.27 51.88 11.93
CA PHE B 91 -30.21 51.93 10.82
C PHE B 91 -29.72 52.84 9.69
N TYR B 92 -28.84 53.79 10.00
CA TYR B 92 -28.28 54.70 9.00
C TYR B 92 -26.77 54.52 8.88
N ARG B 93 -26.27 53.34 9.23
CA ARG B 93 -24.84 53.02 9.17
C ARG B 93 -24.00 54.02 9.96
N PRO B 95 -22.06 56.73 12.33
CA PRO B 95 -21.08 56.16 13.27
C PRO B 95 -21.18 56.77 14.67
N VAL B 96 -21.11 55.92 15.69
CA VAL B 96 -21.19 56.35 17.08
C VAL B 96 -19.82 56.18 17.72
N ILE B 97 -19.35 57.23 18.39
CA ILE B 97 -18.05 57.24 19.05
C ILE B 97 -18.28 57.27 20.55
N GLY B 98 -17.69 56.30 21.26
CA GLY B 98 -17.82 56.24 22.69
C GLY B 98 -16.78 57.07 23.43
N LEU B 99 -17.13 57.48 24.63
CA LEU B 99 -16.25 58.29 25.45
C LEU B 99 -15.99 57.70 26.83
N THR B 100 -17.00 57.08 27.45
CA THR B 100 -16.84 56.48 28.77
C THR B 100 -17.28 55.02 28.79
N THR B 101 -17.41 54.39 27.62
CA THR B 101 -17.81 52.98 27.55
C THR B 101 -16.64 52.10 27.96
N ARG B 102 -16.76 51.42 29.09
CA ARG B 102 -15.71 50.56 29.61
C ARG B 102 -15.98 49.08 29.40
N MET B 103 -17.20 48.71 29.04
CA MET B 103 -17.54 47.30 28.83
C MET B 103 -16.95 46.79 27.52
N SER B 104 -16.51 45.54 27.53
CA SER B 104 -15.94 44.93 26.34
C SER B 104 -16.98 44.45 25.35
N ILE B 105 -18.27 44.52 25.71
CA ILE B 105 -19.33 44.11 24.80
C ILE B 105 -19.33 44.97 23.54
N TYR B 106 -18.94 46.24 23.67
CA TYR B 106 -18.84 47.13 22.52
C TYR B 106 -17.68 46.78 21.60
N SER B 107 -16.79 45.87 22.01
CA SER B 107 -15.64 45.53 21.18
C SER B 107 -16.05 44.67 19.98
N ASP B 108 -17.16 43.95 20.07
CA ASP B 108 -17.58 43.11 18.96
C ASP B 108 -18.18 43.95 17.83
N LYS B 109 -18.20 43.37 16.64
CA LYS B 109 -18.67 44.07 15.44
C LYS B 109 -20.02 43.57 14.95
N SER B 110 -20.67 42.67 15.69
CA SER B 110 -21.99 42.17 15.28
C SER B 110 -23.13 43.16 15.49
N ILE B 111 -23.36 43.55 16.75
CA ILE B 111 -24.40 44.54 17.05
C ILE B 111 -23.79 45.93 17.02
N HIS B 112 -22.47 46.03 16.95
CA HIS B 112 -21.78 47.31 16.90
C HIS B 112 -20.94 47.36 15.62
N LEU B 113 -21.62 47.48 14.48
CA LEU B 113 -20.94 47.53 13.19
C LEU B 113 -20.15 48.84 13.04
N SER B 114 -20.86 49.95 12.91
CA SER B 114 -20.23 51.26 12.79
C SER B 114 -20.18 51.96 14.14
N PHE B 115 -19.44 51.35 15.08
CA PHE B 115 -19.29 51.86 16.43
C PHE B 115 -17.82 51.85 16.80
N LEU B 116 -17.26 53.03 17.07
CA LEU B 116 -15.88 53.17 17.49
C LEU B 116 -15.83 54.02 18.75
N ARG B 117 -14.86 53.72 19.63
CA ARG B 117 -14.73 54.43 20.89
C ARG B 117 -13.27 54.81 21.10
N THR B 118 -13.07 55.94 21.79
CA THR B 118 -11.74 56.45 22.10
C THR B 118 -11.38 56.26 23.57
N VAL B 119 -11.92 55.21 24.20
CA VAL B 119 -11.67 54.94 25.61
C VAL B 119 -11.25 53.48 25.77
N PRO B 120 -10.15 53.20 26.46
CA PRO B 120 -9.72 51.81 26.65
C PRO B 120 -10.67 51.08 27.58
N PRO B 121 -11.24 49.96 27.13
CA PRO B 121 -12.16 49.20 27.99
C PRO B 121 -11.43 48.38 29.04
N TYR B 122 -12.13 47.43 29.65
CA TYR B 122 -11.51 46.57 30.67
C TYR B 122 -10.56 45.56 30.04
N SER B 123 -10.87 45.11 28.82
CA SER B 123 -10.01 44.13 28.16
C SER B 123 -8.60 44.66 27.96
N HIS B 124 -8.49 45.95 27.58
CA HIS B 124 -7.18 46.57 27.46
C HIS B 124 -6.43 46.54 28.78
N GLN B 125 -7.15 46.63 29.91
CA GLN B 125 -6.50 46.51 31.20
C GLN B 125 -5.81 45.17 31.35
N ALA B 126 -6.39 44.11 30.78
CA ALA B 126 -5.75 42.80 30.78
C ALA B 126 -4.39 42.87 30.09
N LEU B 127 -4.29 43.68 29.03
CA LEU B 127 -2.99 43.89 28.40
C LEU B 127 -1.98 44.45 29.40
N VAL B 128 -2.41 45.41 30.22
CA VAL B 128 -1.55 45.91 31.29
C VAL B 128 -1.17 44.78 32.23
N TRP B 129 -2.12 43.87 32.50
CA TRP B 129 -1.80 42.70 33.31
C TRP B 129 -0.71 41.87 32.65
N PHE B 130 -0.73 41.77 31.32
CA PHE B 130 0.35 41.09 30.61
C PHE B 130 1.68 41.78 30.87
N GLU B 131 1.68 43.12 30.94
CA GLU B 131 2.89 43.84 31.29
C GLU B 131 3.38 43.45 32.68
N MET B 132 2.46 43.13 33.58
CA MET B 132 2.87 42.62 34.89
C MET B 132 3.66 41.34 34.76
N MET B 133 3.27 40.47 33.81
CA MET B 133 4.02 39.25 33.55
C MET B 133 5.43 39.55 33.03
N ARG B 134 5.67 40.77 32.56
CA ARG B 134 7.00 41.19 32.14
C ARG B 134 7.81 41.76 33.29
N LEU B 135 7.18 42.10 34.41
CA LEU B 135 7.90 42.71 35.53
C LEU B 135 8.63 41.66 36.35
N PHE B 136 7.89 40.74 36.97
CA PHE B 136 8.47 39.70 37.80
C PHE B 136 8.59 38.36 37.08
N ASN B 137 8.34 38.34 35.77
CA ASN B 137 8.44 37.13 34.97
C ASN B 137 7.55 36.01 35.52
N TRP B 138 6.25 36.11 35.26
CA TRP B 138 5.30 35.11 35.73
C TRP B 138 5.06 34.06 34.64
N ASN B 139 4.46 32.95 35.05
CA ASN B 139 4.18 31.85 34.12
C ASN B 139 2.76 31.34 34.31
N HIS B 140 2.52 30.55 35.36
CA HIS B 140 1.21 29.98 35.63
C HIS B 140 0.34 31.01 36.33
N VAL B 141 -0.78 31.38 35.70
CA VAL B 141 -1.72 32.34 36.26
C VAL B 141 -3.11 31.72 36.28
N ILE B 142 -3.96 32.26 37.14
CA ILE B 142 -5.34 31.81 37.30
C ILE B 142 -6.25 33.01 37.05
N LEU B 143 -7.16 32.89 36.09
CA LEU B 143 -8.11 33.94 35.75
C LEU B 143 -9.47 33.55 36.29
N ILE B 144 -9.98 34.32 37.24
CA ILE B 144 -11.27 34.08 37.86
C ILE B 144 -12.21 35.20 37.41
N VAL B 145 -13.10 34.89 36.47
CA VAL B 145 -14.05 35.86 35.94
C VAL B 145 -15.46 35.30 36.09
N SER B 146 -16.44 36.18 35.94
CA SER B 146 -17.84 35.80 36.04
C SER B 146 -18.30 35.13 34.75
N ASP B 147 -19.56 34.69 34.74
CA ASP B 147 -20.14 33.99 33.59
C ASP B 147 -21.02 34.99 32.84
N ASP B 148 -20.40 35.76 31.95
CA ASP B 148 -21.12 36.73 31.13
C ASP B 148 -20.28 36.99 29.88
N HIS B 149 -20.53 38.11 29.22
CA HIS B 149 -19.78 38.45 28.01
C HIS B 149 -18.42 39.07 28.34
N GLU B 150 -18.30 39.74 29.49
CA GLU B 150 -17.02 40.33 29.86
C GLU B 150 -15.98 39.27 30.17
N GLY B 151 -16.39 38.18 30.82
CA GLY B 151 -15.46 37.10 31.10
C GLY B 151 -15.01 36.37 29.85
N ARG B 152 -15.91 36.21 28.88
CA ARG B 152 -15.54 35.56 27.63
C ARG B 152 -14.66 36.47 26.78
N ALA B 153 -14.94 37.77 26.78
CA ALA B 153 -14.10 38.70 26.03
C ALA B 153 -12.71 38.81 26.65
N ALA B 154 -12.63 38.85 27.98
CA ALA B 154 -11.33 38.88 28.64
C ALA B 154 -10.60 37.56 28.49
N GLN B 155 -11.34 36.44 28.42
CA GLN B 155 -10.69 35.14 28.22
C GLN B 155 -10.12 35.03 26.81
N LYS B 156 -10.87 35.47 25.81
CA LYS B 156 -10.37 35.43 24.43
C LYS B 156 -9.25 36.46 24.23
N LYS B 157 -9.29 37.56 24.98
CA LYS B 157 -8.22 38.55 24.87
C LYS B 157 -6.93 38.04 25.51
N LEU B 158 -7.03 37.50 26.72
CA LEU B 158 -5.85 36.95 27.39
C LEU B 158 -5.30 35.75 26.63
N GLU B 159 -6.19 34.93 26.05
CA GLU B 159 -5.75 33.82 25.23
C GLU B 159 -5.12 34.29 23.93
N THR B 160 -5.60 35.42 23.38
CA THR B 160 -5.01 35.95 22.16
C THR B 160 -3.62 36.53 22.43
N LEU B 161 -3.45 37.18 23.59
CA LEU B 161 -2.13 37.73 23.92
C LEU B 161 -1.10 36.64 24.14
N LEU B 162 -1.52 35.48 24.64
CA LEU B 162 -0.61 34.36 24.90
C LEU B 162 -0.75 33.30 23.81
N GLU B 163 -0.40 33.70 22.58
CA GLU B 163 -0.48 32.82 21.42
C GLU B 163 0.88 32.30 20.97
N GLU B 164 1.97 32.83 21.50
CA GLU B 164 3.31 32.39 21.13
C GLU B 164 3.72 31.23 22.04
N LYS B 165 5.02 30.91 22.05
CA LYS B 165 5.55 29.83 22.88
C LYS B 165 5.96 30.30 24.27
N GLU B 166 5.35 31.37 24.77
CA GLU B 166 5.67 31.89 26.09
C GLU B 166 5.33 31.54 27.54
N SER B 167 4.06 31.62 27.89
CA SER B 167 3.63 31.30 29.24
C SER B 167 2.24 30.90 28.73
N LYS B 168 1.55 30.09 29.54
CA LYS B 168 0.23 29.60 29.21
C LYS B 168 -0.69 29.78 30.41
N ALA B 169 -1.93 29.30 30.27
CA ALA B 169 -2.93 29.39 31.33
C ALA B 169 -3.11 28.03 31.99
N ASP B 170 -3.59 28.07 33.22
CA ASP B 170 -3.82 26.84 33.99
C ASP B 170 -5.29 26.45 33.95
N LYS B 171 -6.12 27.13 34.74
CA LYS B 171 -7.55 26.82 34.80
C LYS B 171 -8.31 28.12 35.01
N VAL B 172 -9.31 28.36 34.15
CA VAL B 172 -10.15 29.55 34.23
C VAL B 172 -11.43 29.17 34.96
N LEU B 173 -11.73 29.90 36.04
CA LEU B 173 -12.90 29.63 36.86
C LEU B 173 -14.03 30.58 36.46
N GLN B 174 -15.25 30.05 36.42
CA GLN B 174 -16.43 30.83 36.08
C GLN B 174 -17.47 30.68 37.19
N PHE B 175 -18.28 31.72 37.36
CA PHE B 175 -19.32 31.73 38.37
C PHE B 175 -20.45 32.64 37.92
N GLU B 176 -21.67 32.30 38.34
CA GLU B 176 -22.83 33.10 38.00
C GLU B 176 -22.88 34.37 38.84
N PRO B 177 -23.05 35.54 38.23
CA PRO B 177 -23.11 36.78 39.02
C PRO B 177 -24.36 36.87 39.87
N GLY B 178 -24.25 36.53 41.15
CA GLY B 178 -25.38 36.59 42.06
C GLY B 178 -25.37 35.45 43.07
N THR B 179 -24.31 34.67 43.08
CA THR B 179 -24.17 33.54 44.00
C THR B 179 -23.10 33.89 45.04
N LYS B 180 -23.47 33.78 46.31
CA LYS B 180 -22.56 34.08 47.40
C LYS B 180 -21.77 32.86 47.86
N ASN B 181 -22.39 31.68 47.85
CA ASN B 181 -21.73 30.45 48.27
C ASN B 181 -20.81 30.00 47.14
N LEU B 182 -19.56 30.44 47.19
CA LEU B 182 -18.55 30.12 46.19
C LEU B 182 -17.31 29.54 46.86
N THR B 183 -17.51 28.67 47.85
CA THR B 183 -16.37 28.06 48.54
C THR B 183 -15.66 27.04 47.67
N ALA B 184 -16.39 26.39 46.76
CA ALA B 184 -15.78 25.40 45.88
C ALA B 184 -14.74 26.04 44.96
N LEU B 185 -14.94 27.30 44.59
CA LEU B 185 -13.96 27.98 43.75
C LEU B 185 -12.66 28.21 44.51
N LEU B 186 -12.76 28.52 45.81
CA LEU B 186 -11.56 28.70 46.62
C LEU B 186 -10.91 27.37 46.98
N LEU B 187 -11.69 26.30 47.10
CA LEU B 187 -11.11 25.00 47.38
C LEU B 187 -10.39 24.44 46.16
N GLU B 188 -11.03 24.49 45.00
CA GLU B 188 -10.39 24.03 43.78
C GLU B 188 -9.25 24.94 43.36
N ALA B 189 -9.38 26.25 43.61
CA ALA B 189 -8.29 27.18 43.29
C ALA B 189 -7.12 27.00 44.24
N LYS B 190 -7.38 26.66 45.50
CA LYS B 190 -6.31 26.43 46.46
C LYS B 190 -5.63 25.09 46.24
N GLU B 191 -6.38 24.07 45.79
CA GLU B 191 -5.78 22.77 45.53
C GLU B 191 -4.81 22.81 44.35
N LEU B 192 -5.06 23.71 43.39
CA LEU B 192 -4.16 23.83 42.25
C LEU B 192 -2.81 24.39 42.68
N GLU B 193 -1.76 23.96 41.98
CA GLU B 193 -0.41 24.40 42.31
C GLU B 193 -0.22 25.89 42.05
N ALA B 194 -0.88 26.43 41.05
CA ALA B 194 -0.75 27.86 40.73
C ALA B 194 -1.38 28.71 41.83
N ARG B 195 -0.72 29.82 42.15
CA ARG B 195 -1.19 30.73 43.18
C ARG B 195 -1.51 32.13 42.68
N VAL B 196 -1.13 32.47 41.44
CA VAL B 196 -1.39 33.79 40.89
C VAL B 196 -2.87 33.92 40.58
N ILE B 197 -3.61 34.60 41.46
CA ILE B 197 -5.04 34.79 41.32
C ILE B 197 -5.29 36.15 40.66
N ILE B 198 -6.03 36.15 39.56
CA ILE B 198 -6.37 37.37 38.83
C ILE B 198 -7.88 37.47 38.84
N LEU B 199 -8.42 38.35 39.67
CA LEU B 199 -9.86 38.53 39.80
C LEU B 199 -10.33 39.68 38.90
N SER B 200 -11.41 39.43 38.15
CA SER B 200 -11.98 40.42 37.25
C SER B 200 -13.50 40.24 37.27
N ALA B 201 -14.16 40.96 38.17
CA ALA B 201 -15.61 40.88 38.31
C ALA B 201 -16.12 42.27 38.69
N SER B 202 -17.32 42.32 39.26
CA SER B 202 -17.91 43.59 39.66
C SER B 202 -17.76 43.66 41.17
N GLU B 203 -18.51 44.56 41.82
CA GLU B 203 -18.45 44.73 43.26
C GLU B 203 -19.06 43.68 44.19
N ASP B 204 -20.30 43.26 43.92
CA ASP B 204 -20.93 42.24 44.75
C ASP B 204 -20.22 40.90 44.63
N ASP B 205 -19.68 40.58 43.45
CA ASP B 205 -18.94 39.33 43.29
C ASP B 205 -17.58 39.41 43.98
N ALA B 206 -16.87 40.52 43.79
CA ALA B 206 -15.57 40.69 44.44
C ALA B 206 -15.70 40.71 45.96
N THR B 207 -16.82 41.21 46.47
CA THR B 207 -17.05 41.17 47.91
C THR B 207 -17.19 39.73 48.40
N ALA B 208 -17.91 38.90 47.64
CA ALA B 208 -18.04 37.49 48.00
C ALA B 208 -16.71 36.75 47.87
N VAL B 209 -15.87 37.15 46.91
CA VAL B 209 -14.55 36.54 46.80
C VAL B 209 -13.67 36.95 47.96
N TYR B 210 -13.80 38.19 48.43
CA TYR B 210 -13.00 38.65 49.57
C TYR B 210 -13.47 38.01 50.86
N LYS B 211 -14.78 37.78 51.01
CA LYS B 211 -15.28 37.16 52.23
C LYS B 211 -14.98 35.67 52.25
N SER B 212 -15.33 34.96 51.18
CA SER B 212 -15.08 33.52 51.13
C SER B 212 -13.59 33.23 51.14
N ALA B 213 -12.80 34.04 50.43
CA ALA B 213 -11.35 33.87 50.45
C ALA B 213 -10.73 34.36 51.75
N ALA B 214 -11.44 35.18 52.52
CA ALA B 214 -10.93 35.68 53.78
C ALA B 214 -11.23 34.74 54.94
N MET B 215 -12.34 34.00 54.89
CA MET B 215 -12.68 33.07 55.95
C MET B 215 -11.98 31.72 55.79
N LEU B 216 -11.12 31.56 54.79
CA LEU B 216 -10.37 30.33 54.59
C LEU B 216 -8.87 30.51 54.74
N ASP B 217 -8.40 31.71 55.11
CA ASP B 217 -6.98 32.01 55.28
C ASP B 217 -6.21 31.74 53.98
N MET B 218 -6.46 32.62 53.00
CA MET B 218 -5.82 32.52 51.70
C MET B 218 -5.18 33.84 51.28
N THR B 219 -4.91 34.74 52.23
CA THR B 219 -4.30 36.03 51.96
C THR B 219 -2.90 36.15 52.54
N GLY B 220 -2.23 35.02 52.78
CA GLY B 220 -0.90 35.01 53.34
C GLY B 220 0.18 35.14 52.28
N ALA B 221 1.35 34.58 52.58
CA ALA B 221 2.47 34.63 51.67
C ALA B 221 2.27 33.65 50.52
N GLY B 222 2.68 34.07 49.32
CA GLY B 222 2.56 33.27 48.13
C GLY B 222 1.33 33.56 47.29
N TYR B 223 0.27 34.08 47.90
CA TYR B 223 -0.96 34.40 47.19
C TYR B 223 -0.89 35.80 46.61
N VAL B 224 -1.10 35.92 45.31
CA VAL B 224 -1.07 37.19 44.60
C VAL B 224 -2.47 37.49 44.08
N TRP B 225 -2.95 38.72 44.34
CA TRP B 225 -4.27 39.15 43.91
C TRP B 225 -4.10 40.28 42.90
N LEU B 226 -4.49 40.02 41.65
CA LEU B 226 -4.39 40.99 40.57
C LEU B 226 -5.80 41.34 40.11
N VAL B 227 -6.23 42.56 40.40
CA VAL B 227 -7.57 43.03 40.02
C VAL B 227 -7.44 44.23 39.11
N GLY B 228 -8.58 44.84 38.77
CA GLY B 228 -8.58 46.00 37.91
C GLY B 228 -9.00 47.27 38.62
N GLU B 229 -10.22 47.75 38.35
CA GLU B 229 -10.74 48.96 38.97
C GLU B 229 -12.07 48.78 39.68
N ARG B 230 -12.80 47.71 39.39
CA ARG B 230 -14.09 47.46 40.03
C ARG B 230 -13.98 46.65 41.31
N GLU B 231 -12.76 46.44 41.81
CA GLU B 231 -12.55 45.66 43.03
C GLU B 231 -11.93 46.49 44.15
N ILE B 232 -11.70 47.77 43.95
CA ILE B 232 -11.12 48.63 44.98
C ILE B 232 -11.89 49.94 45.05
N SER B 233 -13.19 49.89 44.79
CA SER B 233 -14.05 51.06 44.84
C SER B 233 -15.43 50.66 45.31
N GLY B 234 -16.00 51.47 46.20
CA GLY B 234 -17.32 51.19 46.73
C GLY B 234 -17.23 50.37 48.01
N SER B 235 -18.11 49.37 48.12
CA SER B 235 -18.12 48.50 49.28
C SER B 235 -17.06 47.40 49.23
N ALA B 236 -16.39 47.23 48.10
CA ALA B 236 -15.36 46.21 47.95
C ALA B 236 -13.97 46.73 48.29
N LEU B 237 -13.87 47.84 49.01
CA LEU B 237 -12.57 48.40 49.39
C LEU B 237 -12.18 48.04 50.81
N ARG B 238 -13.15 48.01 51.73
CA ARG B 238 -12.85 47.68 53.12
C ARG B 238 -12.58 46.19 53.32
N TYR B 239 -13.04 45.35 52.39
CA TYR B 239 -12.81 43.91 52.48
C TYR B 239 -11.56 43.46 51.75
N ALA B 240 -10.95 44.32 50.93
CA ALA B 240 -9.75 43.95 50.21
C ALA B 240 -8.54 44.01 51.15
N PRO B 241 -7.60 43.08 51.00
CA PRO B 241 -6.41 43.10 51.86
C PRO B 241 -5.49 44.27 51.53
N ASP B 242 -4.74 44.70 52.55
CA ASP B 242 -3.82 45.82 52.40
C ASP B 242 -2.59 45.35 51.64
N GLY B 243 -2.49 45.76 50.37
CA GLY B 243 -1.36 45.39 49.55
C GLY B 243 -1.75 44.78 48.22
N ILE B 244 -3.04 44.82 47.90
CA ILE B 244 -3.54 44.26 46.65
C ILE B 244 -3.20 45.21 45.51
N ILE B 245 -2.76 44.64 44.38
CA ILE B 245 -2.39 45.42 43.21
C ILE B 245 -3.68 45.86 42.52
N GLY B 246 -3.85 47.19 42.38
CA GLY B 246 -5.02 47.75 41.75
C GLY B 246 -4.66 48.63 40.56
N LEU B 247 -5.70 49.15 39.92
CA LEU B 247 -5.55 50.03 38.78
C LEU B 247 -6.44 51.25 38.95
N GLN B 248 -6.11 52.31 38.21
CA GLN B 248 -6.87 53.56 38.26
C GLN B 248 -6.70 54.28 36.94
N LEU B 249 -7.81 54.51 36.24
CA LEU B 249 -7.75 55.21 34.97
C LEU B 249 -7.53 56.70 35.19
N ILE B 250 -6.62 57.28 34.41
CA ILE B 250 -6.32 58.71 34.53
C ILE B 250 -7.49 59.51 33.98
N ASN B 251 -7.95 60.49 34.76
CA ASN B 251 -9.08 61.36 34.39
C ASN B 251 -10.34 60.54 34.10
N GLY B 252 -10.90 59.99 35.19
CA GLY B 252 -12.10 59.19 35.09
C GLY B 252 -13.36 60.04 34.94
N LYS B 253 -13.48 61.06 35.77
CA LYS B 253 -14.62 61.97 35.73
C LYS B 253 -14.20 63.31 35.11
N ASN B 254 -15.17 63.98 34.50
CA ASN B 254 -14.96 65.25 33.82
C ASN B 254 -13.87 65.12 32.76
N GLU B 255 -14.21 64.58 31.60
CA GLU B 255 -13.26 64.35 30.52
C GLU B 255 -13.51 65.35 29.39
N SER B 256 -13.15 66.60 29.65
CA SER B 256 -13.29 67.63 28.62
C SER B 256 -12.33 67.40 27.46
N ALA B 257 -11.19 66.76 27.72
CA ALA B 257 -10.24 66.48 26.64
C ALA B 257 -10.80 65.47 25.66
N HIS B 258 -11.68 64.57 26.12
CA HIS B 258 -12.32 63.62 25.20
C HIS B 258 -13.32 64.31 24.29
N ILE B 259 -14.00 65.35 24.80
CA ILE B 259 -14.95 66.09 23.96
C ILE B 259 -14.20 66.99 22.99
N SER B 260 -13.20 67.71 23.47
CA SER B 260 -12.43 68.60 22.59
C SER B 260 -11.70 67.80 21.52
N ASP B 261 -10.97 66.76 21.92
CA ASP B 261 -10.30 65.91 20.96
C ASP B 261 -11.29 65.15 20.07
N ALA B 262 -12.49 64.89 20.59
CA ALA B 262 -13.51 64.24 19.77
C ALA B 262 -13.96 65.16 18.64
N VAL B 263 -14.27 66.43 18.96
CA VAL B 263 -14.64 67.38 17.93
C VAL B 263 -13.45 67.66 17.01
N ALA B 264 -12.23 67.52 17.51
CA ALA B 264 -11.06 67.70 16.66
C ALA B 264 -10.93 66.57 15.65
N VAL B 265 -11.10 65.32 16.10
CA VAL B 265 -10.97 64.19 15.19
C VAL B 265 -12.12 64.16 14.20
N VAL B 266 -13.35 64.40 14.67
CA VAL B 266 -14.50 64.42 13.77
C VAL B 266 -14.38 65.56 12.77
N ALA B 267 -13.92 66.73 13.24
CA ALA B 267 -13.73 67.86 12.34
C ALA B 267 -12.66 67.58 11.31
N GLN B 268 -11.60 66.87 11.70
CA GLN B 268 -10.57 66.48 10.74
C GLN B 268 -11.12 65.47 9.74
N ALA B 269 -11.99 64.57 10.19
CA ALA B 269 -12.60 63.60 9.28
C ALA B 269 -13.62 64.25 8.34
N ILE B 270 -14.19 65.39 8.72
CA ILE B 270 -15.12 66.09 7.83
C ILE B 270 -14.35 66.94 6.84
N HIS B 271 -13.41 67.75 7.32
CA HIS B 271 -12.62 68.60 6.42
C HIS B 271 -11.77 67.75 5.47
N GLU B 272 -11.35 66.57 5.91
CA GLU B 272 -10.61 65.65 5.06
C GLU B 272 -11.52 64.77 4.21
N LEU B 273 -12.71 64.43 4.73
CA LEU B 273 -13.62 63.58 3.97
C LEU B 273 -14.26 64.33 2.82
N PHE B 274 -14.55 65.63 3.00
CA PHE B 274 -15.15 66.44 1.95
C PHE B 274 -14.14 66.92 0.91
N GLU B 275 -13.09 66.13 0.70
CA GLU B 275 -12.04 66.47 -0.24
C GLU B 275 -11.79 65.27 -1.15
N MET B 276 -12.84 64.52 -1.43
CA MET B 276 -12.72 63.30 -2.23
C MET B 276 -14.03 63.77 -2.87
N GLU B 277 -14.73 62.85 -3.51
CA GLU B 277 -15.97 63.17 -4.20
C GLU B 277 -17.47 63.05 -4.46
N GLN B 278 -18.08 61.99 -3.91
CA GLN B 278 -19.51 61.78 -4.10
C GLN B 278 -19.92 62.42 -2.78
N ILE B 279 -19.73 61.70 -1.67
CA ILE B 279 -20.11 62.15 -0.34
C ILE B 279 -21.62 62.42 -0.30
N THR B 280 -22.39 61.40 0.03
CA THR B 280 -23.85 61.53 0.08
C THR B 280 -24.26 62.28 1.35
N ASP B 281 -25.56 62.57 1.44
CA ASP B 281 -26.11 63.28 2.58
C ASP B 281 -27.11 62.41 3.33
N PRO B 282 -27.14 62.48 4.66
CA PRO B 282 -28.09 61.68 5.42
C PRO B 282 -29.52 62.15 5.15
N PRO B 283 -30.51 61.28 5.33
CA PRO B 283 -31.89 61.70 5.10
C PRO B 283 -32.38 62.63 6.19
N ARG B 284 -33.57 63.19 5.96
CA ARG B 284 -34.18 64.15 6.88
C ARG B 284 -35.14 63.40 7.79
N GLY B 285 -34.75 63.21 9.04
CA GLY B 285 -35.59 62.55 10.01
C GLY B 285 -35.76 61.07 9.75
N CYS B 286 -36.66 60.47 10.52
CA CYS B 286 -36.98 59.06 10.41
C CYS B 286 -38.36 58.82 9.80
N VAL B 287 -38.88 59.79 9.06
CA VAL B 287 -40.20 59.70 8.43
C VAL B 287 -40.00 59.67 6.92
N GLY B 288 -40.55 58.65 6.28
CA GLY B 288 -40.44 58.53 4.83
C GLY B 288 -39.05 58.26 4.32
N ASN B 289 -38.23 57.57 5.11
CA ASN B 289 -36.85 57.26 4.73
C ASN B 289 -36.64 55.75 4.86
N THR B 290 -36.47 55.07 3.73
CA THR B 290 -36.27 53.62 3.72
C THR B 290 -34.86 53.21 3.31
N ASN B 291 -34.18 54.00 2.50
CA ASN B 291 -32.84 53.65 2.07
C ASN B 291 -31.83 53.91 3.19
N ILE B 292 -30.72 53.19 3.13
CA ILE B 292 -29.65 53.32 4.13
C ILE B 292 -28.66 54.38 3.67
N TRP B 293 -27.52 54.47 4.35
CA TRP B 293 -26.49 55.43 4.03
C TRP B 293 -25.34 54.72 3.33
N LYS B 294 -24.95 55.24 2.16
CA LYS B 294 -23.86 54.62 1.40
C LYS B 294 -22.50 54.95 1.99
N THR B 295 -22.38 56.09 2.68
CA THR B 295 -21.11 56.50 3.28
C THR B 295 -21.10 56.09 4.75
N GLY B 296 -20.94 54.78 4.96
CA GLY B 296 -20.89 54.22 6.30
C GLY B 296 -19.51 53.66 6.62
N PRO B 297 -19.16 52.54 5.97
CA PRO B 297 -17.81 51.99 6.17
C PRO B 297 -16.71 52.94 5.75
N LEU B 298 -16.98 53.85 4.81
CA LEU B 298 -15.98 54.84 4.42
C LEU B 298 -15.78 55.87 5.53
N PHE B 299 -16.89 56.37 6.09
CA PHE B 299 -16.77 57.31 7.20
C PHE B 299 -16.11 56.68 8.41
N LYS B 300 -16.45 55.41 8.69
CA LYS B 300 -15.77 54.69 9.77
C LYS B 300 -14.29 54.47 9.45
N ARG B 301 -13.96 54.31 8.17
CA ARG B 301 -12.56 54.16 7.79
C ARG B 301 -11.78 55.45 7.98
N VAL B 302 -12.41 56.60 7.67
CA VAL B 302 -11.75 57.87 7.89
C VAL B 302 -11.62 58.17 9.37
N LEU B 303 -12.66 57.84 10.16
CA LEU B 303 -12.59 58.05 11.60
C LEU B 303 -11.55 57.14 12.25
N MET B 304 -11.37 55.94 11.72
CA MET B 304 -10.38 55.02 12.28
C MET B 304 -8.95 55.42 11.92
N SER B 305 -8.75 55.96 10.72
CA SER B 305 -7.41 56.38 10.28
C SER B 305 -7.18 57.83 10.71
N SER B 306 -7.03 58.01 12.02
CA SER B 306 -6.79 59.32 12.62
C SER B 306 -5.57 59.22 13.55
N LYS B 307 -4.64 60.15 13.40
CA LYS B 307 -3.42 60.17 14.19
C LYS B 307 -3.25 61.56 14.81
N TYR B 308 -3.01 61.59 16.12
CA TYR B 308 -2.79 62.84 16.85
C TYR B 308 -1.70 62.61 17.89
N PRO B 309 -0.43 62.72 17.48
CA PRO B 309 0.67 62.52 18.44
C PRO B 309 0.82 63.67 19.43
N ASP B 310 0.31 64.86 19.10
CA ASP B 310 0.40 66.02 19.98
C ASP B 310 -0.95 66.39 20.57
N GLY B 311 -1.80 65.39 20.83
CA GLY B 311 -3.11 65.64 21.39
C GLY B 311 -3.06 65.96 22.86
N VAL B 312 -4.23 66.28 23.41
CA VAL B 312 -4.32 66.61 24.83
C VAL B 312 -4.22 65.36 25.69
N THR B 313 -4.93 64.30 25.32
CA THR B 313 -4.87 63.06 26.09
C THR B 313 -3.55 62.33 25.92
N GLY B 314 -2.86 62.53 24.80
CA GLY B 314 -1.59 61.86 24.56
C GLY B 314 -1.34 61.56 23.10
N ARG B 315 -1.66 60.35 22.68
CA ARG B 315 -1.47 59.91 21.29
C ARG B 315 -2.74 59.18 20.85
N ILE B 316 -3.59 59.87 20.11
CA ILE B 316 -4.84 59.28 19.62
C ILE B 316 -4.53 58.38 18.45
N GLU B 317 -4.87 57.09 18.58
CA GLU B 317 -4.63 56.13 17.51
C GLU B 317 -5.60 54.97 17.67
N PHE B 318 -6.20 54.56 16.57
CA PHE B 318 -7.16 53.47 16.54
C PHE B 318 -6.49 52.18 16.05
N ASN B 319 -7.05 51.06 16.43
CA ASN B 319 -6.54 49.75 16.06
C ASN B 319 -7.54 49.12 15.10
N GLU B 320 -7.36 47.83 14.80
CA GLU B 320 -8.25 47.13 13.88
C GLU B 320 -9.72 47.00 14.28
N ASP B 321 -10.04 47.19 15.56
CA ASP B 321 -11.41 47.09 16.05
C ASP B 321 -12.02 48.45 16.38
N GLY B 322 -11.28 49.54 16.18
CA GLY B 322 -11.81 50.85 16.48
C GLY B 322 -11.83 51.19 17.96
N ASP B 323 -10.79 50.82 18.69
CA ASP B 323 -10.74 51.09 20.13
C ASP B 323 -9.64 52.13 20.34
N ARG B 324 -9.20 52.29 21.59
CA ARG B 324 -8.17 53.25 21.93
C ARG B 324 -6.80 52.64 22.24
N LYS B 325 -5.77 53.12 21.55
CA LYS B 325 -4.42 52.65 21.75
C LYS B 325 -3.65 53.61 22.65
N PHE B 326 -2.54 53.11 23.21
CA PHE B 326 -1.68 53.87 24.12
C PHE B 326 -2.49 54.41 25.31
N ALA B 327 -3.06 53.47 26.07
CA ALA B 327 -3.87 53.82 27.22
C ALA B 327 -3.01 54.35 28.35
N GLN B 328 -3.63 55.15 29.22
CA GLN B 328 -2.94 55.78 30.36
C GLN B 328 -3.65 55.34 31.63
N TYR B 329 -3.03 54.41 32.36
CA TYR B 329 -3.56 53.92 33.62
C TYR B 329 -2.58 54.26 34.74
N SER B 330 -2.88 53.75 35.94
CA SER B 330 -2.04 53.99 37.11
C SER B 330 -2.16 52.81 38.05
N ILE B 331 -1.05 52.09 38.24
CA ILE B 331 -1.04 50.94 39.13
C ILE B 331 -1.06 51.44 40.57
N MET B 332 -2.12 51.15 41.29
CA MET B 332 -2.28 51.55 42.68
C MET B 332 -2.05 50.36 43.61
N ASN B 333 -1.99 50.65 44.91
CA ASN B 333 -1.80 49.63 45.92
C ASN B 333 -2.41 50.09 47.23
N LEU B 334 -3.17 49.21 47.87
CA LEU B 334 -3.85 49.53 49.12
C LEU B 334 -2.85 49.43 50.27
N GLN B 335 -2.55 50.55 50.91
CA GLN B 335 -1.61 50.61 52.03
C GLN B 335 -2.26 51.34 53.19
N ASN B 336 -2.47 50.63 54.30
CA ASN B 336 -3.06 51.20 55.51
C ASN B 336 -4.43 51.82 55.22
N ARG B 337 -5.32 51.01 54.63
CA ARG B 337 -6.68 51.41 54.28
C ARG B 337 -6.72 52.62 53.34
N LYS B 338 -5.62 52.87 52.61
CA LYS B 338 -5.54 53.99 51.69
C LYS B 338 -4.91 53.52 50.39
N LEU B 339 -5.33 54.16 49.29
CA LEU B 339 -4.82 53.83 47.96
C LEU B 339 -3.59 54.70 47.69
N VAL B 340 -2.41 54.12 47.84
CA VAL B 340 -1.14 54.81 47.62
C VAL B 340 -0.67 54.52 46.20
N GLN B 341 -0.30 55.57 45.47
CA GLN B 341 0.17 55.42 44.10
C GLN B 341 1.55 54.80 44.09
N VAL B 342 1.67 53.64 43.44
CA VAL B 342 2.95 52.93 43.34
C VAL B 342 3.45 52.83 41.91
N GLY B 343 2.63 53.11 40.90
CA GLY B 343 3.07 53.04 39.54
C GLY B 343 2.12 53.75 38.61
N ILE B 344 2.61 54.05 37.40
CA ILE B 344 1.80 54.67 36.36
C ILE B 344 2.12 54.00 35.03
N PHE B 345 1.11 53.95 34.16
CA PHE B 345 1.23 53.35 32.84
C PHE B 345 0.90 54.40 31.80
N ASP B 346 1.94 54.84 31.07
CA ASP B 346 1.75 55.89 30.06
C ASP B 346 1.18 55.32 28.75
N GLY B 347 1.63 54.12 28.37
CA GLY B 347 1.16 53.50 27.15
C GLY B 347 2.09 52.45 26.60
N SER B 348 3.40 52.69 26.71
CA SER B 348 4.40 51.76 26.22
C SER B 348 4.98 50.88 27.32
N TYR B 349 5.41 51.47 28.43
CA TYR B 349 5.98 50.74 29.55
C TYR B 349 5.41 51.27 30.86
N ILE B 350 5.64 50.52 31.93
CA ILE B 350 5.19 50.88 33.26
C ILE B 350 6.32 51.60 33.99
N ILE B 351 6.03 52.78 34.53
CA ILE B 351 7.01 53.58 35.25
C ILE B 351 6.61 53.62 36.71
N GLN B 352 7.52 53.19 37.58
CA GLN B 352 7.27 53.16 39.02
C GLN B 352 7.84 54.41 39.68
N ASN B 353 7.23 54.80 40.80
CA ASN B 353 7.69 55.97 41.54
C ASN B 353 8.58 55.50 42.67
N ASP B 354 8.75 56.34 43.70
CA ASP B 354 9.59 56.01 44.84
C ASP B 354 8.95 55.24 45.98
N ARG B 355 7.77 54.66 45.77
CA ARG B 355 7.06 53.90 46.79
C ARG B 355 7.29 52.41 46.57
N LYS B 356 7.61 51.70 47.64
CA LYS B 356 7.87 50.27 47.55
C LYS B 356 6.56 49.49 47.57
N ILE B 357 6.48 48.46 46.72
CA ILE B 357 5.28 47.65 46.64
C ILE B 357 5.16 46.78 47.89
N ILE B 358 4.00 46.82 48.54
CA ILE B 358 3.73 46.05 49.75
C ILE B 358 2.81 44.91 49.38
N TRP B 359 3.14 43.69 49.84
CA TRP B 359 2.34 42.51 49.56
C TRP B 359 1.35 42.25 50.70
N PRO B 360 0.18 41.70 50.39
CA PRO B 360 -0.82 41.43 51.44
C PRO B 360 -0.36 40.39 52.45
N GLY B 361 0.60 39.53 52.10
CA GLY B 361 1.07 38.52 53.02
C GLY B 361 2.21 38.97 53.90
N GLY B 362 2.34 40.28 54.07
CA GLY B 362 3.39 40.84 54.90
C GLY B 362 4.78 40.80 54.29
N GLU B 363 4.91 40.42 53.03
CA GLU B 363 6.20 40.36 52.37
C GLU B 363 6.53 41.68 51.69
N THR B 364 7.83 41.92 51.50
CA THR B 364 8.31 43.13 50.87
C THR B 364 9.08 42.90 49.57
N GLU B 365 9.70 41.73 49.42
CA GLU B 365 10.46 41.40 48.22
C GLU B 365 9.85 40.19 47.54
N ARG B 366 9.63 40.29 46.24
CA ARG B 366 9.03 39.20 45.49
C ARG B 366 10.10 38.15 45.17
N PRO B 367 9.91 36.90 45.58
CA PRO B 367 10.92 35.86 45.27
C PRO B 367 10.98 35.58 43.78
N GLN B 368 11.98 34.77 43.42
CA GLN B 368 12.18 34.41 42.02
C GLN B 368 11.06 33.52 41.52
N GLY B 369 10.94 32.32 42.10
CA GLY B 369 9.88 31.40 41.69
C GLY B 369 8.53 31.82 42.26
N TYR B 370 7.50 31.66 41.43
CA TYR B 370 6.15 32.03 41.85
C TYR B 370 5.60 31.04 42.86
N GLN B 371 5.88 29.76 42.68
CA GLN B 371 5.40 28.72 43.59
C GLN B 371 6.24 27.46 43.39
N MET B 372 6.75 26.90 44.47
CA MET B 372 7.54 25.69 44.41
C MET B 372 7.43 24.95 45.73
N SER B 373 7.51 23.63 45.67
CA SER B 373 7.40 22.78 46.84
C SER B 373 8.05 21.43 46.52
N THR B 374 7.64 20.39 47.24
CA THR B 374 8.18 19.05 47.00
C THR B 374 7.11 17.97 47.03
N ARG B 375 5.82 18.33 47.03
CA ARG B 375 4.74 17.36 47.08
C ARG B 375 4.39 16.94 45.65
N LEU B 376 4.49 15.64 45.38
CA LEU B 376 4.22 15.09 44.06
C LEU B 376 3.10 14.06 44.19
N LYS B 377 2.05 14.22 43.38
CA LYS B 377 0.92 13.29 43.40
C LYS B 377 1.17 12.14 42.43
N ILE B 378 0.83 10.93 42.87
CA ILE B 378 1.04 9.72 42.10
C ILE B 378 -0.31 9.06 41.87
N VAL B 379 -0.59 8.71 40.61
CA VAL B 379 -1.82 8.02 40.24
C VAL B 379 -1.46 6.81 39.39
N THR B 380 -2.33 5.80 39.42
CA THR B 380 -2.10 4.57 38.67
C THR B 380 -3.45 3.92 38.39
N ILE B 381 -3.41 2.76 37.75
CA ILE B 381 -4.62 2.03 37.40
C ILE B 381 -4.84 0.92 38.43
N HIS B 382 -5.75 -0.01 38.13
CA HIS B 382 -6.09 -1.11 39.03
C HIS B 382 -5.84 -2.42 38.29
N GLN B 383 -4.69 -3.05 38.58
CA GLN B 383 -4.33 -4.33 37.99
C GLN B 383 -3.78 -5.24 39.08
N GLU B 384 -4.05 -6.55 38.94
CA GLU B 384 -3.60 -7.49 39.96
C GLU B 384 -2.08 -7.67 39.95
N PRO B 385 -1.42 -7.98 38.83
CA PRO B 385 0.04 -8.19 38.89
C PRO B 385 0.84 -6.90 39.02
N PHE B 386 0.27 -5.75 38.66
CA PHE B 386 1.00 -4.48 38.73
C PHE B 386 0.81 -3.82 40.09
N VAL B 387 -0.38 -3.27 40.34
CA VAL B 387 -0.67 -2.62 41.61
C VAL B 387 -1.60 -3.50 42.43
N TYR B 388 -1.03 -4.48 43.14
CA TYR B 388 -1.83 -5.39 43.94
C TYR B 388 -2.45 -4.65 45.12
N VAL B 389 -3.78 -4.60 45.14
CA VAL B 389 -4.52 -3.92 46.19
C VAL B 389 -5.03 -4.96 47.18
N ARG B 390 -4.73 -4.77 48.46
CA ARG B 390 -5.15 -5.68 49.51
C ARG B 390 -5.76 -4.88 50.64
N PRO B 391 -6.95 -5.25 51.12
CA PRO B 391 -7.56 -4.50 52.22
C PRO B 391 -6.74 -4.63 53.51
N THR B 392 -6.84 -3.61 54.35
CA THR B 392 -6.10 -3.61 55.61
C THR B 392 -6.75 -4.56 56.61
N THR B 393 -5.94 -5.43 57.20
CA THR B 393 -6.44 -6.38 58.17
C THR B 393 -6.71 -5.69 59.51
N SER B 394 -7.72 -6.18 60.22
CA SER B 394 -8.15 -5.64 61.50
C SER B 394 -8.41 -4.13 61.40
N ASP B 395 -7.73 -3.35 62.23
CA ASP B 395 -7.89 -1.90 62.23
C ASP B 395 -6.54 -1.19 62.37
N GLY B 396 -5.48 -1.79 61.86
CA GLY B 396 -4.16 -1.20 61.96
C GLY B 396 -3.57 -0.81 60.61
N THR B 397 -2.31 -1.18 60.39
CA THR B 397 -1.63 -0.86 59.14
C THR B 397 -1.57 -2.16 58.36
N CYS B 398 -0.82 -2.17 57.25
CA CYS B 398 -0.69 -3.34 56.40
C CYS B 398 -0.22 -4.66 57.03
N ARG B 399 -0.40 -5.74 56.28
CA ARG B 399 -0.01 -7.07 56.72
C ARG B 399 1.46 -7.31 56.36
N GLU B 400 2.28 -7.55 57.38
CA GLU B 400 3.70 -7.80 57.17
C GLU B 400 3.93 -9.27 56.88
N GLU B 401 4.67 -9.55 55.81
CA GLU B 401 4.98 -10.92 55.40
C GLU B 401 6.29 -10.90 54.62
N TYR B 402 6.62 -12.05 54.02
CA TYR B 402 7.84 -12.21 53.24
C TYR B 402 7.50 -12.93 51.94
N THR B 403 8.51 -13.06 51.08
CA THR B 403 8.35 -13.73 49.79
C THR B 403 8.78 -15.18 49.93
N ILE B 404 8.93 -15.89 48.81
CA ILE B 404 9.29 -17.29 48.80
C ILE B 404 10.80 -17.49 48.58
N ASN B 405 11.57 -16.41 48.56
CA ASN B 405 13.00 -16.49 48.35
C ASN B 405 13.81 -15.87 49.50
N GLY B 406 13.15 -15.26 50.48
CA GLY B 406 13.86 -14.66 51.59
C GLY B 406 14.14 -13.18 51.38
N ASP B 407 13.08 -12.38 51.24
CA ASP B 407 13.20 -10.95 51.03
C ASP B 407 11.95 -10.28 51.55
N PRO B 408 12.07 -9.22 52.35
CA PRO B 408 10.88 -8.53 52.85
C PRO B 408 10.17 -7.76 51.75
N ILE B 409 8.84 -7.76 51.82
CA ILE B 409 8.00 -7.08 50.84
C ILE B 409 7.49 -5.78 51.46
N LYS B 410 7.53 -4.70 50.69
CA LYS B 410 7.09 -3.39 51.15
C LYS B 410 5.73 -3.06 50.56
N LYS B 411 4.85 -2.50 51.40
CA LYS B 411 3.52 -2.10 51.00
C LYS B 411 3.31 -0.63 51.32
N VAL B 412 2.51 0.04 50.48
CA VAL B 412 2.22 1.46 50.64
C VAL B 412 0.74 1.63 50.91
N ILE B 413 0.38 2.82 51.38
CA ILE B 413 -1.01 3.16 51.67
C ILE B 413 -1.66 3.73 50.42
N CYS B 414 -2.84 3.22 50.08
CA CYS B 414 -3.55 3.66 48.89
C CYS B 414 -5.04 3.62 49.16
N ASN B 415 -5.71 4.75 48.92
CA ASN B 415 -7.15 4.85 49.12
C ASN B 415 -7.87 4.47 47.83
N GLY B 416 -8.78 3.50 47.92
CA GLY B 416 -9.50 3.03 46.76
C GLY B 416 -10.93 2.66 47.09
N PRO B 417 -11.80 2.69 46.07
CA PRO B 417 -13.20 2.31 46.28
C PRO B 417 -13.39 0.81 46.45
N ASP B 418 -14.63 0.34 46.31
CA ASP B 418 -14.94 -1.07 46.43
C ASP B 418 -15.95 -1.45 45.36
N GLU B 419 -15.77 -2.63 44.77
CA GLU B 419 -16.66 -3.10 43.72
C GLU B 419 -17.88 -3.83 44.25
N THR B 420 -17.87 -4.25 45.52
CA THR B 420 -19.02 -4.95 46.08
C THR B 420 -20.16 -3.98 46.37
N ILE B 421 -19.88 -2.91 47.10
CA ILE B 421 -20.92 -1.92 47.41
C ILE B 421 -21.24 -1.11 46.15
N PRO B 422 -22.51 -0.85 45.85
CA PRO B 422 -22.83 -0.03 44.66
C PRO B 422 -22.20 1.35 44.69
N GLY B 423 -22.03 1.93 45.88
CA GLY B 423 -21.38 3.22 45.99
C GLY B 423 -19.88 3.14 45.84
N ARG B 424 -19.23 4.29 46.01
CA ARG B 424 -17.78 4.41 45.89
C ARG B 424 -17.24 5.08 47.14
N PRO B 425 -17.13 4.33 48.24
CA PRO B 425 -16.57 4.92 49.46
C PRO B 425 -15.05 4.88 49.47
N THR B 426 -14.47 5.78 50.26
CA THR B 426 -13.02 5.84 50.41
C THR B 426 -12.56 4.71 51.31
N VAL B 427 -12.04 3.65 50.70
CA VAL B 427 -11.60 2.45 51.42
C VAL B 427 -10.08 2.49 51.51
N PRO B 428 -9.49 2.75 52.68
CA PRO B 428 -8.03 2.75 52.80
C PRO B 428 -7.49 1.32 52.76
N GLN B 429 -6.68 1.03 51.75
CA GLN B 429 -6.09 -0.28 51.56
C GLN B 429 -4.59 -0.13 51.39
N CYS B 430 -3.92 -1.27 51.16
CA CYS B 430 -2.47 -1.30 50.98
C CYS B 430 -2.14 -1.84 49.60
N CYS B 431 -1.33 -1.11 48.86
CA CYS B 431 -0.92 -1.49 47.51
C CYS B 431 0.53 -1.97 47.52
N TYR B 432 0.81 -2.96 46.68
CA TYR B 432 2.16 -3.52 46.57
C TYR B 432 2.26 -4.25 45.24
N GLY B 433 3.43 -4.16 44.61
CA GLY B 433 3.65 -4.82 43.34
C GLY B 433 4.87 -4.28 42.64
N PHE B 434 4.89 -4.43 41.31
CA PHE B 434 6.02 -3.97 40.52
C PHE B 434 6.06 -2.46 40.45
N CYS B 435 4.93 -1.83 40.11
CA CYS B 435 4.88 -0.37 40.03
C CYS B 435 5.09 0.27 41.39
N VAL B 436 4.70 -0.41 42.46
CA VAL B 436 4.91 0.13 43.80
C VAL B 436 6.39 0.10 44.15
N ASP B 437 7.08 -1.01 43.86
CA ASP B 437 8.52 -1.09 44.11
C ASP B 437 9.27 -0.10 43.22
N LEU B 438 8.80 0.12 41.99
CA LEU B 438 9.42 1.13 41.14
C LEU B 438 9.19 2.53 41.71
N LEU B 439 8.03 2.77 42.30
CA LEU B 439 7.76 4.05 42.95
C LEU B 439 8.63 4.24 44.19
N ILE B 440 8.96 3.15 44.89
CA ILE B 440 9.85 3.25 46.04
C ILE B 440 11.28 3.50 45.59
N LYS B 441 11.70 2.86 44.49
CA LYS B 441 13.04 3.07 43.97
C LYS B 441 13.21 4.51 43.49
N LEU B 442 12.27 5.00 42.68
CA LEU B 442 12.31 6.39 42.24
C LEU B 442 12.10 7.35 43.41
N ALA B 443 11.46 6.89 44.49
CA ALA B 443 11.25 7.76 45.65
C ALA B 443 12.50 7.85 46.52
N ARG B 444 13.36 6.83 46.50
CA ARG B 444 14.60 6.87 47.26
C ARG B 444 15.78 7.39 46.44
N GLU B 445 15.69 7.34 45.11
CA GLU B 445 16.74 7.90 44.26
C GLU B 445 16.57 9.40 44.04
N MET B 446 15.43 9.97 44.42
CA MET B 446 15.18 11.40 44.28
C MET B 446 14.52 11.92 45.55
N ASP B 447 14.98 13.07 46.02
CA ASP B 447 14.50 13.66 47.26
C ASP B 447 13.18 14.37 47.00
N PHE B 448 12.07 13.66 47.23
CA PHE B 448 10.74 14.23 47.10
C PHE B 448 9.77 13.37 47.87
N THR B 449 8.52 13.82 47.92
CA THR B 449 7.44 13.10 48.59
C THR B 449 6.41 12.65 47.57
N TYR B 450 5.87 11.44 47.77
CA TYR B 450 4.91 10.85 46.85
C TYR B 450 3.63 10.50 47.59
N GLU B 451 2.57 10.26 46.81
CA GLU B 451 1.28 9.87 47.36
C GLU B 451 0.52 9.13 46.26
N VAL B 452 0.48 7.80 46.37
CA VAL B 452 -0.19 6.97 45.37
C VAL B 452 -1.69 7.01 45.59
N HIS B 453 -2.44 7.20 44.51
CA HIS B 453 -3.90 7.23 44.55
C HIS B 453 -4.47 6.31 43.50
N LEU B 454 -5.58 5.65 43.81
CA LEU B 454 -6.21 4.72 42.91
C LEU B 454 -7.30 5.40 42.10
N VAL B 455 -7.31 5.16 40.79
CA VAL B 455 -8.29 5.72 39.88
C VAL B 455 -9.35 4.68 39.61
N ALA B 456 -10.62 5.10 39.62
CA ALA B 456 -11.73 4.18 39.40
C ALA B 456 -12.23 3.58 38.09
N ASP B 457 -12.62 4.43 37.14
CA ASP B 457 -13.14 4.00 35.86
C ASP B 457 -12.86 5.24 35.00
N GLY B 458 -13.33 5.21 33.76
CA GLY B 458 -13.11 6.31 32.85
C GLY B 458 -11.73 6.35 32.27
N LYS B 459 -11.33 5.27 31.58
CA LYS B 459 -10.00 5.14 30.98
C LYS B 459 -10.16 4.81 29.50
N PHE B 460 -10.68 5.77 28.73
CA PHE B 460 -10.86 5.55 27.30
C PHE B 460 -10.75 6.83 26.48
N GLY B 461 -10.23 7.93 27.03
CA GLY B 461 -10.05 9.15 26.27
C GLY B 461 -11.30 9.99 26.09
N THR B 462 -12.46 9.52 26.54
CA THR B 462 -13.72 10.22 26.41
C THR B 462 -14.02 10.55 24.95
N GLN B 463 -14.59 9.60 24.22
CA GLN B 463 -14.94 9.78 22.81
C GLN B 463 -16.37 10.32 22.74
N GLU B 464 -16.49 11.65 22.70
CA GLU B 464 -17.79 12.31 22.66
C GLU B 464 -18.40 12.11 21.27
N ARG B 465 -19.06 10.96 21.10
CA ARG B 465 -19.71 10.62 19.84
C ARG B 465 -21.22 10.55 19.93
N VAL B 466 -21.78 10.33 21.12
CA VAL B 466 -23.22 10.28 21.28
C VAL B 466 -23.78 11.69 21.31
N ASN B 467 -24.87 11.90 20.59
CA ASN B 467 -25.52 13.22 20.52
C ASN B 467 -26.12 13.54 21.88
N ASN B 468 -25.42 14.35 22.66
CA ASN B 468 -25.89 14.74 23.99
C ASN B 468 -27.01 15.77 23.96
N SER B 469 -26.66 17.02 23.65
CA SER B 469 -27.65 18.10 23.59
C SER B 469 -27.25 19.12 22.54
N ASN B 470 -26.46 18.69 21.55
CA ASN B 470 -26.01 19.56 20.47
C ASN B 470 -25.26 20.78 21.01
N ALA B 471 -24.30 20.52 21.89
CA ALA B 471 -23.50 21.58 22.49
C ALA B 471 -22.03 21.44 22.10
N ALA B 472 -21.15 22.09 22.86
CA ALA B 472 -19.72 22.05 22.61
C ALA B 472 -19.03 21.27 23.71
N ALA B 473 -18.18 20.32 23.32
CA ALA B 473 -17.45 19.48 24.25
C ALA B 473 -16.04 20.04 24.45
N TRP B 474 -15.27 19.37 25.32
CA TRP B 474 -13.92 19.78 25.61
C TRP B 474 -13.12 18.56 26.06
N ASN B 475 -11.82 18.59 25.80
CA ASN B 475 -10.94 17.48 26.14
C ASN B 475 -10.83 17.36 27.66
N GLY B 476 -11.31 16.25 28.21
CA GLY B 476 -11.27 16.02 29.63
C GLY B 476 -10.49 14.77 30.02
N MET B 477 -9.98 14.05 29.02
CA MET B 477 -9.22 12.83 29.27
C MET B 477 -8.07 12.70 28.29
N MET B 478 -8.18 11.76 27.35
CA MET B 478 -7.16 11.49 26.35
C MET B 478 -5.92 11.32 27.23
N GLY B 479 -4.95 12.23 27.08
CA GLY B 479 -3.75 12.15 27.90
C GLY B 479 -3.87 11.80 29.37
N GLU B 480 -4.93 12.29 30.03
CA GLU B 480 -5.19 12.03 31.44
C GLU B 480 -4.00 12.45 32.31
N LEU B 481 -3.92 13.74 32.62
CA LEU B 481 -2.82 14.25 33.44
C LEU B 481 -3.20 15.54 34.14
N LEU B 482 -4.02 16.36 33.49
CA LEU B 482 -4.43 17.63 34.06
C LEU B 482 -5.71 18.00 34.81
N SER B 483 -6.45 16.99 35.26
CA SER B 483 -7.68 17.18 36.02
C SER B 483 -7.52 18.14 37.19
N GLY B 484 -6.65 17.77 38.14
CA GLY B 484 -6.41 18.60 39.30
C GLY B 484 -5.76 17.84 40.44
N GLN B 485 -5.65 16.52 40.30
CA GLN B 485 -5.05 15.70 41.33
C GLN B 485 -4.05 14.68 40.78
N ALA B 486 -3.66 14.82 39.52
CA ALA B 486 -2.70 13.91 38.88
C ALA B 486 -1.48 14.70 38.43
N ASP B 487 -0.30 14.11 38.65
CA ASP B 487 0.95 14.76 38.27
C ASP B 487 1.81 13.82 37.43
N MET B 488 1.84 12.54 37.78
CA MET B 488 2.63 11.57 37.04
C MET B 488 2.00 10.20 37.22
N ILE B 489 1.94 9.44 36.12
CA ILE B 489 1.33 8.11 36.11
C ILE B 489 2.44 7.07 36.08
N VAL B 490 2.35 6.08 36.97
CA VAL B 490 3.30 4.99 37.02
C VAL B 490 2.76 3.72 36.35
N ALA B 491 1.58 3.82 35.71
CA ALA B 491 0.98 2.67 35.05
C ALA B 491 1.55 2.50 33.63
N PRO B 492 1.81 1.27 33.22
CA PRO B 492 2.35 1.05 31.86
C PRO B 492 1.30 1.30 30.78
N LEU B 493 1.12 2.57 30.41
CA LEU B 493 0.16 2.94 29.40
C LEU B 493 0.82 2.98 28.02
N THR B 494 -0.01 2.85 26.99
CA THR B 494 0.48 2.86 25.63
C THR B 494 0.85 4.28 25.21
N ILE B 495 1.66 4.38 24.15
CA ILE B 495 2.12 5.66 23.62
C ILE B 495 1.64 5.77 22.18
N ASN B 496 0.78 6.75 21.91
CA ASN B 496 0.25 6.98 20.58
C ASN B 496 0.30 8.48 20.27
N ASN B 497 0.09 8.80 18.99
CA ASN B 497 0.15 10.21 18.58
C ASN B 497 -1.03 11.00 19.13
N GLU B 498 -2.19 10.37 19.28
CA GLU B 498 -3.36 11.08 19.81
C GLU B 498 -3.17 11.43 21.28
N ARG B 499 -2.44 10.61 22.03
CA ARG B 499 -2.18 10.89 23.44
C ARG B 499 -0.95 11.79 23.63
N ALA B 500 0.08 11.59 22.82
CA ALA B 500 1.32 12.35 22.95
C ALA B 500 1.30 13.66 22.17
N GLN B 501 0.21 13.96 21.46
CA GLN B 501 0.13 15.21 20.71
C GLN B 501 -0.12 16.42 21.60
N TYR B 502 -0.62 16.21 22.81
CA TYR B 502 -0.93 17.30 23.73
C TYR B 502 -0.13 17.22 25.03
N ILE B 503 0.80 16.27 25.15
CA ILE B 503 1.58 16.09 26.36
C ILE B 503 2.93 15.48 25.98
N GLU B 504 3.92 15.71 26.84
CA GLU B 504 5.27 15.19 26.62
C GLU B 504 5.43 13.85 27.31
N PHE B 505 6.09 12.92 26.63
CA PHE B 505 6.32 11.57 27.13
C PHE B 505 7.80 11.25 27.09
N SER B 506 8.17 10.21 27.84
CA SER B 506 9.54 9.73 27.92
C SER B 506 9.67 8.41 27.18
N LYS B 507 10.90 7.90 27.14
CA LYS B 507 11.15 6.64 26.45
C LYS B 507 10.59 5.47 27.25
N PRO B 508 10.02 4.47 26.60
CA PRO B 508 9.51 3.30 27.33
C PRO B 508 10.63 2.48 27.94
N PHE B 509 10.26 1.72 28.98
CA PHE B 509 11.21 0.85 29.67
C PHE B 509 11.06 -0.62 29.29
N LYS B 510 9.99 -0.98 28.59
CA LYS B 510 9.79 -2.37 28.18
C LYS B 510 8.89 -2.38 26.95
N TYR B 511 9.39 -2.95 25.85
CA TYR B 511 8.65 -3.02 24.60
C TYR B 511 8.05 -4.42 24.46
N GLN B 512 6.72 -4.50 24.53
CA GLN B 512 6.01 -5.76 24.42
C GLN B 512 4.86 -5.61 23.43
N GLY B 513 4.52 -6.70 22.76
CA GLY B 513 3.46 -6.72 21.77
C GLY B 513 2.21 -7.40 22.28
N LEU B 514 1.24 -7.52 21.38
CA LEU B 514 -0.05 -8.14 21.68
C LEU B 514 -0.08 -9.56 21.14
N THR B 515 -0.77 -10.44 21.87
CA THR B 515 -0.90 -11.84 21.50
C THR B 515 -2.38 -12.22 21.46
N ILE B 516 -2.65 -13.34 20.81
CA ILE B 516 -4.01 -13.85 20.67
C ILE B 516 -4.16 -15.27 21.18
N LEU B 517 -3.09 -15.87 21.71
CA LEU B 517 -3.17 -17.24 22.21
C LEU B 517 -3.87 -17.27 23.56
N VAL B 518 -4.80 -18.21 23.71
CA VAL B 518 -5.57 -18.34 24.95
C VAL B 518 -4.96 -19.46 25.80
N LYS B 519 -5.24 -20.70 25.43
CA LYS B 519 -4.73 -21.85 26.16
C LYS B 519 -4.69 -23.05 25.23
N LYS B 520 -4.06 -24.12 25.69
CA LYS B 520 -3.92 -25.35 24.93
C LYS B 520 -4.41 -26.53 25.76
N GLU B 521 -5.01 -27.50 25.08
CA GLU B 521 -5.52 -28.71 25.71
C GLU B 521 -4.88 -29.92 25.05
N ILE B 522 -4.32 -30.80 25.86
CA ILE B 522 -3.66 -32.02 25.39
C ILE B 522 -4.60 -33.20 25.63
N PRO B 523 -5.07 -33.88 24.58
CA PRO B 523 -5.95 -35.04 24.78
C PRO B 523 -5.16 -36.26 25.21
N ARG B 524 -5.56 -36.87 26.31
CA ARG B 524 -4.90 -38.05 26.82
C ARG B 524 -5.87 -38.80 27.74
N SER B 525 -5.51 -40.03 28.07
CA SER B 525 -6.32 -40.89 28.92
C SER B 525 -5.57 -41.17 30.23
N THR B 526 -6.28 -41.07 31.34
CA THR B 526 -5.68 -41.31 32.66
C THR B 526 -5.68 -42.78 33.03
N LEU B 527 -6.80 -43.48 32.81
CA LEU B 527 -6.87 -44.90 33.15
C LEU B 527 -6.05 -45.72 32.17
N ASP B 528 -6.34 -45.60 30.88
CA ASP B 528 -5.63 -46.30 29.81
C ASP B 528 -5.67 -47.82 30.01
N SER B 529 -6.74 -48.45 29.54
CA SER B 529 -6.80 -49.90 29.52
C SER B 529 -6.61 -50.42 28.08
N PHE B 530 -5.95 -49.63 27.25
CA PHE B 530 -5.72 -49.99 25.85
C PHE B 530 -7.01 -50.51 25.21
N MET B 531 -6.88 -51.44 24.26
CA MET B 531 -8.03 -51.99 23.55
C MET B 531 -8.94 -50.86 23.08
N GLN B 532 -8.33 -49.71 22.81
CA GLN B 532 -9.05 -48.50 22.43
C GLN B 532 -9.03 -48.28 20.91
N PRO B 533 -7.88 -48.30 20.23
CA PRO B 533 -7.89 -48.06 18.79
C PRO B 533 -8.48 -49.22 17.99
N PHE B 534 -8.51 -50.43 18.55
CA PHE B 534 -9.02 -51.60 17.86
C PHE B 534 -10.17 -52.20 18.66
N GLN B 535 -11.13 -52.78 17.94
CA GLN B 535 -12.29 -53.39 18.56
C GLN B 535 -11.91 -54.73 19.19
N SER B 536 -12.81 -55.26 20.03
CA SER B 536 -12.57 -56.53 20.69
C SER B 536 -12.54 -57.70 19.71
N THR B 537 -13.07 -57.53 18.49
CA THR B 537 -13.04 -58.59 17.50
C THR B 537 -11.63 -58.93 17.05
N LEU B 538 -10.68 -57.99 17.20
CA LEU B 538 -9.30 -58.29 16.86
C LEU B 538 -8.69 -59.29 17.84
N TRP B 539 -8.81 -59.02 19.14
CA TRP B 539 -8.35 -59.97 20.14
C TRP B 539 -9.15 -61.26 20.09
N LEU B 540 -10.44 -61.18 19.73
CA LEU B 540 -11.22 -62.38 19.53
C LEU B 540 -10.69 -63.22 18.37
N LEU B 541 -10.18 -62.56 17.33
CA LEU B 541 -9.54 -63.28 16.24
C LEU B 541 -8.19 -63.86 16.66
N VAL B 542 -7.45 -63.13 17.51
CA VAL B 542 -6.18 -63.64 18.02
C VAL B 542 -6.41 -64.92 18.82
N GLY B 543 -7.40 -64.89 19.72
CA GLY B 543 -7.74 -66.10 20.45
C GLY B 543 -8.30 -67.19 19.56
N LEU B 544 -9.04 -66.81 18.52
CA LEU B 544 -9.53 -67.79 17.56
C LEU B 544 -8.38 -68.52 16.88
N SER B 545 -7.30 -67.80 16.57
CA SER B 545 -6.12 -68.45 16.03
C SER B 545 -5.49 -69.39 17.05
N VAL B 546 -5.56 -69.03 18.33
CA VAL B 546 -5.06 -69.91 19.39
C VAL B 546 -5.88 -71.19 19.43
N HIS B 547 -7.19 -71.09 19.18
CA HIS B 547 -8.02 -72.28 19.13
C HIS B 547 -7.73 -73.12 17.90
N VAL B 548 -7.46 -72.46 16.76
CA VAL B 548 -7.17 -73.18 15.53
C VAL B 548 -5.85 -73.94 15.64
N VAL B 549 -4.83 -73.29 16.19
CA VAL B 549 -3.55 -73.98 16.39
C VAL B 549 -3.66 -75.04 17.47
N ALA B 550 -4.47 -74.77 18.50
CA ALA B 550 -4.64 -75.73 19.58
C ALA B 550 -5.29 -77.02 19.09
N VAL B 551 -6.36 -76.89 18.30
CA VAL B 551 -6.99 -78.08 17.73
C VAL B 551 -6.15 -78.68 16.61
N MET B 552 -5.29 -77.87 15.98
CA MET B 552 -4.44 -78.38 14.92
C MET B 552 -3.34 -79.27 15.47
N LEU B 553 -2.79 -78.92 16.64
CA LEU B 553 -1.78 -79.76 17.27
C LEU B 553 -2.36 -81.12 17.65
N TYR B 554 -3.65 -81.17 17.96
CA TYR B 554 -4.29 -82.44 18.24
C TYR B 554 -4.70 -83.17 16.97
N LEU B 555 -4.96 -82.43 15.89
CA LEU B 555 -5.35 -83.07 14.64
C LEU B 555 -4.15 -83.74 13.95
N LEU B 556 -2.94 -83.24 14.19
CA LEU B 556 -1.74 -83.80 13.59
C LEU B 556 -1.36 -85.21 14.04
N ASP B 557 -1.01 -85.35 15.32
CA ASP B 557 -0.61 -86.65 15.85
C ASP B 557 -1.89 -87.39 16.22
N ARG B 558 -1.80 -88.71 16.23
CA ARG B 558 -2.95 -89.56 16.54
C ARG B 558 -3.00 -89.80 18.04
N PHE B 559 -4.20 -89.70 18.62
CA PHE B 559 -4.40 -89.91 20.04
C PHE B 559 -5.83 -90.43 20.06
N SER B 560 -6.40 -90.55 21.27
CA SER B 560 -7.76 -91.03 21.44
C SER B 560 -8.86 -90.03 21.78
N PRO B 561 -10.11 -90.29 21.39
CA PRO B 561 -11.19 -89.36 21.72
C PRO B 561 -11.42 -89.30 23.22
N PHE B 562 -11.35 -88.08 23.77
CA PHE B 562 -11.54 -87.88 25.20
C PHE B 562 -13.03 -87.69 25.52
N GLY B 563 -13.34 -86.62 26.27
CA GLY B 563 -14.72 -86.36 26.63
C GLY B 563 -15.25 -87.20 27.77
N ARG B 564 -14.37 -87.81 28.56
CA ARG B 564 -14.78 -88.65 29.69
C ARG B 564 -14.44 -88.05 31.04
N PHE B 565 -13.24 -87.51 31.19
CA PHE B 565 -12.81 -86.90 32.45
C PHE B 565 -12.92 -85.37 32.34
N GLU B 566 -12.20 -84.65 33.21
CA GLU B 566 -12.22 -83.20 33.22
C GLU B 566 -10.96 -82.62 32.56
N ASP B 567 -9.78 -83.02 33.04
CA ASP B 567 -8.52 -82.53 32.50
C ASP B 567 -7.93 -83.56 31.55
N ALA B 568 -7.47 -83.08 30.39
CA ALA B 568 -6.88 -83.93 29.37
C ALA B 568 -5.35 -83.91 29.52
N LEU B 569 -4.64 -84.42 28.50
CA LEU B 569 -3.19 -84.44 28.54
C LEU B 569 -2.60 -83.73 27.33
N THR B 570 -2.90 -84.23 26.13
CA THR B 570 -2.37 -83.60 24.92
C THR B 570 -3.04 -82.26 24.65
N LEU B 571 -4.27 -82.06 25.12
CA LEU B 571 -4.94 -80.79 24.94
C LEU B 571 -4.34 -79.72 25.86
N SER B 572 -4.14 -80.06 27.13
CA SER B 572 -3.51 -79.11 28.05
C SER B 572 -2.06 -78.86 27.68
N SER B 573 -1.36 -79.89 27.22
CA SER B 573 0.03 -79.71 26.79
C SER B 573 0.11 -78.86 25.53
N ALA B 574 -0.81 -79.07 24.59
CA ALA B 574 -0.83 -78.24 23.38
C ALA B 574 -1.20 -76.79 23.71
N MET B 575 -2.08 -76.60 24.69
CA MET B 575 -2.41 -75.24 25.11
C MET B 575 -1.23 -74.58 25.80
N TRP B 576 -0.47 -75.35 26.58
CA TRP B 576 0.74 -74.82 27.19
C TRP B 576 1.80 -74.51 26.15
N PHE B 577 1.80 -75.24 25.02
CA PHE B 577 2.72 -74.91 23.94
C PHE B 577 2.29 -73.64 23.21
N SER B 578 0.98 -73.48 23.00
CA SER B 578 0.48 -72.28 22.35
C SER B 578 0.75 -71.04 23.19
N TRP B 579 0.47 -71.12 24.50
CA TRP B 579 0.78 -70.03 25.39
C TRP B 579 2.28 -69.90 25.65
N ARG B 580 3.05 -70.94 25.34
CA ARG B 580 4.49 -70.89 25.52
C ARG B 580 5.18 -70.17 24.37
N VAL B 581 4.70 -70.40 23.15
CA VAL B 581 5.29 -69.75 21.97
C VAL B 581 4.68 -68.37 21.74
N LEU B 582 3.38 -68.23 21.97
CA LEU B 582 2.71 -66.94 21.75
C LEU B 582 3.16 -65.92 22.79
N LEU B 583 2.88 -66.20 24.07
CA LEU B 583 3.21 -65.27 25.15
C LEU B 583 4.67 -65.32 25.54
N ASN B 584 5.48 -66.16 24.88
CA ASN B 584 6.91 -66.27 25.15
C ASN B 584 7.17 -66.62 26.61
N SER B 585 6.96 -67.89 26.93
CA SER B 585 7.25 -68.44 28.25
C SER B 585 8.05 -69.72 28.07
N GLY B 586 7.79 -70.72 28.91
CA GLY B 586 8.48 -72.00 28.78
C GLY B 586 8.53 -72.80 30.07
N LEU B 587 9.41 -73.80 30.09
CA LEU B 587 9.57 -74.66 31.25
C LEU B 587 10.86 -75.47 31.15
N GLY B 588 11.10 -76.03 29.97
CA GLY B 588 12.30 -76.81 29.72
C GLY B 588 12.12 -78.30 29.98
N GLU B 589 11.41 -78.98 29.08
CA GLU B 589 11.17 -80.42 29.24
C GLU B 589 11.18 -81.19 27.94
N GLY B 590 11.08 -80.53 26.78
CA GLY B 590 11.07 -81.25 25.52
C GLY B 590 11.02 -80.29 24.35
N ALA B 591 10.81 -80.85 23.16
CA ALA B 591 10.73 -80.07 21.94
C ALA B 591 9.93 -80.84 20.92
N PRO B 592 9.15 -80.17 20.07
CA PRO B 592 8.38 -80.88 19.04
C PRO B 592 9.30 -81.57 18.05
N ARG B 593 9.15 -82.89 17.94
CA ARG B 593 9.99 -83.66 17.03
C ARG B 593 9.46 -83.63 15.60
N SER B 594 8.15 -83.58 15.42
CA SER B 594 7.58 -83.56 14.08
C SER B 594 7.82 -82.21 13.40
N PHE B 595 7.99 -82.26 12.08
CA PHE B 595 8.23 -81.04 11.32
C PHE B 595 6.97 -80.20 11.17
N SER B 596 5.78 -80.80 11.30
CA SER B 596 4.56 -80.03 11.20
C SER B 596 4.44 -79.03 12.34
N ALA B 597 4.66 -79.49 13.58
CA ALA B 597 4.68 -78.58 14.71
C ALA B 597 5.89 -77.65 14.69
N ARG B 598 6.93 -78.02 13.94
CA ARG B 598 8.10 -77.14 13.81
C ARG B 598 7.78 -75.95 12.93
N ILE B 599 7.22 -76.20 11.74
CA ILE B 599 6.85 -75.10 10.85
C ILE B 599 5.69 -74.31 11.44
N LEU B 600 4.71 -75.00 12.04
CA LEU B 600 3.59 -74.31 12.67
C LEU B 600 4.07 -73.45 13.84
N GLY B 601 5.05 -73.95 14.61
CA GLY B 601 5.61 -73.14 15.68
C GLY B 601 6.46 -71.99 15.18
N MET B 602 7.09 -72.14 14.01
CA MET B 602 7.87 -71.06 13.44
C MET B 602 6.98 -69.94 12.95
N VAL B 603 5.94 -70.28 12.17
CA VAL B 603 5.02 -69.27 11.68
C VAL B 603 4.18 -68.69 12.82
N TRP B 604 3.96 -69.49 13.87
CA TRP B 604 3.22 -68.98 15.02
C TRP B 604 4.06 -67.99 15.83
N ALA B 605 5.35 -68.30 16.03
CA ALA B 605 6.24 -67.36 16.69
C ALA B 605 6.43 -66.11 15.84
N GLY B 606 6.46 -66.26 14.52
CA GLY B 606 6.53 -65.09 13.65
C GLY B 606 5.28 -64.24 13.75
N PHE B 607 4.11 -64.87 13.85
CA PHE B 607 2.88 -64.13 14.05
C PHE B 607 2.88 -63.41 15.40
N ALA B 608 3.45 -64.05 16.43
CA ALA B 608 3.57 -63.39 17.73
C ALA B 608 4.47 -62.17 17.65
N MET B 609 5.59 -62.29 16.93
CA MET B 609 6.46 -61.13 16.74
C MET B 609 5.78 -60.04 15.94
N ILE B 610 4.91 -60.43 14.99
CA ILE B 610 4.20 -59.45 14.19
C ILE B 610 3.17 -58.69 15.04
N ILE B 611 2.46 -59.40 15.91
CA ILE B 611 1.42 -58.73 16.70
C ILE B 611 2.05 -57.92 17.84
N VAL B 612 3.17 -58.38 18.41
CA VAL B 612 3.78 -57.59 19.47
C VAL B 612 4.54 -56.40 18.89
N ALA B 613 5.13 -56.55 17.69
CA ALA B 613 5.78 -55.42 17.05
C ALA B 613 4.78 -54.41 16.52
N SER B 614 3.61 -54.88 16.08
CA SER B 614 2.56 -53.97 15.67
C SER B 614 1.91 -53.28 16.87
N TYR B 615 1.79 -53.98 17.99
CA TYR B 615 1.27 -53.35 19.19
C TYR B 615 2.23 -52.31 19.73
N THR B 616 3.53 -52.61 19.74
CA THR B 616 4.53 -51.63 20.15
C THR B 616 4.57 -50.46 19.17
N ALA B 617 4.40 -50.73 17.88
CA ALA B 617 4.39 -49.66 16.89
C ALA B 617 3.17 -48.76 17.07
N ASN B 618 2.02 -49.34 17.41
CA ASN B 618 0.84 -48.52 17.69
C ASN B 618 0.98 -47.77 19.00
N LEU B 619 1.75 -48.32 19.95
CA LEU B 619 2.00 -47.59 21.20
C LEU B 619 2.89 -46.38 20.95
N ALA B 620 3.97 -46.56 20.19
CA ALA B 620 4.83 -45.44 19.84
C ALA B 620 4.10 -44.43 18.98
N ALA B 621 3.23 -44.90 18.08
CA ALA B 621 2.43 -43.98 17.28
C ALA B 621 1.40 -43.26 18.12
N PHE B 622 0.98 -43.87 19.24
CA PHE B 622 0.07 -43.18 20.16
C PHE B 622 0.79 -42.18 21.04
N LEU B 623 2.06 -42.42 21.36
CA LEU B 623 2.83 -41.48 22.16
C LEU B 623 3.48 -40.38 21.32
N VAL B 624 3.53 -40.58 20.01
CA VAL B 624 4.13 -39.60 19.12
C VAL B 624 3.07 -38.64 18.56
N LEU B 625 1.83 -38.82 19.02
CA LEU B 625 0.73 -37.98 18.58
C LEU B 625 0.79 -36.60 19.21
N ARG B 626 1.60 -35.72 18.61
CA ARG B 626 1.76 -34.36 19.11
C ARG B 626 0.49 -33.54 18.87
N ARG B 627 -0.49 -34.14 18.21
CA ARG B 627 -1.75 -33.46 17.92
C ARG B 627 -1.52 -32.22 17.07
N PRO B 628 -0.34 -32.14 16.45
CA PRO B 628 0.01 -30.98 15.61
C PRO B 628 -1.20 -30.34 14.94
N GLU B 629 -2.30 -30.20 15.68
CA GLU B 629 -3.48 -29.54 15.16
C GLU B 629 -3.95 -28.45 16.10
N GLU B 630 -5.12 -27.86 15.80
CA GLU B 630 -5.76 -26.77 16.55
C GLU B 630 -4.74 -25.78 17.11
N ARG B 631 -3.77 -25.39 16.31
CA ARG B 631 -2.74 -24.45 16.71
C ARG B 631 -3.09 -23.05 16.20
N ILE B 632 -2.14 -22.12 16.34
CA ILE B 632 -2.35 -20.75 15.88
C ILE B 632 -1.60 -20.55 14.57
N THR B 633 -1.50 -19.29 14.12
CA THR B 633 -0.82 -18.95 12.88
C THR B 633 0.51 -18.26 13.16
N GLY B 634 0.49 -17.03 13.66
CA GLY B 634 1.72 -16.31 13.95
C GLY B 634 1.50 -14.84 14.22
N ILE B 635 1.92 -14.00 13.27
CA ILE B 635 1.77 -12.55 13.45
C ILE B 635 0.35 -12.09 13.15
N ASN B 636 -0.43 -12.87 12.40
CA ASN B 636 -1.80 -12.50 12.07
C ASN B 636 -2.57 -13.76 11.74
N ASP B 637 -3.71 -13.97 12.42
CA ASP B 637 -4.51 -15.16 12.17
C ASP B 637 -5.60 -14.85 11.16
N PRO B 638 -5.83 -15.76 10.18
CA PRO B 638 -6.86 -15.50 9.18
C PRO B 638 -8.26 -15.41 9.74
N ARG B 639 -8.54 -16.07 10.87
CA ARG B 639 -9.87 -16.02 11.45
C ARG B 639 -10.18 -14.67 12.07
N LEU B 640 -9.17 -13.84 12.33
CA LEU B 640 -9.42 -12.52 12.91
C LEU B 640 -10.06 -11.58 11.88
N ARG B 641 -9.75 -11.75 10.60
CA ARG B 641 -10.33 -10.92 9.56
C ARG B 641 -11.66 -11.44 9.05
N ASN B 642 -12.00 -12.70 9.36
CA ASN B 642 -13.27 -13.28 8.93
C ASN B 642 -14.33 -13.04 9.98
N PRO B 643 -15.40 -12.30 9.69
CA PRO B 643 -16.44 -12.07 10.69
C PRO B 643 -17.25 -13.34 10.93
N SER B 644 -17.36 -13.73 12.20
CA SER B 644 -18.10 -14.91 12.59
C SER B 644 -19.02 -14.57 13.76
N ASP B 645 -20.15 -15.29 13.85
CA ASP B 645 -21.12 -15.07 14.90
C ASP B 645 -21.08 -16.13 15.99
N LYS B 646 -20.43 -17.26 15.74
CA LYS B 646 -20.34 -18.34 16.72
C LYS B 646 -19.03 -18.33 17.50
N PHE B 647 -18.02 -17.59 17.04
CA PHE B 647 -16.72 -17.50 17.71
C PHE B 647 -16.36 -16.01 17.81
N ILE B 648 -16.95 -15.33 18.79
CA ILE B 648 -16.75 -13.90 18.95
C ILE B 648 -15.39 -13.65 19.61
N TYR B 649 -14.61 -12.74 19.02
CA TYR B 649 -13.31 -12.36 19.57
C TYR B 649 -13.50 -11.10 20.41
N ALA B 650 -13.93 -11.31 21.64
CA ALA B 650 -14.16 -10.20 22.56
C ALA B 650 -12.83 -9.63 23.05
N THR B 651 -12.89 -8.43 23.62
CA THR B 651 -11.72 -7.76 24.15
C THR B 651 -12.17 -6.83 25.29
N VAL B 652 -11.20 -6.11 25.84
CA VAL B 652 -11.47 -5.19 26.94
C VAL B 652 -12.12 -3.93 26.37
N LYS B 653 -13.34 -3.65 26.80
CA LYS B 653 -14.06 -2.48 26.33
C LYS B 653 -13.53 -1.22 27.02
N GLN B 654 -13.43 -0.13 26.25
CA GLN B 654 -12.95 1.15 26.75
C GLN B 654 -11.56 1.03 27.35
N SER B 655 -10.55 0.87 26.50
CA SER B 655 -9.16 0.75 26.97
C SER B 655 -8.25 1.19 25.83
N SER B 656 -6.98 0.79 25.90
CA SER B 656 -6.01 1.15 24.87
C SER B 656 -6.21 0.37 23.58
N VAL B 657 -6.86 -0.80 23.65
CA VAL B 657 -7.10 -1.58 22.43
C VAL B 657 -8.09 -0.87 21.53
N ASP B 658 -9.03 -0.11 22.10
CA ASP B 658 -9.94 0.68 21.28
C ASP B 658 -9.22 1.83 20.58
N ILE B 659 -8.25 2.43 21.25
CA ILE B 659 -7.47 3.50 20.62
C ILE B 659 -6.58 2.93 19.52
N TYR B 660 -6.00 1.75 19.76
CA TYR B 660 -5.19 1.10 18.74
C TYR B 660 -6.04 0.71 17.53
N PHE B 661 -7.25 0.21 17.77
CA PHE B 661 -8.17 -0.09 16.68
C PHE B 661 -8.79 1.16 16.07
N ARG B 662 -8.62 2.32 16.69
CA ARG B 662 -9.14 3.57 16.17
C ARG B 662 -8.12 4.29 15.29
N ARG B 663 -6.86 4.30 15.69
CA ARG B 663 -5.82 4.99 14.93
C ARG B 663 -5.35 4.21 13.71
N GLN B 664 -5.75 2.96 13.57
CA GLN B 664 -5.35 2.15 12.43
C GLN B 664 -6.25 2.44 11.23
N VAL B 665 -5.95 1.79 10.10
CA VAL B 665 -6.71 1.98 8.87
C VAL B 665 -6.73 0.66 8.10
N GLU B 666 -5.83 -0.25 8.46
CA GLU B 666 -5.74 -1.54 7.79
C GLU B 666 -6.94 -2.41 8.13
N LEU B 667 -7.03 -2.85 9.38
CA LEU B 667 -8.14 -3.69 9.82
C LEU B 667 -9.29 -2.81 10.33
N SER B 668 -9.94 -2.16 9.37
CA SER B 668 -11.05 -1.26 9.68
C SER B 668 -12.41 -1.92 9.53
N THR B 669 -12.51 -3.00 8.75
CA THR B 669 -13.77 -3.69 8.56
C THR B 669 -14.16 -4.57 9.74
N MET B 670 -13.24 -4.82 10.67
CA MET B 670 -13.51 -5.65 11.83
C MET B 670 -13.80 -4.85 13.09
N TYR B 671 -13.54 -3.54 13.10
CA TYR B 671 -13.82 -2.73 14.27
C TYR B 671 -15.31 -2.64 14.55
N ARG B 672 -16.14 -2.70 13.52
CA ARG B 672 -17.58 -2.65 13.72
C ARG B 672 -18.11 -3.94 14.33
N HIS B 673 -17.52 -5.08 13.94
CA HIS B 673 -17.94 -6.36 14.48
C HIS B 673 -17.42 -6.57 15.90
N MET B 674 -16.15 -6.28 16.13
CA MET B 674 -15.55 -6.43 17.45
C MET B 674 -15.87 -5.27 18.39
N GLU B 675 -16.54 -4.22 17.89
CA GLU B 675 -16.87 -3.09 18.74
C GLU B 675 -17.99 -3.43 19.72
N LYS B 676 -18.95 -4.25 19.30
CA LYS B 676 -20.07 -4.62 20.15
C LYS B 676 -19.78 -5.91 20.90
N HIS B 677 -20.50 -6.10 22.00
CA HIS B 677 -20.39 -7.28 22.86
C HIS B 677 -18.95 -7.45 23.37
N ASN B 678 -18.59 -6.59 24.32
CA ASN B 678 -17.28 -6.61 24.95
C ASN B 678 -17.43 -6.25 26.41
N TYR B 679 -16.47 -6.71 27.22
CA TYR B 679 -16.47 -6.45 28.66
C TYR B 679 -15.54 -5.30 28.99
N GLU B 680 -15.98 -4.44 29.91
CA GLU B 680 -15.21 -3.27 30.32
C GLU B 680 -14.32 -3.55 31.52
N SER B 681 -14.21 -4.80 31.95
CA SER B 681 -13.39 -5.18 33.09
C SER B 681 -12.36 -6.20 32.68
N ALA B 682 -11.20 -6.15 33.34
CA ALA B 682 -10.12 -7.09 33.04
C ALA B 682 -10.33 -8.42 33.75
N ALA B 683 -10.73 -8.38 35.02
CA ALA B 683 -10.96 -9.62 35.76
C ALA B 683 -12.14 -10.41 35.19
N GLU B 684 -13.12 -9.71 34.63
CA GLU B 684 -14.25 -10.40 34.01
C GLU B 684 -13.83 -11.11 32.73
N ALA B 685 -12.90 -10.54 31.98
CA ALA B 685 -12.42 -11.17 30.75
C ALA B 685 -11.47 -12.32 31.05
N ILE B 686 -10.51 -12.10 31.95
CA ILE B 686 -9.57 -13.16 32.31
C ILE B 686 -10.30 -14.32 32.97
N GLN B 687 -11.30 -14.01 33.82
CA GLN B 687 -12.09 -15.06 34.43
C GLN B 687 -13.04 -15.70 33.45
N ALA B 688 -13.48 -14.95 32.43
CA ALA B 688 -14.43 -15.48 31.47
C ALA B 688 -13.76 -16.43 30.47
N VAL B 689 -12.52 -16.14 30.07
CA VAL B 689 -11.83 -17.00 29.12
C VAL B 689 -11.39 -18.30 29.75
N ARG B 690 -11.33 -18.38 31.08
CA ARG B 690 -10.96 -19.61 31.77
C ARG B 690 -12.12 -20.30 32.45
N ASP B 691 -13.25 -19.62 32.64
CA ASP B 691 -14.42 -20.21 33.27
C ASP B 691 -15.48 -20.63 32.24
N ASN B 692 -15.06 -20.91 31.00
CA ASN B 692 -15.95 -21.32 29.94
C ASN B 692 -17.06 -20.30 29.71
N LYS B 693 -16.73 -19.21 29.02
CA LYS B 693 -17.70 -18.16 28.74
C LYS B 693 -17.38 -17.63 27.36
N LEU B 694 -16.24 -16.94 27.23
CA LEU B 694 -15.80 -16.38 25.96
C LEU B 694 -14.96 -17.34 25.12
N HIS B 695 -14.91 -17.06 23.82
CA HIS B 695 -14.15 -17.89 22.90
C HIS B 695 -12.67 -17.54 22.90
N ALA B 696 -12.37 -16.25 22.77
CA ALA B 696 -10.98 -15.78 22.76
C ALA B 696 -10.95 -14.35 23.30
N PHE B 697 -9.74 -13.81 23.44
CA PHE B 697 -9.54 -12.46 23.95
C PHE B 697 -8.40 -11.80 23.19
N ILE B 698 -8.50 -10.49 23.02
CA ILE B 698 -7.49 -9.69 22.33
C ILE B 698 -6.87 -8.77 23.39
N TRP B 699 -5.68 -9.13 23.86
CA TRP B 699 -5.01 -8.36 24.89
C TRP B 699 -3.52 -8.65 24.81
N ASP B 700 -2.72 -7.69 25.27
CA ASP B 700 -1.27 -7.83 25.21
C ASP B 700 -0.79 -8.93 26.15
N SER B 701 0.45 -9.38 25.92
CA SER B 701 1.03 -10.47 26.70
C SER B 701 1.57 -10.01 28.05
N ALA B 702 1.45 -8.72 28.38
CA ALA B 702 1.96 -8.24 29.66
C ALA B 702 1.25 -8.90 30.82
N VAL B 703 -0.08 -8.81 30.86
CA VAL B 703 -0.86 -9.49 31.90
C VAL B 703 -0.98 -10.98 31.61
N LEU B 704 -0.86 -11.38 30.33
CA LEU B 704 -1.00 -12.79 29.99
C LEU B 704 0.15 -13.62 30.53
N GLU B 705 1.37 -13.07 30.51
CA GLU B 705 2.51 -13.82 31.03
C GLU B 705 2.49 -13.88 32.55
N PHE B 706 1.91 -12.87 33.21
CA PHE B 706 1.84 -12.87 34.67
C PHE B 706 0.74 -13.79 35.17
N GLU B 707 -0.44 -13.72 34.57
CA GLU B 707 -1.53 -14.62 34.95
C GLU B 707 -1.23 -16.05 34.53
N ALA B 708 -0.51 -16.24 33.43
CA ALA B 708 -0.14 -17.59 33.01
C ALA B 708 0.99 -18.15 33.88
N SER B 709 1.92 -17.28 34.28
CA SER B 709 3.02 -17.68 35.16
C SER B 709 2.64 -17.64 36.63
N GLN B 710 1.40 -17.32 36.96
CA GLN B 710 0.92 -17.26 38.34
C GLN B 710 -0.17 -18.27 38.61
N LYS B 711 -1.18 -18.36 37.73
CA LYS B 711 -2.27 -19.30 37.92
C LYS B 711 -1.98 -20.68 37.34
N CYS B 712 -0.95 -20.81 36.50
CA CYS B 712 -0.58 -22.08 35.89
C CYS B 712 -1.74 -22.68 35.09
N ASP B 713 -2.48 -21.82 34.39
CA ASP B 713 -3.61 -22.26 33.59
C ASP B 713 -3.55 -21.82 32.13
N LEU B 714 -2.73 -20.83 31.79
CA LEU B 714 -2.60 -20.35 30.42
C LEU B 714 -1.17 -20.50 29.94
N VAL B 715 -0.95 -20.21 28.67
CA VAL B 715 0.37 -20.33 28.05
C VAL B 715 0.48 -19.27 26.97
N THR B 716 1.66 -18.66 26.87
CA THR B 716 1.93 -17.63 25.87
C THR B 716 2.59 -18.24 24.64
N THR B 717 2.58 -17.48 23.56
CA THR B 717 3.16 -17.92 22.30
C THR B 717 4.61 -17.44 22.20
N GLY B 718 5.22 -17.59 21.02
CA GLY B 718 6.60 -17.19 20.83
C GLY B 718 6.73 -15.83 20.19
N GLU B 719 6.04 -15.62 19.06
CA GLU B 719 6.11 -14.34 18.37
C GLU B 719 5.32 -13.28 19.11
N LEU B 720 5.72 -12.02 18.92
CA LEU B 720 5.09 -10.86 19.55
C LEU B 720 4.78 -9.85 18.46
N PHE B 721 3.63 -9.99 17.82
CA PHE B 721 3.23 -9.07 16.77
C PHE B 721 2.65 -7.80 17.37
N PHE B 722 2.72 -6.71 16.59
CA PHE B 722 2.23 -5.39 17.00
C PHE B 722 2.89 -4.94 18.30
N ARG B 723 4.19 -4.71 18.21
CA ARG B 723 4.97 -4.30 19.37
C ARG B 723 4.63 -2.88 19.79
N SER B 724 4.60 -2.65 21.10
CA SER B 724 4.29 -1.34 21.65
C SER B 724 5.20 -1.08 22.84
N GLY B 725 5.30 0.20 23.20
CA GLY B 725 6.14 0.62 24.32
C GLY B 725 5.31 1.29 25.40
N PHE B 726 5.69 1.04 26.66
CA PHE B 726 5.02 1.61 27.82
C PHE B 726 5.97 2.59 28.49
N GLY B 727 5.67 3.89 28.34
CA GLY B 727 6.49 4.94 28.91
C GLY B 727 5.75 5.75 29.95
N ILE B 728 6.43 6.76 30.46
CA ILE B 728 5.90 7.65 31.48
C ILE B 728 5.85 9.06 30.89
N GLY B 729 4.68 9.69 30.98
CA GLY B 729 4.46 11.03 30.46
C GLY B 729 4.24 12.02 31.58
N MET B 730 4.88 13.18 31.46
CA MET B 730 4.78 14.26 32.43
C MET B 730 4.36 15.53 31.72
N ARG B 731 4.18 16.60 32.49
CA ARG B 731 3.79 17.87 31.92
C ARG B 731 4.95 18.52 31.16
N LYS B 732 4.61 19.43 30.25
CA LYS B 732 5.64 20.11 29.48
C LYS B 732 6.39 21.13 30.32
N ASP B 733 5.75 21.67 31.35
CA ASP B 733 6.37 22.65 32.24
C ASP B 733 7.01 22.00 33.46
N SER B 734 7.26 20.70 33.42
CA SER B 734 7.88 20.00 34.54
C SER B 734 9.35 19.73 34.22
N PRO B 735 10.28 20.46 34.83
CA PRO B 735 11.71 20.23 34.55
C PRO B 735 12.27 18.96 35.18
N TRP B 736 11.49 18.25 35.98
CA TRP B 736 11.96 17.03 36.63
C TRP B 736 11.94 15.82 35.71
N LYS B 737 11.39 15.94 34.51
CA LYS B 737 11.34 14.80 33.60
C LYS B 737 12.73 14.36 33.16
N GLN B 738 13.68 15.31 33.07
CA GLN B 738 15.04 14.94 32.72
C GLN B 738 15.73 14.20 33.86
N GLU B 739 15.51 14.64 35.10
CA GLU B 739 16.12 13.97 36.24
C GLU B 739 15.53 12.58 36.43
N VAL B 740 14.20 12.45 36.32
CA VAL B 740 13.58 11.13 36.43
C VAL B 740 14.02 10.24 35.27
N SER B 741 14.20 10.83 34.09
CA SER B 741 14.71 10.06 32.96
C SER B 741 16.12 9.54 33.23
N LEU B 742 16.95 10.38 33.85
CA LEU B 742 18.29 9.92 34.23
C LEU B 742 18.23 8.85 35.30
N ASN B 743 17.25 8.93 36.21
CA ASN B 743 17.08 7.87 37.20
C ASN B 743 16.64 6.57 36.56
N ILE B 744 15.87 6.64 35.47
CA ILE B 744 15.47 5.43 34.75
C ILE B 744 16.65 4.85 33.99
N LEU B 745 17.44 5.71 33.33
CA LEU B 745 18.61 5.22 32.61
C LEU B 745 19.61 4.57 33.56
N LYS B 746 19.94 5.26 34.66
CA LYS B 746 20.83 4.67 35.65
C LYS B 746 20.21 3.45 36.32
N SER B 747 18.87 3.39 36.37
CA SER B 747 18.22 2.22 36.92
C SER B 747 18.31 1.03 35.98
N HIS B 748 18.46 1.28 34.67
CA HIS B 748 18.62 0.21 33.69
C HIS B 748 20.07 -0.07 33.36
N GLU B 749 21.01 0.74 33.83
CA GLU B 749 22.43 0.51 33.56
C GLU B 749 23.14 -0.24 34.68
N ASN B 750 22.69 -0.08 35.93
CA ASN B 750 23.35 -0.76 37.04
C ASN B 750 22.95 -2.22 37.12
N GLY B 751 21.67 -2.52 36.97
CA GLY B 751 21.19 -3.88 37.04
C GLY B 751 20.00 -4.06 37.96
N PHE B 752 19.37 -2.95 38.35
CA PHE B 752 18.21 -3.03 39.22
C PHE B 752 17.00 -3.60 38.50
N MET B 753 16.85 -3.29 37.20
CA MET B 753 15.78 -3.88 36.43
C MET B 753 15.92 -5.39 36.31
N GLU B 754 17.16 -5.89 36.26
CA GLU B 754 17.38 -7.33 36.26
C GLU B 754 16.96 -7.95 37.59
N GLU B 755 17.06 -7.20 38.68
CA GLU B 755 16.62 -7.71 39.98
C GLU B 755 15.10 -7.67 40.09
N LEU B 756 14.47 -6.62 39.57
CA LEU B 756 13.01 -6.55 39.59
C LEU B 756 12.40 -7.64 38.71
N ASP B 757 12.86 -7.77 37.47
CA ASP B 757 12.36 -8.81 36.59
C ASP B 757 12.78 -10.20 37.07
N LYS B 758 13.89 -10.29 37.80
CA LYS B 758 14.34 -11.58 38.31
C LYS B 758 13.49 -12.03 39.51
N THR B 759 13.04 -11.08 40.33
CA THR B 759 12.26 -11.40 41.52
C THR B 759 10.76 -11.27 41.30
N TRP B 760 10.33 -10.86 40.10
CA TRP B 760 8.90 -10.73 39.81
C TRP B 760 8.44 -11.57 38.63
N VAL B 761 9.32 -12.37 38.04
CA VAL B 761 8.96 -13.28 36.94
C VAL B 761 9.41 -14.67 37.36
N ARG B 762 8.46 -15.50 37.78
CA ARG B 762 8.75 -16.86 38.23
C ARG B 762 8.56 -17.82 37.06
N TYR B 763 9.61 -18.58 36.75
CA TYR B 763 9.56 -19.55 35.66
C TYR B 763 8.92 -20.83 36.18
N GLN B 764 7.66 -21.06 35.80
CA GLN B 764 6.94 -22.25 36.24
C GLN B 764 7.04 -23.15 35.02
N GLU B 765 6.50 -24.26 34.95
CA GLU B 765 6.62 -25.15 33.80
C GLU B 765 5.68 -25.06 32.59
N CYS B 766 5.50 -26.19 31.90
CA CYS B 766 4.64 -26.28 30.73
C CYS B 766 5.04 -25.28 29.66
N ASP B 767 6.11 -25.59 28.91
CA ASP B 767 6.57 -24.72 27.85
C ASP B 767 5.92 -25.00 26.50
N SER B 768 5.38 -26.20 26.32
CA SER B 768 4.72 -26.57 25.08
C SER B 768 3.62 -27.56 25.38
N ARG B 769 2.85 -27.90 24.33
CA ARG B 769 1.75 -28.85 24.47
C ARG B 769 2.19 -30.29 24.35
N SER B 770 3.47 -30.55 24.06
CA SER B 770 4.02 -31.90 23.92
C SER B 770 5.52 -31.83 24.17
N ASN B 771 5.90 -31.67 25.43
CA ASN B 771 7.30 -31.58 25.82
C ASN B 771 7.73 -32.65 26.81
N ALA B 772 6.82 -33.16 27.65
CA ALA B 772 7.13 -34.20 28.63
C ALA B 772 6.02 -35.23 28.61
N PRO B 773 6.07 -36.17 27.67
CA PRO B 773 5.02 -37.20 27.61
C PRO B 773 5.10 -38.23 28.72
N ALA B 774 6.24 -38.36 29.38
CA ALA B 774 6.42 -39.32 30.47
C ALA B 774 6.19 -38.70 31.84
N THR B 775 5.20 -37.81 31.95
CA THR B 775 4.89 -37.15 33.21
C THR B 775 3.85 -37.91 34.04
N LEU B 776 3.28 -38.99 33.50
CA LEU B 776 2.27 -39.76 34.22
C LEU B 776 2.77 -41.18 34.47
N THR B 777 2.60 -42.04 33.47
CA THR B 777 3.13 -43.41 33.48
C THR B 777 2.47 -44.28 34.56
N PHE B 778 2.53 -43.84 35.82
CA PHE B 778 2.03 -44.68 36.91
C PHE B 778 0.53 -44.94 36.81
N GLU B 779 -0.23 -43.98 36.27
CA GLU B 779 -1.66 -44.22 36.06
C GLU B 779 -1.91 -45.14 34.88
N ASN B 780 -1.14 -44.97 33.80
CA ASN B 780 -1.27 -45.86 32.65
C ASN B 780 -0.89 -47.29 33.01
N MET B 781 0.08 -47.46 33.92
CA MET B 781 0.43 -48.80 34.38
C MET B 781 -0.54 -49.32 35.42
N ALA B 782 -1.15 -48.43 36.20
CA ALA B 782 -2.16 -48.86 37.17
C ALA B 782 -3.43 -49.32 36.49
N GLY B 783 -3.79 -48.70 35.36
CA GLY B 783 -4.95 -49.14 34.61
C GLY B 783 -4.85 -50.58 34.14
N VAL B 784 -3.62 -51.07 33.95
CA VAL B 784 -3.42 -52.48 33.67
C VAL B 784 -3.22 -53.27 34.96
N PHE B 785 -2.71 -52.62 36.01
CA PHE B 785 -2.50 -53.29 37.29
C PHE B 785 -3.82 -53.75 37.90
N MET B 786 -4.87 -52.96 37.74
CA MET B 786 -6.18 -53.38 38.23
C MET B 786 -6.68 -54.62 37.48
N LEU B 787 -6.37 -54.72 36.19
CA LEU B 787 -6.70 -55.93 35.44
C LEU B 787 -5.83 -57.10 35.87
N VAL B 788 -4.60 -56.83 36.30
CA VAL B 788 -3.76 -57.90 36.85
C VAL B 788 -4.36 -58.42 38.15
N ALA B 789 -4.85 -57.51 39.01
CA ALA B 789 -5.52 -57.95 40.23
C ALA B 789 -6.80 -58.70 39.91
N GLY B 790 -7.52 -58.27 38.87
CA GLY B 790 -8.68 -59.03 38.42
C GLY B 790 -8.30 -60.42 37.97
N GLY B 791 -7.12 -60.56 37.34
CA GLY B 791 -6.60 -61.88 37.01
C GLY B 791 -6.15 -62.67 38.20
N ILE B 792 -5.77 -62.00 39.29
CA ILE B 792 -5.43 -62.71 40.52
C ILE B 792 -6.68 -63.26 41.18
N VAL B 793 -7.75 -62.46 41.26
CA VAL B 793 -9.02 -62.95 41.79
C VAL B 793 -9.56 -64.06 40.90
N ALA B 794 -9.45 -63.89 39.57
CA ALA B 794 -9.85 -64.95 38.66
C ALA B 794 -9.02 -66.21 38.87
N GLY B 795 -7.74 -66.05 39.23
CA GLY B 795 -6.93 -67.21 39.59
C GLY B 795 -7.38 -67.86 40.87
N ILE B 796 -7.87 -67.07 41.83
CA ILE B 796 -8.43 -67.64 43.05
C ILE B 796 -9.69 -68.44 42.72
N PHE B 797 -10.48 -67.95 41.75
CA PHE B 797 -11.63 -68.73 41.30
C PHE B 797 -11.20 -70.01 40.59
N LEU B 798 -10.09 -69.94 39.84
CA LEU B 798 -9.60 -71.12 39.13
C LEU B 798 -9.11 -72.18 40.11
N ILE B 799 -8.35 -71.78 41.13
CA ILE B 799 -7.92 -72.76 42.12
C ILE B 799 -9.10 -73.22 42.97
N PHE B 800 -10.13 -72.39 43.10
CA PHE B 800 -11.36 -72.84 43.74
C PHE B 800 -12.04 -73.94 42.92
N ILE B 801 -11.96 -73.85 41.59
CA ILE B 801 -12.46 -74.92 40.74
C ILE B 801 -11.56 -76.14 40.85
N GLU B 802 -10.24 -75.93 41.00
CA GLU B 802 -9.31 -77.06 41.05
C GLU B 802 -9.50 -77.86 42.34
N ILE B 803 -9.67 -77.18 43.47
CA ILE B 803 -9.85 -77.89 44.73
C ILE B 803 -11.22 -78.54 44.84
N ALA B 804 -12.16 -78.15 43.99
CA ALA B 804 -13.50 -78.73 44.02
C ALA B 804 -13.51 -80.11 43.37
N PRO C 28 46.00 21.94 -56.82
CA PRO C 28 45.17 23.01 -57.36
C PRO C 28 44.68 23.97 -56.29
N ASN C 29 44.54 25.25 -56.64
CA ASN C 29 44.08 26.27 -55.70
C ASN C 29 42.57 26.43 -55.86
N MET C 30 41.81 25.98 -54.86
CA MET C 30 40.36 26.09 -54.86
C MET C 30 39.93 27.32 -54.09
N ASP C 31 38.98 28.07 -54.64
CA ASP C 31 38.50 29.29 -54.01
C ASP C 31 37.47 28.97 -52.95
N ILE C 32 37.67 29.52 -51.74
CA ILE C 32 36.75 29.34 -50.63
C ILE C 32 36.38 30.73 -50.12
N ALA C 33 35.16 31.17 -50.40
CA ALA C 33 34.69 32.48 -49.99
C ALA C 33 34.00 32.41 -48.63
N VAL C 34 34.23 33.43 -47.81
CA VAL C 34 33.64 33.53 -46.48
C VAL C 34 32.81 34.80 -46.44
N ILE C 35 31.50 34.64 -46.41
CA ILE C 35 30.58 35.79 -46.38
C ILE C 35 30.37 36.20 -44.93
N LEU C 36 30.67 37.47 -44.64
CA LEU C 36 30.52 38.02 -43.29
C LEU C 36 29.48 39.12 -43.33
N VAL C 37 28.44 38.98 -42.50
CA VAL C 37 27.35 39.95 -42.43
C VAL C 37 27.35 40.55 -41.03
N GLY C 38 27.39 41.87 -40.96
CA GLY C 38 27.38 42.57 -39.69
C GLY C 38 28.25 43.80 -39.67
N THR C 39 28.16 44.58 -38.60
CA THR C 39 28.95 45.80 -38.44
C THR C 39 30.31 45.54 -37.82
N THR C 40 30.68 44.29 -37.60
CA THR C 40 31.98 43.97 -37.02
C THR C 40 33.10 44.18 -38.04
N GLU C 41 34.17 44.82 -37.59
CA GLU C 41 35.30 45.09 -38.47
C GLU C 41 35.97 43.77 -38.87
N GLU C 42 36.06 43.53 -40.17
CA GLU C 42 36.65 42.31 -40.70
C GLU C 42 38.16 42.37 -40.85
N VAL C 43 38.78 43.51 -40.51
CA VAL C 43 40.23 43.63 -40.61
C VAL C 43 40.92 42.67 -39.64
N ALA C 44 40.44 42.62 -38.41
CA ALA C 44 40.97 41.70 -37.40
C ALA C 44 40.37 40.31 -37.50
N ILE C 45 39.61 40.02 -38.55
CA ILE C 45 38.97 38.73 -38.75
C ILE C 45 39.59 37.98 -39.92
N LYS C 46 39.78 38.67 -41.05
CA LYS C 46 40.35 38.02 -42.23
C LYS C 46 41.83 37.69 -42.07
N ASP C 47 42.50 38.32 -41.10
CA ASP C 47 43.92 38.05 -40.87
C ASP C 47 44.11 36.69 -40.21
N VAL C 48 44.26 35.64 -41.02
CA VAL C 48 44.44 34.29 -40.53
C VAL C 48 45.85 33.83 -40.90
N HIS C 49 46.56 33.24 -39.93
CA HIS C 49 47.91 32.74 -40.13
C HIS C 49 47.98 31.22 -40.19
N GLU C 50 46.84 30.56 -40.41
CA GLU C 50 46.78 29.11 -40.49
C GLU C 50 46.84 28.60 -41.92
N LYS C 51 47.52 29.32 -42.81
CA LYS C 51 47.65 28.94 -44.21
C LYS C 51 49.12 28.69 -44.53
N ASP C 52 49.42 28.57 -45.83
CA ASP C 52 50.77 28.35 -46.33
C ASP C 52 51.39 27.09 -45.73
N ASP C 53 51.81 27.15 -44.46
CA ASP C 53 52.44 26.01 -43.82
C ASP C 53 51.46 24.87 -43.56
N PHE C 54 50.16 25.16 -43.50
CA PHE C 54 49.14 24.14 -43.24
C PHE C 54 48.48 23.68 -44.53
N HIS C 55 49.29 23.35 -45.54
CA HIS C 55 48.81 22.86 -46.83
C HIS C 55 49.50 21.54 -47.17
N HIS C 56 49.32 20.55 -46.30
CA HIS C 56 49.92 19.24 -46.54
C HIS C 56 49.16 18.47 -47.62
N LEU C 57 47.88 18.78 -47.79
CA LEU C 57 47.08 18.10 -48.81
C LEU C 57 47.52 18.55 -50.20
N PRO C 58 47.36 17.69 -51.22
CA PRO C 58 47.73 18.10 -52.58
C PRO C 58 46.93 19.28 -53.09
N VAL C 59 45.68 19.43 -52.66
CA VAL C 59 44.84 20.55 -53.06
C VAL C 59 45.14 21.74 -52.15
N THR C 60 45.26 22.92 -52.75
CA THR C 60 45.59 24.13 -52.02
C THR C 60 44.43 25.11 -52.06
N PRO C 61 43.74 25.33 -50.95
CA PRO C 61 42.63 26.31 -50.95
C PRO C 61 43.15 27.73 -50.75
N ARG C 62 42.24 28.68 -50.98
CA ARG C 62 42.53 30.09 -50.80
C ARG C 62 41.30 30.80 -50.25
N VAL C 63 41.52 31.68 -49.29
CA VAL C 63 40.44 32.36 -48.59
C VAL C 63 40.06 33.61 -49.36
N GLU C 64 38.75 33.85 -49.46
CA GLU C 64 38.21 35.05 -50.12
C GLU C 64 37.02 35.52 -49.29
N LEU C 65 37.28 36.39 -48.33
CA LEU C 65 36.26 36.89 -47.43
C LEU C 65 35.62 38.16 -47.98
N VAL C 66 34.30 38.24 -47.89
CA VAL C 66 33.54 39.39 -48.34
C VAL C 66 32.69 39.90 -47.17
N THR C 67 32.31 41.17 -47.27
CA THR C 67 31.52 41.82 -46.24
C THR C 67 30.12 42.14 -46.77
N MET C 68 29.21 42.37 -45.83
CA MET C 68 27.83 42.70 -46.18
C MET C 68 27.20 43.45 -45.01
N GLN C 69 26.57 44.59 -45.30
CA GLN C 69 25.95 45.43 -44.29
C GLN C 69 24.44 45.52 -44.46
N GLU C 70 23.86 44.74 -45.36
CA GLU C 70 22.42 44.76 -45.61
C GLU C 70 21.88 43.35 -45.54
N SER C 71 20.80 43.16 -44.79
CA SER C 71 20.17 41.85 -44.61
C SER C 71 18.91 41.82 -45.48
N ASP C 72 19.09 41.34 -46.72
CA ASP C 72 17.99 41.24 -47.67
C ASP C 72 18.32 40.15 -48.67
N PRO C 73 17.32 39.43 -49.20
CA PRO C 73 17.62 38.36 -50.16
C PRO C 73 18.18 38.87 -51.48
N LYS C 74 17.85 40.09 -51.87
CA LYS C 74 18.36 40.62 -53.14
C LYS C 74 19.87 40.81 -53.09
N SER C 75 20.38 41.35 -51.98
CA SER C 75 21.82 41.53 -51.84
C SER C 75 22.55 40.21 -51.67
N ILE C 76 21.93 39.24 -50.98
CA ILE C 76 22.56 37.95 -50.79
C ILE C 76 22.66 37.20 -52.12
N ILE C 77 21.55 37.12 -52.85
CA ILE C 77 21.57 36.46 -54.17
C ILE C 77 22.47 37.22 -55.13
N THR C 78 22.51 38.56 -55.02
CA THR C 78 23.35 39.35 -55.91
C THR C 78 24.83 39.06 -55.65
N ARG C 79 25.23 39.02 -54.38
CA ARG C 79 26.64 38.76 -54.06
C ARG C 79 27.02 37.31 -54.32
N ILE C 80 26.07 36.39 -54.18
CA ILE C 80 26.37 34.98 -54.41
C ILE C 80 26.50 34.70 -55.90
N CYS C 81 25.62 35.29 -56.71
CA CYS C 81 25.69 35.08 -58.17
C CYS C 81 26.87 35.84 -58.78
N ASP C 82 27.03 37.10 -58.41
CA ASP C 82 28.14 37.89 -58.93
C ASP C 82 29.48 37.34 -58.45
N LEU C 83 29.56 36.93 -57.18
CA LEU C 83 30.78 36.33 -56.67
C LEU C 83 31.03 34.96 -57.29
N MET C 84 29.97 34.24 -57.63
CA MET C 84 30.12 32.93 -58.26
C MET C 84 30.65 33.07 -59.69
N SER C 85 30.05 33.97 -60.47
CA SER C 85 30.51 34.20 -61.84
C SER C 85 31.85 34.91 -61.90
N ASP C 86 32.22 35.65 -60.84
CA ASP C 86 33.50 36.33 -60.83
C ASP C 86 34.63 35.40 -60.43
N LYS C 87 34.45 34.64 -59.36
CA LYS C 87 35.44 33.70 -58.87
C LYS C 87 34.82 32.32 -58.75
N LYS C 88 35.48 31.31 -59.31
CA LYS C 88 34.99 29.94 -59.27
C LYS C 88 35.26 29.37 -57.88
N VAL C 89 34.31 29.58 -56.98
CA VAL C 89 34.43 29.09 -55.62
C VAL C 89 33.85 27.68 -55.52
N GLN C 90 34.20 26.98 -54.45
CA GLN C 90 33.73 25.63 -54.19
C GLN C 90 33.01 25.47 -52.87
N GLY C 91 33.50 26.11 -51.81
CA GLY C 91 32.86 26.03 -50.52
C GLY C 91 32.40 27.37 -49.99
N VAL C 92 31.08 27.53 -49.83
CA VAL C 92 30.50 28.78 -49.35
C VAL C 92 30.28 28.66 -47.85
N VAL C 93 30.87 29.59 -47.09
CA VAL C 93 30.75 29.62 -45.65
C VAL C 93 30.05 30.93 -45.28
N PHE C 94 28.78 30.82 -44.88
CA PHE C 94 27.98 31.99 -44.52
C PHE C 94 27.89 32.10 -43.00
N GLY C 95 27.89 33.34 -42.51
CA GLY C 95 27.81 33.59 -41.09
C GLY C 95 27.42 35.02 -40.76
N ASP C 96 26.42 35.18 -39.90
CA ASP C 96 25.94 36.50 -39.51
C ASP C 96 25.81 36.53 -37.99
N ASP C 97 24.96 37.44 -37.48
CA ASP C 97 24.77 37.54 -36.04
C ASP C 97 23.36 37.98 -35.67
N THR C 98 22.37 37.77 -36.53
CA THR C 98 21.00 38.15 -36.25
C THR C 98 20.22 36.96 -35.69
N ASP C 99 18.90 37.08 -35.64
CA ASP C 99 18.02 36.04 -35.12
C ASP C 99 16.86 35.80 -36.10
N GLN C 100 17.19 35.64 -37.37
CA GLN C 100 16.20 35.39 -38.42
C GLN C 100 16.59 34.09 -39.13
N GLU C 101 15.89 33.01 -38.80
CA GLU C 101 16.18 31.71 -39.40
C GLU C 101 15.68 31.61 -40.84
N ALA C 102 14.68 32.43 -41.23
CA ALA C 102 14.16 32.36 -42.58
C ALA C 102 15.24 32.67 -43.61
N ILE C 103 16.17 33.57 -43.29
CA ILE C 103 17.28 33.87 -44.19
C ILE C 103 18.07 32.59 -44.47
N ALA C 104 18.25 31.75 -43.46
CA ALA C 104 18.92 30.47 -43.66
C ALA C 104 18.20 29.62 -44.69
N GLN C 105 16.86 29.65 -44.68
CA GLN C 105 16.09 28.96 -45.69
C GLN C 105 16.42 29.48 -47.09
N ILE C 106 16.64 30.79 -47.20
CA ILE C 106 17.06 31.35 -48.48
C ILE C 106 18.37 30.73 -48.94
N LEU C 107 19.28 30.45 -47.99
CA LEU C 107 20.51 29.76 -48.33
C LEU C 107 20.22 28.40 -48.96
N ASP C 108 19.20 27.70 -48.47
CA ASP C 108 18.80 26.45 -49.08
C ASP C 108 18.41 26.65 -50.54
N PHE C 109 17.73 27.77 -50.84
CA PHE C 109 17.43 28.09 -52.22
C PHE C 109 18.70 28.17 -53.07
N ILE C 110 19.78 28.71 -52.49
CA ILE C 110 21.05 28.76 -53.20
C ILE C 110 21.48 27.34 -53.58
N SER C 111 21.29 26.38 -52.68
CA SER C 111 21.58 25.00 -53.01
C SER C 111 20.79 24.52 -54.21
N VAL C 112 19.51 24.93 -54.30
CA VAL C 112 18.67 24.56 -55.44
C VAL C 112 19.29 25.05 -56.74
N GLN C 113 20.09 26.13 -56.68
CA GLN C 113 20.78 26.64 -57.84
C GLN C 113 22.26 26.25 -57.87
N THR C 114 22.80 25.69 -56.79
CA THR C 114 24.22 25.37 -56.73
C THR C 114 24.54 24.01 -56.12
N LEU C 115 23.76 23.51 -55.17
CA LEU C 115 24.07 22.26 -54.46
C LEU C 115 25.44 22.33 -53.80
N THR C 116 25.77 23.51 -53.25
CA THR C 116 27.06 23.75 -52.62
C THR C 116 26.95 23.51 -51.12
N PRO C 117 27.86 22.74 -50.52
CA PRO C 117 27.81 22.51 -49.07
C PRO C 117 27.98 23.79 -48.26
N ILE C 118 26.88 24.32 -47.74
CA ILE C 118 26.88 25.54 -46.94
C ILE C 118 26.98 25.16 -45.47
N LEU C 119 27.94 25.74 -44.77
CA LEU C 119 28.17 25.48 -43.35
C LEU C 119 27.73 26.68 -42.54
N GLY C 120 26.92 26.42 -41.51
CA GLY C 120 26.45 27.46 -40.62
C GLY C 120 27.29 27.51 -39.36
N ILE C 121 27.86 28.68 -39.09
CA ILE C 121 28.74 28.90 -37.94
C ILE C 121 28.05 29.73 -36.86
N HIS C 122 27.40 30.82 -37.24
CA HIS C 122 26.75 31.70 -36.28
C HIS C 122 25.77 32.60 -37.02
N GLY C 123 24.70 32.96 -36.33
CA GLY C 123 23.70 33.85 -36.90
C GLY C 123 22.41 33.14 -37.29
N GLY C 124 21.71 33.69 -38.28
CA GLY C 124 20.46 33.10 -38.74
C GLY C 124 20.61 31.68 -39.27
N SER C 125 21.81 31.31 -39.72
CA SER C 125 22.09 29.96 -40.17
C SER C 125 22.46 29.03 -39.03
N SER C 126 22.19 29.40 -37.78
CA SER C 126 22.52 28.57 -36.64
C SER C 126 21.33 27.77 -36.12
N MET C 127 20.11 28.22 -36.41
CA MET C 127 18.92 27.51 -35.94
C MET C 127 18.64 26.28 -36.81
N ILE C 128 18.07 25.26 -36.19
CA ILE C 128 17.79 24.00 -36.88
C ILE C 128 16.53 24.16 -37.74
N MET C 129 16.27 23.17 -38.58
CA MET C 129 15.10 23.18 -39.45
C MET C 129 14.76 21.73 -39.78
N ALA C 130 13.73 21.19 -39.12
CA ALA C 130 13.37 19.79 -39.30
C ALA C 130 12.78 19.56 -40.68
N ASP C 131 13.00 18.35 -41.20
CA ASP C 131 12.50 17.92 -42.51
C ASP C 131 13.00 18.85 -43.61
N LYS C 132 14.24 18.67 -44.05
CA LYS C 132 14.83 19.47 -45.10
C LYS C 132 14.83 18.69 -46.42
N GLU C 133 15.50 19.23 -47.42
CA GLU C 133 15.57 18.59 -48.73
C GLU C 133 16.64 17.50 -48.72
N GLU C 134 16.29 16.35 -49.30
CA GLU C 134 17.23 15.23 -49.36
C GLU C 134 18.37 15.48 -50.33
N ALA C 135 18.19 16.41 -51.28
CA ALA C 135 19.23 16.73 -52.26
C ALA C 135 20.06 17.95 -51.88
N SER C 136 19.62 18.73 -50.89
CA SER C 136 20.38 19.90 -50.48
C SER C 136 21.58 19.49 -49.63
N MET C 137 22.54 20.40 -49.54
CA MET C 137 23.77 20.20 -48.78
C MET C 137 23.93 21.26 -47.70
N PHE C 138 22.84 21.54 -46.97
CA PHE C 138 22.87 22.53 -45.91
C PHE C 138 23.26 21.86 -44.60
N PHE C 139 24.41 22.25 -44.05
CA PHE C 139 24.92 21.70 -42.81
C PHE C 139 25.11 22.82 -41.79
N GLN C 140 24.56 22.64 -40.59
CA GLN C 140 24.65 23.63 -39.54
C GLN C 140 25.22 23.00 -38.28
N PHE C 141 25.86 23.83 -37.46
CA PHE C 141 26.45 23.36 -36.21
C PHE C 141 25.44 23.26 -35.06
N GLY C 142 24.20 23.69 -35.28
CA GLY C 142 23.18 23.63 -34.26
C GLY C 142 22.62 22.24 -34.09
N PRO C 143 22.70 21.70 -32.88
CA PRO C 143 22.17 20.35 -32.63
C PRO C 143 20.65 20.35 -32.61
N SER C 144 20.08 19.19 -32.94
CA SER C 144 18.63 19.03 -32.97
C SER C 144 18.11 18.82 -31.54
N ILE C 145 16.82 18.53 -31.42
CA ILE C 145 16.22 18.33 -30.10
C ILE C 145 16.60 16.98 -29.50
N GLU C 146 17.13 16.05 -30.30
CA GLU C 146 17.51 14.75 -29.77
C GLU C 146 18.77 14.85 -28.93
N GLN C 147 19.77 15.63 -29.39
CA GLN C 147 21.00 15.78 -28.62
C GLN C 147 20.78 16.67 -27.40
N GLN C 148 20.11 17.82 -27.60
CA GLN C 148 19.84 18.71 -26.48
C GLN C 148 18.94 18.05 -25.44
N ALA C 149 17.99 17.23 -25.89
CA ALA C 149 17.14 16.50 -24.96
C ALA C 149 17.96 15.50 -24.15
N SER C 150 18.93 14.84 -24.79
CA SER C 150 19.79 13.92 -24.06
C SER C 150 20.67 14.65 -23.06
N VAL C 151 21.14 15.85 -23.42
CA VAL C 151 21.94 16.64 -22.50
C VAL C 151 21.11 17.06 -21.29
N MET C 152 19.88 17.51 -21.53
CA MET C 152 19.01 17.91 -20.42
C MET C 152 18.67 16.71 -19.54
N LEU C 153 18.48 15.53 -20.14
CA LEU C 153 18.22 14.33 -19.35
C LEU C 153 19.45 13.92 -18.56
N ASN C 154 20.66 14.20 -19.07
CA ASN C 154 21.86 13.91 -18.31
C ASN C 154 22.02 14.88 -17.14
N ILE C 155 21.70 16.16 -17.35
CA ILE C 155 21.76 17.14 -16.27
C ILE C 155 20.75 16.78 -15.19
N MET C 156 19.52 16.43 -15.60
CA MET C 156 18.52 16.00 -14.63
C MET C 156 18.88 14.68 -13.97
N GLU C 157 19.68 13.85 -14.64
CA GLU C 157 20.09 12.57 -14.05
C GLU C 157 21.21 12.75 -13.03
N GLU C 158 22.12 13.68 -13.27
CA GLU C 158 23.24 13.92 -12.36
C GLU C 158 22.87 14.77 -11.15
N TYR C 159 21.58 15.08 -10.97
CA TYR C 159 21.16 15.87 -9.82
C TYR C 159 19.91 15.28 -9.14
N ASP C 160 19.59 14.03 -9.40
CA ASP C 160 18.46 13.33 -8.78
C ASP C 160 17.14 14.07 -9.04
N TRP C 161 16.83 14.21 -10.32
CA TRP C 161 15.60 14.84 -10.78
C TRP C 161 14.81 13.80 -11.56
N TYR C 162 13.95 13.07 -10.85
CA TYR C 162 13.16 12.00 -11.45
C TYR C 162 11.75 12.44 -11.83
N ILE C 163 11.08 13.21 -10.96
CA ILE C 163 9.73 13.67 -11.22
C ILE C 163 9.82 15.04 -11.91
N PHE C 164 9.44 15.09 -13.19
CA PHE C 164 9.50 16.30 -13.98
C PHE C 164 8.14 16.61 -14.56
N SER C 165 7.98 17.85 -15.02
CA SER C 165 6.75 18.32 -15.65
C SER C 165 7.09 18.92 -17.00
N ILE C 166 6.74 18.21 -18.07
CA ILE C 166 7.03 18.67 -19.43
C ILE C 166 5.97 19.67 -19.85
N VAL C 167 6.39 20.83 -20.34
CA VAL C 167 5.50 21.88 -20.81
C VAL C 167 5.88 22.19 -22.26
N THR C 168 5.03 21.78 -23.19
CA THR C 168 5.26 22.02 -24.61
C THR C 168 4.07 22.77 -25.21
N THR C 169 4.32 23.39 -26.36
CA THR C 169 3.28 24.13 -27.06
C THR C 169 3.06 23.55 -28.46
N TYR C 170 2.57 24.36 -29.38
CA TYR C 170 2.33 23.94 -30.76
C TYR C 170 3.48 24.31 -31.68
N PHE C 171 4.72 24.22 -31.19
CA PHE C 171 5.88 24.52 -32.01
C PHE C 171 6.12 23.38 -32.99
N PRO C 172 6.42 23.69 -34.26
CA PRO C 172 6.65 22.62 -35.25
C PRO C 172 7.84 21.75 -34.90
N GLY C 173 7.61 20.71 -34.10
CA GLY C 173 8.67 19.80 -33.72
C GLY C 173 8.60 19.35 -32.28
N TYR C 174 7.41 18.95 -31.82
CA TYR C 174 7.23 18.49 -30.46
C TYR C 174 6.90 17.00 -30.36
N GLN C 175 6.41 16.39 -31.44
CA GLN C 175 6.09 14.97 -31.39
C GLN C 175 7.33 14.13 -31.14
N ASP C 176 8.41 14.42 -31.86
CA ASP C 176 9.67 13.72 -31.62
C ASP C 176 10.27 14.05 -30.26
N PHE C 177 9.91 15.20 -29.67
CA PHE C 177 10.40 15.54 -28.35
C PHE C 177 9.70 14.73 -27.27
N GLU C 178 8.36 14.73 -27.27
CA GLU C 178 7.62 13.97 -26.28
C GLU C 178 7.81 12.47 -26.47
N ASN C 179 7.86 12.00 -27.72
CA ASN C 179 8.12 10.59 -27.97
C ASN C 179 9.56 10.23 -27.67
N LYS C 180 10.48 11.20 -27.78
CA LYS C 180 11.87 10.93 -27.43
C LYS C 180 12.06 10.82 -25.92
N VAL C 181 11.41 11.70 -25.16
CA VAL C 181 11.52 11.64 -23.71
C VAL C 181 10.79 10.42 -23.17
N ARG C 182 9.58 10.16 -23.67
CA ARG C 182 8.83 8.98 -23.24
C ARG C 182 9.57 7.70 -23.61
N SER C 183 10.02 7.59 -24.86
CA SER C 183 10.76 6.42 -25.30
C SER C 183 12.10 6.27 -24.58
N THR C 184 12.64 7.38 -24.06
CA THR C 184 13.90 7.30 -23.33
C THR C 184 13.68 6.84 -21.89
N ILE C 185 12.63 7.34 -21.24
CA ILE C 185 12.37 6.95 -19.85
C ILE C 185 11.69 5.60 -19.74
N GLU C 186 11.06 5.10 -20.80
CA GLU C 186 10.40 3.81 -20.75
C GLU C 186 11.33 2.66 -21.11
N ASN C 187 12.56 2.94 -21.52
CA ASN C 187 13.52 1.91 -21.90
C ASN C 187 14.67 1.76 -20.94
N SER C 188 15.16 2.86 -20.36
CA SER C 188 16.27 2.80 -19.42
C SER C 188 15.83 2.17 -18.10
N PHE C 189 16.80 1.61 -17.38
CA PHE C 189 16.53 0.98 -16.10
C PHE C 189 16.37 1.97 -14.96
N VAL C 190 16.60 3.26 -15.20
CA VAL C 190 16.43 4.27 -14.17
C VAL C 190 14.95 4.49 -13.90
N GLY C 191 14.58 4.51 -12.62
CA GLY C 191 13.19 4.69 -12.24
C GLY C 191 12.71 6.12 -12.39
N TRP C 192 12.33 6.51 -13.60
CA TRP C 192 11.82 7.85 -13.86
C TRP C 192 10.36 7.94 -13.43
N GLU C 193 9.78 9.13 -13.58
CA GLU C 193 8.39 9.36 -13.21
C GLU C 193 7.85 10.48 -14.10
N LEU C 194 6.84 10.17 -14.91
CA LEU C 194 6.22 11.13 -15.81
C LEU C 194 4.86 11.52 -15.26
N GLU C 195 4.67 12.80 -14.97
CA GLU C 195 3.42 13.29 -14.44
C GLU C 195 2.98 13.53 -15.89
N GLU C 196 1.96 14.35 -16.09
CA GLU C 196 1.48 14.66 -17.43
C GLU C 196 2.02 15.75 -18.34
N VAL C 197 2.32 15.40 -19.58
CA VAL C 197 2.83 16.36 -20.57
C VAL C 197 1.66 17.22 -21.02
N ILE C 198 1.62 18.48 -20.57
CA ILE C 198 0.54 19.38 -20.90
C ILE C 198 0.86 20.11 -22.20
N HIS C 199 -0.18 20.68 -22.82
CA HIS C 199 -0.04 21.42 -24.06
C HIS C 199 -0.68 22.79 -23.89
N LEU C 200 -0.01 23.82 -24.40
CA LEU C 200 -0.46 25.20 -24.29
C LEU C 200 -0.65 25.80 -25.69
N ASP C 201 -1.73 26.55 -25.85
CA ASP C 201 -2.06 27.20 -27.12
C ASP C 201 -1.83 28.69 -26.97
N MET C 202 -1.00 29.25 -27.85
CA MET C 202 -0.67 30.67 -27.86
C MET C 202 -1.30 31.30 -29.10
N SER C 203 -2.50 31.85 -28.93
CA SER C 203 -3.21 32.49 -30.03
C SER C 203 -4.22 33.50 -29.49
N LEU C 204 -4.40 33.52 -28.17
CA LEU C 204 -5.34 34.45 -27.55
C LEU C 204 -4.90 34.68 -26.10
N ASP C 205 -5.17 35.89 -25.61
CA ASP C 205 -4.81 36.24 -24.25
C ASP C 205 -5.59 35.40 -23.26
N ASP C 206 -4.92 34.98 -22.18
CA ASP C 206 -5.54 34.13 -21.17
C ASP C 206 -6.58 34.91 -20.39
N ILE C 207 -7.82 34.91 -20.87
CA ILE C 207 -8.92 35.60 -20.19
C ILE C 207 -9.96 34.64 -19.64
N ASP C 208 -10.03 33.41 -20.13
CA ASP C 208 -11.00 32.43 -19.66
C ASP C 208 -10.44 31.53 -18.56
N SER C 209 -9.20 31.78 -18.12
CA SER C 209 -8.56 30.99 -17.06
C SER C 209 -8.51 29.50 -17.43
N LYS C 210 -7.68 29.20 -18.43
CA LYS C 210 -7.47 27.82 -18.86
C LYS C 210 -6.00 27.44 -18.88
N ILE C 211 -5.14 28.27 -19.47
CA ILE C 211 -3.71 28.00 -19.46
C ILE C 211 -3.18 28.02 -18.03
N GLN C 212 -3.68 28.95 -17.22
CA GLN C 212 -3.26 29.00 -15.82
C GLN C 212 -3.74 27.77 -15.05
N ASN C 213 -4.93 27.26 -15.40
CA ASN C 213 -5.39 26.03 -14.79
C ASN C 213 -4.58 24.83 -15.25
N GLN C 214 -4.01 24.89 -16.46
CA GLN C 214 -3.13 23.82 -16.92
C GLN C 214 -1.74 23.92 -16.33
N LEU C 215 -1.31 25.11 -15.91
CA LEU C 215 0.00 25.29 -15.32
C LEU C 215 0.00 25.18 -13.81
N LYS C 216 -1.16 25.30 -13.17
CA LYS C 216 -1.21 25.22 -11.71
C LYS C 216 -1.05 23.79 -11.20
N LYS C 217 -1.27 22.80 -12.05
CA LYS C 217 -1.12 21.39 -11.68
C LYS C 217 0.24 20.85 -12.07
N LEU C 218 1.30 21.52 -11.59
CA LEU C 218 2.68 21.13 -11.87
C LEU C 218 3.42 21.05 -10.53
N GLN C 219 3.42 19.87 -9.92
CA GLN C 219 4.07 19.65 -8.64
C GLN C 219 5.30 18.76 -8.84
N SER C 220 6.35 19.36 -9.38
CA SER C 220 7.60 18.65 -9.66
C SER C 220 8.78 19.59 -9.46
N PRO C 221 9.91 19.08 -8.95
CA PRO C 221 11.07 19.93 -8.74
C PRO C 221 11.74 20.40 -10.03
N VAL C 222 11.44 19.77 -11.16
CA VAL C 222 12.03 20.15 -12.45
C VAL C 222 10.91 20.22 -13.49
N ILE C 223 10.84 21.36 -14.19
CA ILE C 223 9.81 21.60 -15.19
C ILE C 223 10.51 21.98 -16.49
N LEU C 224 10.26 21.20 -17.55
CA LEU C 224 10.82 21.46 -18.86
C LEU C 224 9.90 22.37 -19.66
N LEU C 225 10.50 23.15 -20.55
CA LEU C 225 9.75 24.08 -21.39
C LEU C 225 10.24 23.96 -22.83
N TYR C 226 9.30 23.90 -23.77
CA TYR C 226 9.61 23.79 -25.19
C TYR C 226 8.69 24.74 -25.95
N CYS C 227 9.21 25.92 -26.30
CA CYS C 227 8.44 26.91 -27.03
C CYS C 227 9.36 27.85 -27.79
N THR C 228 9.03 29.15 -27.81
CA THR C 228 9.86 30.14 -28.48
C THR C 228 10.13 31.23 -27.45
N LYS C 229 10.50 32.43 -27.92
CA LYS C 229 10.79 33.55 -27.05
C LYS C 229 9.62 34.40 -26.54
N GLU C 230 8.84 34.98 -27.46
CA GLU C 230 7.70 35.78 -27.04
C GLU C 230 6.66 34.94 -26.32
N GLU C 231 6.61 33.64 -26.61
CA GLU C 231 5.74 32.75 -25.86
C GLU C 231 6.32 32.42 -24.49
N ALA C 232 7.65 32.29 -24.41
CA ALA C 232 8.28 32.02 -23.11
C ALA C 232 8.16 33.22 -22.18
N THR C 233 8.12 34.44 -22.72
CA THR C 233 7.92 35.62 -21.89
C THR C 233 6.54 35.62 -21.24
N TYR C 234 5.52 35.13 -21.98
CA TYR C 234 4.17 35.08 -21.43
C TYR C 234 4.00 33.90 -20.48
N ILE C 235 4.62 32.76 -20.81
CA ILE C 235 4.55 31.60 -19.91
C ILE C 235 5.25 31.90 -18.60
N PHE C 236 6.41 32.54 -18.66
CA PHE C 236 7.08 32.96 -17.43
C PHE C 236 6.36 34.12 -16.76
N GLU C 237 5.63 34.92 -17.53
CA GLU C 237 4.86 36.02 -16.95
C GLU C 237 3.71 35.50 -16.10
N VAL C 238 2.98 34.50 -16.60
CA VAL C 238 1.89 33.91 -15.84
C VAL C 238 2.45 33.04 -14.72
N ALA C 239 3.52 32.29 -15.00
CA ALA C 239 4.12 31.44 -13.98
C ALA C 239 4.70 32.26 -12.83
N HIS C 240 5.09 33.50 -13.10
CA HIS C 240 5.56 34.38 -12.03
C HIS C 240 4.42 34.75 -11.09
N SER C 241 3.19 34.75 -11.58
CA SER C 241 2.02 35.05 -10.75
C SER C 241 1.43 33.82 -10.10
N VAL C 242 1.58 32.64 -10.73
CA VAL C 242 1.05 31.41 -10.15
C VAL C 242 1.87 31.01 -8.93
N GLY C 243 3.20 30.96 -9.07
CA GLY C 243 4.07 30.58 -7.98
C GLY C 243 5.09 29.54 -8.38
N LEU C 244 5.24 29.31 -9.69
CA LEU C 244 6.19 28.34 -10.21
C LEU C 244 7.59 28.90 -10.37
N THR C 245 7.80 30.19 -10.05
CA THR C 245 9.10 30.82 -10.18
C THR C 245 9.76 31.07 -8.83
N GLY C 246 9.17 30.58 -7.74
CA GLY C 246 9.74 30.76 -6.41
C GLY C 246 10.85 29.78 -6.09
N TYR C 247 10.69 29.06 -4.99
CA TYR C 247 11.68 28.08 -4.55
C TYR C 247 11.11 26.67 -4.70
N GLY C 248 11.98 25.72 -5.02
CA GLY C 248 11.61 24.34 -5.21
C GLY C 248 11.26 23.97 -6.64
N PHE C 249 10.88 24.93 -7.47
CA PHE C 249 10.53 24.68 -8.87
C PHE C 249 11.61 25.31 -9.75
N THR C 250 12.19 24.49 -10.63
CA THR C 250 13.26 24.92 -11.51
C THR C 250 12.85 24.67 -12.96
N TRP C 251 12.85 25.74 -13.76
CA TRP C 251 12.53 25.64 -15.17
C TRP C 251 13.78 25.34 -15.99
N ILE C 252 13.60 24.60 -17.07
CA ILE C 252 14.68 24.24 -17.99
C ILE C 252 14.23 24.50 -19.40
N VAL C 253 15.00 25.30 -20.14
CA VAL C 253 14.70 25.63 -21.53
C VAL C 253 15.88 25.21 -22.40
N PRO C 254 15.66 24.87 -23.67
CA PRO C 254 16.78 24.48 -24.54
C PRO C 254 17.61 25.66 -25.01
N SER C 255 17.94 25.68 -26.30
CA SER C 255 18.80 26.71 -26.88
C SER C 255 18.01 27.81 -27.61
N LEU C 256 17.07 27.41 -28.47
CA LEU C 256 16.32 28.39 -29.26
C LEU C 256 15.32 29.20 -28.43
N VAL C 257 15.06 28.79 -27.18
CA VAL C 257 14.15 29.55 -26.34
C VAL C 257 14.86 30.77 -25.75
N ALA C 258 16.06 30.57 -25.22
CA ALA C 258 16.81 31.69 -24.64
C ALA C 258 17.28 32.65 -25.71
N GLY C 259 17.89 32.12 -26.78
CA GLY C 259 18.36 32.97 -27.85
C GLY C 259 19.64 33.66 -27.46
N ASP C 260 19.69 34.97 -27.69
CA ASP C 260 20.88 35.76 -27.37
C ASP C 260 20.98 35.97 -25.86
N THR C 261 22.21 35.86 -25.35
CA THR C 261 22.45 36.05 -23.92
C THR C 261 22.56 37.51 -23.52
N ASP C 262 22.62 38.43 -24.48
CA ASP C 262 22.73 39.85 -24.15
C ASP C 262 21.38 40.42 -23.72
N THR C 263 20.31 40.05 -24.40
CA THR C 263 18.97 40.55 -24.07
C THR C 263 18.41 39.72 -22.92
N VAL C 264 18.43 40.30 -21.72
CA VAL C 264 17.94 39.65 -20.52
C VAL C 264 16.75 40.44 -19.99
N PRO C 265 15.53 39.97 -20.24
CA PRO C 265 14.34 40.70 -19.75
C PRO C 265 14.19 40.62 -18.23
N ASP C 266 13.01 40.99 -17.74
CA ASP C 266 12.75 41.02 -16.30
C ASP C 266 11.88 39.86 -15.83
N GLU C 267 11.01 39.33 -16.70
CA GLU C 267 10.11 38.25 -16.30
C GLU C 267 10.84 36.93 -16.05
N PHE C 268 12.07 36.80 -16.52
CA PHE C 268 12.84 35.57 -16.30
C PHE C 268 13.28 35.49 -14.85
N PRO C 269 12.89 34.46 -14.10
CA PRO C 269 13.29 34.37 -12.68
C PRO C 269 14.74 33.98 -12.52
N THR C 270 15.20 33.94 -11.27
CA THR C 270 16.58 33.56 -10.95
C THR C 270 16.68 32.05 -10.85
N GLY C 271 17.60 31.47 -11.61
CA GLY C 271 17.79 30.03 -11.60
C GLY C 271 17.15 29.34 -12.79
N LEU C 272 17.71 29.56 -13.98
CA LEU C 272 17.20 28.98 -15.22
C LEU C 272 18.35 28.24 -15.90
N ILE C 273 18.45 26.94 -15.64
CA ILE C 273 19.48 26.11 -16.26
C ILE C 273 19.12 25.94 -17.73
N SER C 274 19.90 26.54 -18.63
CA SER C 274 19.63 26.50 -20.06
C SER C 274 20.87 26.04 -20.79
N VAL C 275 20.70 25.09 -21.71
CA VAL C 275 21.78 24.60 -22.55
C VAL C 275 21.78 25.38 -23.85
N SER C 276 22.97 25.75 -24.32
CA SER C 276 23.08 26.55 -25.54
C SER C 276 24.47 26.32 -26.12
N TYR C 277 24.90 27.24 -26.99
CA TYR C 277 26.20 27.16 -27.63
C TYR C 277 27.25 27.88 -26.79
N ASP C 278 28.50 27.42 -26.89
CA ASP C 278 29.57 28.00 -26.10
C ASP C 278 29.86 29.44 -26.53
N GLU C 279 30.08 29.64 -27.83
CA GLU C 279 30.39 30.94 -28.45
C GLU C 279 31.24 31.85 -27.57
N TRP C 280 32.23 31.27 -26.89
CA TRP C 280 33.11 32.05 -26.02
C TRP C 280 34.57 31.80 -26.37
N ASP C 281 35.09 30.63 -26.01
CA ASP C 281 36.47 30.28 -26.32
C ASP C 281 36.66 29.88 -27.78
N TYR C 282 35.58 29.61 -28.51
CA TYR C 282 35.65 29.22 -29.92
C TYR C 282 35.71 30.50 -30.74
N ASP C 283 36.91 30.88 -31.16
CA ASP C 283 37.08 32.10 -31.95
C ASP C 283 36.57 31.89 -33.37
N LEU C 284 36.16 32.99 -34.00
CA LEU C 284 35.65 32.98 -35.36
C LEU C 284 36.70 32.53 -36.37
N PRO C 285 37.96 33.00 -36.29
CA PRO C 285 38.98 32.44 -37.19
C PRO C 285 39.16 30.95 -37.04
N ALA C 286 38.99 30.40 -35.83
CA ALA C 286 39.03 28.96 -35.67
C ALA C 286 37.84 28.29 -36.33
N ARG C 287 36.68 28.94 -36.33
CA ARG C 287 35.52 28.40 -37.04
C ARG C 287 35.75 28.39 -38.54
N VAL C 288 36.35 29.46 -39.08
CA VAL C 288 36.65 29.49 -40.51
C VAL C 288 37.70 28.44 -40.86
N ARG C 289 38.69 28.27 -39.98
CA ARG C 289 39.72 27.25 -40.23
C ARG C 289 39.12 25.85 -40.20
N ASP C 290 38.20 25.59 -39.28
CA ASP C 290 37.55 24.29 -39.22
C ASP C 290 36.66 24.06 -40.44
N GLY C 291 35.97 25.11 -40.90
CA GLY C 291 35.15 24.98 -42.09
C GLY C 291 35.97 24.70 -43.34
N ILE C 292 37.08 25.42 -43.50
CA ILE C 292 37.97 25.17 -44.63
C ILE C 292 38.60 23.78 -44.52
N ALA C 293 38.86 23.31 -43.30
CA ALA C 293 39.42 21.98 -43.13
C ALA C 293 38.40 20.90 -43.48
N ILE C 294 37.12 21.13 -43.17
CA ILE C 294 36.10 20.14 -43.48
C ILE C 294 35.78 20.13 -44.96
N ILE C 295 35.63 21.30 -45.57
CA ILE C 295 35.33 21.37 -46.99
C ILE C 295 36.51 20.86 -47.82
N THR C 296 37.72 21.27 -47.46
CA THR C 296 38.90 20.84 -48.20
C THR C 296 39.17 19.34 -47.99
N THR C 297 38.97 18.87 -46.76
CA THR C 297 39.18 17.44 -46.48
C THR C 297 38.17 16.59 -47.22
N ALA C 298 36.88 16.94 -47.13
CA ALA C 298 35.86 16.19 -47.84
C ALA C 298 36.04 16.28 -49.35
N ALA C 299 36.54 17.41 -49.84
CA ALA C 299 36.84 17.55 -51.26
C ALA C 299 38.14 16.86 -51.67
N SER C 300 38.94 16.41 -50.70
CA SER C 300 40.19 15.72 -50.99
C SER C 300 40.11 14.22 -50.78
N THR C 301 39.12 13.74 -50.03
CA THR C 301 38.98 12.29 -49.82
C THR C 301 38.61 11.59 -51.12
N MET C 302 37.75 12.21 -51.93
CA MET C 302 37.38 11.61 -53.21
C MET C 302 38.55 11.59 -54.18
N LEU C 303 39.39 12.63 -54.14
CA LEU C 303 40.57 12.66 -55.00
C LEU C 303 41.64 11.68 -54.52
N SER C 304 41.72 11.44 -53.21
CA SER C 304 42.72 10.52 -52.68
C SER C 304 42.27 9.07 -52.75
N GLU C 305 40.96 8.81 -52.83
CA GLU C 305 40.44 7.44 -52.89
C GLU C 305 39.93 7.09 -54.29
N HIS C 306 38.92 7.81 -54.78
CA HIS C 306 38.38 7.50 -56.11
C HIS C 306 39.30 7.95 -57.22
N ASN C 307 40.21 8.90 -56.95
CA ASN C 307 41.18 9.40 -57.93
C ASN C 307 40.50 9.97 -59.17
N SER C 308 39.34 10.59 -58.99
CA SER C 308 38.60 11.19 -60.11
C SER C 308 37.64 12.22 -59.54
N ILE C 309 37.86 13.49 -59.86
CA ILE C 309 37.01 14.58 -59.39
C ILE C 309 36.47 15.35 -60.59
N PRO C 310 35.25 15.89 -60.52
CA PRO C 310 34.72 16.65 -61.66
C PRO C 310 35.32 18.04 -61.75
N GLN C 311 34.63 18.93 -62.49
CA GLN C 311 35.10 20.30 -62.66
C GLN C 311 34.59 21.16 -61.50
N SER C 312 34.70 22.47 -61.64
CA SER C 312 34.26 23.41 -60.61
C SER C 312 32.80 23.79 -60.85
N LYS C 313 32.33 24.81 -60.14
CA LYS C 313 30.96 25.27 -60.28
C LYS C 313 30.83 26.23 -61.45
N SER C 314 29.66 26.20 -62.09
CA SER C 314 29.40 27.04 -63.25
C SER C 314 29.08 28.48 -62.83
N SER C 315 28.14 29.10 -63.51
CA SER C 315 27.75 30.48 -63.25
C SER C 315 26.48 30.48 -62.40
N CYS C 316 25.43 31.24 -62.73
CA CYS C 316 24.21 31.29 -61.93
C CYS C 316 23.05 30.58 -62.62
N ASN C 317 22.71 31.00 -63.84
CA ASN C 317 21.60 30.39 -64.56
C ASN C 317 22.01 29.13 -65.32
N ASN C 318 23.31 28.94 -65.56
CA ASN C 318 23.81 27.77 -66.29
C ASN C 318 23.80 26.57 -65.35
N ILE C 319 22.62 25.96 -65.23
CA ILE C 319 22.46 24.79 -64.38
C ILE C 319 22.05 23.54 -65.16
N GLN C 320 21.47 23.68 -66.36
CA GLN C 320 21.08 22.51 -67.13
C GLN C 320 22.27 21.75 -67.69
N GLU C 321 23.43 22.39 -67.78
CA GLU C 321 24.64 21.73 -68.28
C GLU C 321 25.46 21.13 -67.15
N SER C 322 25.56 21.82 -66.01
CA SER C 322 26.32 21.35 -64.86
C SER C 322 25.47 20.54 -63.89
N ARG C 323 24.20 20.31 -64.19
CA ARG C 323 23.36 19.53 -63.30
C ARG C 323 23.70 18.05 -63.30
N VAL C 324 24.37 17.56 -64.36
CA VAL C 324 24.74 16.16 -64.43
C VAL C 324 26.11 15.89 -63.81
N TYR C 325 26.98 16.89 -63.73
CA TYR C 325 28.30 16.71 -63.14
C TYR C 325 28.27 16.60 -61.63
N GLU C 326 27.16 16.96 -60.99
CA GLU C 326 27.07 16.86 -59.54
C GLU C 326 26.91 15.41 -59.12
N ALA C 327 27.70 14.97 -58.14
CA ALA C 327 27.67 13.61 -57.62
C ALA C 327 27.33 13.64 -56.14
N HIS C 328 26.43 12.74 -55.74
CA HIS C 328 26.02 12.65 -54.34
C HIS C 328 26.95 11.80 -53.50
N MET C 329 27.98 11.19 -54.11
CA MET C 329 28.91 10.36 -53.35
C MET C 329 29.62 11.17 -52.26
N LEU C 330 29.88 12.45 -52.52
CA LEU C 330 30.49 13.30 -51.51
C LEU C 330 29.66 13.37 -50.24
N LYS C 331 28.34 13.15 -50.34
CA LYS C 331 27.51 13.11 -49.14
C LYS C 331 27.98 12.02 -48.18
N ARG C 332 28.43 10.88 -48.72
CA ARG C 332 28.97 9.83 -47.87
C ARG C 332 30.23 10.26 -47.14
N TYR C 333 30.93 11.26 -47.66
CA TYR C 333 32.10 11.82 -47.00
C TYR C 333 31.75 12.98 -46.08
N LEU C 334 30.47 13.32 -45.95
CA LEU C 334 30.03 14.41 -45.09
C LEU C 334 29.33 13.91 -43.83
N ILE C 335 29.53 12.63 -43.48
CA ILE C 335 28.92 12.03 -42.30
C ILE C 335 29.98 11.65 -41.27
N ASN C 336 31.05 10.98 -41.70
CA ASN C 336 32.14 10.55 -40.83
C ASN C 336 33.38 11.36 -41.22
N VAL C 337 33.60 12.47 -40.51
CA VAL C 337 34.73 13.35 -40.75
C VAL C 337 35.55 13.44 -39.47
N THR C 338 36.86 13.22 -39.60
CA THR C 338 37.78 13.30 -38.48
C THR C 338 38.78 14.43 -38.70
N PHE C 339 39.18 15.07 -37.61
CA PHE C 339 40.12 16.19 -37.67
C PHE C 339 40.71 16.41 -36.30
N GLU C 340 42.04 16.42 -36.22
CA GLU C 340 42.78 16.63 -34.97
C GLU C 340 42.42 15.58 -33.91
N GLY C 341 42.05 14.38 -34.35
CA GLY C 341 41.77 13.30 -33.42
C GLY C 341 40.36 13.29 -32.88
N ARG C 342 39.81 14.47 -32.60
CA ARG C 342 38.46 14.56 -32.05
C ARG C 342 37.43 14.15 -33.08
N ASP C 343 36.28 13.67 -32.59
CA ASP C 343 35.19 13.21 -33.45
C ASP C 343 34.35 14.42 -33.91
N LEU C 344 34.93 15.17 -34.83
CA LEU C 344 34.26 16.35 -35.40
C LEU C 344 33.61 15.96 -36.72
N SER C 345 32.56 15.15 -36.61
CA SER C 345 31.82 14.64 -37.75
C SER C 345 30.42 15.25 -37.78
N PHE C 346 29.58 14.72 -38.66
CA PHE C 346 28.20 15.19 -38.81
C PHE C 346 27.27 13.98 -38.73
N SER C 347 26.04 14.16 -39.21
CA SER C 347 25.05 13.09 -39.20
C SER C 347 24.38 12.98 -40.56
N GLU C 348 23.33 12.16 -40.65
CA GLU C 348 22.60 11.97 -41.89
C GLU C 348 21.52 13.02 -42.12
N ASP C 349 21.12 13.75 -41.09
CA ASP C 349 20.09 14.77 -41.20
C ASP C 349 20.66 16.14 -41.55
N GLY C 350 21.98 16.28 -41.62
CA GLY C 350 22.60 17.56 -41.96
C GLY C 350 22.95 18.42 -40.77
N TYR C 351 23.30 17.82 -39.63
CA TYR C 351 23.67 18.56 -38.43
C TYR C 351 24.96 18.00 -37.87
N GLN C 352 25.53 18.73 -36.91
CA GLN C 352 26.79 18.31 -36.30
C GLN C 352 26.56 17.12 -35.37
N MET C 353 27.49 16.16 -35.42
CA MET C 353 27.35 14.94 -34.62
C MET C 353 27.59 15.22 -33.15
N HIS C 354 28.77 15.71 -32.80
CA HIS C 354 29.14 16.01 -31.42
C HIS C 354 29.30 17.51 -31.24
N PRO C 355 28.26 18.23 -30.84
CA PRO C 355 28.38 19.67 -30.65
C PRO C 355 29.08 20.03 -29.35
N LYS C 356 29.79 21.16 -29.38
CA LYS C 356 30.48 21.68 -28.21
C LYS C 356 29.58 22.66 -27.46
N LEU C 357 28.49 22.13 -26.92
CA LEU C 357 27.52 22.94 -26.23
C LEU C 357 28.03 23.34 -24.84
N VAL C 358 27.33 24.30 -24.23
CA VAL C 358 27.65 24.78 -22.89
C VAL C 358 26.36 24.94 -22.11
N ILE C 359 26.48 24.91 -20.79
CA ILE C 359 25.34 25.03 -19.89
C ILE C 359 25.47 26.36 -19.14
N ILE C 360 24.51 27.25 -19.35
CA ILE C 360 24.51 28.56 -18.69
C ILE C 360 23.37 28.62 -17.69
N LEU C 361 23.58 29.38 -16.64
CA LEU C 361 22.61 29.55 -15.56
C LEU C 361 22.39 31.03 -15.31
N LEU C 362 21.12 31.44 -15.25
CA LEU C 362 20.76 32.83 -15.01
C LEU C 362 20.76 33.10 -13.51
N ASN C 363 21.54 34.10 -13.09
CA ASN C 363 21.63 34.46 -11.68
C ASN C 363 20.75 35.66 -11.36
N GLU C 365 22.98 39.82 -10.80
CA GLU C 365 23.02 40.88 -11.79
C GLU C 365 22.31 40.48 -13.08
N ARG C 366 21.71 39.28 -13.05
CA ARG C 366 20.97 38.72 -14.17
C ARG C 366 21.87 38.64 -15.42
N LYS C 367 22.85 37.74 -15.32
CA LYS C 367 23.81 37.51 -16.38
C LYS C 367 24.04 36.02 -16.54
N TRP C 368 24.05 35.54 -17.78
CA TRP C 368 24.24 34.12 -18.04
C TRP C 368 25.71 33.75 -17.81
N GLU C 369 25.95 32.93 -16.79
CA GLU C 369 27.29 32.47 -16.45
C GLU C 369 27.40 30.98 -16.70
N ARG C 370 28.60 30.53 -17.10
CA ARG C 370 28.81 29.12 -17.36
C ARG C 370 28.92 28.34 -16.07
N VAL C 371 28.42 27.10 -16.08
CA VAL C 371 28.49 26.23 -14.91
C VAL C 371 29.10 24.87 -15.21
N GLY C 372 29.08 24.41 -16.45
CA GLY C 372 29.65 23.11 -16.77
C GLY C 372 29.85 22.95 -18.26
N LYS C 373 30.66 21.96 -18.62
CA LYS C 373 30.98 21.66 -20.01
C LYS C 373 30.66 20.20 -20.29
N TYR C 374 29.69 19.95 -21.16
CA TYR C 374 29.30 18.59 -21.53
C TYR C 374 30.07 18.19 -22.78
N LYS C 375 31.03 17.27 -22.62
CA LYS C 375 31.86 16.80 -23.71
C LYS C 375 31.49 15.36 -24.06
N ASP C 376 31.46 15.08 -25.36
CA ASP C 376 31.06 13.79 -25.94
C ASP C 376 29.92 13.13 -25.18
N ARG C 377 30.23 12.51 -24.03
CA ARG C 377 29.22 11.83 -23.23
C ARG C 377 29.23 12.24 -21.77
N SER C 378 30.39 12.59 -21.23
CA SER C 378 30.48 12.98 -19.83
C SER C 378 30.23 14.47 -19.65
N LEU C 379 29.79 14.85 -18.45
CA LEU C 379 29.51 16.23 -18.09
C LEU C 379 30.49 16.66 -17.01
N LYS C 380 31.12 17.82 -17.22
CA LYS C 380 32.09 18.37 -16.29
C LYS C 380 31.48 19.54 -15.53
N MET C 381 31.51 19.48 -14.20
CA MET C 381 30.98 20.52 -13.33
C MET C 381 32.13 21.00 -12.43
N TRP C 382 32.96 21.89 -12.96
CA TRP C 382 34.13 22.39 -12.24
C TRP C 382 34.01 23.88 -11.92
N PRO C 383 33.62 24.75 -12.86
CA PRO C 383 33.51 26.18 -12.50
C PRO C 383 32.46 26.48 -11.45
N VAL C 384 31.47 25.60 -11.28
CA VAL C 384 30.42 25.80 -10.29
C VAL C 384 30.49 24.67 -9.27
N PHE C 385 29.93 24.93 -8.09
CA PHE C 385 29.88 23.93 -7.05
C PHE C 385 28.90 22.82 -7.39
N ASP C 386 29.13 21.64 -6.81
CA ASP C 386 28.31 20.47 -7.12
C ASP C 386 26.95 20.56 -6.45
N LEU C 387 26.88 21.12 -5.25
CA LEU C 387 25.62 21.24 -4.53
C LEU C 387 24.74 22.30 -5.19
N TYR C 388 23.58 21.89 -5.70
CA TYR C 388 22.70 22.84 -6.37
C TYR C 388 22.12 23.88 -5.41
N PRO C 389 21.54 23.51 -4.26
CA PRO C 389 21.04 24.55 -3.35
C PRO C 389 22.20 25.30 -2.70
N ASN C 390 22.15 26.63 -2.79
CA ASN C 390 23.20 27.46 -2.23
C ASN C 390 23.11 27.48 -0.70
N SER C 391 24.20 27.92 -0.07
CA SER C 391 24.28 28.00 1.39
C SER C 391 23.61 29.29 1.87
N GLU C 392 22.28 29.29 1.79
CA GLU C 392 21.47 30.42 2.21
C GLU C 392 20.25 29.92 2.96
N GLU C 393 19.94 30.56 4.09
CA GLU C 393 18.82 30.16 4.90
C GLU C 393 17.50 30.57 4.25
N HIS C 394 16.49 29.70 4.36
CA HIS C 394 15.18 29.99 3.80
C HIS C 394 14.10 29.97 4.87
N LYS C 395 12.86 29.77 4.46
CA LYS C 395 11.73 29.74 5.39
C LYS C 395 12.02 28.81 6.56
N ASP C 396 12.67 27.68 6.27
CA ASP C 396 12.97 26.67 7.28
C ASP C 396 14.41 26.15 7.27
N GLU C 397 15.09 26.28 6.13
CA GLU C 397 16.47 25.81 5.96
C GLU C 397 16.54 24.32 5.59
N HIS C 398 17.64 23.65 5.96
CA HIS C 398 17.85 22.28 5.50
C HIS C 398 18.25 21.43 6.71
N LEU C 399 18.75 20.23 6.44
CA LEU C 399 19.15 19.32 7.50
C LEU C 399 20.16 18.33 6.92
N SER C 400 21.26 18.12 7.64
CA SER C 400 22.30 17.19 7.22
C SER C 400 22.21 15.91 8.04
N ILE C 401 22.30 14.78 7.36
CA ILE C 401 22.20 13.47 8.00
C ILE C 401 23.49 12.69 7.73
N VAL C 402 24.12 12.20 8.78
CA VAL C 402 25.34 11.43 8.70
C VAL C 402 25.13 10.11 9.43
N THR C 403 25.61 9.02 8.83
CA THR C 403 25.46 7.69 9.42
C THR C 403 26.73 6.89 9.14
N LEU C 404 26.65 5.58 9.39
CA LEU C 404 27.76 4.68 9.18
C LEU C 404 27.23 3.38 8.59
N GLU C 405 28.05 2.73 7.77
CA GLU C 405 27.67 1.48 7.12
C GLU C 405 27.40 0.38 8.15
N GLU C 406 26.14 0.24 8.54
CA GLU C 406 25.75 -0.78 9.49
C GLU C 406 25.04 -1.93 8.78
N ALA C 407 25.47 -3.16 9.05
CA ALA C 407 24.88 -4.33 8.42
C ALA C 407 23.36 -4.25 8.45
N PRO C 408 22.77 -4.21 9.73
CA PRO C 408 21.32 -4.08 9.70
C PRO C 408 20.86 -2.66 10.01
N PHE C 409 21.69 -1.68 9.66
CA PHE C 409 21.38 -0.28 9.93
C PHE C 409 22.05 0.68 8.94
N VAL C 410 21.91 0.39 7.66
CA VAL C 410 22.46 1.25 6.61
C VAL C 410 23.33 0.39 5.72
N ILE C 411 22.83 0.06 4.53
CA ILE C 411 23.56 -0.74 3.56
C ILE C 411 24.11 0.20 2.50
N VAL C 412 25.44 0.29 2.42
CA VAL C 412 26.11 1.16 1.47
C VAL C 412 26.61 0.34 0.31
N GLU C 413 26.22 0.73 -0.91
CA GLU C 413 26.60 0.03 -2.12
C GLU C 413 27.24 1.02 -3.09
N ASP C 414 28.29 0.57 -3.79
CA ASP C 414 28.96 1.42 -4.75
C ASP C 414 28.07 1.72 -5.94
N VAL C 415 28.30 2.88 -6.56
CA VAL C 415 27.50 3.29 -7.71
C VAL C 415 27.92 2.49 -8.93
N ASP C 416 26.96 2.16 -9.78
CA ASP C 416 27.25 1.39 -10.98
C ASP C 416 27.96 2.27 -12.00
N PRO C 417 29.08 1.81 -12.57
CA PRO C 417 29.79 2.64 -13.56
C PRO C 417 29.10 2.73 -14.90
N LEU C 418 28.08 1.90 -15.16
CA LEU C 418 27.38 1.95 -16.43
C LEU C 418 26.50 3.19 -16.57
N SER C 419 26.08 3.78 -15.46
CA SER C 419 25.24 4.97 -15.48
C SER C 419 25.72 6.06 -14.54
N GLY C 420 26.25 5.69 -13.38
CA GLY C 420 26.72 6.68 -12.43
C GLY C 420 25.63 7.44 -11.72
N THR C 421 24.49 6.83 -11.47
CA THR C 421 23.37 7.48 -10.82
C THR C 421 22.57 6.44 -10.04
N CYS C 422 22.27 6.74 -8.79
CA CYS C 422 21.47 5.85 -7.96
C CYS C 422 20.04 5.79 -8.48
N MET C 423 19.42 4.62 -8.38
CA MET C 423 18.10 4.38 -8.93
C MET C 423 17.08 4.13 -7.82
N ARG C 424 15.83 4.37 -8.14
CA ARG C 424 14.67 4.16 -7.26
C ARG C 424 14.87 5.01 -6.00
N ASN C 425 14.71 4.46 -4.80
CA ASN C 425 14.80 5.22 -3.57
C ASN C 425 16.18 5.16 -2.92
N THR C 426 17.18 4.64 -3.64
CA THR C 426 18.54 4.58 -3.13
C THR C 426 19.09 6.00 -3.00
N VAL C 427 19.32 6.45 -1.78
CA VAL C 427 19.74 7.82 -1.52
C VAL C 427 21.21 7.98 -1.88
N PRO C 428 21.57 8.89 -2.80
CA PRO C 428 22.98 9.12 -3.11
C PRO C 428 23.74 9.70 -1.94
N CYS C 429 24.55 8.88 -1.29
CA CYS C 429 25.32 9.29 -0.12
C CYS C 429 26.76 9.55 -0.54
N ARG C 430 27.22 10.78 -0.36
CA ARG C 430 28.57 11.16 -0.74
C ARG C 430 29.58 10.64 0.29
N LYS C 431 30.85 10.89 0.03
CA LYS C 431 31.92 10.45 0.92
C LYS C 431 33.12 11.35 0.72
N GLN C 432 33.55 12.03 1.78
CA GLN C 432 34.67 12.97 1.73
C GLN C 432 35.91 12.27 2.25
N ILE C 433 36.81 11.90 1.33
CA ILE C 433 38.06 11.24 1.67
C ILE C 433 39.22 12.15 1.28
N ARG C 434 40.38 11.85 1.83
CA ARG C 434 41.61 12.60 1.56
C ARG C 434 42.70 11.64 1.12
N PRO C 435 43.14 11.69 -0.14
CA PRO C 435 44.22 10.78 -0.59
C PRO C 435 45.52 11.03 0.15
N GLU C 436 45.88 10.14 1.07
CA GLU C 436 47.10 10.27 1.85
C GLU C 436 48.29 9.91 0.97
N ASN C 437 48.77 10.90 0.23
CA ASN C 437 49.91 10.73 -0.67
C ASN C 437 51.18 11.04 0.11
N ARG C 438 51.76 9.99 0.69
CA ARG C 438 52.97 10.09 1.50
C ARG C 438 52.62 11.17 2.51
N THR C 439 53.36 12.27 2.50
CA THR C 439 53.14 13.40 3.41
C THR C 439 52.31 14.56 2.87
N GLU C 440 51.25 14.24 2.14
CA GLU C 440 50.38 15.26 1.56
C GLU C 440 49.00 14.66 1.35
N GLU C 441 47.98 15.37 1.82
CA GLU C 441 46.59 14.95 1.68
C GLU C 441 45.89 15.79 0.62
N GLY C 442 44.74 15.28 0.17
CA GLY C 442 43.97 15.97 -0.84
C GLY C 442 42.52 16.18 -0.45
N GLY C 443 41.61 15.94 -1.39
CA GLY C 443 40.20 16.12 -1.12
C GLY C 443 39.30 15.50 -2.18
N ASN C 444 39.19 14.18 -2.18
CA ASN C 444 38.37 13.47 -3.14
C ASN C 444 36.97 13.24 -2.56
N TYR C 445 35.96 13.34 -3.42
CA TYR C 445 34.57 13.15 -3.03
C TYR C 445 34.00 12.00 -3.85
N ILE C 446 33.92 10.81 -3.23
CA ILE C 446 33.40 9.62 -3.88
C ILE C 446 31.95 9.43 -3.44
N LYS C 447 31.03 9.40 -4.40
CA LYS C 447 29.62 9.29 -4.14
C LYS C 447 29.14 7.85 -4.37
N ARG C 448 28.39 7.32 -3.41
CA ARG C 448 27.83 5.98 -3.52
C ARG C 448 26.32 6.02 -3.33
N CYS C 449 25.69 4.86 -3.24
CA CYS C 449 24.24 4.74 -3.07
C CYS C 449 23.95 4.01 -1.77
N CYS C 450 23.23 4.66 -0.87
CA CYS C 450 22.86 4.08 0.41
C CYS C 450 21.40 3.67 0.40
N LYS C 451 21.11 2.55 1.07
CA LYS C 451 19.75 2.05 1.18
C LYS C 451 19.67 1.11 2.36
N GLY C 452 18.52 1.10 3.03
CA GLY C 452 18.34 0.25 4.18
C GLY C 452 17.14 0.68 5.00
N PHE C 453 17.10 0.21 6.24
CA PHE C 453 15.99 0.53 7.14
C PHE C 453 15.95 2.01 7.47
N CYS C 454 17.10 2.61 7.78
CA CYS C 454 17.14 4.03 8.10
C CYS C 454 16.71 4.88 6.91
N ILE C 455 17.11 4.48 5.70
CA ILE C 455 16.66 5.21 4.51
C ILE C 455 15.15 5.07 4.35
N ASP C 456 14.61 3.90 4.65
CA ASP C 456 13.18 3.68 4.50
C ASP C 456 12.38 4.54 5.48
N ILE C 457 12.76 4.52 6.77
CA ILE C 457 11.99 5.28 7.76
C ILE C 457 12.19 6.77 7.57
N LEU C 458 13.43 7.20 7.31
CA LEU C 458 13.69 8.63 7.12
C LEU C 458 13.05 9.14 5.84
N LYS C 459 12.85 8.28 4.84
CA LYS C 459 12.18 8.69 3.62
C LYS C 459 10.67 8.69 3.80
N LYS C 460 10.13 7.76 4.60
CA LYS C 460 8.69 7.76 4.85
C LYS C 460 8.29 8.95 5.70
N ILE C 461 9.05 9.27 6.74
CA ILE C 461 8.74 10.45 7.54
C ILE C 461 9.15 11.72 6.81
N ALA C 462 10.16 11.64 5.94
CA ALA C 462 10.58 12.81 5.18
C ALA C 462 9.54 13.19 4.14
N LYS C 463 8.87 12.20 3.55
CA LYS C 463 7.81 12.50 2.60
C LYS C 463 6.57 13.02 3.32
N THR C 464 6.36 12.62 4.56
CA THR C 464 5.19 13.08 5.32
C THR C 464 5.37 14.50 5.82
N VAL C 465 6.49 14.77 6.50
CA VAL C 465 6.72 16.11 7.04
C VAL C 465 7.23 17.08 5.97
N LYS C 466 7.72 16.57 4.84
CA LYS C 466 8.18 17.39 3.72
C LYS C 466 9.34 18.36 3.89
N PHE C 467 10.53 17.82 4.15
CA PHE C 467 11.72 18.65 4.29
C PHE C 467 12.91 18.10 3.53
N THR C 468 13.86 18.99 3.23
CA THR C 468 15.09 18.61 2.54
C THR C 468 16.16 18.24 3.55
N TYR C 469 17.01 17.29 3.16
CA TYR C 469 18.05 16.78 4.04
C TYR C 469 19.23 16.32 3.19
N ASP C 470 20.20 15.68 3.84
CA ASP C 470 21.39 15.17 3.18
C ASP C 470 21.80 13.87 3.87
N LEU C 471 22.71 13.14 3.25
CA LEU C 471 23.17 11.86 3.79
C LEU C 471 24.63 11.65 3.41
N TYR C 472 25.46 11.37 4.42
CA TYR C 472 26.86 11.06 4.18
C TYR C 472 27.38 10.20 5.32
N LEU C 473 28.53 9.59 5.09
CA LEU C 473 29.13 8.65 6.02
C LEU C 473 30.28 9.30 6.78
N VAL C 474 30.98 8.50 7.57
CA VAL C 474 32.13 8.94 8.36
C VAL C 474 33.37 8.22 7.84
N THR C 475 34.44 8.98 7.59
CA THR C 475 35.69 8.40 7.10
C THR C 475 36.78 8.34 8.16
N ASN C 476 36.62 9.04 9.27
CA ASN C 476 37.63 9.03 10.33
C ASN C 476 36.96 9.40 11.64
N GLY C 477 37.26 8.63 12.69
CA GLY C 477 36.72 8.87 14.02
C GLY C 477 35.68 7.86 14.46
N LYS C 478 35.04 7.18 13.50
CA LYS C 478 33.96 6.22 13.73
C LYS C 478 33.04 6.61 14.89
N HIS C 479 32.62 5.63 15.69
CA HIS C 479 31.75 5.90 16.82
C HIS C 479 32.48 6.72 17.89
N GLY C 480 31.73 7.54 18.60
CA GLY C 480 32.29 8.39 19.64
C GLY C 480 32.87 7.60 20.80
N LYS C 481 34.05 8.01 21.26
CA LYS C 481 34.73 7.34 22.36
C LYS C 481 35.50 8.38 23.16
N LYS C 482 36.15 7.92 24.23
CA LYS C 482 36.93 8.79 25.10
C LYS C 482 38.39 8.78 24.68
N ILE C 483 38.96 9.97 24.52
CA ILE C 483 40.37 10.14 24.19
C ILE C 483 41.00 11.05 25.24
N ASN C 484 41.96 10.50 26.00
CA ASN C 484 42.63 11.22 27.07
C ASN C 484 41.61 11.76 28.08
N GLY C 485 40.97 12.87 27.75
CA GLY C 485 39.97 13.45 28.62
C GLY C 485 38.95 14.28 27.86
N VAL C 486 38.56 13.80 26.67
CA VAL C 486 37.61 14.52 25.83
C VAL C 486 36.91 13.50 24.94
N TRP C 487 35.64 13.78 24.64
CA TRP C 487 34.86 12.92 23.75
C TRP C 487 35.20 13.20 22.30
N ASN C 488 35.24 12.14 21.49
CA ASN C 488 35.54 12.25 20.07
C ASN C 488 34.68 11.26 19.31
N GLY C 489 34.89 11.21 17.99
CA GLY C 489 34.14 10.31 17.14
C GLY C 489 33.07 11.01 16.33
N MET C 490 31.98 10.29 16.04
CA MET C 490 30.90 10.89 15.26
C MET C 490 30.06 11.85 16.08
N ILE C 491 29.95 11.61 17.40
CA ILE C 491 29.17 12.49 18.25
C ILE C 491 29.76 13.90 18.27
N GLY C 492 31.08 14.01 18.07
CA GLY C 492 31.69 15.33 17.98
C GLY C 492 31.15 16.16 16.83
N GLU C 493 30.65 15.49 15.78
CA GLU C 493 30.02 16.22 14.68
C GLU C 493 28.79 17.00 15.15
N VAL C 494 28.16 16.55 16.24
CA VAL C 494 27.06 17.30 16.80
C VAL C 494 27.56 18.51 17.57
N VAL C 495 28.77 18.42 18.15
CA VAL C 495 29.32 19.55 18.91
C VAL C 495 29.89 20.60 17.98
N THR C 496 30.50 20.18 16.87
CA THR C 496 31.11 21.09 15.91
C THR C 496 30.08 21.77 15.00
N LYS C 497 28.79 21.55 15.25
CA LYS C 497 27.72 22.18 14.47
C LYS C 497 27.82 21.83 12.98
N ARG C 498 28.17 20.57 12.70
CA ARG C 498 28.26 20.08 11.33
C ARG C 498 27.30 18.94 11.05
N ALA C 499 26.44 18.59 12.01
CA ALA C 499 25.47 17.51 11.82
C ALA C 499 24.27 17.78 12.72
N TYR C 500 23.17 18.23 12.12
CA TYR C 500 21.98 18.54 12.90
C TYR C 500 21.30 17.29 13.42
N MET C 501 21.42 16.17 12.70
CA MET C 501 20.81 14.92 13.12
C MET C 501 21.61 13.77 12.53
N ALA C 502 21.74 12.70 13.31
CA ALA C 502 22.50 11.52 12.88
C ALA C 502 21.78 10.26 13.33
N VAL C 503 21.85 9.22 12.50
CA VAL C 503 21.24 7.94 12.81
C VAL C 503 22.31 6.87 12.91
N GLY C 504 21.92 5.64 13.18
CA GLY C 504 22.82 4.52 13.30
C GLY C 504 22.62 3.78 14.60
N SER C 505 23.58 2.93 14.94
CA SER C 505 23.54 2.14 16.17
C SER C 505 23.92 3.05 17.33
N LEU C 506 22.91 3.71 17.91
CA LEU C 506 23.11 4.63 19.04
C LEU C 506 22.14 4.22 20.14
N THR C 507 22.61 3.40 21.07
CA THR C 507 21.79 2.97 22.19
C THR C 507 21.65 4.10 23.21
N ILE C 508 20.44 4.28 23.72
CA ILE C 508 20.20 5.34 24.69
C ILE C 508 20.84 4.98 26.02
N ASN C 509 21.61 5.92 26.57
CA ASN C 509 22.27 5.68 27.85
C ASN C 509 22.51 7.03 28.52
N GLU C 510 23.51 7.11 29.39
CA GLU C 510 23.80 8.35 30.11
C GLU C 510 24.85 9.21 29.40
N GLU C 511 25.74 8.59 28.63
CA GLU C 511 26.77 9.36 27.93
C GLU C 511 26.17 10.14 26.76
N ARG C 512 25.37 9.46 25.93
CA ARG C 512 24.75 10.15 24.81
C ARG C 512 23.73 11.18 25.29
N SER C 513 23.04 10.89 26.39
CA SER C 513 22.13 11.85 27.00
C SER C 513 22.86 12.89 27.84
N GLU C 514 24.18 12.78 27.97
CA GLU C 514 24.96 13.73 28.76
C GLU C 514 25.72 14.72 27.89
N VAL C 515 26.36 14.24 26.82
CA VAL C 515 27.13 15.15 25.96
C VAL C 515 26.21 15.90 24.99
N VAL C 516 25.14 15.26 24.51
CA VAL C 516 24.20 15.89 23.59
C VAL C 516 22.78 15.55 24.03
N ASP C 517 21.82 15.81 23.15
CA ASP C 517 20.41 15.53 23.43
C ASP C 517 20.05 14.13 22.92
N PHE C 518 18.78 13.77 23.08
CA PHE C 518 18.28 12.47 22.65
C PHE C 518 16.81 12.62 22.29
N SER C 519 16.16 11.48 22.03
CA SER C 519 14.74 11.48 21.68
C SER C 519 14.38 10.01 21.80
N VAL C 520 13.20 9.63 21.33
CA VAL C 520 12.71 8.26 21.38
C VAL C 520 13.23 7.27 20.34
N PRO C 521 13.75 6.11 20.75
CA PRO C 521 14.23 5.14 19.77
C PRO C 521 13.09 4.48 19.03
N PHE C 522 13.38 4.06 17.79
CA PHE C 522 12.37 3.43 16.95
C PHE C 522 12.38 1.91 17.06
N ILE C 523 13.54 1.31 17.35
CA ILE C 523 13.64 -0.13 17.55
C ILE C 523 14.40 -0.39 18.85
N GLU C 524 14.07 -1.51 19.48
CA GLU C 524 14.69 -1.90 20.75
C GLU C 524 15.80 -2.91 20.51
N THR C 525 16.77 -2.93 21.42
CA THR C 525 17.89 -3.85 21.34
C THR C 525 18.48 -4.00 22.75
N GLY C 526 19.69 -4.53 22.83
CA GLY C 526 20.34 -4.70 24.12
C GLY C 526 21.62 -5.50 23.97
N ILE C 527 22.17 -5.87 25.11
CA ILE C 527 23.40 -6.65 25.20
C ILE C 527 23.03 -8.13 25.32
N SER C 528 23.60 -8.96 24.47
CA SER C 528 23.28 -10.38 24.45
C SER C 528 24.53 -11.18 24.09
N VAL C 529 24.44 -12.50 24.29
CA VAL C 529 25.52 -13.43 23.98
C VAL C 529 25.15 -14.18 22.70
N MET C 530 26.15 -14.41 21.86
CA MET C 530 25.90 -15.09 20.58
C MET C 530 25.47 -16.54 20.81
N VAL C 531 26.20 -17.26 21.67
CA VAL C 531 25.88 -18.65 21.97
C VAL C 531 24.73 -18.71 22.97
N SER C 532 24.15 -19.89 23.13
CA SER C 532 23.05 -20.04 24.07
C SER C 532 23.55 -20.03 25.51
N ARG C 533 22.61 -19.82 26.44
CA ARG C 533 22.92 -19.76 27.86
C ARG C 533 22.99 -21.18 28.40
N SER C 534 24.19 -21.75 28.40
CA SER C 534 24.40 -23.11 28.90
C SER C 534 25.63 -23.28 29.77
N ASN C 535 26.64 -22.42 29.67
CA ASN C 535 27.86 -22.47 30.47
C ASN C 535 28.60 -23.80 30.32
N GLY C 536 28.40 -24.48 29.19
CA GLY C 536 29.08 -25.74 28.93
C GLY C 536 28.74 -26.83 29.92
N THR C 537 27.48 -27.24 29.97
CA THR C 537 27.01 -28.27 30.86
C THR C 537 26.65 -29.53 30.07
N VAL C 538 26.74 -30.67 30.76
CA VAL C 538 26.44 -31.96 30.16
C VAL C 538 24.97 -32.27 30.38
N SER C 539 24.33 -32.86 29.37
CA SER C 539 22.92 -33.20 29.48
C SER C 539 22.73 -34.29 30.52
N PRO C 540 21.65 -34.23 31.31
CA PRO C 540 21.43 -35.25 32.34
C PRO C 540 21.04 -36.60 31.74
N SER C 541 20.98 -37.60 32.60
CA SER C 541 20.62 -38.94 32.16
C SER C 541 19.14 -39.02 31.83
N ALA C 542 18.82 -39.75 30.76
CA ALA C 542 17.44 -39.93 30.32
C ALA C 542 16.94 -41.35 30.52
N PHE C 543 17.65 -42.16 31.32
CA PHE C 543 17.23 -43.53 31.57
C PHE C 543 16.42 -43.67 32.86
N LEU C 544 16.84 -43.01 33.93
CA LEU C 544 16.14 -43.04 35.20
C LEU C 544 15.03 -42.00 35.29
N GLU C 545 14.82 -41.21 34.24
CA GLU C 545 13.78 -40.18 34.23
C GLU C 545 12.38 -40.79 34.14
N PRO C 546 12.11 -41.75 33.24
CA PRO C 546 10.78 -42.36 33.23
C PRO C 546 10.41 -43.09 34.50
N PHE C 547 11.39 -43.53 35.30
CA PHE C 547 11.09 -44.21 36.55
C PHE C 547 10.56 -43.23 37.59
N SER C 548 11.31 -42.16 37.85
CA SER C 548 10.92 -41.13 38.82
C SER C 548 10.66 -41.73 40.21
N ALA C 549 11.45 -42.74 40.56
CA ALA C 549 11.34 -43.44 41.84
C ALA C 549 9.93 -43.99 42.06
N ASP C 550 9.31 -44.46 40.98
CA ASP C 550 7.97 -45.01 41.04
C ASP C 550 7.87 -46.40 40.43
N VAL C 551 8.56 -46.66 39.33
CA VAL C 551 8.49 -47.98 38.70
C VAL C 551 9.21 -49.01 39.56
N TRP C 552 10.30 -48.61 40.23
CA TRP C 552 11.02 -49.54 41.08
C TRP C 552 10.26 -49.83 42.37
N VAL C 553 9.66 -48.79 42.96
CA VAL C 553 8.91 -48.97 44.20
C VAL C 553 7.65 -49.79 43.94
N MET C 554 6.86 -49.40 42.94
CA MET C 554 5.66 -50.15 42.60
C MET C 554 6.00 -51.55 42.12
N MET C 555 7.15 -51.72 41.46
CA MET C 555 7.58 -53.06 41.07
C MET C 555 7.95 -53.90 42.28
N PHE C 556 8.52 -53.29 43.31
CA PHE C 556 8.84 -54.01 44.54
C PHE C 556 7.58 -54.40 45.29
N VAL C 557 6.61 -53.49 45.37
CA VAL C 557 5.35 -53.79 46.04
C VAL C 557 4.60 -54.90 45.30
N MET C 558 4.53 -54.79 43.97
CA MET C 558 3.91 -55.84 43.18
C MET C 558 4.64 -57.16 43.31
N LEU C 559 5.97 -57.12 43.46
CA LEU C 559 6.72 -58.34 43.72
C LEU C 559 6.37 -58.93 45.07
N LEU C 560 6.11 -58.09 46.07
CA LEU C 560 5.78 -58.59 47.39
C LEU C 560 4.38 -59.21 47.44
N ILE C 561 3.39 -58.51 46.86
CA ILE C 561 2.02 -59.02 46.92
C ILE C 561 1.84 -60.20 45.96
N VAL C 562 2.51 -60.16 44.80
CA VAL C 562 2.42 -61.28 43.87
C VAL C 562 3.18 -62.48 44.41
N SER C 563 4.31 -62.25 45.07
CA SER C 563 5.05 -63.36 45.66
C SER C 563 4.31 -63.97 46.84
N ALA C 564 3.69 -63.13 47.69
CA ALA C 564 3.00 -63.64 48.87
C ALA C 564 1.70 -64.32 48.49
N VAL C 565 0.82 -63.63 47.77
CA VAL C 565 -0.44 -64.21 47.35
C VAL C 565 -0.20 -65.41 46.43
N ALA C 566 0.84 -65.35 45.61
CA ALA C 566 1.15 -66.47 44.72
C ALA C 566 1.76 -67.65 45.47
N VAL C 567 2.40 -67.40 46.61
CA VAL C 567 3.01 -68.48 47.39
C VAL C 567 2.06 -69.06 48.43
N PHE C 568 0.97 -68.36 48.76
CA PHE C 568 0.00 -68.88 49.71
C PHE C 568 -1.30 -69.26 49.01
N VAL C 569 -1.23 -70.15 48.04
CA VAL C 569 -2.41 -70.60 47.31
C VAL C 569 -2.07 -72.05 47.00
N PHE C 570 -1.09 -72.27 46.11
CA PHE C 570 -0.60 -73.62 45.83
C PHE C 570 0.78 -74.07 46.27
N GLU C 571 1.69 -73.16 46.64
CA GLU C 571 3.01 -73.58 47.10
C GLU C 571 2.96 -74.10 48.52
N TYR C 572 1.99 -73.66 49.33
CA TYR C 572 1.86 -74.11 50.71
C TYR C 572 0.66 -75.06 50.78
N PHE C 573 0.93 -76.33 50.50
CA PHE C 573 -0.11 -77.37 50.53
C PHE C 573 -0.07 -78.21 51.79
N SER C 574 1.12 -78.44 52.35
CA SER C 574 1.28 -79.23 53.56
C SER C 574 1.86 -78.37 54.67
N PRO C 575 1.40 -78.55 55.92
CA PRO C 575 1.94 -77.75 57.03
C PRO C 575 3.42 -78.02 57.27
N VAL C 576 4.27 -77.10 56.84
CA VAL C 576 5.72 -77.24 57.00
C VAL C 576 6.23 -76.15 57.94
N GLY C 577 7.55 -76.06 58.08
CA GLY C 577 8.18 -75.07 58.94
C GLY C 577 8.36 -73.74 58.26
N TYR C 578 9.35 -72.99 58.73
CA TYR C 578 9.64 -71.66 58.18
C TYR C 578 10.53 -71.72 56.93
N ASN C 579 11.44 -72.70 56.86
CA ASN C 579 12.31 -72.84 55.71
C ASN C 579 11.63 -73.45 54.50
N GLY C 580 10.37 -73.87 54.64
CA GLY C 580 9.63 -74.46 53.54
C GLY C 580 9.28 -73.45 52.47
N PRO C 581 8.36 -72.53 52.79
CA PRO C 581 7.96 -71.51 51.80
C PRO C 581 9.10 -70.59 51.38
N SER C 582 10.15 -70.47 52.19
CA SER C 582 11.28 -69.61 51.82
C SER C 582 11.99 -70.13 50.58
N PHE C 583 12.08 -71.46 50.45
CA PHE C 583 12.72 -72.03 49.26
C PHE C 583 11.92 -71.73 48.01
N THR C 584 10.59 -71.67 48.13
CA THR C 584 9.74 -71.30 47.01
C THR C 584 9.72 -69.80 46.76
N ILE C 585 10.02 -68.99 47.77
CA ILE C 585 10.11 -67.55 47.59
C ILE C 585 11.41 -67.18 46.88
N GLY C 586 12.52 -67.75 47.31
CA GLY C 586 13.80 -67.44 46.68
C GLY C 586 13.83 -67.83 45.22
N LYS C 587 13.22 -68.96 44.87
CA LYS C 587 13.12 -69.36 43.47
C LYS C 587 12.02 -68.61 42.74
N ALA C 588 10.97 -68.20 43.46
CA ALA C 588 9.86 -67.48 42.83
C ALA C 588 10.27 -66.09 42.40
N ILE C 589 11.04 -65.38 43.23
CA ILE C 589 11.47 -64.04 42.87
C ILE C 589 12.45 -64.09 41.70
N TRP C 590 13.29 -65.12 41.63
CA TRP C 590 14.21 -65.25 40.51
C TRP C 590 13.48 -65.68 39.25
N LEU C 591 12.39 -66.44 39.39
CA LEU C 591 11.58 -66.80 38.21
C LEU C 591 10.86 -65.59 37.66
N LEU C 592 10.24 -64.79 38.54
CA LEU C 592 9.56 -63.58 38.09
C LEU C 592 10.55 -62.58 37.51
N TRP C 593 11.72 -62.44 38.14
CA TRP C 593 12.76 -61.58 37.58
C TRP C 593 13.22 -62.08 36.22
N GLY C 594 13.26 -63.41 36.04
CA GLY C 594 13.60 -63.97 34.75
C GLY C 594 12.53 -63.72 33.70
N LEU C 595 11.26 -63.67 34.12
CA LEU C 595 10.19 -63.40 33.18
C LEU C 595 10.08 -61.92 32.82
N VAL C 596 10.46 -61.03 33.74
CA VAL C 596 10.38 -59.60 33.46
C VAL C 596 11.42 -59.19 32.43
N PHE C 597 12.67 -59.60 32.63
CA PHE C 597 13.76 -59.22 31.74
C PHE C 597 13.87 -60.13 30.51
N ASN C 598 12.73 -60.50 29.94
CA ASN C 598 12.71 -61.41 28.82
C ASN C 598 13.18 -62.78 29.27
N ASN C 599 13.02 -63.04 30.58
CA ASN C 599 13.43 -64.31 31.16
C ASN C 599 14.73 -64.84 30.59
N SER C 600 15.83 -64.14 30.87
CA SER C 600 17.14 -64.55 30.37
C SER C 600 17.60 -65.94 30.81
N LEU C 601 16.90 -66.50 31.79
CA LEU C 601 17.22 -67.85 32.27
C LEU C 601 15.91 -68.61 32.46
N PRO C 602 15.71 -69.74 31.78
CA PRO C 602 14.46 -70.50 31.96
C PRO C 602 14.31 -71.09 33.35
N VAL C 603 15.40 -71.25 34.10
CA VAL C 603 15.39 -71.83 35.44
C VAL C 603 14.55 -73.04 35.08
N GLN C 604 13.57 -73.36 35.93
CA GLN C 604 12.71 -74.52 35.72
C GLN C 604 11.23 -74.20 35.58
N ASN C 605 10.37 -75.14 36.02
CA ASN C 605 8.93 -74.98 35.92
C ASN C 605 8.28 -75.87 36.95
N PRO C 606 7.20 -75.42 37.61
CA PRO C 606 6.52 -76.28 38.60
C PRO C 606 5.71 -77.39 37.97
N LYS C 607 4.52 -77.65 38.52
CA LYS C 607 3.68 -78.74 38.03
C LYS C 607 2.22 -78.30 37.93
N GLY C 608 1.79 -77.42 38.82
CA GLY C 608 0.41 -76.98 38.82
C GLY C 608 0.09 -76.15 37.58
N THR C 609 -1.09 -76.40 37.03
CA THR C 609 -1.50 -75.67 35.83
C THR C 609 -1.88 -74.23 36.14
N THR C 610 -2.43 -73.97 37.33
CA THR C 610 -2.75 -72.60 37.71
C THR C 610 -1.49 -71.76 37.84
N SER C 611 -0.40 -72.35 38.32
CA SER C 611 0.88 -71.64 38.36
C SER C 611 1.37 -71.33 36.96
N LYS C 612 1.12 -72.22 35.99
CA LYS C 612 1.50 -71.96 34.61
C LYS C 612 0.66 -70.83 34.02
N ILE C 613 -0.62 -70.79 34.37
CA ILE C 613 -1.48 -69.70 33.91
C ILE C 613 -1.02 -68.37 34.50
N MET C 614 -0.68 -68.35 35.79
CA MET C 614 -0.16 -67.14 36.40
C MET C 614 1.18 -66.73 35.80
N VAL C 615 2.00 -67.71 35.41
CA VAL C 615 3.23 -67.39 34.70
C VAL C 615 2.93 -66.78 33.34
N SER C 616 1.87 -67.24 32.68
CA SER C 616 1.48 -66.66 31.40
C SER C 616 1.00 -65.23 31.57
N VAL C 617 0.21 -64.97 32.62
CA VAL C 617 -0.27 -63.61 32.87
C VAL C 617 0.89 -62.68 33.23
N TRP C 618 1.82 -63.17 34.06
CA TRP C 618 2.99 -62.36 34.41
C TRP C 618 3.87 -62.11 33.19
N ALA C 619 3.92 -63.05 32.25
CA ALA C 619 4.65 -62.82 31.01
C ALA C 619 3.92 -61.82 30.12
N PHE C 620 2.59 -61.81 30.16
CA PHE C 620 1.84 -60.80 29.43
C PHE C 620 2.09 -59.41 29.99
N PHE C 621 2.11 -59.28 31.32
CA PHE C 621 2.46 -58.00 31.93
C PHE C 621 3.93 -57.67 31.67
N ALA C 622 4.77 -58.67 31.44
CA ALA C 622 6.17 -58.43 31.16
C ALA C 622 6.38 -57.88 29.75
N VAL C 623 5.65 -58.43 28.77
CA VAL C 623 5.78 -57.94 27.41
C VAL C 623 5.03 -56.62 27.22
N ILE C 624 3.95 -56.40 27.98
CA ILE C 624 3.27 -55.12 27.93
C ILE C 624 4.12 -54.04 28.59
N PHE C 625 4.71 -54.35 29.74
CA PHE C 625 5.62 -53.40 30.39
C PHE C 625 6.86 -53.16 29.55
N LEU C 626 7.33 -54.17 28.81
CA LEU C 626 8.48 -53.99 27.95
C LEU C 626 8.13 -53.12 26.73
N ALA C 627 6.94 -53.33 26.16
CA ALA C 627 6.52 -52.52 25.03
C ALA C 627 6.30 -51.07 25.45
N SER C 628 5.69 -50.85 26.62
CA SER C 628 5.50 -49.49 27.12
C SER C 628 6.82 -48.87 27.56
N TYR C 629 7.80 -49.69 27.94
CA TYR C 629 9.09 -49.17 28.34
C TYR C 629 9.93 -48.75 27.13
N THR C 630 9.90 -49.56 26.06
CA THR C 630 10.63 -49.19 24.86
C THR C 630 9.94 -48.05 24.11
N ALA C 631 8.61 -48.07 24.07
CA ALA C 631 7.87 -47.00 23.40
C ALA C 631 7.95 -45.70 24.20
N ASN C 632 7.92 -45.80 25.53
CA ASN C 632 8.01 -44.60 26.36
C ASN C 632 9.43 -44.04 26.36
N LEU C 633 10.43 -44.92 26.37
CA LEU C 633 11.82 -44.46 26.34
C LEU C 633 12.16 -43.87 24.98
N ALA C 634 11.69 -44.49 23.90
CA ALA C 634 11.94 -43.96 22.57
C ALA C 634 11.20 -42.64 22.36
N ALA C 635 9.91 -42.60 22.72
CA ALA C 635 9.15 -41.37 22.59
C ALA C 635 9.73 -40.25 23.45
N PHE C 636 10.29 -40.60 24.62
CA PHE C 636 10.96 -39.58 25.43
C PHE C 636 12.29 -39.16 24.83
N MET C 637 12.95 -40.07 24.09
CA MET C 637 14.21 -39.72 23.44
C MET C 637 14.00 -38.83 22.23
N ILE C 638 12.88 -38.99 21.51
CA ILE C 638 12.60 -38.13 20.37
C ILE C 638 12.35 -36.70 20.83
N GLN C 639 11.86 -36.52 22.06
CA GLN C 639 11.58 -35.19 22.58
C GLN C 639 12.87 -34.42 22.80
N ARG C 640 12.73 -33.18 23.24
CA ARG C 640 13.87 -32.29 23.44
C ARG C 640 14.69 -32.73 24.65
N ARG C 641 15.94 -33.13 24.41
CA ARG C 641 16.86 -33.53 25.47
C ARG C 641 18.22 -32.85 25.32
N TYR C 642 18.26 -31.72 24.61
CA TYR C 642 19.51 -31.00 24.39
C TYR C 642 19.84 -30.17 25.63
N VAL C 643 20.87 -29.34 25.51
CA VAL C 643 21.30 -28.51 26.65
C VAL C 643 20.24 -27.45 26.91
N ASP C 644 19.63 -27.49 28.09
CA ASP C 644 18.57 -26.56 28.44
C ASP C 644 19.16 -25.28 29.04
N GLN C 645 18.39 -24.20 28.95
CA GLN C 645 18.83 -22.93 29.50
C GLN C 645 18.79 -22.95 31.02
N VAL C 646 19.68 -22.17 31.63
CA VAL C 646 19.77 -22.07 33.08
C VAL C 646 19.17 -20.75 33.53
N SER C 647 18.83 -20.69 34.82
CA SER C 647 18.25 -19.50 35.43
C SER C 647 19.30 -18.63 36.10
N GLY C 648 20.43 -18.41 35.43
CA GLY C 648 21.50 -17.60 35.98
C GLY C 648 22.32 -16.75 35.02
N LEU C 649 21.94 -15.49 34.86
CA LEU C 649 22.67 -14.60 33.96
C LEU C 649 24.14 -14.40 34.34
N SER C 650 24.40 -13.81 35.49
CA SER C 650 25.76 -13.56 35.97
C SER C 650 26.22 -14.81 36.72
N ASP C 651 26.95 -15.68 36.02
CA ASP C 651 27.43 -16.92 36.61
C ASP C 651 28.92 -16.75 36.89
N LYS C 652 29.60 -17.85 37.21
CA LYS C 652 31.01 -17.79 37.56
C LYS C 652 31.99 -17.13 36.60
N LYS C 653 31.63 -16.96 35.34
CA LYS C 653 32.52 -16.34 34.37
C LYS C 653 32.53 -14.81 34.45
N PHE C 654 31.69 -14.23 35.31
CA PHE C 654 31.63 -12.79 35.48
C PHE C 654 32.38 -12.31 36.72
N GLN C 655 33.18 -13.17 37.34
CA GLN C 655 33.92 -12.79 38.53
C GLN C 655 35.32 -13.38 38.52
N ARG C 656 35.42 -14.69 38.75
CA ARG C 656 36.73 -15.34 38.78
C ARG C 656 37.04 -15.99 37.43
N PRO C 657 38.20 -15.71 36.84
CA PRO C 657 38.54 -16.35 35.56
C PRO C 657 39.04 -17.77 35.69
N ASN C 658 39.64 -18.14 36.82
CA ASN C 658 40.18 -19.48 37.02
C ASN C 658 39.14 -20.34 37.72
N ASP C 659 38.13 -20.75 36.95
CA ASP C 659 37.06 -21.60 37.43
C ASP C 659 36.85 -22.86 36.59
N PHE C 660 37.00 -22.77 35.27
CA PHE C 660 36.85 -23.91 34.37
C PHE C 660 38.23 -24.29 33.82
N SER C 661 38.59 -25.57 33.96
CA SER C 661 39.93 -26.00 33.55
C SER C 661 40.13 -25.88 32.04
N PRO C 662 39.24 -26.35 31.17
CA PRO C 662 39.43 -26.13 29.74
C PRO C 662 39.34 -24.65 29.40
N ALA C 663 39.97 -24.29 28.28
CA ALA C 663 39.99 -22.90 27.84
C ALA C 663 38.62 -22.46 27.36
N PHE C 664 38.26 -21.22 27.67
CA PHE C 664 36.97 -20.64 27.28
C PHE C 664 37.22 -19.16 26.97
N ARG C 665 37.46 -18.85 25.70
CA ARG C 665 37.74 -17.49 25.28
C ARG C 665 36.44 -16.72 25.05
N PHE C 666 36.46 -15.44 25.40
CA PHE C 666 35.28 -14.59 25.22
C PHE C 666 35.76 -13.14 25.13
N GLY C 667 35.08 -12.36 24.29
CA GLY C 667 35.44 -10.97 24.13
C GLY C 667 34.40 -10.24 23.32
N THR C 668 34.74 -8.99 22.96
CA THR C 668 33.86 -8.15 22.18
C THR C 668 34.70 -7.15 21.39
N VAL C 669 34.03 -6.31 20.63
CA VAL C 669 34.73 -5.29 19.82
C VAL C 669 35.07 -4.11 20.72
N PRO C 670 36.33 -3.68 20.75
CA PRO C 670 36.69 -2.55 21.61
C PRO C 670 36.14 -1.24 21.06
N ASN C 671 36.22 -0.20 21.90
CA ASN C 671 35.74 1.15 21.58
C ASN C 671 34.25 1.11 21.20
N GLY C 672 33.44 0.90 22.22
CA GLY C 672 32.00 0.84 22.05
C GLY C 672 31.28 1.02 23.37
N SER C 673 29.96 0.93 23.32
CA SER C 673 29.15 1.08 24.52
C SER C 673 29.24 -0.15 25.41
N THR C 674 29.47 -1.33 24.82
CA THR C 674 29.57 -2.54 25.63
C THR C 674 30.84 -2.57 26.45
N GLU C 675 31.93 -2.01 25.91
CA GLU C 675 33.19 -1.97 26.65
C GLU C 675 33.10 -1.05 27.86
N ARG C 676 32.41 0.09 27.70
CA ARG C 676 32.25 1.02 28.82
C ARG C 676 31.22 0.51 29.82
N ASN C 677 30.16 -0.14 29.33
CA ASN C 677 29.14 -0.68 30.22
C ASN C 677 29.70 -1.83 31.07
N ILE C 678 30.28 -2.83 30.41
CA ILE C 678 30.88 -3.95 31.13
C ILE C 678 32.06 -3.47 31.97
N ARG C 679 32.82 -2.50 31.46
CA ARG C 679 33.95 -1.96 32.22
C ARG C 679 33.48 -1.28 33.50
N ASN C 680 32.36 -0.56 33.44
CA ASN C 680 31.82 0.11 34.62
C ASN C 680 30.99 -0.83 35.49
N ASN C 681 30.63 -2.01 35.00
CA ASN C 681 29.85 -2.96 35.77
C ASN C 681 30.65 -4.16 36.25
N TYR C 682 31.64 -4.62 35.48
CA TYR C 682 32.46 -5.78 35.85
C TYR C 682 33.91 -5.45 35.51
N LEU C 683 34.70 -5.13 36.53
CA LEU C 683 36.10 -4.78 36.31
C LEU C 683 36.92 -6.03 35.97
N GLU C 684 36.58 -7.17 36.57
CA GLU C 684 37.32 -8.40 36.29
C GLU C 684 37.06 -8.89 34.87
N MET C 685 35.81 -8.81 34.42
CA MET C 685 35.49 -9.23 33.05
C MET C 685 36.15 -8.33 32.02
N HIS C 686 36.33 -7.05 32.34
CA HIS C 686 37.02 -6.15 31.42
C HIS C 686 38.52 -6.39 31.42
N SER C 687 39.12 -6.51 32.61
CA SER C 687 40.56 -6.77 32.70
C SER C 687 40.93 -8.10 32.07
N TYR C 688 40.05 -9.10 32.17
CA TYR C 688 40.26 -10.38 31.51
C TYR C 688 39.75 -10.41 30.08
N MET C 689 39.04 -9.36 29.66
CA MET C 689 38.47 -9.30 28.32
C MET C 689 39.30 -8.48 27.35
N VAL C 690 40.11 -7.55 27.82
CA VAL C 690 40.93 -6.73 26.94
C VAL C 690 41.95 -7.56 26.17
N LYS C 691 42.31 -8.73 26.68
CA LYS C 691 43.25 -9.61 25.99
C LYS C 691 42.62 -10.38 24.85
N PHE C 692 41.29 -10.38 24.74
CA PHE C 692 40.57 -11.03 23.66
C PHE C 692 39.65 -9.99 23.02
N ASN C 693 40.15 -9.34 21.98
CA ASN C 693 39.40 -8.30 21.27
C ASN C 693 39.13 -8.74 19.83
N GLN C 694 38.06 -8.21 19.27
CA GLN C 694 37.65 -8.51 17.90
C GLN C 694 38.06 -7.35 16.99
N ARG C 695 37.49 -7.31 15.78
CA ARG C 695 37.81 -6.25 14.83
C ARG C 695 36.47 -6.03 14.13
N SER C 696 35.98 -7.04 13.43
CA SER C 696 34.71 -6.95 12.71
C SER C 696 33.72 -8.04 13.06
N VAL C 697 32.77 -8.28 12.15
CA VAL C 697 31.76 -9.31 12.36
C VAL C 697 32.12 -10.59 11.62
N GLN C 698 32.69 -10.47 10.41
CA GLN C 698 33.07 -11.65 9.65
C GLN C 698 34.20 -12.40 10.33
N ASP C 699 35.11 -11.69 11.00
CA ASP C 699 36.17 -12.35 11.74
C ASP C 699 35.62 -13.11 12.94
N ALA C 700 34.60 -12.54 13.60
CA ALA C 700 33.96 -13.23 14.71
C ALA C 700 33.19 -14.45 14.23
N LEU C 701 32.56 -14.36 13.06
CA LEU C 701 31.86 -15.51 12.50
C LEU C 701 32.83 -16.60 12.11
N LEU C 702 33.98 -16.24 11.55
CA LEU C 702 34.99 -17.22 11.22
C LEU C 702 35.61 -17.84 12.47
N SER C 703 35.73 -17.06 13.54
CA SER C 703 36.28 -17.59 14.78
C SER C 703 35.30 -18.54 15.46
N LEU C 704 34.01 -18.21 15.45
CA LEU C 704 33.01 -19.09 16.05
C LEU C 704 32.76 -20.32 15.18
N LYS C 705 32.94 -20.20 13.87
CA LYS C 705 32.73 -21.35 12.98
C LYS C 705 33.88 -22.34 13.05
N SER C 706 35.12 -21.83 13.08
CA SER C 706 36.28 -22.72 13.13
C SER C 706 36.46 -23.35 14.50
N GLY C 707 36.32 -22.56 15.57
CA GLY C 707 36.50 -23.08 16.91
C GLY C 707 37.50 -22.27 17.73
N LYS C 708 37.86 -21.09 17.22
CA LYS C 708 38.81 -20.25 17.93
C LYS C 708 38.16 -19.51 19.10
N LEU C 709 36.98 -18.94 18.87
CA LEU C 709 36.25 -18.20 19.89
C LEU C 709 35.11 -19.05 20.43
N ASP C 710 34.86 -18.94 21.73
CA ASP C 710 33.80 -19.70 22.39
C ASP C 710 32.54 -18.85 22.57
N ALA C 711 32.64 -17.77 23.34
CA ALA C 711 31.52 -16.88 23.59
C ALA C 711 31.74 -15.54 22.90
N PHE C 712 30.64 -14.90 22.49
CA PHE C 712 30.70 -13.62 21.80
C PHE C 712 29.53 -12.77 22.29
N ILE C 713 29.84 -11.75 23.09
CA ILE C 713 28.84 -10.85 23.65
C ILE C 713 28.85 -9.55 22.85
N TYR C 714 27.69 -9.17 22.33
CA TYR C 714 27.59 -7.97 21.52
C TYR C 714 26.14 -7.48 21.57
N ASP C 715 25.77 -6.65 20.60
CA ASP C 715 24.43 -6.08 20.56
C ASP C 715 23.40 -7.15 20.19
N ALA C 716 22.15 -6.91 20.59
CA ALA C 716 21.08 -7.86 20.33
C ALA C 716 20.69 -7.87 18.85
N ALA C 717 20.67 -6.69 18.21
CA ALA C 717 20.28 -6.61 16.82
C ALA C 717 21.33 -7.25 15.91
N VAL C 718 22.61 -6.96 16.17
CA VAL C 718 23.68 -7.54 15.37
C VAL C 718 23.71 -9.06 15.55
N LEU C 719 23.28 -9.55 16.72
CA LEU C 719 23.23 -10.99 16.94
C LEU C 719 22.00 -11.62 16.31
N ASN C 720 20.90 -10.85 16.17
CA ASN C 720 19.72 -11.38 15.51
C ASN C 720 19.92 -11.43 14.00
N TYR C 721 20.60 -10.42 13.44
CA TYR C 721 20.90 -10.45 12.00
C TYR C 721 22.03 -11.42 11.68
N MET C 722 23.04 -11.49 12.55
CA MET C 722 24.15 -12.41 12.33
C MET C 722 23.70 -13.86 12.49
N ALA C 723 23.02 -14.17 13.58
CA ALA C 723 22.50 -15.52 13.76
C ALA C 723 21.36 -15.84 12.82
N GLY C 724 20.65 -14.82 12.35
CA GLY C 724 19.57 -15.02 11.41
C GLY C 724 20.05 -15.34 10.02
N ARG C 725 21.11 -14.66 9.58
CA ARG C 725 21.70 -14.87 8.26
C ARG C 725 22.77 -15.96 8.27
N ASP C 726 22.60 -16.99 9.10
CA ASP C 726 23.57 -18.08 9.16
C ASP C 726 23.40 -19.00 7.97
N GLU C 727 24.48 -19.72 7.64
CA GLU C 727 24.48 -20.64 6.51
C GLU C 727 24.04 -22.04 6.89
N GLY C 728 24.34 -22.49 8.11
CA GLY C 728 23.98 -23.82 8.54
C GLY C 728 22.93 -23.85 9.63
N CYS C 729 22.64 -22.67 10.20
CA CYS C 729 21.67 -22.54 11.29
C CYS C 729 22.02 -23.43 12.47
N LYS C 730 23.28 -23.32 12.92
CA LYS C 730 23.77 -24.15 14.03
C LYS C 730 23.64 -23.40 15.35
N LEU C 731 24.41 -22.32 15.50
CA LEU C 731 24.38 -21.55 16.74
C LEU C 731 23.10 -20.73 16.84
N VAL C 732 22.64 -20.53 18.08
CA VAL C 732 21.43 -19.77 18.35
C VAL C 732 21.68 -18.87 19.55
N THR C 733 20.91 -17.79 19.63
CA THR C 733 21.05 -16.83 20.72
C THR C 733 20.53 -17.42 22.03
N ILE C 734 20.62 -16.63 23.10
CA ILE C 734 20.17 -17.08 24.40
C ILE C 734 18.65 -17.09 24.43
N GLY C 735 18.08 -18.26 24.71
CA GLY C 735 16.63 -18.37 24.77
C GLY C 735 16.01 -18.18 23.41
N SER C 736 15.05 -17.26 23.33
CA SER C 736 14.39 -16.96 22.06
C SER C 736 14.10 -15.47 21.88
N GLY C 737 14.64 -14.61 22.74
CA GLY C 737 14.40 -13.19 22.64
C GLY C 737 14.45 -12.48 23.99
N LYS C 738 14.79 -13.23 25.04
CA LYS C 738 14.86 -12.68 26.39
C LYS C 738 16.28 -12.19 26.63
N VAL C 739 16.50 -10.88 26.51
CA VAL C 739 17.80 -10.28 26.72
C VAL C 739 17.70 -9.26 27.85
N PHE C 740 18.86 -8.91 28.39
CA PHE C 740 18.94 -7.95 29.48
C PHE C 740 19.33 -6.57 28.94
N ALA C 741 19.18 -5.55 29.80
CA ALA C 741 19.47 -4.17 29.46
C ALA C 741 18.71 -3.73 28.22
N THR C 742 17.42 -3.47 28.37
CA THR C 742 16.59 -3.07 27.24
C THR C 742 16.93 -1.64 26.82
N THR C 743 17.20 -1.45 25.54
CA THR C 743 17.51 -0.14 24.99
C THR C 743 16.93 -0.07 23.58
N GLY C 744 17.46 0.82 22.76
CA GLY C 744 16.99 0.95 21.40
C GLY C 744 17.83 1.97 20.65
N TYR C 745 17.76 1.89 19.33
CA TYR C 745 18.50 2.79 18.45
C TYR C 745 17.68 4.05 18.23
N GLY C 746 18.24 5.19 18.65
CA GLY C 746 17.58 6.47 18.48
C GLY C 746 18.39 7.46 17.69
N ILE C 747 17.98 8.73 17.71
CA ILE C 747 18.68 9.79 17.00
C ILE C 747 19.14 10.84 18.00
N ALA C 748 20.05 11.70 17.54
CA ALA C 748 20.60 12.77 18.36
C ALA C 748 20.57 14.07 17.57
N ILE C 749 20.13 15.15 18.24
CA ILE C 749 20.03 16.46 17.62
C ILE C 749 20.95 17.42 18.36
N GLN C 750 21.20 18.57 17.75
CA GLN C 750 22.05 19.60 18.34
C GLN C 750 21.45 20.48 19.43
N LYS C 751 20.43 21.24 19.08
CA LYS C 751 19.75 22.14 20.02
C LYS C 751 18.26 22.00 19.70
N ASP C 752 17.46 21.83 20.75
CA ASP C 752 16.02 21.68 20.61
C ASP C 752 15.42 23.03 20.21
N SER C 753 15.16 23.21 18.91
CA SER C 753 14.58 24.44 18.41
C SER C 753 13.74 24.18 17.17
N GLY C 754 13.96 23.05 16.52
CA GLY C 754 13.21 22.70 15.33
C GLY C 754 11.93 21.96 15.62
N TRP C 755 11.69 20.88 14.88
CA TRP C 755 10.50 20.05 15.08
C TRP C 755 10.61 19.29 16.39
N LYS C 756 11.57 18.37 16.45
CA LYS C 756 11.81 17.60 17.66
C LYS C 756 10.63 16.72 18.04
N ARG C 757 9.66 17.30 18.74
CA ARG C 757 8.51 16.55 19.22
C ARG C 757 7.72 15.94 18.06
N GLN C 758 7.42 16.75 17.05
CA GLN C 758 6.70 16.23 15.88
C GLN C 758 7.47 15.09 15.24
N VAL C 759 8.81 15.17 15.24
CA VAL C 759 9.62 14.08 14.72
C VAL C 759 9.30 12.78 15.46
N ASP C 760 9.20 12.86 16.79
CA ASP C 760 8.77 11.70 17.56
C ASP C 760 7.39 11.23 17.12
N LEU C 761 6.47 12.18 16.88
CA LEU C 761 5.17 11.81 16.35
C LEU C 761 5.29 11.08 15.02
N ALA C 762 6.29 11.45 14.21
CA ALA C 762 6.55 10.72 12.98
C ALA C 762 6.79 9.24 13.26
N ILE C 763 7.58 8.94 14.29
CA ILE C 763 7.74 7.55 14.71
C ILE C 763 6.40 6.97 15.14
N LEU C 764 5.62 7.74 15.88
CA LEU C 764 4.27 7.31 16.26
C LEU C 764 3.38 7.12 15.04
N GLN C 765 3.73 7.72 13.90
CA GLN C 765 2.99 7.47 12.67
C GLN C 765 3.32 6.10 12.08
N LEU C 766 4.56 5.63 12.28
CA LEU C 766 4.95 4.33 11.74
C LEU C 766 4.06 3.22 12.26
N PHE C 767 3.89 3.15 13.59
CA PHE C 767 3.01 2.17 14.18
C PHE C 767 1.56 2.35 13.72
N GLY C 768 1.21 3.54 13.23
CA GLY C 768 -0.11 3.76 12.68
C GLY C 768 -0.29 3.34 11.23
N ASP C 769 0.79 2.91 10.58
CA ASP C 769 0.73 2.47 9.19
C ASP C 769 1.21 1.04 8.99
N GLY C 770 1.67 0.37 10.05
CA GLY C 770 2.14 -1.00 9.91
C GLY C 770 3.45 -1.14 9.17
N GLU C 771 4.28 -0.09 9.14
CA GLU C 771 5.56 -0.17 8.46
C GLU C 771 6.57 -1.00 9.22
N MET C 772 6.40 -1.17 10.53
CA MET C 772 7.34 -1.96 11.31
C MET C 772 7.27 -3.44 10.94
N GLU C 773 6.10 -3.93 10.52
CA GLU C 773 5.97 -5.33 10.13
C GLU C 773 6.55 -5.56 8.74
N GLU C 774 6.31 -4.65 7.80
CA GLU C 774 6.84 -4.81 6.44
C GLU C 774 8.35 -4.63 6.44
N LEU C 775 8.85 -3.58 7.08
CA LEU C 775 10.29 -3.36 7.14
C LEU C 775 10.97 -4.38 8.05
N GLU C 776 10.26 -4.90 9.04
CA GLU C 776 10.83 -5.93 9.91
C GLU C 776 10.96 -7.26 9.17
N ALA C 777 9.94 -7.62 8.39
CA ALA C 777 9.98 -8.84 7.61
C ALA C 777 10.70 -8.68 6.27
N LEU C 778 11.16 -7.46 5.96
CA LEU C 778 11.88 -7.19 4.71
C LEU C 778 13.36 -6.95 4.93
N TRP C 779 13.72 -6.12 5.91
CA TRP C 779 15.11 -5.81 6.20
C TRP C 779 15.63 -6.47 7.46
N LEU C 780 14.83 -6.52 8.52
CA LEU C 780 15.24 -7.13 9.77
C LEU C 780 15.07 -8.65 9.78
N THR C 781 14.59 -9.24 8.69
CA THR C 781 14.42 -10.68 8.62
C THR C 781 15.76 -11.38 8.44
N GLY C 782 15.77 -12.68 8.66
CA GLY C 782 16.95 -13.50 8.54
C GLY C 782 16.72 -14.65 7.58
N ILE C 783 17.35 -15.79 7.90
CA ILE C 783 17.22 -16.99 7.08
C ILE C 783 16.83 -18.15 7.99
N CYS C 784 17.44 -18.21 9.17
CA CYS C 784 17.19 -19.29 10.12
C CYS C 784 16.00 -18.97 11.01
N HIS C 785 14.91 -18.48 10.42
CA HIS C 785 13.71 -18.13 11.17
C HIS C 785 12.69 -19.25 10.99
N ASN C 786 12.75 -20.25 11.87
CA ASN C 786 11.83 -21.37 11.80
C ASN C 786 11.61 -21.98 13.18
N GLU C 787 10.86 -21.27 14.03
CA GLU C 787 10.54 -21.63 15.41
C GLU C 787 11.66 -22.41 16.09
N LYS C 788 12.81 -21.77 16.27
CA LYS C 788 13.96 -22.41 16.91
C LYS C 788 13.67 -22.71 18.37
N ASN C 789 13.10 -23.89 18.64
CA ASN C 789 12.81 -24.31 20.00
C ASN C 789 13.25 -25.73 20.33
N GLU C 790 13.56 -26.56 19.34
CA GLU C 790 14.01 -27.92 19.58
C GLU C 790 15.33 -28.15 18.86
N VAL C 791 16.24 -28.88 19.51
CA VAL C 791 17.55 -29.19 18.96
C VAL C 791 17.77 -30.69 19.10
N MET C 792 18.00 -31.37 17.97
CA MET C 792 18.23 -32.80 17.96
C MET C 792 19.40 -33.11 17.03
N SER C 793 20.15 -34.15 17.37
CA SER C 793 21.31 -34.55 16.58
C SER C 793 21.62 -36.03 16.79
N SER C 794 22.83 -36.33 17.26
CA SER C 794 23.24 -37.71 17.49
C SER C 794 23.25 -37.86 19.01
N GLN C 795 23.86 -38.94 19.50
CA GLN C 795 23.94 -39.23 20.93
C GLN C 795 25.18 -38.73 21.67
N LEU C 796 24.97 -37.99 22.75
CA LEU C 796 26.06 -37.44 23.55
C LEU C 796 26.33 -38.24 24.81
N ASP C 797 25.29 -38.95 25.25
CA ASP C 797 25.29 -39.76 26.45
C ASP C 797 26.72 -40.20 26.23
N ILE C 798 27.61 -39.78 27.13
CA ILE C 798 28.90 -40.41 27.25
C ILE C 798 28.76 -40.29 28.76
N ASP C 799 27.51 -40.39 29.22
CA ASP C 799 27.16 -40.15 30.61
C ASP C 799 26.04 -41.10 31.00
N ASN C 800 24.81 -40.88 30.53
CA ASN C 800 23.72 -41.70 31.05
C ASN C 800 24.08 -43.16 31.36
N MET C 801 24.69 -43.85 30.40
CA MET C 801 25.13 -45.22 30.65
C MET C 801 26.25 -45.26 31.68
N ALA C 802 27.02 -44.18 31.81
CA ALA C 802 28.01 -44.09 32.87
C ALA C 802 27.33 -43.95 34.23
N GLY C 803 26.19 -43.25 34.28
CA GLY C 803 25.45 -43.17 35.53
C GLY C 803 24.79 -44.50 35.89
N VAL C 804 24.25 -45.20 34.89
CA VAL C 804 23.71 -46.54 35.14
C VAL C 804 24.82 -47.48 35.58
N PHE C 805 26.02 -47.31 35.04
CA PHE C 805 27.16 -48.09 35.50
C PHE C 805 27.54 -47.71 36.93
N TYR C 806 27.34 -46.45 37.30
CA TYR C 806 27.57 -46.05 38.69
C TYR C 806 26.56 -46.70 39.62
N MET C 807 25.30 -46.81 39.18
CA MET C 807 24.31 -47.55 39.96
C MET C 807 24.68 -49.03 40.05
N LEU C 808 25.27 -49.57 38.98
CA LEU C 808 25.76 -50.95 39.01
C LEU C 808 26.91 -51.09 40.00
N ALA C 809 27.73 -50.05 40.15
CA ALA C 809 28.78 -50.09 41.15
C ALA C 809 28.21 -49.97 42.56
N ALA C 810 27.12 -49.21 42.73
CA ALA C 810 26.47 -49.14 44.03
C ALA C 810 25.85 -50.48 44.42
N ALA C 811 25.20 -51.15 43.46
CA ALA C 811 24.69 -52.49 43.73
C ALA C 811 25.81 -53.49 43.93
N MET C 812 26.98 -53.23 43.31
CA MET C 812 28.13 -54.09 43.53
C MET C 812 28.67 -53.95 44.96
N ALA C 813 28.73 -52.71 45.46
CA ALA C 813 29.15 -52.50 46.84
C ALA C 813 28.11 -53.05 47.81
N LEU C 814 26.83 -52.95 47.46
CA LEU C 814 25.79 -53.53 48.31
C LEU C 814 25.91 -55.05 48.34
N SER C 815 26.22 -55.67 47.21
CA SER C 815 26.44 -57.11 47.19
C SER C 815 27.71 -57.49 47.92
N LEU C 816 28.70 -56.59 47.96
CA LEU C 816 29.92 -56.87 48.72
C LEU C 816 29.67 -56.83 50.21
N ILE C 817 28.94 -55.80 50.67
CA ILE C 817 28.59 -55.72 52.09
C ILE C 817 27.68 -56.89 52.47
N THR C 818 26.77 -57.28 51.57
CA THR C 818 25.93 -58.44 51.82
C THR C 818 26.78 -59.71 51.90
N PHE C 819 27.84 -59.80 51.10
CA PHE C 819 28.74 -60.93 51.18
C PHE C 819 29.52 -60.93 52.50
N ILE C 820 29.85 -59.74 53.01
CA ILE C 820 30.51 -59.67 54.32
C ILE C 820 29.56 -60.11 55.42
N MET C 821 28.29 -59.70 55.35
CA MET C 821 27.32 -60.15 56.34
C MET C 821 27.06 -61.64 56.24
N GLU C 822 27.15 -62.21 55.03
CA GLU C 822 26.99 -63.66 54.89
C GLU C 822 28.21 -64.40 55.43
N HIS C 823 29.41 -63.84 55.24
CA HIS C 823 30.61 -64.46 55.76
C HIS C 823 30.72 -64.34 57.28
N LEU C 824 30.11 -63.31 57.86
CA LEU C 824 30.18 -63.14 59.32
C LEU C 824 29.39 -64.23 60.04
N PHE C 825 28.25 -64.62 59.49
CA PHE C 825 27.42 -65.66 60.09
C PHE C 825 28.06 -67.03 59.92
N PRO D 28 -60.31 32.45 26.65
CA PRO D 28 -60.07 33.88 26.41
C PRO D 28 -59.52 34.15 25.01
N ASN D 29 -59.91 35.27 24.42
CA ASN D 29 -59.46 35.66 23.09
C ASN D 29 -58.21 36.52 23.21
N MET D 30 -57.06 35.96 22.83
CA MET D 30 -55.81 36.68 22.88
C MET D 30 -55.50 37.28 21.50
N ASP D 31 -55.04 38.53 21.51
CA ASP D 31 -54.74 39.24 20.27
C ASP D 31 -53.36 38.87 19.78
N ILE D 32 -53.27 38.47 18.51
CA ILE D 32 -52.00 38.14 17.87
C ILE D 32 -51.90 38.99 16.61
N ALA D 33 -51.06 40.02 16.65
CA ALA D 33 -50.90 40.92 15.52
C ALA D 33 -49.77 40.43 14.61
N VAL D 34 -49.98 40.57 13.30
CA VAL D 34 -49.01 40.17 12.29
C VAL D 34 -48.64 41.42 11.50
N ILE D 35 -47.42 41.92 11.72
CA ILE D 35 -46.94 43.12 11.03
C ILE D 35 -46.36 42.69 9.68
N LEU D 36 -46.87 43.30 8.60
CA LEU D 36 -46.42 43.02 7.25
C LEU D 36 -45.82 44.27 6.64
N VAL D 37 -44.57 44.18 6.22
CA VAL D 37 -43.85 45.30 5.60
C VAL D 37 -43.51 44.92 4.18
N GLY D 38 -43.89 45.79 3.24
CA GLY D 38 -43.62 45.55 1.83
C GLY D 38 -44.76 46.04 0.97
N THR D 39 -44.51 46.06 -0.33
CA THR D 39 -45.50 46.50 -1.31
C THR D 39 -46.44 45.38 -1.75
N THR D 40 -46.34 44.20 -1.15
CA THR D 40 -47.21 43.10 -1.52
C THR D 40 -48.61 43.32 -0.97
N GLU D 41 -49.61 43.07 -1.82
CA GLU D 41 -51.00 43.23 -1.42
C GLU D 41 -51.36 42.24 -0.31
N GLU D 42 -51.80 42.75 0.83
CA GLU D 42 -52.15 41.93 1.97
C GLU D 42 -53.57 41.38 1.91
N VAL D 43 -54.33 41.71 0.87
CA VAL D 43 -55.69 41.21 0.76
C VAL D 43 -55.70 39.70 0.57
N ALA D 44 -54.81 39.19 -0.28
CA ALA D 44 -54.68 37.76 -0.51
C ALA D 44 -53.79 37.08 0.53
N ILE D 45 -53.36 37.81 1.56
CA ILE D 45 -52.49 37.26 2.59
C ILE D 45 -53.23 37.13 3.92
N LYS D 46 -53.98 38.16 4.31
CA LYS D 46 -54.70 38.11 5.59
C LYS D 46 -55.87 37.13 5.55
N ASP D 47 -56.34 36.74 4.37
CA ASP D 47 -57.44 35.79 4.26
C ASP D 47 -56.99 34.39 4.63
N VAL D 48 -57.11 34.03 5.90
CA VAL D 48 -56.72 32.73 6.41
C VAL D 48 -57.97 31.99 6.87
N HIS D 49 -58.09 30.72 6.48
CA HIS D 49 -59.24 29.89 6.85
C HIS D 49 -58.87 28.84 7.89
N GLU D 50 -57.76 29.01 8.60
CA GLU D 50 -57.32 28.08 9.62
C GLU D 50 -57.75 28.48 11.01
N LYS D 51 -58.88 29.17 11.14
CA LYS D 51 -59.40 29.62 12.42
C LYS D 51 -60.76 28.95 12.68
N ASP D 52 -61.46 29.45 13.70
CA ASP D 52 -62.78 28.96 14.09
C ASP D 52 -62.75 27.46 14.40
N ASP D 53 -62.68 26.63 13.36
CA ASP D 53 -62.68 25.18 13.56
C ASP D 53 -61.39 24.68 14.20
N PHE D 54 -60.30 25.43 14.09
CA PHE D 54 -59.01 25.03 14.65
C PHE D 54 -58.76 25.72 16.00
N HIS D 55 -59.75 25.68 16.89
CA HIS D 55 -59.64 26.27 18.22
C HIS D 55 -60.00 25.22 19.27
N HIS D 56 -59.25 24.11 19.26
CA HIS D 56 -59.48 23.05 20.23
C HIS D 56 -58.95 23.42 21.61
N LEU D 57 -57.95 24.30 21.68
CA LEU D 57 -57.40 24.71 22.95
C LEU D 57 -58.39 25.60 23.69
N PRO D 58 -58.35 25.62 25.03
CA PRO D 58 -59.26 26.51 25.77
C PRO D 58 -59.07 27.97 25.46
N VAL D 59 -57.85 28.40 25.16
CA VAL D 59 -57.58 29.79 24.80
C VAL D 59 -57.89 30.00 23.33
N THR D 60 -58.58 31.09 23.02
CA THR D 60 -58.98 31.39 21.65
C THR D 60 -58.21 32.59 21.13
N PRO D 61 -57.28 32.42 20.20
CA PRO D 61 -56.56 33.57 19.63
C PRO D 61 -57.35 34.23 18.51
N ARG D 62 -56.89 35.42 18.14
CA ARG D 62 -57.47 36.17 17.05
C ARG D 62 -56.37 36.90 16.29
N VAL D 63 -56.46 36.86 14.96
CA VAL D 63 -55.43 37.43 14.09
C VAL D 63 -55.74 38.89 13.85
N GLU D 64 -54.71 39.73 13.91
CA GLU D 64 -54.82 41.17 13.64
C GLU D 64 -53.61 41.57 12.81
N LEU D 65 -53.75 41.50 11.49
CA LEU D 65 -52.67 41.79 10.56
C LEU D 65 -52.69 43.28 10.20
N VAL D 66 -51.51 43.91 10.25
CA VAL D 66 -51.36 45.30 9.90
C VAL D 66 -50.32 45.43 8.79
N THR D 67 -50.38 46.54 8.07
CA THR D 67 -49.49 46.81 6.96
C THR D 67 -48.55 47.96 7.31
N MET D 68 -47.45 48.05 6.56
CA MET D 68 -46.46 49.09 6.77
C MET D 68 -45.70 49.30 5.47
N GLN D 69 -45.81 50.51 4.91
CA GLN D 69 -45.14 50.84 3.65
C GLN D 69 -43.90 51.70 3.85
N GLU D 70 -43.53 52.00 5.09
CA GLU D 70 -42.36 52.83 5.40
C GLU D 70 -41.45 52.04 6.32
N SER D 71 -40.25 51.71 5.84
CA SER D 71 -39.27 50.97 6.62
C SER D 71 -38.41 51.97 7.39
N ASP D 72 -38.76 52.18 8.67
CA ASP D 72 -38.03 53.09 9.53
C ASP D 72 -38.31 52.73 10.98
N PRO D 73 -37.36 52.95 11.89
CA PRO D 73 -37.60 52.58 13.29
C PRO D 73 -38.68 53.43 13.95
N LYS D 74 -38.89 54.67 13.51
CA LYS D 74 -39.91 55.51 14.11
C LYS D 74 -41.31 54.96 13.84
N SER D 75 -41.54 54.46 12.62
CA SER D 75 -42.84 53.86 12.31
C SER D 75 -43.02 52.52 13.01
N ILE D 76 -41.93 51.77 13.21
CA ILE D 76 -42.03 50.49 13.90
C ILE D 76 -42.38 50.71 15.37
N ILE D 77 -41.64 51.59 16.05
CA ILE D 77 -41.94 51.89 17.45
C ILE D 77 -43.31 52.55 17.58
N THR D 78 -43.70 53.36 16.59
CA THR D 78 -44.99 54.02 16.64
C THR D 78 -46.13 53.02 16.52
N ARG D 79 -46.02 52.08 15.58
CA ARG D 79 -47.08 51.09 15.41
C ARG D 79 -47.10 50.07 16.54
N ILE D 80 -45.93 49.77 17.12
CA ILE D 80 -45.88 48.81 18.21
C ILE D 80 -46.42 49.42 19.50
N CYS D 81 -46.09 50.69 19.77
CA CYS D 81 -46.59 51.33 20.98
C CYS D 81 -48.06 51.69 20.86
N ASP D 82 -48.44 52.29 19.72
CA ASP D 82 -49.85 52.65 19.53
C ASP D 82 -50.73 51.41 19.41
N LEU D 83 -50.25 50.39 18.69
CA LEU D 83 -51.00 49.14 18.59
C LEU D 83 -51.05 48.40 19.93
N MET D 84 -50.00 48.54 20.73
CA MET D 84 -49.98 47.89 22.04
C MET D 84 -50.97 48.56 23.00
N SER D 85 -50.98 49.90 23.03
CA SER D 85 -51.91 50.62 23.88
C SER D 85 -53.34 50.54 23.35
N ASP D 86 -53.52 50.31 22.05
CA ASP D 86 -54.85 50.20 21.47
C ASP D 86 -55.44 48.80 21.64
N LYS D 87 -54.65 47.77 21.34
CA LYS D 87 -55.08 46.39 21.46
C LYS D 87 -54.10 45.62 22.32
N LYS D 88 -54.62 44.88 23.31
CA LYS D 88 -53.79 44.09 24.21
C LYS D 88 -53.34 42.83 23.49
N VAL D 89 -52.23 42.93 22.77
CA VAL D 89 -51.69 41.81 22.03
C VAL D 89 -50.73 41.02 22.92
N GLN D 90 -50.44 39.80 22.51
CA GLN D 90 -49.55 38.91 23.24
C GLN D 90 -48.39 38.40 22.41
N GLY D 91 -48.63 38.05 21.15
CA GLY D 91 -47.57 37.57 20.28
C GLY D 91 -47.36 38.44 19.06
N VAL D 92 -46.19 39.06 18.97
CA VAL D 92 -45.85 39.94 17.85
C VAL D 92 -45.11 39.12 16.80
N VAL D 93 -45.63 39.12 15.58
CA VAL D 93 -45.05 38.39 14.46
C VAL D 93 -44.67 39.41 13.40
N PHE D 94 -43.37 39.68 13.26
CA PHE D 94 -42.86 40.65 12.30
C PHE D 94 -42.28 39.92 11.10
N GLY D 95 -42.44 40.51 9.92
CA GLY D 95 -41.94 39.92 8.70
C GLY D 95 -41.89 40.91 7.54
N ASP D 96 -40.73 41.03 6.91
CA ASP D 96 -40.55 41.94 5.79
C ASP D 96 -39.93 41.17 4.63
N ASP D 97 -39.25 41.91 3.73
CA ASP D 97 -38.61 41.27 2.59
C ASP D 97 -37.35 42.02 2.16
N THR D 98 -36.68 42.68 3.09
CA THR D 98 -35.46 43.44 2.81
C THR D 98 -34.24 42.62 3.22
N ASP D 99 -33.08 43.27 3.21
CA ASP D 99 -31.80 42.64 3.57
C ASP D 99 -31.05 43.51 4.56
N GLN D 100 -31.74 43.97 5.60
CA GLN D 100 -31.16 44.82 6.64
C GLN D 100 -31.36 44.12 7.99
N GLU D 101 -30.30 43.51 8.51
CA GLU D 101 -30.39 42.81 9.78
C GLU D 101 -30.46 43.76 10.96
N ALA D 102 -29.97 44.99 10.81
CA ALA D 102 -29.99 45.95 11.92
C ALA D 102 -31.41 46.22 12.39
N ILE D 103 -32.37 46.24 11.46
CA ILE D 103 -33.77 46.42 11.83
C ILE D 103 -34.20 45.31 12.79
N ALA D 104 -33.73 44.08 12.55
CA ALA D 104 -34.01 42.99 13.47
C ALA D 104 -33.51 43.31 14.87
N GLN D 105 -32.32 43.91 14.97
CA GLN D 105 -31.82 44.33 16.27
C GLN D 105 -32.77 45.32 16.93
N ILE D 106 -33.39 46.21 16.13
CA ILE D 106 -34.39 47.12 16.66
C ILE D 106 -35.53 46.34 17.30
N LEU D 107 -35.92 45.22 16.68
CA LEU D 107 -36.93 44.36 17.29
C LEU D 107 -36.50 43.89 18.67
N ASP D 108 -35.21 43.56 18.83
CA ASP D 108 -34.70 43.20 20.14
C ASP D 108 -34.90 44.34 21.13
N PHE D 109 -34.72 45.59 20.67
CA PHE D 109 -35.01 46.73 21.52
C PHE D 109 -36.44 46.71 22.01
N ILE D 110 -37.37 46.30 21.15
CA ILE D 110 -38.77 46.18 21.56
C ILE D 110 -38.89 45.21 22.73
N SER D 111 -38.13 44.11 22.69
CA SER D 111 -38.11 43.17 23.81
C SER D 111 -37.67 43.87 25.09
N VAL D 112 -36.69 44.77 24.99
CA VAL D 112 -36.22 45.49 26.18
C VAL D 112 -37.37 46.28 26.80
N GLN D 113 -38.37 46.65 26.02
CA GLN D 113 -39.55 47.34 26.54
C GLN D 113 -40.76 46.43 26.65
N THR D 114 -40.69 45.20 26.14
CA THR D 114 -41.85 44.30 26.16
C THR D 114 -41.54 42.87 26.56
N LEU D 115 -40.37 42.34 26.24
CA LEU D 115 -40.02 40.93 26.48
C LEU D 115 -41.05 40.00 25.81
N THR D 116 -41.49 40.39 24.61
CA THR D 116 -42.47 39.63 23.86
C THR D 116 -41.78 38.67 22.89
N PRO D 117 -42.15 37.39 22.87
CA PRO D 117 -41.54 36.45 21.94
C PRO D 117 -41.76 36.83 20.48
N ILE D 118 -40.76 37.46 19.87
CA ILE D 118 -40.84 37.88 18.47
C ILE D 118 -40.28 36.77 17.60
N LEU D 119 -41.05 36.35 16.60
CA LEU D 119 -40.68 35.28 15.69
C LEU D 119 -40.33 35.89 14.33
N GLY D 120 -39.20 35.46 13.77
CA GLY D 120 -38.77 35.92 12.47
C GLY D 120 -38.99 34.84 11.42
N ILE D 121 -39.74 35.21 10.38
CA ILE D 121 -40.09 34.28 9.31
C ILE D 121 -39.40 34.63 8.00
N HIS D 122 -39.32 35.91 7.67
CA HIS D 122 -38.71 36.35 6.42
C HIS D 122 -38.38 37.82 6.50
N GLY D 123 -37.31 38.21 5.81
CA GLY D 123 -36.90 39.61 5.78
C GLY D 123 -35.68 39.89 6.62
N GLY D 124 -35.55 41.13 7.10
CA GLY D 124 -34.42 41.52 7.93
C GLY D 124 -34.30 40.72 9.21
N SER D 125 -35.40 40.14 9.69
CA SER D 125 -35.39 39.29 10.88
C SER D 125 -35.05 37.84 10.54
N SER D 126 -34.49 37.58 9.37
CA SER D 126 -34.12 36.23 8.97
C SER D 126 -32.65 35.90 9.21
N MET D 127 -31.79 36.91 9.33
CA MET D 127 -30.38 36.67 9.55
C MET D 127 -30.11 36.37 11.03
N ILE D 128 -29.05 35.61 11.27
CA ILE D 128 -28.69 35.19 12.62
C ILE D 128 -27.89 36.29 13.30
N MET D 129 -27.66 36.14 14.61
CA MET D 129 -26.89 37.11 15.38
C MET D 129 -26.35 36.39 16.61
N ALA D 130 -25.05 36.07 16.58
CA ALA D 130 -24.45 35.32 17.67
C ALA D 130 -24.33 36.19 18.92
N ASP D 131 -24.42 35.53 20.08
CA ASP D 131 -24.31 36.19 21.38
C ASP D 131 -25.30 37.27 21.81
N LYS D 132 -26.59 36.97 21.69
CA LYS D 132 -27.65 37.89 22.08
C LYS D 132 -27.90 38.08 23.57
N GLU D 133 -29.00 38.75 23.90
CA GLU D 133 -29.36 39.01 25.29
C GLU D 133 -29.98 37.76 25.91
N GLU D 134 -29.54 37.43 27.12
CA GLU D 134 -30.08 36.26 27.82
C GLU D 134 -31.49 36.47 28.32
N ALA D 135 -31.93 37.73 28.44
CA ALA D 135 -33.28 38.04 28.90
C ALA D 135 -34.26 38.31 27.77
N SER D 136 -33.77 38.51 26.55
CA SER D 136 -34.65 38.77 25.43
C SER D 136 -35.32 37.48 24.94
N MET D 137 -36.40 37.65 24.20
CA MET D 137 -37.18 36.53 23.67
C MET D 137 -37.23 36.61 22.14
N PHE D 138 -36.10 36.88 21.51
CA PHE D 138 -36.02 36.99 20.06
C PHE D 138 -35.73 35.61 19.48
N PHE D 139 -36.65 35.11 18.66
CA PHE D 139 -36.52 33.81 18.02
C PHE D 139 -36.66 33.97 16.52
N GLN D 140 -35.66 33.51 15.78
CA GLN D 140 -35.65 33.62 14.33
C GLN D 140 -35.48 32.24 13.71
N PHE D 141 -35.87 32.12 12.44
CA PHE D 141 -35.75 30.88 11.70
C PHE D 141 -34.46 30.81 10.88
N GLY D 142 -33.45 31.57 11.26
CA GLY D 142 -32.19 31.58 10.54
C GLY D 142 -31.26 30.48 11.00
N PRO D 143 -30.65 29.77 10.06
CA PRO D 143 -29.73 28.68 10.42
C PRO D 143 -28.41 29.25 10.95
N SER D 144 -27.98 28.74 12.10
CA SER D 144 -26.74 29.19 12.72
C SER D 144 -25.54 28.58 11.98
N ILE D 145 -24.34 28.98 12.39
CA ILE D 145 -23.13 28.47 11.76
C ILE D 145 -22.89 27.00 12.10
N GLU D 146 -23.43 26.53 13.23
CA GLU D 146 -23.25 25.13 13.60
C GLU D 146 -24.03 24.21 12.67
N GLN D 147 -25.25 24.61 12.30
CA GLN D 147 -26.05 23.80 11.38
C GLN D 147 -25.50 23.86 9.97
N GLN D 148 -25.15 25.06 9.50
CA GLN D 148 -24.60 25.20 8.15
C GLN D 148 -23.27 24.47 8.03
N ALA D 149 -22.45 24.50 9.09
CA ALA D 149 -21.19 23.76 9.06
C ALA D 149 -21.44 22.26 8.97
N SER D 150 -22.45 21.76 9.69
CA SER D 150 -22.78 20.35 9.62
C SER D 150 -23.30 19.96 8.24
N VAL D 151 -24.08 20.85 7.61
CA VAL D 151 -24.58 20.58 6.27
C VAL D 151 -23.43 20.55 5.27
N MET D 152 -22.49 21.50 5.39
CA MET D 152 -21.34 21.51 4.49
C MET D 152 -20.46 20.28 4.70
N LEU D 153 -20.32 19.84 5.95
CA LEU D 153 -19.54 18.63 6.21
C LEU D 153 -20.26 17.38 5.69
N ASN D 154 -21.59 17.39 5.66
CA ASN D 154 -22.32 16.26 5.10
C ASN D 154 -22.19 16.23 3.59
N ILE D 155 -22.28 17.40 2.94
CA ILE D 155 -22.11 17.46 1.48
C ILE D 155 -20.70 17.04 1.10
N MET D 156 -19.70 17.54 1.84
CA MET D 156 -18.32 17.16 1.58
C MET D 156 -18.04 15.71 1.98
N GLU D 157 -18.90 15.11 2.79
CA GLU D 157 -18.73 13.72 3.22
C GLU D 157 -19.35 12.74 2.24
N GLU D 158 -20.49 13.09 1.63
CA GLU D 158 -21.14 12.19 0.69
C GLU D 158 -20.36 12.07 -0.61
N TYR D 159 -19.69 13.14 -1.04
CA TYR D 159 -18.91 13.14 -2.26
C TYR D 159 -17.45 12.74 -2.05
N ASP D 160 -17.11 12.29 -0.84
CA ASP D 160 -15.76 11.83 -0.51
C ASP D 160 -14.73 12.93 -0.75
N TRP D 161 -14.83 14.00 0.04
CA TRP D 161 -13.92 15.14 -0.01
C TRP D 161 -13.21 15.22 1.35
N TYR D 162 -12.14 14.45 1.49
CA TYR D 162 -11.41 14.41 2.75
C TYR D 162 -10.49 15.61 2.91
N ILE D 163 -9.74 15.94 1.86
CA ILE D 163 -8.83 17.07 1.91
C ILE D 163 -9.59 18.35 1.58
N PHE D 164 -9.44 19.36 2.43
CA PHE D 164 -10.14 20.62 2.26
C PHE D 164 -9.24 21.77 2.72
N SER D 165 -9.54 22.97 2.21
CA SER D 165 -8.83 24.18 2.60
C SER D 165 -9.86 25.23 2.99
N ILE D 166 -9.79 25.68 4.24
CA ILE D 166 -10.74 26.66 4.77
C ILE D 166 -10.12 28.04 4.66
N VAL D 167 -10.88 28.99 4.13
CA VAL D 167 -10.46 30.37 3.97
C VAL D 167 -11.42 31.25 4.76
N THR D 168 -10.92 31.87 5.83
CA THR D 168 -11.72 32.74 6.68
C THR D 168 -11.10 34.13 6.72
N THR D 169 -11.93 35.12 7.05
CA THR D 169 -11.47 36.49 7.17
C THR D 169 -11.64 37.01 8.58
N TYR D 170 -11.82 38.32 8.74
CA TYR D 170 -12.01 38.95 10.04
C TYR D 170 -13.48 39.13 10.39
N PHE D 171 -14.36 38.29 9.85
CA PHE D 171 -15.77 38.39 10.17
C PHE D 171 -16.03 37.83 11.57
N PRO D 172 -16.81 38.53 12.39
CA PRO D 172 -17.09 38.05 13.75
C PRO D 172 -17.83 36.72 13.76
N GLY D 173 -17.12 35.64 14.06
CA GLY D 173 -17.75 34.32 14.12
C GLY D 173 -16.93 33.24 13.46
N TYR D 174 -15.60 33.42 13.43
CA TYR D 174 -14.71 32.42 12.83
C TYR D 174 -14.06 31.50 13.85
N GLN D 175 -13.95 31.94 15.11
CA GLN D 175 -13.36 31.08 16.14
C GLN D 175 -14.17 29.82 16.34
N ASP D 176 -15.48 29.96 16.55
CA ASP D 176 -16.35 28.80 16.69
C ASP D 176 -16.45 28.01 15.39
N PHE D 177 -16.14 28.63 14.25
CA PHE D 177 -16.17 27.91 12.98
C PHE D 177 -14.97 26.99 12.84
N GLU D 178 -13.77 27.52 13.02
CA GLU D 178 -12.57 26.70 12.91
C GLU D 178 -12.49 25.69 14.06
N ASN D 179 -12.90 26.09 15.26
CA ASN D 179 -12.93 25.16 16.37
C ASN D 179 -14.03 24.13 16.22
N LYS D 180 -15.11 24.48 15.51
CA LYS D 180 -16.18 23.51 15.25
C LYS D 180 -15.74 22.49 14.20
N VAL D 181 -15.06 22.94 13.15
CA VAL D 181 -14.60 22.01 12.12
C VAL D 181 -13.49 21.12 12.66
N ARG D 182 -12.51 21.72 13.35
CA ARG D 182 -11.42 20.92 13.93
C ARG D 182 -11.95 19.97 14.99
N SER D 183 -12.78 20.48 15.89
CA SER D 183 -13.36 19.63 16.94
C SER D 183 -14.29 18.56 16.37
N THR D 184 -14.84 18.78 15.18
CA THR D 184 -15.69 17.77 14.56
C THR D 184 -14.87 16.69 13.86
N ILE D 185 -13.80 17.08 13.16
CA ILE D 185 -12.99 16.11 12.45
C ILE D 185 -12.02 15.38 13.37
N GLU D 186 -11.74 15.90 14.56
CA GLU D 186 -10.83 15.25 15.48
C GLU D 186 -11.50 14.16 16.31
N ASN D 187 -12.80 13.94 16.12
CA ASN D 187 -13.55 12.95 16.89
C ASN D 187 -14.28 11.94 16.02
N SER D 188 -14.76 12.33 14.85
CA SER D 188 -15.49 11.42 13.99
C SER D 188 -14.56 10.35 13.43
N PHE D 189 -15.17 9.23 13.01
CA PHE D 189 -14.40 8.12 12.45
C PHE D 189 -13.92 8.38 11.04
N VAL D 190 -14.43 9.42 10.37
CA VAL D 190 -14.00 9.73 9.01
C VAL D 190 -12.60 10.33 9.04
N GLY D 191 -11.72 9.82 8.21
CA GLY D 191 -10.34 10.31 8.15
C GLY D 191 -10.20 11.57 7.32
N TRP D 192 -10.40 12.73 7.95
CA TRP D 192 -10.27 14.00 7.27
C TRP D 192 -8.80 14.38 7.14
N GLU D 193 -8.54 15.51 6.48
CA GLU D 193 -7.18 16.00 6.28
C GLU D 193 -7.24 17.52 6.19
N LEU D 194 -6.79 18.19 7.23
CA LEU D 194 -6.77 19.65 7.29
C LEU D 194 -5.41 20.16 6.84
N GLU D 195 -5.40 21.05 5.84
CA GLU D 195 -4.17 21.62 5.33
C GLU D 195 -4.42 22.79 6.27
N GLU D 196 -3.76 23.91 6.02
CA GLU D 196 -3.95 25.11 6.84
C GLU D 196 -5.02 26.16 6.65
N VAL D 197 -5.72 26.52 7.73
CA VAL D 197 -6.76 27.55 7.68
C VAL D 197 -6.05 28.90 7.67
N ILE D 198 -6.02 29.54 6.49
CA ILE D 198 -5.34 30.82 6.33
C ILE D 198 -6.30 31.95 6.68
N HIS D 199 -5.77 33.17 6.73
CA HIS D 199 -6.58 34.35 7.02
C HIS D 199 -6.17 35.48 6.08
N LEU D 200 -7.16 36.21 5.58
CA LEU D 200 -6.94 37.30 4.65
C LEU D 200 -7.46 38.61 5.24
N ASP D 201 -6.81 39.71 4.84
CA ASP D 201 -7.18 41.04 5.29
C ASP D 201 -7.79 41.83 4.14
N MET D 202 -8.80 42.63 4.47
CA MET D 202 -9.50 43.43 3.47
C MET D 202 -9.33 44.93 3.67
N SER D 203 -8.77 45.36 4.80
CA SER D 203 -8.57 46.79 5.05
C SER D 203 -7.57 47.41 4.09
N LEU D 204 -6.69 46.62 3.50
CA LEU D 204 -5.70 47.10 2.55
C LEU D 204 -5.74 46.23 1.29
N ASP D 205 -5.64 46.87 0.13
CA ASP D 205 -5.66 46.15 -1.13
C ASP D 205 -4.41 45.29 -1.28
N ASP D 206 -4.55 44.20 -2.05
CA ASP D 206 -3.45 43.28 -2.28
C ASP D 206 -2.46 43.93 -3.25
N ILE D 207 -1.57 44.75 -2.69
CA ILE D 207 -0.55 45.44 -3.48
C ILE D 207 0.85 45.09 -3.05
N ASP D 208 1.05 44.50 -1.87
CA ASP D 208 2.37 44.13 -1.39
C ASP D 208 2.68 42.65 -1.57
N SER D 209 1.86 41.93 -2.34
CA SER D 209 2.04 40.51 -2.62
C SER D 209 2.06 39.70 -1.32
N LYS D 210 0.87 39.60 -0.72
CA LYS D 210 0.70 38.82 0.50
C LYS D 210 -0.51 37.91 0.38
N ILE D 211 -1.65 38.46 -0.05
CA ILE D 211 -2.85 37.65 -0.23
C ILE D 211 -2.63 36.60 -1.31
N GLN D 212 -1.95 36.98 -2.39
CA GLN D 212 -1.64 36.03 -3.45
C GLN D 212 -0.69 34.95 -2.95
N ASN D 213 0.26 35.32 -2.09
CA ASN D 213 1.18 34.33 -1.52
C ASN D 213 0.47 33.40 -0.56
N GLN D 214 -0.60 33.86 0.09
CA GLN D 214 -1.36 33.00 0.98
C GLN D 214 -2.34 32.12 0.22
N LEU D 215 -2.82 32.57 -0.94
CA LEU D 215 -3.77 31.81 -1.74
C LEU D 215 -3.09 30.89 -2.75
N LYS D 216 -1.79 31.06 -3.01
CA LYS D 216 -1.08 30.22 -3.96
C LYS D 216 -0.68 28.87 -3.38
N LYS D 217 -0.94 28.63 -2.09
CA LYS D 217 -0.61 27.38 -1.44
C LYS D 217 -1.87 26.65 -0.99
N LEU D 218 -2.80 26.44 -1.93
CA LEU D 218 -4.07 25.76 -1.66
C LEU D 218 -4.25 24.68 -2.73
N GLN D 219 -3.92 23.44 -2.39
CA GLN D 219 -4.05 22.33 -3.32
C GLN D 219 -5.05 21.30 -2.80
N SER D 220 -6.27 21.75 -2.52
CA SER D 220 -7.33 20.88 -2.02
C SER D 220 -8.49 20.84 -3.00
N PRO D 221 -9.18 19.70 -3.11
CA PRO D 221 -10.32 19.62 -4.05
C PRO D 221 -11.52 20.44 -3.61
N VAL D 222 -11.57 20.91 -2.37
CA VAL D 222 -12.68 21.72 -1.88
C VAL D 222 -12.13 22.81 -0.96
N ILE D 223 -12.60 24.03 -1.15
CA ILE D 223 -12.15 25.20 -0.40
C ILE D 223 -13.37 25.93 0.13
N LEU D 224 -13.45 26.09 1.44
CA LEU D 224 -14.52 26.83 2.08
C LEU D 224 -14.18 28.32 2.15
N LEU D 225 -15.21 29.15 2.20
CA LEU D 225 -15.05 30.59 2.30
C LEU D 225 -15.98 31.11 3.40
N TYR D 226 -15.44 31.96 4.26
CA TYR D 226 -16.19 32.55 5.37
C TYR D 226 -15.91 34.05 5.40
N CYS D 227 -16.80 34.84 4.79
CA CYS D 227 -16.65 36.29 4.77
C CYS D 227 -17.99 36.96 4.53
N THR D 228 -18.00 38.05 3.76
CA THR D 228 -19.23 38.76 3.45
C THR D 228 -19.43 38.77 1.94
N LYS D 229 -19.99 39.85 1.41
CA LYS D 229 -20.24 39.99 -0.02
C LYS D 229 -19.21 40.84 -0.75
N GLU D 230 -19.04 42.10 -0.33
CA GLU D 230 -18.04 42.95 -0.98
C GLU D 230 -16.63 42.42 -0.77
N GLU D 231 -16.40 41.67 0.31
CA GLU D 231 -15.11 41.02 0.49
C GLU D 231 -14.99 39.78 -0.39
N ALA D 232 -16.09 39.04 -0.58
CA ALA D 232 -16.06 37.88 -1.45
C ALA D 232 -15.84 38.26 -2.91
N THR D 233 -16.31 39.45 -3.31
CA THR D 233 -16.06 39.91 -4.67
C THR D 233 -14.58 40.18 -4.90
N TYR D 234 -13.87 40.66 -3.87
CA TYR D 234 -12.44 40.89 -4.00
C TYR D 234 -11.65 39.60 -3.89
N ILE D 235 -12.08 38.69 -3.02
CA ILE D 235 -11.40 37.40 -2.90
C ILE D 235 -11.55 36.60 -4.20
N PHE D 236 -12.73 36.63 -4.81
CA PHE D 236 -12.90 35.98 -6.10
C PHE D 236 -12.23 36.76 -7.21
N GLU D 237 -12.11 38.08 -7.06
CA GLU D 237 -11.43 38.88 -8.07
C GLU D 237 -9.94 38.56 -8.14
N VAL D 238 -9.30 38.47 -6.97
CA VAL D 238 -7.88 38.09 -6.94
C VAL D 238 -7.71 36.61 -7.29
N ALA D 239 -8.61 35.77 -6.77
CA ALA D 239 -8.54 34.34 -7.06
C ALA D 239 -8.76 34.04 -8.54
N HIS D 240 -9.41 34.94 -9.27
CA HIS D 240 -9.55 34.75 -10.71
C HIS D 240 -8.20 34.85 -11.42
N SER D 241 -7.25 35.56 -10.82
CA SER D 241 -5.90 35.69 -11.39
C SER D 241 -4.88 34.77 -10.73
N VAL D 242 -5.13 34.36 -9.48
CA VAL D 242 -4.20 33.46 -8.81
C VAL D 242 -4.27 32.06 -9.42
N GLY D 243 -5.49 31.54 -9.58
CA GLY D 243 -5.68 30.23 -10.16
C GLY D 243 -6.37 29.25 -9.22
N LEU D 244 -7.50 29.65 -8.67
CA LEU D 244 -8.27 28.82 -7.76
C LEU D 244 -9.71 28.61 -8.19
N THR D 245 -10.12 29.16 -9.33
CA THR D 245 -11.49 29.00 -9.81
C THR D 245 -11.51 28.26 -11.14
N GLY D 246 -11.05 27.02 -11.14
CA GLY D 246 -11.03 26.21 -12.35
C GLY D 246 -11.30 24.74 -12.10
N TYR D 247 -10.68 23.88 -12.90
CA TYR D 247 -10.88 22.45 -12.74
C TYR D 247 -10.09 21.94 -11.54
N GLY D 248 -10.69 21.00 -10.80
CA GLY D 248 -10.08 20.41 -9.63
C GLY D 248 -10.40 21.13 -8.33
N PHE D 249 -10.69 22.42 -8.39
CA PHE D 249 -11.01 23.21 -7.21
C PHE D 249 -12.49 23.53 -7.19
N THR D 250 -13.05 23.63 -5.97
CA THR D 250 -14.47 23.91 -5.80
C THR D 250 -14.64 24.75 -4.54
N TRP D 251 -15.11 25.98 -4.72
CA TRP D 251 -15.37 26.87 -3.59
C TRP D 251 -16.76 26.62 -3.03
N ILE D 252 -16.90 26.80 -1.72
CA ILE D 252 -18.16 26.63 -1.02
C ILE D 252 -18.37 27.82 -0.10
N VAL D 253 -19.52 28.49 -0.23
CA VAL D 253 -19.86 29.64 0.60
C VAL D 253 -21.16 29.33 1.33
N PRO D 254 -21.38 29.91 2.53
CA PRO D 254 -22.62 29.64 3.25
C PRO D 254 -23.81 30.41 2.68
N SER D 255 -24.56 31.09 3.55
CA SER D 255 -25.75 31.83 3.15
C SER D 255 -25.55 33.34 3.16
N LEU D 256 -24.82 33.88 4.14
CA LEU D 256 -24.61 35.31 4.22
C LEU D 256 -23.61 35.83 3.21
N VAL D 257 -22.90 34.94 2.50
CA VAL D 257 -21.95 35.38 1.49
C VAL D 257 -22.65 35.66 0.17
N ALA D 258 -23.49 34.72 -0.28
CA ALA D 258 -24.20 34.91 -1.54
C ALA D 258 -25.28 35.98 -1.41
N GLY D 259 -26.09 35.89 -0.36
CA GLY D 259 -27.15 36.88 -0.16
C GLY D 259 -28.31 36.63 -1.09
N ASP D 260 -28.70 37.66 -1.84
CA ASP D 260 -29.81 37.55 -2.77
C ASP D 260 -29.38 36.79 -4.02
N THR D 261 -30.25 35.91 -4.51
CA THR D 261 -29.97 35.12 -5.70
C THR D 261 -30.23 35.88 -6.99
N ASP D 262 -30.87 37.06 -6.91
CA ASP D 262 -31.15 37.82 -8.12
C ASP D 262 -29.91 38.56 -8.62
N THR D 263 -29.14 39.14 -7.70
CA THR D 263 -27.92 39.87 -8.06
C THR D 263 -26.79 38.88 -8.26
N VAL D 264 -26.46 38.60 -9.50
CA VAL D 264 -25.40 37.67 -9.87
C VAL D 264 -24.32 38.46 -10.60
N PRO D 265 -23.20 38.78 -9.94
CA PRO D 265 -22.12 39.51 -10.60
C PRO D 265 -21.38 38.67 -11.63
N ASP D 266 -20.22 39.15 -12.07
CA ASP D 266 -19.44 38.48 -13.09
C ASP D 266 -18.23 37.73 -12.55
N GLU D 267 -17.67 38.18 -11.42
CA GLU D 267 -16.48 37.54 -10.87
C GLU D 267 -16.77 36.15 -10.29
N PHE D 268 -18.03 35.82 -10.06
CA PHE D 268 -18.36 34.50 -9.53
C PHE D 268 -18.18 33.44 -10.61
N PRO D 269 -17.34 32.44 -10.41
CA PRO D 269 -17.12 31.41 -11.43
C PRO D 269 -18.29 30.45 -11.50
N THR D 270 -18.19 29.49 -12.41
CA THR D 270 -19.21 28.48 -12.61
C THR D 270 -18.94 27.31 -11.66
N GLY D 271 -19.94 26.95 -10.85
CA GLY D 271 -19.81 25.86 -9.91
C GLY D 271 -19.53 26.32 -8.50
N LEU D 272 -20.54 26.88 -7.85
CA LEU D 272 -20.41 27.39 -6.48
C LEU D 272 -21.56 26.80 -5.66
N ILE D 273 -21.28 25.70 -4.95
CA ILE D 273 -22.29 25.08 -4.10
C ILE D 273 -22.50 25.96 -2.88
N SER D 274 -23.71 26.52 -2.75
CA SER D 274 -24.04 27.42 -1.65
C SER D 274 -25.35 26.98 -1.01
N VAL D 275 -25.38 26.98 0.31
CA VAL D 275 -26.58 26.64 1.06
C VAL D 275 -27.30 27.92 1.44
N SER D 276 -28.63 27.87 1.47
CA SER D 276 -29.45 29.03 1.79
C SER D 276 -30.83 28.55 2.23
N TYR D 277 -31.72 29.52 2.43
CA TYR D 277 -33.08 29.22 2.85
C TYR D 277 -33.94 28.88 1.64
N ASP D 278 -34.95 28.04 1.85
CA ASP D 278 -35.78 27.58 0.75
C ASP D 278 -36.63 28.73 0.18
N GLU D 279 -37.40 29.40 1.05
CA GLU D 279 -38.29 30.51 0.70
C GLU D 279 -38.97 30.34 -0.65
N TRP D 280 -39.42 29.12 -0.96
CA TRP D 280 -40.06 28.85 -2.22
C TRP D 280 -41.38 28.10 -2.01
N ASP D 281 -41.30 26.82 -1.68
CA ASP D 281 -42.50 26.02 -1.44
C ASP D 281 -43.16 26.36 -0.12
N TYR D 282 -42.42 26.91 0.84
CA TYR D 282 -42.95 27.28 2.14
C TYR D 282 -43.74 28.58 1.97
N ASP D 283 -45.06 28.49 2.00
CA ASP D 283 -45.90 29.65 1.80
C ASP D 283 -45.92 30.52 3.07
N LEU D 284 -46.14 31.82 2.84
CA LEU D 284 -46.21 32.80 3.93
C LEU D 284 -47.38 32.52 4.88
N PRO D 285 -48.60 32.23 4.38
CA PRO D 285 -49.67 31.87 5.32
C PRO D 285 -49.34 30.66 6.16
N ALA D 286 -48.56 29.72 5.65
CA ALA D 286 -48.13 28.58 6.46
C ALA D 286 -47.14 29.03 7.54
N ARG D 287 -46.29 30.02 7.22
CA ARG D 287 -45.39 30.56 8.23
C ARG D 287 -46.16 31.27 9.33
N VAL D 288 -47.17 32.07 8.96
CA VAL D 288 -47.97 32.75 9.96
C VAL D 288 -48.76 31.75 10.79
N ARG D 289 -49.27 30.70 10.16
CA ARG D 289 -50.01 29.68 10.89
C ARG D 289 -49.11 28.94 11.87
N ASP D 290 -47.87 28.64 11.46
CA ASP D 290 -46.94 27.98 12.36
C ASP D 290 -46.55 28.91 13.52
N GLY D 291 -46.37 30.20 13.23
CA GLY D 291 -46.04 31.14 14.29
C GLY D 291 -47.17 31.29 15.30
N ILE D 292 -48.40 31.41 14.83
CA ILE D 292 -49.54 31.49 15.74
C ILE D 292 -49.71 30.18 16.50
N ALA D 293 -49.38 29.05 15.87
CA ALA D 293 -49.47 27.77 16.57
C ALA D 293 -48.42 27.66 17.66
N ILE D 294 -47.22 28.21 17.43
CA ILE D 294 -46.17 28.15 18.43
C ILE D 294 -46.45 29.10 19.58
N ILE D 295 -46.89 30.33 19.26
CA ILE D 295 -47.18 31.30 20.31
C ILE D 295 -48.39 30.86 21.13
N THR D 296 -49.44 30.37 20.48
CA THR D 296 -50.63 29.92 21.20
C THR D 296 -50.35 28.65 21.99
N THR D 297 -49.59 27.72 21.42
CA THR D 297 -49.27 26.49 22.12
C THR D 297 -48.40 26.76 23.34
N ALA D 298 -47.32 27.53 23.15
CA ALA D 298 -46.45 27.86 24.28
C ALA D 298 -47.20 28.70 25.32
N ALA D 299 -48.13 29.54 24.90
CA ALA D 299 -48.95 30.30 25.82
C ALA D 299 -50.05 29.47 26.47
N SER D 300 -50.29 28.26 25.97
CA SER D 300 -51.30 27.38 26.54
C SER D 300 -50.72 26.25 27.39
N THR D 301 -49.44 25.95 27.23
CA THR D 301 -48.83 24.89 28.04
C THR D 301 -48.76 25.29 29.51
N MET D 302 -48.48 26.56 29.79
CA MET D 302 -48.43 27.02 31.17
C MET D 302 -49.81 27.00 31.81
N LEU D 303 -50.85 27.34 31.04
CA LEU D 303 -52.21 27.30 31.56
C LEU D 303 -52.71 25.88 31.74
N SER D 304 -52.24 24.95 30.89
CA SER D 304 -52.68 23.56 30.97
C SER D 304 -51.91 22.77 32.01
N GLU D 305 -50.70 23.20 32.37
CA GLU D 305 -49.87 22.51 33.34
C GLU D 305 -49.81 23.23 34.67
N HIS D 306 -49.29 24.46 34.70
CA HIS D 306 -49.19 25.21 35.94
C HIS D 306 -50.55 25.71 36.42
N ASN D 307 -51.53 25.85 35.52
CA ASN D 307 -52.88 26.30 35.85
C ASN D 307 -52.89 27.68 36.51
N SER D 308 -51.95 28.53 36.10
CA SER D 308 -51.87 29.89 36.65
C SER D 308 -51.09 30.74 35.68
N ILE D 309 -51.76 31.71 35.05
CA ILE D 309 -51.12 32.61 34.09
C ILE D 309 -51.30 34.04 34.55
N PRO D 310 -50.34 34.94 34.29
CA PRO D 310 -50.50 36.33 34.72
C PRO D 310 -51.45 37.11 33.82
N GLN D 311 -51.36 38.44 33.86
CA GLN D 311 -52.21 39.30 33.06
C GLN D 311 -51.58 39.49 31.67
N SER D 312 -52.11 40.44 30.91
CA SER D 312 -51.61 40.72 29.57
C SER D 312 -50.50 41.78 29.63
N LYS D 313 -50.13 42.29 28.47
CA LYS D 313 -49.09 43.31 28.38
C LYS D 313 -49.65 44.69 28.71
N SER D 314 -48.81 45.54 29.31
CA SER D 314 -49.22 46.89 29.68
C SER D 314 -48.95 47.84 28.52
N SER D 315 -48.99 49.14 28.80
CA SER D 315 -48.75 50.15 27.78
C SER D 315 -47.25 50.23 27.48
N CYS D 316 -46.86 51.24 26.72
CA CYS D 316 -45.47 51.43 26.36
C CYS D 316 -44.42 51.79 27.41
N ASN D 317 -44.55 52.96 28.04
CA ASN D 317 -43.59 53.37 29.06
C ASN D 317 -43.90 52.78 30.43
N ASN D 318 -45.07 52.18 30.62
CA ASN D 318 -45.44 51.59 31.90
C ASN D 318 -44.78 50.21 32.01
N ILE D 319 -43.51 50.23 32.39
CA ILE D 319 -42.73 49.00 32.56
C ILE D 319 -42.30 48.75 33.98
N GLN D 320 -42.25 49.77 34.84
CA GLN D 320 -41.84 49.57 36.22
C GLN D 320 -42.88 48.82 37.04
N GLU D 321 -44.14 48.81 36.58
CA GLU D 321 -45.20 48.09 37.28
C GLU D 321 -45.38 46.68 36.76
N SER D 322 -45.27 46.49 35.44
CA SER D 322 -45.42 45.17 34.83
C SER D 322 -44.10 44.44 34.67
N ARG D 323 -42.99 44.99 35.19
CA ARG D 323 -41.70 44.33 35.08
C ARG D 323 -41.59 43.13 36.01
N VAL D 324 -42.42 43.07 37.06
CA VAL D 324 -42.38 41.94 37.99
C VAL D 324 -43.32 40.82 37.58
N TYR D 325 -44.36 41.11 36.79
CA TYR D 325 -45.29 40.07 36.37
C TYR D 325 -44.70 39.15 35.30
N GLU D 326 -43.60 39.55 34.68
CA GLU D 326 -42.98 38.71 33.65
C GLU D 326 -42.26 37.53 34.29
N ALA D 327 -42.49 36.35 33.72
CA ALA D 327 -41.89 35.11 34.22
C ALA D 327 -41.06 34.48 33.11
N HIS D 328 -39.87 34.00 33.45
CA HIS D 328 -38.98 33.36 32.49
C HIS D 328 -39.28 31.88 32.31
N MET D 329 -40.24 31.32 33.06
CA MET D 329 -40.56 29.91 32.93
C MET D 329 -41.06 29.58 31.53
N LEU D 330 -41.72 30.52 30.87
CA LEU D 330 -42.16 30.30 29.49
C LEU D 330 -40.99 30.01 28.57
N LYS D 331 -39.79 30.48 28.92
CA LYS D 331 -38.60 30.15 28.13
C LYS D 331 -38.39 28.64 28.06
N ARG D 332 -38.66 27.94 29.17
CA ARG D 332 -38.53 26.49 29.16
C ARG D 332 -39.53 25.83 28.22
N TYR D 333 -40.62 26.52 27.89
CA TYR D 333 -41.59 26.04 26.92
C TYR D 333 -41.29 26.50 25.50
N LEU D 334 -40.18 27.23 25.30
CA LEU D 334 -39.79 27.71 23.98
C LEU D 334 -38.58 26.97 23.42
N ILE D 335 -38.28 25.78 23.96
CA ILE D 335 -37.16 24.97 23.52
C ILE D 335 -37.64 23.66 22.89
N ASN D 336 -38.55 22.97 23.55
CA ASN D 336 -39.10 21.70 23.06
C ASN D 336 -40.57 21.93 22.72
N VAL D 337 -40.84 22.23 21.45
CA VAL D 337 -42.18 22.48 20.96
C VAL D 337 -42.49 21.48 19.86
N THR D 338 -43.63 20.81 19.97
CA THR D 338 -44.08 19.84 18.99
C THR D 338 -45.37 20.31 18.34
N PHE D 339 -45.54 19.98 17.07
CA PHE D 339 -46.73 20.39 16.32
C PHE D 339 -46.84 19.53 15.08
N GLU D 340 -48.01 18.89 14.90
CA GLU D 340 -48.28 18.02 13.76
C GLU D 340 -47.28 16.87 13.66
N GLY D 341 -46.81 16.38 14.79
CA GLY D 341 -45.90 15.24 14.86
C GLY D 341 -44.44 15.55 14.59
N ARG D 342 -44.16 16.47 13.68
CA ARG D 342 -42.79 16.80 13.33
C ARG D 342 -42.11 17.54 14.48
N ASP D 343 -40.78 17.45 14.52
CA ASP D 343 -39.99 18.08 15.58
C ASP D 343 -39.71 19.54 15.20
N LEU D 344 -40.76 20.36 15.29
CA LEU D 344 -40.66 21.78 15.00
C LEU D 344 -40.44 22.55 16.30
N SER D 345 -39.23 22.38 16.84
CA SER D 345 -38.84 22.99 18.10
C SER D 345 -37.74 24.03 17.84
N PHE D 346 -37.13 24.50 18.93
CA PHE D 346 -36.07 25.49 18.84
C PHE D 346 -34.96 25.05 19.78
N SER D 347 -33.99 25.94 20.03
CA SER D 347 -32.89 25.65 20.92
C SER D 347 -32.71 26.68 22.03
N GLU D 348 -31.59 26.59 22.74
CA GLU D 348 -31.32 27.52 23.83
C GLU D 348 -30.75 28.85 23.35
N ASP D 349 -30.26 28.90 22.11
CA ASP D 349 -29.70 30.15 21.58
C ASP D 349 -30.79 31.08 21.05
N GLY D 350 -31.90 30.53 20.55
CA GLY D 350 -32.98 31.35 20.03
C GLY D 350 -33.18 31.19 18.54
N TYR D 351 -32.94 29.97 18.03
CA TYR D 351 -33.09 29.69 16.61
C TYR D 351 -33.81 28.36 16.45
N GLN D 352 -34.27 28.10 15.23
CA GLN D 352 -34.98 26.86 14.95
C GLN D 352 -34.03 25.68 14.95
N MET D 353 -34.48 24.55 15.50
CA MET D 353 -33.63 23.38 15.61
C MET D 353 -33.39 22.72 14.25
N HIS D 354 -34.44 22.55 13.46
CA HIS D 354 -34.36 21.92 12.15
C HIS D 354 -34.81 22.91 11.08
N PRO D 355 -33.91 23.76 10.60
CA PRO D 355 -34.29 24.72 9.57
C PRO D 355 -34.39 24.07 8.20
N LYS D 356 -35.40 24.47 7.44
CA LYS D 356 -35.61 23.97 6.09
C LYS D 356 -34.59 24.62 5.17
N LEU D 357 -33.49 23.93 4.92
CA LEU D 357 -32.40 24.44 4.12
C LEU D 357 -32.47 23.90 2.69
N VAL D 358 -31.85 24.65 1.77
CA VAL D 358 -31.80 24.26 0.37
C VAL D 358 -30.37 24.49 -0.13
N ILE D 359 -29.95 23.64 -1.07
CA ILE D 359 -28.60 23.71 -1.65
C ILE D 359 -28.75 24.13 -3.11
N ILE D 360 -28.18 25.28 -3.45
CA ILE D 360 -28.23 25.81 -4.80
C ILE D 360 -26.82 25.81 -5.39
N LEU D 361 -26.75 25.64 -6.71
CA LEU D 361 -25.50 25.60 -7.44
C LEU D 361 -25.53 26.63 -8.55
N LEU D 362 -24.46 27.42 -8.67
CA LEU D 362 -24.36 28.44 -9.70
C LEU D 362 -23.80 27.84 -10.97
N ASN D 363 -24.51 28.02 -12.08
CA ASN D 363 -24.08 27.48 -13.36
C ASN D 363 -23.47 28.57 -14.23
N GLU D 365 -26.23 30.06 -17.80
CA GLU D 365 -26.88 31.38 -17.84
C GLU D 365 -26.64 32.14 -16.53
N ARG D 366 -25.82 31.56 -15.66
CA ARG D 366 -25.47 32.13 -14.36
C ARG D 366 -26.74 32.39 -13.53
N LYS D 367 -27.37 31.28 -13.15
CA LYS D 367 -28.59 31.32 -12.35
C LYS D 367 -28.52 30.25 -11.28
N TRP D 368 -28.88 30.62 -10.06
CA TRP D 368 -28.85 29.70 -8.93
C TRP D 368 -29.98 28.68 -9.07
N GLU D 369 -29.62 27.43 -9.33
CA GLU D 369 -30.59 26.36 -9.49
C GLU D 369 -30.46 25.37 -8.33
N ARG D 370 -31.58 24.84 -7.86
CA ARG D 370 -31.58 23.90 -6.76
C ARG D 370 -31.08 22.53 -7.22
N VAL D 371 -30.36 21.85 -6.35
CA VAL D 371 -29.84 20.52 -6.64
C VAL D 371 -30.21 19.48 -5.61
N GLY D 372 -30.50 19.86 -4.36
CA GLY D 372 -30.85 18.89 -3.34
C GLY D 372 -31.53 19.55 -2.17
N LYS D 373 -32.20 18.74 -1.36
CA LYS D 373 -32.92 19.20 -0.18
C LYS D 373 -32.41 18.43 1.03
N TYR D 374 -31.83 19.16 1.99
CA TYR D 374 -31.31 18.56 3.21
C TYR D 374 -32.40 18.60 4.28
N LYS D 375 -32.91 17.43 4.65
CA LYS D 375 -33.96 17.34 5.65
C LYS D 375 -33.49 16.58 6.89
N ASP D 376 -34.01 16.98 8.04
CA ASP D 376 -33.64 16.33 9.30
C ASP D 376 -32.13 16.19 9.17
N ARG D 377 -31.67 14.96 9.06
CA ARG D 377 -30.23 14.68 8.93
C ARG D 377 -29.77 14.15 7.58
N SER D 378 -30.69 13.59 6.81
CA SER D 378 -30.37 13.05 5.50
C SER D 378 -30.41 14.14 4.43
N LEU D 379 -29.65 13.91 3.37
CA LEU D 379 -29.58 14.83 2.23
C LEU D 379 -30.16 14.15 1.00
N LYS D 380 -31.05 14.84 0.30
CA LYS D 380 -31.71 14.32 -0.90
C LYS D 380 -31.12 14.97 -2.14
N MET D 381 -30.66 14.15 -3.07
CA MET D 381 -30.08 14.60 -4.33
C MET D 381 -30.86 13.94 -5.47
N TRP D 382 -32.00 14.54 -5.81
CA TRP D 382 -32.88 14.00 -6.83
C TRP D 382 -32.98 14.91 -8.05
N PRO D 383 -33.20 16.24 -7.90
CA PRO D 383 -33.31 17.09 -9.10
C PRO D 383 -31.98 17.33 -9.81
N VAL D 384 -30.97 16.52 -9.50
CA VAL D 384 -29.66 16.65 -10.14
C VAL D 384 -29.01 15.28 -10.14
N PHE D 385 -28.03 15.09 -11.04
CA PHE D 385 -27.31 13.83 -11.10
C PHE D 385 -26.39 13.68 -9.90
N ASP D 386 -26.13 12.42 -9.52
CA ASP D 386 -25.30 12.15 -8.35
C ASP D 386 -23.83 12.46 -8.61
N LEU D 387 -23.36 12.22 -9.83
CA LEU D 387 -21.96 12.47 -10.15
C LEU D 387 -21.72 13.97 -10.26
N TYR D 388 -20.72 14.47 -9.53
CA TYR D 388 -20.45 15.91 -9.53
C TYR D 388 -19.92 16.39 -10.87
N PRO D 389 -18.88 15.79 -11.46
CA PRO D 389 -18.43 16.27 -12.78
C PRO D 389 -19.47 15.95 -13.86
N ASN D 390 -19.74 16.92 -14.71
CA ASN D 390 -20.73 16.75 -15.76
C ASN D 390 -20.22 15.80 -16.83
N SER D 391 -21.15 15.21 -17.58
CA SER D 391 -20.81 14.28 -18.64
C SER D 391 -21.07 14.91 -20.00
N GLU D 392 -21.51 16.17 -19.98
CA GLU D 392 -21.78 16.93 -21.20
C GLU D 392 -20.68 16.71 -22.23
N GLU D 393 -19.50 16.29 -21.76
CA GLU D 393 -18.37 16.08 -22.64
C GLU D 393 -17.67 14.75 -22.35
N HIS D 394 -16.83 14.75 -21.32
CA HIS D 394 -16.01 13.58 -21.02
C HIS D 394 -16.32 12.10 -21.22
N LYS D 395 -17.48 11.65 -20.75
CA LYS D 395 -17.88 10.26 -20.90
C LYS D 395 -19.36 10.54 -21.18
N ASP D 396 -20.09 9.49 -21.55
CA ASP D 396 -21.51 9.60 -21.87
C ASP D 396 -22.24 8.40 -21.31
N GLU D 397 -23.51 8.61 -20.96
CA GLU D 397 -24.39 7.57 -20.39
C GLU D 397 -23.74 7.04 -19.11
N HIS D 398 -24.03 5.78 -18.76
CA HIS D 398 -23.47 5.18 -17.56
C HIS D 398 -23.38 3.66 -17.72
N LEU D 399 -23.41 2.93 -16.61
CA LEU D 399 -23.31 1.49 -16.64
C LEU D 399 -23.96 0.92 -15.39
N SER D 400 -24.78 -0.11 -15.57
CA SER D 400 -25.47 -0.77 -14.47
C SER D 400 -24.86 -2.14 -14.23
N ILE D 401 -24.68 -2.48 -12.95
CA ILE D 401 -24.08 -3.75 -12.55
C ILE D 401 -25.08 -4.50 -11.67
N VAL D 402 -25.35 -5.76 -12.03
CA VAL D 402 -26.24 -6.62 -11.28
C VAL D 402 -25.52 -7.92 -10.96
N THR D 403 -25.68 -8.39 -9.73
CA THR D 403 -25.01 -9.62 -9.29
C THR D 403 -25.96 -10.38 -8.36
N LEU D 404 -25.41 -11.39 -7.70
CA LEU D 404 -26.18 -12.22 -6.77
C LEU D 404 -25.31 -12.50 -5.55
N GLU D 405 -25.96 -12.64 -4.40
CA GLU D 405 -25.26 -12.89 -3.15
C GLU D 405 -24.51 -14.22 -3.20
N GLU D 406 -23.24 -14.16 -3.57
CA GLU D 406 -22.41 -15.36 -3.67
C GLU D 406 -21.45 -15.45 -2.49
N ALA D 407 -21.12 -16.68 -2.09
CA ALA D 407 -20.21 -16.90 -0.98
C ALA D 407 -18.89 -16.14 -0.99
N PRO D 408 -18.00 -16.49 -2.03
CA PRO D 408 -16.74 -15.73 -2.00
C PRO D 408 -16.70 -14.96 -3.31
N PHE D 409 -17.48 -13.89 -3.40
CA PHE D 409 -17.53 -13.08 -4.61
C PHE D 409 -18.45 -11.87 -4.42
N VAL D 410 -19.48 -12.04 -3.60
CA VAL D 410 -20.43 -10.97 -3.34
C VAL D 410 -21.06 -11.23 -1.98
N ILE D 411 -20.68 -10.44 -0.98
CA ILE D 411 -21.21 -10.56 0.38
C ILE D 411 -22.18 -9.40 0.59
N VAL D 412 -23.46 -9.72 0.75
CA VAL D 412 -24.51 -8.73 0.93
C VAL D 412 -24.84 -8.65 2.42
N GLU D 413 -24.79 -7.44 2.97
CA GLU D 413 -25.08 -7.20 4.38
C GLU D 413 -26.09 -6.09 4.51
N ASP D 414 -27.02 -6.25 5.44
CA ASP D 414 -28.05 -5.25 5.67
C ASP D 414 -27.45 -3.98 6.24
N VAL D 415 -28.07 -2.85 5.92
CA VAL D 415 -27.60 -1.54 6.39
C VAL D 415 -27.94 -1.39 7.87
N ASP D 416 -27.04 -0.76 8.61
CA ASP D 416 -27.27 -0.57 10.04
C ASP D 416 -28.33 0.50 10.26
N PRO D 417 -29.33 0.25 11.12
CA PRO D 417 -30.37 1.26 11.36
C PRO D 417 -29.89 2.46 12.17
N LEU D 418 -28.72 2.39 12.80
CA LEU D 418 -28.22 3.50 13.60
C LEU D 418 -27.73 4.65 12.72
N SER D 419 -27.37 4.38 11.47
CA SER D 419 -26.89 5.42 10.57
C SER D 419 -27.62 5.43 9.23
N GLY D 420 -27.93 4.26 8.68
CA GLY D 420 -28.63 4.20 7.40
C GLY D 420 -27.78 4.55 6.20
N THR D 421 -26.46 4.40 6.28
CA THR D 421 -25.57 4.73 5.17
C THR D 421 -24.39 3.78 5.20
N CYS D 422 -24.06 3.21 4.05
CA CYS D 422 -22.93 2.31 3.94
C CYS D 422 -21.63 3.06 4.18
N MET D 423 -20.68 2.41 4.84
CA MET D 423 -19.42 3.03 5.24
C MET D 423 -18.25 2.40 4.49
N ARG D 424 -17.16 3.17 4.43
CA ARG D 424 -15.90 2.77 3.79
C ARG D 424 -16.19 2.44 2.33
N ASN D 425 -15.74 1.30 1.81
CA ASN D 425 -15.90 0.97 0.40
C ASN D 425 -17.10 0.05 0.15
N THR D 426 -17.99 -0.10 1.14
CA THR D 426 -19.19 -0.92 0.96
C THR D 426 -20.12 -0.22 -0.02
N VAL D 427 -20.33 -0.82 -1.19
CA VAL D 427 -21.12 -0.21 -2.24
C VAL D 427 -22.60 -0.34 -1.91
N PRO D 428 -23.35 0.77 -1.84
CA PRO D 428 -24.79 0.69 -1.59
C PRO D 428 -25.53 -0.01 -2.72
N CYS D 429 -25.99 -1.23 -2.48
CA CYS D 429 -26.69 -2.04 -3.47
C CYS D 429 -28.16 -2.09 -3.12
N ARG D 430 -29.01 -1.61 -4.03
CA ARG D 430 -30.44 -1.59 -3.79
C ARG D 430 -31.04 -2.97 -4.04
N LYS D 431 -32.35 -3.09 -3.83
CA LYS D 431 -33.05 -4.35 -4.00
C LYS D 431 -34.51 -4.06 -4.26
N GLN D 432 -35.01 -4.48 -5.42
CA GLN D 432 -36.38 -4.24 -5.84
C GLN D 432 -37.22 -5.48 -5.55
N ILE D 433 -38.08 -5.39 -4.52
CA ILE D 433 -38.95 -6.49 -4.14
C ILE D 433 -40.39 -6.05 -4.31
N ARG D 434 -41.29 -7.03 -4.35
CA ARG D 434 -42.72 -6.79 -4.50
C ARG D 434 -43.47 -7.51 -3.38
N PRO D 435 -44.05 -6.79 -2.43
CA PRO D 435 -44.80 -7.45 -1.35
C PRO D 435 -46.01 -8.21 -1.87
N GLU D 436 -45.92 -9.54 -1.88
CA GLU D 436 -47.01 -10.37 -2.36
C GLU D 436 -48.14 -10.43 -1.35
N ASN D 437 -49.01 -9.42 -1.33
CA ASN D 437 -50.14 -9.37 -0.42
C ASN D 437 -51.30 -10.13 -1.04
N ARG D 438 -51.39 -11.42 -0.72
CA ARG D 438 -52.44 -12.30 -1.22
C ARG D 438 -52.35 -12.12 -2.73
N THR D 439 -53.44 -11.69 -3.35
CA THR D 439 -53.51 -11.47 -4.80
C THR D 439 -53.20 -10.07 -5.29
N GLU D 440 -52.23 -9.41 -4.66
CA GLU D 440 -51.85 -8.05 -5.05
C GLU D 440 -50.39 -7.83 -4.71
N GLU D 441 -49.62 -7.33 -5.67
CA GLU D 441 -48.21 -7.06 -5.48
C GLU D 441 -47.98 -5.55 -5.35
N GLY D 442 -46.81 -5.20 -4.84
CA GLY D 442 -46.46 -3.80 -4.65
C GLY D 442 -45.14 -3.41 -5.29
N GLY D 443 -44.35 -2.59 -4.59
CA GLY D 443 -43.07 -2.16 -5.11
C GLY D 443 -42.19 -1.53 -4.06
N ASN D 444 -41.59 -2.36 -3.20
CA ASN D 444 -40.71 -1.89 -2.15
C ASN D 444 -39.26 -1.95 -2.61
N TYR D 445 -38.47 -0.94 -2.22
CA TYR D 445 -37.06 -0.84 -2.58
C TYR D 445 -36.25 -0.83 -1.29
N ILE D 446 -35.66 -1.97 -0.96
CA ILE D 446 -34.84 -2.12 0.24
C ILE D 446 -33.37 -2.00 -0.16
N LYS D 447 -32.67 -1.04 0.45
CA LYS D 447 -31.27 -0.77 0.12
C LYS D 447 -30.37 -1.40 1.17
N ARG D 448 -29.35 -2.11 0.71
CA ARG D 448 -28.37 -2.74 1.60
C ARG D 448 -26.95 -2.35 1.19
N CYS D 449 -25.95 -2.95 1.82
CA CYS D 449 -24.56 -2.65 1.54
C CYS D 449 -23.87 -3.93 1.09
N CYS D 450 -23.26 -3.89 -0.10
CA CYS D 450 -22.57 -5.03 -0.68
C CYS D 450 -21.07 -4.82 -0.60
N LYS D 451 -20.34 -5.91 -0.35
CA LYS D 451 -18.89 -5.86 -0.27
C LYS D 451 -18.35 -7.27 -0.52
N GLY D 452 -17.18 -7.34 -1.16
CA GLY D 452 -16.57 -8.62 -1.44
C GLY D 452 -15.49 -8.47 -2.50
N PHE D 453 -15.13 -9.61 -3.10
CA PHE D 453 -14.09 -9.61 -4.11
C PHE D 453 -14.51 -8.84 -5.36
N CYS D 454 -15.75 -9.05 -5.81
CA CYS D 454 -16.24 -8.35 -7.00
C CYS D 454 -16.28 -6.84 -6.76
N ILE D 455 -16.66 -6.42 -5.55
CA ILE D 455 -16.65 -4.99 -5.23
C ILE D 455 -15.23 -4.47 -5.24
N ASP D 456 -14.27 -5.26 -4.76
CA ASP D 456 -12.88 -4.82 -4.72
C ASP D 456 -12.31 -4.64 -6.12
N ILE D 457 -12.49 -5.65 -6.98
CA ILE D 457 -11.91 -5.57 -8.33
C ILE D 457 -12.64 -4.52 -9.17
N LEU D 458 -13.97 -4.47 -9.08
CA LEU D 458 -14.72 -3.48 -9.85
C LEU D 458 -14.47 -2.07 -9.35
N LYS D 459 -14.11 -1.91 -8.07
CA LYS D 459 -13.77 -0.58 -7.56
C LYS D 459 -12.34 -0.20 -7.92
N LYS D 460 -11.42 -1.17 -7.96
CA LYS D 460 -10.05 -0.87 -8.37
C LYS D 460 -9.98 -0.51 -9.85
N ILE D 461 -10.67 -1.26 -10.70
CA ILE D 461 -10.69 -0.92 -12.12
C ILE D 461 -11.60 0.28 -12.38
N ALA D 462 -12.63 0.47 -11.54
CA ALA D 462 -13.51 1.61 -11.72
C ALA D 462 -12.82 2.92 -11.36
N LYS D 463 -11.95 2.89 -10.35
CA LYS D 463 -11.18 4.08 -10.00
C LYS D 463 -10.10 4.36 -11.05
N THR D 464 -9.60 3.32 -11.71
CA THR D 464 -8.57 3.51 -12.72
C THR D 464 -9.14 4.05 -14.02
N VAL D 465 -10.19 3.41 -14.54
CA VAL D 465 -10.78 3.86 -15.80
C VAL D 465 -11.72 5.03 -15.60
N LYS D 466 -12.16 5.29 -14.37
CA LYS D 466 -13.01 6.43 -14.03
C LYS D 466 -14.41 6.60 -14.61
N PHE D 467 -15.27 5.63 -14.36
CA PHE D 467 -16.66 5.70 -14.82
C PHE D 467 -17.69 5.44 -13.74
N THR D 468 -18.91 5.90 -13.99
CA THR D 468 -20.01 5.69 -13.06
C THR D 468 -20.75 4.40 -13.40
N TYR D 469 -21.27 3.73 -12.37
CA TYR D 469 -21.93 2.45 -12.54
C TYR D 469 -23.01 2.33 -11.46
N ASP D 470 -23.62 1.15 -11.40
CA ASP D 470 -24.65 0.85 -10.41
C ASP D 470 -24.47 -0.59 -9.94
N LEU D 471 -25.22 -0.97 -8.92
CA LEU D 471 -25.12 -2.32 -8.36
C LEU D 471 -26.46 -2.70 -7.73
N TYR D 472 -26.99 -3.85 -8.15
CA TYR D 472 -28.23 -4.36 -7.58
C TYR D 472 -28.26 -5.87 -7.75
N LEU D 473 -29.18 -6.52 -7.04
CA LEU D 473 -29.30 -7.96 -6.99
C LEU D 473 -30.52 -8.42 -7.80
N VAL D 474 -30.76 -9.73 -7.76
CA VAL D 474 -31.89 -10.35 -8.45
C VAL D 474 -32.79 -10.97 -7.39
N THR D 475 -34.09 -10.68 -7.49
CA THR D 475 -35.07 -11.21 -6.55
C THR D 475 -35.92 -12.33 -7.13
N ASN D 476 -35.89 -12.55 -8.44
CA ASN D 476 -36.68 -13.60 -9.06
C ASN D 476 -36.02 -14.00 -10.37
N GLY D 477 -35.85 -15.30 -10.58
CA GLY D 477 -35.25 -15.85 -11.78
C GLY D 477 -33.89 -16.46 -11.57
N LYS D 478 -33.18 -16.07 -10.51
CA LYS D 478 -31.82 -16.51 -10.17
C LYS D 478 -30.95 -16.72 -11.41
N HIS D 479 -30.15 -17.79 -11.41
CA HIS D 479 -29.28 -18.07 -12.55
C HIS D 479 -30.11 -18.46 -13.77
N GLY D 480 -29.56 -18.16 -14.95
CA GLY D 480 -30.27 -18.48 -16.17
C GLY D 480 -30.36 -19.98 -16.41
N LYS D 481 -31.52 -20.41 -16.89
CA LYS D 481 -31.77 -21.82 -17.15
C LYS D 481 -32.73 -21.95 -18.32
N LYS D 482 -33.04 -23.18 -18.69
CA LYS D 482 -33.94 -23.47 -19.80
C LYS D 482 -35.35 -23.69 -19.27
N ILE D 483 -36.32 -23.01 -19.88
CA ILE D 483 -37.73 -23.17 -19.55
C ILE D 483 -38.47 -23.49 -20.84
N ASN D 484 -39.07 -24.68 -20.89
CA ASN D 484 -39.80 -25.16 -22.06
C ASN D 484 -38.64 -24.89 -23.02
N GLY D 485 -38.92 -24.17 -24.10
CA GLY D 485 -37.89 -23.81 -25.06
C GLY D 485 -37.32 -22.41 -25.20
N VAL D 486 -36.97 -21.79 -24.07
CA VAL D 486 -36.46 -20.43 -24.06
C VAL D 486 -35.57 -20.26 -22.84
N TRP D 487 -34.53 -19.43 -22.98
CA TRP D 487 -33.63 -19.15 -21.88
C TRP D 487 -34.26 -18.10 -20.95
N ASN D 488 -34.04 -18.27 -19.66
CA ASN D 488 -34.55 -17.34 -18.66
C ASN D 488 -33.52 -17.18 -17.55
N GLY D 489 -33.87 -16.40 -16.53
CA GLY D 489 -32.99 -16.15 -15.41
C GLY D 489 -32.34 -14.79 -15.45
N MET D 490 -31.12 -14.68 -14.91
CA MET D 490 -30.43 -13.40 -14.89
C MET D 490 -29.87 -13.04 -16.26
N ILE D 491 -29.51 -14.04 -17.07
CA ILE D 491 -28.96 -13.76 -18.39
C ILE D 491 -29.99 -13.06 -19.27
N GLY D 492 -31.27 -13.30 -19.02
CA GLY D 492 -32.31 -12.58 -19.74
C GLY D 492 -32.25 -11.08 -19.54
N GLU D 493 -31.70 -10.64 -18.41
CA GLU D 493 -31.52 -9.21 -18.18
C GLU D 493 -30.59 -8.59 -19.22
N VAL D 494 -29.70 -9.39 -19.80
CA VAL D 494 -28.85 -8.89 -20.88
C VAL D 494 -29.64 -8.79 -22.18
N VAL D 495 -30.65 -9.65 -22.36
CA VAL D 495 -31.44 -9.61 -23.59
C VAL D 495 -32.47 -8.49 -23.54
N THR D 496 -33.04 -8.24 -22.36
CA THR D 496 -34.05 -7.19 -22.19
C THR D 496 -33.45 -5.79 -22.13
N LYS D 497 -32.13 -5.66 -22.33
CA LYS D 497 -31.46 -4.37 -22.34
C LYS D 497 -31.65 -3.62 -21.01
N ARG D 498 -31.59 -4.36 -19.91
CA ARG D 498 -31.70 -3.78 -18.57
C ARG D 498 -30.43 -4.00 -17.75
N ALA D 499 -29.39 -4.57 -18.34
CA ALA D 499 -28.14 -4.81 -17.62
C ALA D 499 -27.01 -4.81 -18.63
N TYR D 500 -26.22 -3.73 -18.64
CA TYR D 500 -25.12 -3.63 -19.59
C TYR D 500 -23.97 -4.57 -19.24
N MET D 501 -23.78 -4.86 -17.95
CA MET D 501 -22.72 -5.75 -17.51
C MET D 501 -23.12 -6.38 -16.19
N ALA D 502 -22.77 -7.66 -16.02
CA ALA D 502 -23.11 -8.40 -14.81
C ALA D 502 -21.93 -9.26 -14.41
N VAL D 503 -21.75 -9.41 -13.10
CA VAL D 503 -20.67 -10.22 -12.55
C VAL D 503 -21.27 -11.38 -11.75
N GLY D 504 -20.42 -12.20 -11.17
CA GLY D 504 -20.84 -13.34 -10.37
C GLY D 504 -20.25 -14.64 -10.90
N SER D 505 -20.80 -15.74 -10.40
CA SER D 505 -20.34 -17.06 -10.79
C SER D 505 -20.85 -17.41 -12.19
N LEU D 506 -20.08 -17.05 -13.22
CA LEU D 506 -20.45 -17.31 -14.61
C LEU D 506 -19.27 -18.01 -15.28
N THR D 507 -19.32 -19.33 -15.33
CA THR D 507 -18.26 -20.10 -15.97
C THR D 507 -18.40 -20.02 -17.48
N ILE D 508 -17.26 -19.82 -18.16
CA ILE D 508 -17.28 -19.70 -19.61
C ILE D 508 -17.57 -21.06 -20.23
N ASN D 509 -18.51 -21.09 -21.17
CA ASN D 509 -18.90 -22.32 -21.85
C ASN D 509 -19.52 -21.94 -23.19
N GLU D 510 -20.32 -22.85 -23.76
CA GLU D 510 -20.93 -22.61 -25.05
C GLU D 510 -22.28 -21.91 -24.96
N GLU D 511 -23.02 -22.11 -23.86
CA GLU D 511 -24.32 -21.49 -23.72
C GLU D 511 -24.20 -19.98 -23.48
N ARG D 512 -23.34 -19.60 -22.54
CA ARG D 512 -23.13 -18.17 -22.28
C ARG D 512 -22.48 -17.47 -23.45
N SER D 513 -21.60 -18.16 -24.18
CA SER D 513 -21.01 -17.61 -25.39
C SER D 513 -21.93 -17.76 -26.60
N GLU D 514 -23.10 -18.37 -26.43
CA GLU D 514 -24.06 -18.55 -27.51
C GLU D 514 -25.23 -17.58 -27.43
N VAL D 515 -25.80 -17.39 -26.24
CA VAL D 515 -26.94 -16.48 -26.11
C VAL D 515 -26.48 -15.03 -26.01
N VAL D 516 -25.33 -14.78 -25.38
CA VAL D 516 -24.80 -13.42 -25.27
C VAL D 516 -23.30 -13.45 -25.56
N ASP D 517 -22.61 -12.37 -25.21
CA ASP D 517 -21.18 -12.27 -25.43
C ASP D 517 -20.42 -12.73 -24.19
N PHE D 518 -19.10 -12.63 -24.24
CA PHE D 518 -18.25 -13.04 -23.12
C PHE D 518 -16.98 -12.20 -23.16
N SER D 519 -16.02 -12.54 -22.30
CA SER D 519 -14.76 -11.82 -22.23
C SER D 519 -13.84 -12.76 -21.47
N VAL D 520 -12.75 -12.24 -20.92
CA VAL D 520 -11.78 -13.01 -20.17
C VAL D 520 -12.05 -13.15 -18.67
N PRO D 521 -12.06 -14.36 -18.12
CA PRO D 521 -12.30 -14.52 -16.68
C PRO D 521 -11.10 -14.05 -15.86
N PHE D 522 -11.39 -13.65 -14.63
CA PHE D 522 -10.35 -13.17 -13.72
C PHE D 522 -9.84 -14.24 -12.77
N ILE D 523 -10.66 -15.23 -12.41
CA ILE D 523 -10.25 -16.33 -11.56
C ILE D 523 -10.68 -17.63 -12.21
N GLU D 524 -9.91 -18.69 -11.95
CA GLU D 524 -10.16 -20.00 -12.52
C GLU D 524 -10.92 -20.88 -11.53
N THR D 525 -11.68 -21.83 -12.07
CA THR D 525 -12.46 -22.75 -11.26
C THR D 525 -12.74 -23.99 -12.12
N GLY D 526 -13.72 -24.79 -11.69
CA GLY D 526 -14.07 -25.98 -12.42
C GLY D 526 -14.98 -26.87 -11.59
N ILE D 527 -15.22 -28.06 -12.13
CA ILE D 527 -16.06 -29.06 -11.47
C ILE D 527 -15.17 -29.98 -10.65
N SER D 528 -15.53 -30.16 -9.38
CA SER D 528 -14.72 -30.97 -8.47
C SER D 528 -15.65 -31.68 -7.49
N VAL D 529 -15.07 -32.65 -6.77
CA VAL D 529 -15.78 -33.44 -5.77
C VAL D 529 -15.36 -32.94 -4.39
N MET D 530 -16.33 -32.88 -3.47
CA MET D 530 -16.04 -32.38 -2.13
C MET D 530 -15.10 -33.32 -1.38
N VAL D 531 -15.41 -34.62 -1.38
CA VAL D 531 -14.57 -35.59 -0.69
C VAL D 531 -13.34 -35.90 -1.54
N SER D 532 -12.39 -36.60 -0.95
CA SER D 532 -11.16 -36.96 -1.64
C SER D 532 -11.42 -38.09 -2.63
N ARG D 533 -10.52 -38.22 -3.60
CA ARG D 533 -10.62 -39.25 -4.64
C ARG D 533 -10.12 -40.57 -4.05
N SER D 534 -11.03 -41.32 -3.46
CA SER D 534 -10.70 -42.59 -2.83
C SER D 534 -11.61 -43.75 -3.22
N ASN D 535 -12.85 -43.49 -3.61
CA ASN D 535 -13.81 -44.51 -4.04
C ASN D 535 -14.08 -45.54 -2.93
N GLY D 536 -13.85 -45.17 -1.68
CA GLY D 536 -14.10 -46.05 -0.55
C GLY D 536 -13.27 -47.32 -0.57
N THR D 537 -11.96 -47.18 -0.65
CA THR D 537 -11.05 -48.31 -0.68
C THR D 537 -10.43 -48.53 0.70
N VAL D 538 -10.06 -49.78 0.96
CA VAL D 538 -9.45 -50.16 2.22
C VAL D 538 -7.93 -50.05 2.08
N SER D 539 -7.28 -49.52 3.12
CA SER D 539 -5.84 -49.37 3.09
C SER D 539 -5.16 -50.74 3.10
N PRO D 540 -4.07 -50.91 2.35
CA PRO D 540 -3.40 -52.21 2.33
C PRO D 540 -2.65 -52.48 3.64
N SER D 541 -2.12 -53.70 3.73
CA SER D 541 -1.39 -54.10 4.92
C SER D 541 -0.03 -53.40 4.98
N ALA D 542 0.48 -53.24 6.21
CA ALA D 542 1.76 -52.59 6.44
C ALA D 542 2.76 -53.54 7.12
N PHE D 543 2.52 -54.84 7.04
CA PHE D 543 3.41 -55.84 7.65
C PHE D 543 4.34 -56.48 6.63
N LEU D 544 3.83 -56.86 5.47
CA LEU D 544 4.65 -57.45 4.42
C LEU D 544 5.33 -56.42 3.54
N GLU D 545 5.08 -55.13 3.77
CA GLU D 545 5.69 -54.07 2.97
C GLU D 545 7.17 -53.88 3.28
N PRO D 546 7.59 -53.83 4.55
CA PRO D 546 9.03 -53.72 4.83
C PRO D 546 9.84 -54.91 4.35
N PHE D 547 9.21 -56.07 4.16
CA PHE D 547 9.95 -57.24 3.66
C PHE D 547 10.30 -57.08 2.19
N SER D 548 9.30 -56.79 1.36
CA SER D 548 9.48 -56.60 -0.09
C SER D 548 10.13 -57.83 -0.73
N ALA D 549 9.77 -59.01 -0.22
CA ALA D 549 10.30 -60.29 -0.72
C ALA D 549 11.83 -60.32 -0.66
N ASP D 550 12.39 -59.72 0.38
CA ASP D 550 13.84 -59.67 0.56
C ASP D 550 14.28 -60.19 1.91
N VAL D 551 13.54 -59.88 2.98
CA VAL D 551 13.92 -60.34 4.31
C VAL D 551 13.73 -61.86 4.43
N TRP D 552 12.69 -62.39 3.80
CA TRP D 552 12.44 -63.82 3.86
C TRP D 552 13.43 -64.59 2.98
N VAL D 553 13.72 -64.07 1.79
CA VAL D 553 14.65 -64.74 0.89
C VAL D 553 16.07 -64.69 1.46
N MET D 554 16.53 -63.50 1.83
CA MET D 554 17.86 -63.37 2.42
C MET D 554 17.96 -64.11 3.75
N MET D 555 16.85 -64.17 4.51
CA MET D 555 16.85 -64.95 5.74
C MET D 555 16.96 -66.45 5.45
N PHE D 556 16.36 -66.91 4.35
CA PHE D 556 16.47 -68.31 3.97
C PHE D 556 17.88 -68.64 3.50
N VAL D 557 18.49 -67.75 2.71
CA VAL D 557 19.86 -67.97 2.25
C VAL D 557 20.82 -67.97 3.44
N MET D 558 20.67 -67.00 4.33
CA MET D 558 21.51 -66.97 5.53
C MET D 558 21.26 -68.18 6.42
N LEU D 559 20.04 -68.71 6.42
CA LEU D 559 19.78 -69.94 7.16
C LEU D 559 20.48 -71.12 6.51
N LEU D 560 20.61 -71.11 5.17
CA LEU D 560 21.26 -72.21 4.48
C LEU D 560 22.77 -72.17 4.68
N ILE D 561 23.39 -71.00 4.53
CA ILE D 561 24.84 -70.92 4.65
C ILE D 561 25.26 -71.01 6.11
N VAL D 562 24.46 -70.44 7.02
CA VAL D 562 24.77 -70.54 8.44
C VAL D 562 24.54 -71.96 8.93
N SER D 563 23.50 -72.63 8.44
CA SER D 563 23.25 -74.02 8.84
C SER D 563 24.32 -74.95 8.29
N ALA D 564 24.71 -74.76 7.03
CA ALA D 564 25.69 -75.65 6.41
C ALA D 564 27.08 -75.42 6.97
N VAL D 565 27.57 -74.18 6.92
CA VAL D 565 28.90 -73.87 7.46
C VAL D 565 28.94 -74.14 8.96
N ALA D 566 27.81 -73.94 9.64
CA ALA D 566 27.76 -74.19 11.09
C ALA D 566 27.74 -75.69 11.39
N VAL D 567 27.20 -76.50 10.49
CA VAL D 567 27.14 -77.94 10.72
C VAL D 567 28.37 -78.67 10.21
N PHE D 568 29.17 -78.03 9.35
CA PHE D 568 30.40 -78.63 8.86
C PHE D 568 31.63 -77.98 9.47
N VAL D 569 31.77 -78.07 10.80
CA VAL D 569 32.93 -77.54 11.50
C VAL D 569 33.10 -78.27 12.84
N PHE D 570 32.01 -78.43 13.59
CA PHE D 570 32.05 -79.17 14.84
C PHE D 570 31.00 -80.25 14.97
N GLU D 571 29.89 -80.20 14.22
CA GLU D 571 28.89 -81.25 14.31
C GLU D 571 29.32 -82.53 13.60
N TYR D 572 30.15 -82.40 12.56
CA TYR D 572 30.64 -83.56 11.81
C TYR D 572 32.07 -83.84 12.25
N PHE D 573 32.20 -84.57 13.36
CA PHE D 573 33.50 -84.94 13.90
C PHE D 573 33.92 -86.35 13.54
N SER D 574 32.97 -87.28 13.39
CA SER D 574 33.26 -88.65 13.02
C SER D 574 32.59 -89.00 11.70
N PRO D 575 33.26 -89.77 10.84
CA PRO D 575 32.64 -90.16 9.57
C PRO D 575 31.39 -90.99 9.74
N VAL D 576 30.23 -90.37 9.55
CA VAL D 576 28.95 -91.06 9.70
C VAL D 576 28.25 -91.12 8.35
N GLY D 577 27.01 -91.59 8.34
CA GLY D 577 26.23 -91.71 7.12
C GLY D 577 25.41 -90.45 6.89
N TYR D 578 24.47 -90.55 5.96
CA TYR D 578 23.61 -89.42 5.62
C TYR D 578 22.61 -88.95 6.67
N ASN D 579 22.07 -89.88 7.47
CA ASN D 579 21.11 -89.53 8.51
C ASN D 579 21.77 -88.92 9.74
N GLY D 580 23.09 -88.86 9.78
CA GLY D 580 23.80 -88.30 10.92
C GLY D 580 23.64 -86.80 11.03
N PRO D 581 24.23 -86.06 10.09
CA PRO D 581 24.12 -84.60 10.12
C PRO D 581 22.69 -84.09 9.94
N SER D 582 21.79 -84.90 9.40
CA SER D 582 20.41 -84.46 9.21
C SER D 582 19.72 -84.23 10.56
N PHE D 583 20.03 -85.07 11.54
CA PHE D 583 19.46 -84.87 12.88
C PHE D 583 19.93 -83.58 13.50
N THR D 584 21.18 -83.17 13.23
CA THR D 584 21.68 -81.88 13.71
C THR D 584 21.17 -80.72 12.89
N ILE D 585 20.76 -80.95 11.64
CA ILE D 585 20.19 -79.88 10.83
C ILE D 585 18.75 -79.61 11.24
N GLY D 586 17.96 -80.65 11.44
CA GLY D 586 16.58 -80.46 11.85
C GLY D 586 16.46 -79.75 13.20
N LYS D 587 17.35 -80.09 14.14
CA LYS D 587 17.36 -79.41 15.42
C LYS D 587 18.05 -78.05 15.32
N ALA D 588 18.99 -77.90 14.39
CA ALA D 588 19.71 -76.64 14.26
C ALA D 588 18.81 -75.54 13.70
N ILE D 589 17.98 -75.87 12.70
CA ILE D 589 17.10 -74.86 12.13
C ILE D 589 16.03 -74.45 13.13
N TRP D 590 15.57 -75.39 13.97
CA TRP D 590 14.59 -75.04 14.99
C TRP D 590 15.23 -74.26 16.13
N LEU D 591 16.51 -74.52 16.41
CA LEU D 591 17.21 -73.74 17.43
C LEU D 591 17.42 -72.31 16.96
N LEU D 592 17.87 -72.13 15.70
CA LEU D 592 18.05 -70.79 15.16
C LEU D 592 16.72 -70.07 15.06
N TRP D 593 15.66 -70.76 14.63
CA TRP D 593 14.33 -70.16 14.60
C TRP D 593 13.87 -69.76 16.00
N GLY D 594 14.25 -70.55 17.01
CA GLY D 594 13.93 -70.18 18.38
C GLY D 594 14.71 -68.96 18.86
N LEU D 595 15.95 -68.81 18.39
CA LEU D 595 16.76 -67.66 18.77
C LEU D 595 16.33 -66.38 18.06
N VAL D 596 15.83 -66.50 16.84
CA VAL D 596 15.41 -65.31 16.09
C VAL D 596 14.17 -64.69 16.71
N PHE D 597 13.15 -65.50 16.98
CA PHE D 597 11.90 -65.00 17.54
C PHE D 597 11.92 -64.87 19.05
N ASN D 598 13.04 -64.37 19.59
CA ASN D 598 13.19 -64.20 21.02
C ASN D 598 12.94 -65.50 21.79
N ASN D 599 14.01 -66.23 22.06
CA ASN D 599 13.92 -67.49 22.80
C ASN D 599 12.77 -68.35 22.30
N SER D 600 11.58 -68.12 22.86
CA SER D 600 10.38 -68.86 22.47
C SER D 600 10.41 -70.28 23.02
N LEU D 601 11.49 -71.01 22.74
CA LEU D 601 11.63 -72.38 23.20
C LEU D 601 13.13 -72.60 23.39
N PRO D 602 13.61 -72.86 24.60
CA PRO D 602 15.06 -73.09 24.79
C PRO D 602 15.56 -74.36 24.12
N VAL D 603 14.68 -75.32 23.85
CA VAL D 603 15.04 -76.60 23.23
C VAL D 603 16.20 -76.89 24.17
N GLN D 604 17.32 -77.36 23.61
CA GLN D 604 18.49 -77.70 24.41
C GLN D 604 19.75 -76.91 24.08
N ASN D 605 20.92 -77.54 24.27
CA ASN D 605 22.20 -76.89 24.02
C ASN D 605 23.25 -77.96 23.80
N PRO D 606 24.20 -77.76 22.87
CA PRO D 606 25.25 -78.77 22.65
C PRO D 606 26.29 -78.79 23.77
N LYS D 607 27.56 -78.92 23.39
CA LYS D 607 28.63 -79.02 24.37
C LYS D 607 29.83 -78.16 23.98
N GLY D 608 30.04 -77.98 22.68
CA GLY D 608 31.18 -77.21 22.21
C GLY D 608 31.04 -75.75 22.58
N THR D 609 32.16 -75.15 23.02
CA THR D 609 32.15 -73.76 23.41
C THR D 609 32.04 -72.83 22.20
N THR D 610 32.64 -73.23 21.07
CA THR D 610 32.52 -72.42 19.86
C THR D 610 31.08 -72.40 19.36
N SER D 611 30.34 -73.50 19.53
CA SER D 611 28.92 -73.49 19.19
C SER D 611 28.14 -72.53 20.09
N LYS D 612 28.53 -72.43 21.36
CA LYS D 612 27.90 -71.46 22.25
C LYS D 612 28.23 -70.03 21.84
N ILE D 613 29.46 -69.80 21.39
CA ILE D 613 29.82 -68.47 20.90
C ILE D 613 29.02 -68.12 19.65
N MET D 614 28.86 -69.08 18.74
CA MET D 614 28.06 -68.84 17.55
C MET D 614 26.59 -68.62 17.90
N VAL D 615 26.10 -69.30 18.95
CA VAL D 615 24.75 -69.04 19.43
C VAL D 615 24.64 -67.62 19.99
N SER D 616 25.69 -67.15 20.65
CA SER D 616 25.69 -65.79 21.17
C SER D 616 25.69 -64.76 20.05
N VAL D 617 26.48 -64.99 19.00
CA VAL D 617 26.51 -64.07 17.87
C VAL D 617 25.18 -64.09 17.13
N TRP D 618 24.60 -65.27 16.94
CA TRP D 618 23.30 -65.37 16.29
C TRP D 618 22.21 -64.69 17.13
N ALA D 619 22.34 -64.74 18.46
CA ALA D 619 21.40 -64.02 19.31
C ALA D 619 21.61 -62.52 19.22
N PHE D 620 22.86 -62.07 19.03
CA PHE D 620 23.12 -60.65 18.82
C PHE D 620 22.50 -60.17 17.52
N PHE D 621 22.66 -60.93 16.44
CA PHE D 621 22.00 -60.60 15.19
C PHE D 621 20.48 -60.71 15.33
N ALA D 622 20.00 -61.55 16.25
CA ALA D 622 18.57 -61.69 16.45
C ALA D 622 17.99 -60.47 17.15
N VAL D 623 18.68 -59.95 18.17
CA VAL D 623 18.17 -58.78 18.87
C VAL D 623 18.42 -57.51 18.05
N ILE D 624 19.46 -57.49 17.22
CA ILE D 624 19.66 -56.35 16.32
C ILE D 624 18.59 -56.35 15.23
N PHE D 625 18.31 -57.52 14.65
CA PHE D 625 17.23 -57.61 13.67
C PHE D 625 15.87 -57.32 14.29
N LEU D 626 15.68 -57.66 15.57
CA LEU D 626 14.43 -57.35 16.23
C LEU D 626 14.30 -55.86 16.51
N ALA D 627 15.40 -55.22 16.91
CA ALA D 627 15.37 -53.78 17.14
C ALA D 627 15.15 -53.00 15.85
N SER D 628 15.81 -53.42 14.77
CA SER D 628 15.59 -52.78 13.48
C SER D 628 14.22 -53.10 12.91
N TYR D 629 13.64 -54.24 13.30
CA TYR D 629 12.31 -54.59 12.83
C TYR D 629 11.23 -53.79 13.55
N THR D 630 11.37 -53.61 14.87
CA THR D 630 10.40 -52.82 15.61
C THR D 630 10.56 -51.33 15.31
N ALA D 631 11.80 -50.86 15.18
CA ALA D 631 12.03 -49.46 14.86
C ALA D 631 11.64 -49.15 13.42
N ASN D 632 11.89 -50.08 12.50
CA ASN D 632 11.51 -49.87 11.11
C ASN D 632 10.00 -49.97 10.92
N LEU D 633 9.35 -50.89 11.64
CA LEU D 633 7.90 -51.02 11.55
C LEU D 633 7.20 -49.83 12.20
N ALA D 634 7.72 -49.36 13.33
CA ALA D 634 7.13 -48.19 13.98
C ALA D 634 7.35 -46.93 13.15
N ALA D 635 8.58 -46.73 12.66
CA ALA D 635 8.87 -45.58 11.81
C ALA D 635 8.05 -45.62 10.52
N PHE D 636 7.80 -46.82 9.99
CA PHE D 636 6.93 -46.94 8.82
C PHE D 636 5.48 -46.68 9.16
N MET D 637 5.07 -46.98 10.40
CA MET D 637 3.70 -46.72 10.82
C MET D 637 3.45 -45.24 11.06
N ILE D 638 4.46 -44.51 11.53
CA ILE D 638 4.31 -43.07 11.72
C ILE D 638 4.11 -42.37 10.38
N GLN D 639 4.67 -42.92 9.31
CA GLN D 639 4.54 -42.31 7.99
C GLN D 639 3.09 -42.37 7.51
N ARG D 640 2.86 -41.75 6.35
CA ARG D 640 1.52 -41.66 5.79
C ARG D 640 1.07 -43.03 5.28
N ARG D 641 0.02 -43.57 5.89
CA ARG D 641 -0.55 -44.86 5.48
C ARG D 641 -2.07 -44.76 5.35
N TYR D 642 -2.58 -43.56 5.11
CA TYR D 642 -4.02 -43.36 4.96
C TYR D 642 -4.45 -43.73 3.55
N VAL D 643 -5.71 -43.46 3.21
CA VAL D 643 -6.24 -43.80 1.89
C VAL D 643 -5.58 -42.89 0.85
N ASP D 644 -4.86 -43.50 -0.08
CA ASP D 644 -4.16 -42.73 -1.10
C ASP D 644 -5.07 -42.49 -2.31
N GLN D 645 -4.75 -41.44 -3.07
CA GLN D 645 -5.52 -41.11 -4.25
C GLN D 645 -5.25 -42.11 -5.37
N VAL D 646 -6.25 -42.29 -6.23
CA VAL D 646 -6.16 -43.22 -7.34
C VAL D 646 -6.05 -42.44 -8.64
N SER D 647 -5.57 -43.12 -9.68
CA SER D 647 -5.39 -42.53 -11.00
C SER D 647 -6.59 -42.79 -11.91
N GLY D 648 -7.80 -42.62 -11.39
CA GLY D 648 -9.01 -42.85 -12.17
C GLY D 648 -10.11 -41.86 -11.87
N LEU D 649 -10.33 -40.91 -12.77
CA LEU D 649 -11.38 -39.91 -12.58
C LEU D 649 -12.76 -40.53 -12.78
N SER D 650 -13.05 -40.98 -13.99
CA SER D 650 -14.34 -41.58 -14.26
C SER D 650 -14.39 -43.04 -13.80
N ASP D 651 -14.82 -43.25 -12.56
CA ASP D 651 -14.86 -44.58 -11.97
C ASP D 651 -16.12 -45.34 -12.36
N LYS D 652 -16.33 -46.49 -11.71
CA LYS D 652 -17.54 -47.27 -11.93
C LYS D 652 -18.81 -46.52 -11.54
N LYS D 653 -18.70 -45.45 -10.77
CA LYS D 653 -19.87 -44.69 -10.34
C LYS D 653 -20.39 -43.75 -11.43
N PHE D 654 -19.71 -43.64 -12.55
CA PHE D 654 -20.14 -42.79 -13.65
C PHE D 654 -20.84 -43.57 -14.77
N GLN D 655 -21.18 -44.83 -14.53
CA GLN D 655 -21.84 -45.63 -15.55
C GLN D 655 -22.93 -46.51 -14.94
N ARG D 656 -22.53 -47.56 -14.22
CA ARG D 656 -23.51 -48.46 -13.62
C ARG D 656 -23.75 -48.08 -12.16
N PRO D 657 -25.01 -47.90 -11.75
CA PRO D 657 -25.28 -47.58 -10.35
C PRO D 657 -25.24 -48.77 -9.42
N ASN D 658 -25.52 -49.97 -9.91
CA ASN D 658 -25.52 -51.18 -9.08
C ASN D 658 -24.16 -51.87 -9.16
N ASP D 659 -23.19 -51.26 -8.46
CA ASP D 659 -21.84 -51.78 -8.39
C ASP D 659 -21.32 -51.96 -6.97
N PHE D 660 -21.67 -51.07 -6.05
CA PHE D 660 -21.26 -51.15 -4.66
C PHE D 660 -22.47 -51.50 -3.81
N SER D 661 -22.34 -52.55 -2.98
CA SER D 661 -23.49 -53.01 -2.21
C SER D 661 -23.93 -51.99 -1.16
N PRO D 662 -23.05 -51.41 -0.34
CA PRO D 662 -23.50 -50.34 0.57
C PRO D 662 -23.98 -49.13 -0.20
N ALA D 663 -24.86 -48.36 0.46
CA ALA D 663 -25.43 -47.17 -0.18
C ALA D 663 -24.38 -46.08 -0.31
N PHE D 664 -24.43 -45.36 -1.43
CA PHE D 664 -23.50 -44.26 -1.71
C PHE D 664 -24.28 -43.17 -2.42
N ARG D 665 -24.77 -42.19 -1.65
CA ARG D 665 -25.56 -41.10 -2.22
C ARG D 665 -24.65 -40.01 -2.75
N PHE D 666 -25.06 -39.42 -3.88
CA PHE D 666 -24.30 -38.33 -4.49
C PHE D 666 -25.24 -37.49 -5.33
N GLY D 667 -25.01 -36.19 -5.34
CA GLY D 667 -25.84 -35.29 -6.10
C GLY D 667 -25.26 -33.89 -6.14
N THR D 668 -26.06 -32.97 -6.66
CA THR D 668 -25.65 -31.57 -6.78
C THR D 668 -26.91 -30.70 -6.76
N VAL D 669 -26.69 -29.39 -6.85
CA VAL D 669 -27.81 -28.44 -6.85
C VAL D 669 -28.42 -28.41 -8.24
N PRO D 670 -29.73 -28.62 -8.37
CA PRO D 670 -30.36 -28.60 -9.70
C PRO D 670 -30.41 -27.19 -10.27
N ASN D 671 -30.71 -27.13 -11.57
CA ASN D 671 -30.79 -25.89 -12.32
C ASN D 671 -29.48 -25.11 -12.24
N GLY D 672 -28.50 -25.61 -12.98
CA GLY D 672 -27.19 -25.00 -13.02
C GLY D 672 -26.39 -25.51 -14.19
N SER D 673 -25.13 -25.07 -14.26
CA SER D 673 -24.25 -25.49 -15.34
C SER D 673 -23.76 -26.91 -15.14
N THR D 674 -23.62 -27.35 -13.89
CA THR D 674 -23.16 -28.72 -13.63
C THR D 674 -24.20 -29.74 -14.05
N GLU D 675 -25.49 -29.42 -13.87
CA GLU D 675 -26.55 -30.36 -14.24
C GLU D 675 -26.61 -30.51 -15.76
N ARG D 676 -26.39 -29.43 -16.50
CA ARG D 676 -26.42 -29.52 -17.96
C ARG D 676 -25.14 -30.15 -18.50
N ASN D 677 -24.00 -29.88 -17.86
CA ASN D 677 -22.74 -30.48 -18.30
C ASN D 677 -22.72 -31.98 -18.05
N ILE D 678 -23.01 -32.39 -16.81
CA ILE D 678 -23.06 -33.81 -16.50
C ILE D 678 -24.20 -34.49 -17.26
N ARG D 679 -25.32 -33.77 -17.44
CA ARG D 679 -26.44 -34.34 -18.18
C ARG D 679 -26.06 -34.60 -19.64
N ASN D 680 -25.30 -33.68 -20.25
CA ASN D 680 -24.87 -33.86 -21.63
C ASN D 680 -23.65 -34.77 -21.75
N ASN D 681 -22.97 -35.07 -20.65
CA ASN D 681 -21.81 -35.96 -20.68
C ASN D 681 -22.07 -37.34 -20.11
N TYR D 682 -22.95 -37.46 -19.11
CA TYR D 682 -23.26 -38.75 -18.49
C TYR D 682 -24.76 -38.81 -18.27
N LEU D 683 -25.46 -39.56 -19.12
CA LEU D 683 -26.91 -39.69 -18.98
C LEU D 683 -27.28 -40.54 -17.78
N GLU D 684 -26.50 -41.59 -17.50
CA GLU D 684 -26.80 -42.45 -16.36
C GLU D 684 -26.59 -41.72 -15.04
N MET D 685 -25.52 -40.92 -14.94
CA MET D 685 -25.28 -40.18 -13.71
C MET D 685 -26.34 -39.11 -13.47
N HIS D 686 -26.92 -38.56 -14.55
CA HIS D 686 -27.99 -37.59 -14.40
C HIS D 686 -29.31 -38.28 -14.02
N SER D 687 -29.65 -39.37 -14.72
CA SER D 687 -30.88 -40.09 -14.40
C SER D 687 -30.86 -40.66 -12.99
N TYR D 688 -29.69 -41.07 -12.50
CA TYR D 688 -29.53 -41.54 -11.14
C TYR D 688 -29.24 -40.39 -10.17
N MET D 689 -29.00 -39.18 -10.67
CA MET D 689 -28.68 -38.04 -9.83
C MET D 689 -29.88 -37.14 -9.55
N VAL D 690 -30.89 -37.15 -10.42
CA VAL D 690 -32.06 -36.30 -10.21
C VAL D 690 -32.82 -36.67 -8.94
N LYS D 691 -32.67 -37.90 -8.46
CA LYS D 691 -33.33 -38.32 -7.24
C LYS D 691 -32.61 -37.85 -5.98
N PHE D 692 -31.40 -37.30 -6.11
CA PHE D 692 -30.63 -36.76 -4.99
C PHE D 692 -30.25 -35.33 -5.36
N ASN D 693 -31.07 -34.37 -4.93
CA ASN D 693 -30.84 -32.96 -5.21
C ASN D 693 -30.62 -32.20 -3.91
N GLN D 694 -29.90 -31.09 -4.01
CA GLN D 694 -29.60 -30.23 -2.88
C GLN D 694 -30.49 -28.99 -2.93
N ARG D 695 -30.15 -27.97 -2.15
CA ARG D 695 -30.94 -26.75 -2.11
C ARG D 695 -29.83 -25.71 -1.96
N SER D 696 -29.18 -25.68 -0.81
CA SER D 696 -28.11 -24.72 -0.54
C SER D 696 -26.77 -25.35 -0.19
N VAL D 697 -25.91 -24.56 0.47
CA VAL D 697 -24.60 -25.04 0.87
C VAL D 697 -24.60 -25.51 2.32
N GLN D 698 -25.33 -24.81 3.20
CA GLN D 698 -25.39 -25.21 4.60
C GLN D 698 -26.07 -26.55 4.77
N ASP D 699 -27.08 -26.85 3.94
CA ASP D 699 -27.73 -28.16 4.01
C ASP D 699 -26.78 -29.26 3.55
N ALA D 700 -25.94 -28.97 2.56
CA ALA D 700 -24.96 -29.95 2.12
C ALA D 700 -23.88 -30.15 3.18
N LEU D 701 -23.49 -29.09 3.88
CA LEU D 701 -22.53 -29.23 4.97
C LEU D 701 -23.11 -30.03 6.13
N LEU D 702 -24.39 -29.81 6.44
CA LEU D 702 -25.03 -30.59 7.48
C LEU D 702 -25.21 -32.04 7.07
N SER D 703 -25.44 -32.30 5.77
CA SER D 703 -25.58 -33.67 5.30
C SER D 703 -24.25 -34.41 5.32
N LEU D 704 -23.17 -33.72 4.92
CA LEU D 704 -21.85 -34.36 4.93
C LEU D 704 -21.32 -34.50 6.35
N LYS D 705 -21.70 -33.60 7.25
CA LYS D 705 -21.23 -33.69 8.64
C LYS D 705 -21.95 -34.78 9.41
N SER D 706 -23.27 -34.87 9.28
CA SER D 706 -24.03 -35.88 10.00
C SER D 706 -23.85 -37.27 9.38
N GLY D 707 -23.74 -37.35 8.05
CA GLY D 707 -23.57 -38.62 7.38
C GLY D 707 -24.67 -38.99 6.39
N LYS D 708 -25.54 -38.04 6.04
CA LYS D 708 -26.61 -38.34 5.09
C LYS D 708 -26.09 -38.42 3.66
N LEU D 709 -25.22 -37.49 3.28
CA LEU D 709 -24.65 -37.45 1.94
C LEU D 709 -23.22 -37.97 1.97
N ASP D 710 -22.84 -38.67 0.89
CA ASP D 710 -21.50 -39.23 0.77
C ASP D 710 -20.60 -38.39 -0.13
N ALA D 711 -21.03 -38.10 -1.36
CA ALA D 711 -20.27 -37.31 -2.31
C ALA D 711 -21.06 -36.07 -2.68
N PHE D 712 -20.34 -34.97 -2.90
CA PHE D 712 -20.95 -33.68 -3.25
C PHE D 712 -20.11 -33.03 -4.35
N ILE D 713 -20.51 -33.25 -5.60
CA ILE D 713 -19.81 -32.70 -6.75
C ILE D 713 -20.38 -31.30 -7.03
N TYR D 714 -19.52 -30.30 -7.05
CA TYR D 714 -19.96 -28.93 -7.27
C TYR D 714 -18.79 -28.13 -7.84
N ASP D 715 -18.89 -26.81 -7.80
CA ASP D 715 -17.86 -25.94 -8.35
C ASP D 715 -16.60 -26.00 -7.49
N ALA D 716 -15.46 -25.67 -8.12
CA ALA D 716 -14.19 -25.73 -7.42
C ALA D 716 -14.05 -24.59 -6.41
N ALA D 717 -14.58 -23.41 -6.75
CA ALA D 717 -14.45 -22.27 -5.84
C ALA D 717 -15.31 -22.47 -4.60
N VAL D 718 -16.56 -22.93 -4.78
CA VAL D 718 -17.44 -23.18 -3.64
C VAL D 718 -16.87 -24.30 -2.77
N LEU D 719 -16.13 -25.22 -3.36
CA LEU D 719 -15.50 -26.29 -2.58
C LEU D 719 -14.25 -25.80 -1.86
N ASN D 720 -13.53 -24.85 -2.44
CA ASN D 720 -12.35 -24.29 -1.77
C ASN D 720 -12.76 -23.38 -0.62
N TYR D 721 -13.84 -22.63 -0.79
CA TYR D 721 -14.33 -21.79 0.30
C TYR D 721 -15.04 -22.61 1.36
N MET D 722 -15.80 -23.63 0.94
CA MET D 722 -16.51 -24.47 1.89
C MET D 722 -15.54 -25.32 2.70
N ALA D 723 -14.62 -26.01 2.02
CA ALA D 723 -13.63 -26.81 2.72
C ALA D 723 -12.61 -25.94 3.44
N GLY D 724 -12.40 -24.71 2.97
CA GLY D 724 -11.48 -23.80 3.61
C GLY D 724 -12.02 -23.22 4.90
N ARG D 725 -13.31 -22.88 4.92
CA ARG D 725 -13.97 -22.34 6.09
C ARG D 725 -14.54 -23.41 7.00
N ASP D 726 -13.96 -24.62 7.00
CA ASP D 726 -14.44 -25.69 7.84
C ASP D 726 -13.97 -25.50 9.27
N GLU D 727 -14.73 -26.09 10.21
CA GLU D 727 -14.42 -25.97 11.62
C GLU D 727 -13.41 -27.04 12.07
N GLY D 728 -13.81 -28.31 11.99
CA GLY D 728 -12.94 -29.40 12.41
C GLY D 728 -11.83 -29.75 11.44
N CYS D 729 -11.92 -29.28 10.20
CA CYS D 729 -10.92 -29.55 9.16
C CYS D 729 -10.74 -31.06 8.96
N LYS D 730 -11.85 -31.72 8.64
CA LYS D 730 -11.84 -33.17 8.45
C LYS D 730 -11.80 -33.53 6.97
N LEU D 731 -12.86 -33.17 6.23
CA LEU D 731 -12.93 -33.48 4.82
C LEU D 731 -12.01 -32.59 4.01
N VAL D 732 -11.49 -33.12 2.91
CA VAL D 732 -10.58 -32.40 2.03
C VAL D 732 -10.96 -32.70 0.59
N THR D 733 -10.61 -31.79 -0.31
CA THR D 733 -10.94 -31.94 -1.72
C THR D 733 -10.05 -33.01 -2.35
N ILE D 734 -10.25 -33.24 -3.65
CA ILE D 734 -9.50 -34.25 -4.37
C ILE D 734 -8.07 -33.76 -4.59
N GLY D 735 -7.10 -34.51 -4.08
CA GLY D 735 -5.71 -34.13 -4.24
C GLY D 735 -5.40 -32.86 -3.46
N SER D 736 -4.82 -31.88 -4.16
CA SER D 736 -4.49 -30.60 -3.54
C SER D 736 -4.78 -29.42 -4.46
N GLY D 737 -5.46 -29.62 -5.57
CA GLY D 737 -5.76 -28.53 -6.49
C GLY D 737 -5.84 -28.98 -7.94
N LYS D 738 -5.76 -30.29 -8.15
CA LYS D 738 -5.82 -30.87 -9.51
C LYS D 738 -7.28 -31.21 -9.81
N VAL D 739 -7.94 -30.34 -10.57
CA VAL D 739 -9.33 -30.54 -10.95
C VAL D 739 -9.42 -30.59 -12.47
N PHE D 740 -10.54 -31.12 -12.95
CA PHE D 740 -10.81 -31.24 -14.37
C PHE D 740 -11.70 -30.11 -14.84
N ALA D 741 -11.76 -29.94 -16.17
CA ALA D 741 -12.54 -28.89 -16.82
C ALA D 741 -12.18 -27.52 -16.28
N THR D 742 -11.03 -26.99 -16.69
CA THR D 742 -10.58 -25.70 -16.22
C THR D 742 -11.41 -24.58 -16.84
N THR D 743 -11.92 -23.69 -16.00
CA THR D 743 -12.71 -22.57 -16.45
C THR D 743 -12.42 -21.38 -15.54
N GLY D 744 -13.35 -20.44 -15.45
CA GLY D 744 -13.16 -19.28 -14.61
C GLY D 744 -14.40 -18.40 -14.64
N TYR D 745 -14.50 -17.55 -13.63
CA TYR D 745 -15.63 -16.64 -13.50
C TYR D 745 -15.36 -15.38 -14.31
N GLY D 746 -16.23 -15.09 -15.28
CA GLY D 746 -16.07 -13.92 -16.11
C GLY D 746 -17.29 -13.01 -16.08
N ILE D 747 -17.35 -12.05 -17.01
CA ILE D 747 -18.45 -11.11 -17.09
C ILE D 747 -19.13 -11.27 -18.45
N ALA D 748 -20.30 -10.67 -18.57
CA ALA D 748 -21.09 -10.71 -19.81
C ALA D 748 -21.62 -9.31 -20.11
N ILE D 749 -21.52 -8.91 -21.37
CA ILE D 749 -21.97 -7.59 -21.82
C ILE D 749 -23.05 -7.77 -22.88
N GLN D 750 -23.72 -6.67 -23.20
CA GLN D 750 -24.78 -6.69 -24.21
C GLN D 750 -24.35 -6.66 -25.67
N LYS D 751 -23.72 -5.57 -26.10
CA LYS D 751 -23.26 -5.41 -27.46
C LYS D 751 -21.88 -4.77 -27.37
N ASP D 752 -20.93 -5.32 -28.13
CA ASP D 752 -19.56 -4.81 -28.13
C ASP D 752 -19.54 -3.45 -28.83
N SER D 753 -19.54 -2.38 -28.04
CA SER D 753 -19.52 -1.03 -28.59
C SER D 753 -18.81 -0.07 -27.64
N GLY D 754 -18.72 -0.43 -26.37
CA GLY D 754 -18.08 0.41 -25.39
C GLY D 754 -16.58 0.14 -25.25
N TRP D 755 -16.13 0.01 -24.00
CA TRP D 755 -14.72 -0.25 -23.74
C TRP D 755 -14.37 -1.71 -24.00
N LYS D 756 -15.11 -2.62 -23.37
CA LYS D 756 -14.90 -4.04 -23.54
C LYS D 756 -13.41 -4.40 -23.46
N ARG D 757 -12.72 -4.22 -24.59
CA ARG D 757 -11.29 -4.52 -24.66
C ARG D 757 -10.49 -3.97 -23.49
N GLN D 758 -10.43 -2.64 -23.38
CA GLN D 758 -9.69 -1.99 -22.30
C GLN D 758 -10.10 -2.60 -20.97
N VAL D 759 -11.36 -3.01 -20.84
CA VAL D 759 -11.81 -3.67 -19.62
C VAL D 759 -10.96 -4.91 -19.35
N ASP D 760 -10.70 -5.70 -20.40
CA ASP D 760 -9.79 -6.82 -20.25
C ASP D 760 -8.41 -6.36 -19.79
N LEU D 761 -7.91 -5.27 -20.37
CA LEU D 761 -6.65 -4.70 -19.91
C LEU D 761 -6.73 -4.32 -18.44
N ALA D 762 -7.90 -3.89 -17.97
CA ALA D 762 -8.08 -3.62 -16.55
C ALA D 762 -7.76 -4.86 -15.72
N ILE D 763 -8.23 -6.03 -16.16
CA ILE D 763 -7.85 -7.27 -15.50
C ILE D 763 -6.34 -7.47 -15.58
N LEU D 764 -5.75 -7.18 -16.74
CA LEU D 764 -4.30 -7.24 -16.89
C LEU D 764 -3.60 -6.24 -15.98
N GLN D 765 -4.31 -5.21 -15.51
CA GLN D 765 -3.72 -4.29 -14.55
C GLN D 765 -3.63 -4.94 -13.17
N LEU D 766 -4.57 -5.82 -12.83
CA LEU D 766 -4.56 -6.46 -11.52
C LEU D 766 -3.27 -7.23 -11.30
N PHE D 767 -2.91 -8.10 -12.25
CA PHE D 767 -1.65 -8.82 -12.16
C PHE D 767 -0.45 -7.89 -12.16
N GLY D 768 -0.62 -6.66 -12.65
CA GLY D 768 0.45 -5.68 -12.60
C GLY D 768 0.57 -4.93 -11.29
N ASP D 769 -0.36 -5.16 -10.35
CA ASP D 769 -0.33 -4.51 -9.05
C ASP D 769 -0.32 -5.48 -7.89
N GLY D 770 -0.36 -6.78 -8.14
CA GLY D 770 -0.35 -7.75 -7.07
C GLY D 770 -1.63 -7.81 -6.26
N GLU D 771 -2.75 -7.38 -6.83
CA GLU D 771 -4.01 -7.41 -6.10
C GLU D 771 -4.56 -8.82 -5.95
N MET D 772 -4.16 -9.75 -6.82
CA MET D 772 -4.64 -11.12 -6.72
C MET D 772 -4.11 -11.82 -5.48
N GLU D 773 -2.92 -11.45 -5.03
CA GLU D 773 -2.36 -12.06 -3.82
C GLU D 773 -3.00 -11.49 -2.56
N GLU D 774 -3.24 -10.18 -2.52
CA GLU D 774 -3.86 -9.57 -1.35
C GLU D 774 -5.33 -9.97 -1.24
N LEU D 775 -6.07 -9.87 -2.34
CA LEU D 775 -7.47 -10.27 -2.33
C LEU D 775 -7.62 -11.79 -2.21
N GLU D 776 -6.64 -12.55 -2.70
CA GLU D 776 -6.70 -14.00 -2.56
C GLU D 776 -6.44 -14.43 -1.12
N ALA D 777 -5.47 -13.79 -0.46
CA ALA D 777 -5.16 -14.08 0.93
C ALA D 777 -6.05 -13.33 1.90
N LEU D 778 -6.98 -12.50 1.41
CA LEU D 778 -7.89 -11.73 2.25
C LEU D 778 -9.33 -12.21 2.13
N TRP D 779 -9.82 -12.43 0.92
CA TRP D 779 -11.19 -12.88 0.70
C TRP D 779 -11.27 -14.35 0.30
N LEU D 780 -10.37 -14.81 -0.57
CA LEU D 780 -10.38 -16.20 -1.02
C LEU D 780 -9.69 -17.14 -0.04
N THR D 781 -9.17 -16.63 1.08
CA THR D 781 -8.51 -17.47 2.06
C THR D 781 -9.53 -18.26 2.88
N GLY D 782 -9.04 -19.23 3.63
CA GLY D 782 -9.90 -20.06 4.45
C GLY D 782 -9.45 -20.14 5.90
N ILE D 783 -9.55 -21.34 6.48
CA ILE D 783 -9.14 -21.56 7.86
C ILE D 783 -8.28 -22.81 7.94
N CYS D 784 -8.69 -23.86 7.23
CA CYS D 784 -8.00 -25.14 7.24
C CYS D 784 -6.80 -25.19 6.31
N HIS D 785 -6.29 -24.05 5.86
CA HIS D 785 -5.14 -24.02 4.96
C HIS D 785 -3.87 -24.23 5.77
N ASN D 786 -3.33 -25.44 5.74
CA ASN D 786 -2.12 -25.77 6.47
C ASN D 786 -1.44 -27.01 5.90
N GLU D 787 -0.90 -26.87 4.69
CA GLU D 787 -0.23 -27.94 3.93
C GLU D 787 -0.85 -29.31 4.16
N LYS D 788 -2.11 -29.49 3.76
CA LYS D 788 -2.82 -30.76 3.94
C LYS D 788 -2.18 -31.81 3.04
N ASN D 789 -1.27 -32.59 3.60
CA ASN D 789 -0.60 -33.67 2.87
C ASN D 789 -0.53 -34.99 3.63
N GLU D 790 -0.70 -34.98 4.95
CA GLU D 790 -0.66 -36.20 5.75
C GLU D 790 -1.93 -36.32 6.57
N VAL D 791 -2.44 -37.54 6.68
CA VAL D 791 -3.65 -37.84 7.45
C VAL D 791 -3.34 -39.00 8.39
N MET D 792 -3.53 -38.76 9.69
CA MET D 792 -3.29 -39.79 10.70
C MET D 792 -4.45 -39.80 11.68
N SER D 793 -4.72 -40.98 12.24
CA SER D 793 -5.78 -41.18 13.21
C SER D 793 -5.10 -42.48 13.61
N SER D 794 -5.84 -43.34 14.31
CA SER D 794 -5.30 -44.62 14.76
C SER D 794 -4.96 -45.97 14.12
N GLN D 795 -6.00 -46.66 13.64
CA GLN D 795 -5.82 -47.96 13.02
C GLN D 795 -7.09 -48.33 12.26
N LEU D 796 -7.14 -49.56 11.75
CA LEU D 796 -8.29 -50.04 11.00
C LEU D 796 -9.00 -51.15 11.78
N ASP D 797 -9.70 -52.02 11.04
CA ASP D 797 -10.43 -53.12 11.66
C ASP D 797 -9.94 -54.47 11.14
N ILE D 798 -8.79 -54.91 11.63
CA ILE D 798 -8.21 -56.18 11.22
C ILE D 798 -8.02 -56.23 9.71
N ASP D 799 -7.41 -55.18 9.16
CA ASP D 799 -7.16 -55.11 7.73
C ASP D 799 -5.89 -55.87 7.35
N ASN D 800 -4.89 -55.82 8.23
CA ASN D 800 -3.63 -56.49 8.00
C ASN D 800 -3.62 -57.91 8.54
N MET D 801 -3.92 -58.04 9.84
CA MET D 801 -3.94 -59.34 10.50
C MET D 801 -4.80 -60.34 9.73
N ALA D 802 -5.73 -59.86 8.91
CA ALA D 802 -6.48 -60.77 8.04
C ALA D 802 -5.61 -61.28 6.90
N GLY D 803 -4.72 -60.44 6.38
CA GLY D 803 -3.80 -60.89 5.35
C GLY D 803 -2.73 -61.82 5.90
N VAL D 804 -2.16 -61.46 7.05
CA VAL D 804 -1.18 -62.35 7.69
C VAL D 804 -1.84 -63.66 8.10
N PHE D 805 -3.12 -63.59 8.51
CA PHE D 805 -3.86 -64.81 8.80
C PHE D 805 -4.14 -65.61 7.53
N TYR D 806 -4.29 -64.93 6.39
CA TYR D 806 -4.42 -65.64 5.12
C TYR D 806 -3.12 -66.35 4.76
N MET D 807 -1.98 -65.72 5.03
CA MET D 807 -0.70 -66.41 4.85
C MET D 807 -0.57 -67.57 5.81
N LEU D 808 -1.13 -67.44 7.02
CA LEU D 808 -1.13 -68.56 7.95
C LEU D 808 -2.01 -69.70 7.44
N ALA D 809 -3.09 -69.37 6.72
CA ALA D 809 -3.91 -70.42 6.11
C ALA D 809 -3.20 -71.05 4.93
N ALA D 810 -2.41 -70.28 4.18
CA ALA D 810 -1.63 -70.85 3.08
C ALA D 810 -0.55 -71.79 3.60
N ALA D 811 0.16 -71.38 4.65
CA ALA D 811 1.13 -72.28 5.28
C ALA D 811 0.45 -73.46 5.96
N MET D 812 -0.81 -73.28 6.39
CA MET D 812 -1.56 -74.39 6.97
C MET D 812 -1.91 -75.42 5.91
N ALA D 813 -2.34 -74.97 4.73
CA ALA D 813 -2.61 -75.89 3.64
C ALA D 813 -1.32 -76.54 3.13
N LEU D 814 -0.21 -75.80 3.14
CA LEU D 814 1.07 -76.39 2.76
C LEU D 814 1.48 -77.46 3.75
N SER D 815 1.24 -77.23 5.05
CA SER D 815 1.53 -78.26 6.05
C SER D 815 0.57 -79.44 5.93
N LEU D 816 -0.64 -79.20 5.43
CA LEU D 816 -1.58 -80.30 5.22
C LEU D 816 -1.15 -81.17 4.05
N ILE D 817 -0.75 -80.55 2.93
CA ILE D 817 -0.26 -81.31 1.79
C ILE D 817 1.03 -82.03 2.16
N THR D 818 1.89 -81.37 2.96
CA THR D 818 3.09 -82.02 3.44
C THR D 818 2.76 -83.22 4.32
N PHE D 819 1.69 -83.10 5.12
CA PHE D 819 1.24 -84.23 5.93
C PHE D 819 0.71 -85.36 5.06
N ILE D 820 0.08 -85.04 3.93
CA ILE D 820 -0.38 -86.07 3.01
C ILE D 820 0.81 -86.77 2.37
N MET D 821 1.84 -86.01 1.98
CA MET D 821 3.04 -86.62 1.43
C MET D 821 3.76 -87.47 2.46
N GLU D 822 3.71 -87.08 3.73
CA GLU D 822 4.32 -87.89 4.78
C GLU D 822 3.52 -89.17 5.02
N HIS D 823 2.19 -89.09 4.96
CA HIS D 823 1.36 -90.27 5.13
C HIS D 823 1.45 -91.22 3.95
N LEU D 824 1.73 -90.71 2.76
CA LEU D 824 1.84 -91.57 1.58
C LEU D 824 3.05 -92.49 1.68
N PHE D 825 4.16 -91.97 2.20
CA PHE D 825 5.38 -92.77 2.35
C PHE D 825 5.23 -93.80 3.46
N GLY E . 5.99 -19.95 -20.01
CA GLY E . 6.87 -19.79 -21.15
C GLY E . 6.76 -18.42 -21.80
O GLY E . 5.77 -17.72 -21.64
OXT GLY E . 7.67 -17.99 -22.52
N GLY F . -1.40 -2.10 28.52
CA GLY F . -2.61 -1.65 29.18
C GLY F . -3.11 -0.32 28.66
O GLY F . -2.37 0.45 28.06
OXT GLY F . -4.28 0.03 28.82
N GLU G . 25.99 0.70 19.29
CA GLU G . 27.35 0.30 19.65
C GLU G . 28.34 1.43 19.40
O GLU G . 28.07 2.37 18.64
CB GLU G . 27.75 -0.95 18.88
CG GLU G . 26.88 -2.17 19.11
CD GLU G . 27.04 -2.75 20.51
OE1 GLU G . 26.55 -2.14 21.48
OE2 GLU G . 27.65 -3.83 20.63
OXT GLU G . 29.44 1.44 19.95
N GLU H . -23.32 -21.36 -9.89
CA GLU H . -23.67 -22.02 -11.14
C GLU H . -23.90 -21.00 -12.25
O GLU H . -24.20 -19.83 -11.98
CB GLU H . -24.92 -22.89 -10.95
CG GLU H . -24.77 -24.00 -9.93
CD GLU H . -23.85 -25.13 -10.38
OE1 GLU H . -22.63 -24.91 -10.44
OE2 GLU H . -24.37 -26.22 -10.67
OXT GLU H . -23.80 -21.31 -13.43
#